data_6LIV
#
_entry.id   6LIV
#
_cell.length_a   117.911
_cell.length_b   180.414
_cell.length_c   218.057
_cell.angle_alpha   90.000
_cell.angle_beta   90.000
_cell.angle_gamma   90.000
#
_symmetry.space_group_name_H-M   'P 21 2 21'
#
loop_
_entity.id
_entity.type
_entity.pdbx_description
1 polymer 'Tyrosine/DOPA decarboxylase 2'
2 non-polymer GLYCEROL
3 water water
#
_entity_poly.entity_id   1
_entity_poly.type   'polypeptide(L)'
_entity_poly.pdbx_seq_one_letter_code
;MGSLNTEDVLENSSAFGVTNPLDPEEFRRQGHMIIDFLADYYRDVEKYPVRSQVEPGYLRKRLPETAPYNPESIETILQD
VTTEIIPGLTHWQSPNYYAYFPSSGSVAGFLGEMLSTGFNVVGFNWMSSPAATELESVVMDWFGKMLNLPESFLFSGSGG
GVLQGTSCEAILCTLTAARDRKLNKIGREHIGRLVVYGSDQTHCALQKAAQVAGINPKNFRAIKTFKENSFGLSAATLRE
VILEDIEAGLIPLFVCPTVGTTSSTAVDPISPICEVAKEYEMWVHVDAAYAGSACICPEFRHFIDGVEEADSFSLNAH
(LLP)WFFTTLDCCCLWVKDPSALVKALSTNPEYLRNKATESRQVVDYKDWQIALSRRFRSLKLWMVLRSYGVTNLRNFL
RSHVKMAKTFEGLICMDGRFEITVPRTFAMVCFRLLPPKTIKVYDNGVHQNGNGVVPLRDENENLVLANKLNQVYLETVN
ATGSVYMTHAVVGGVYMIRFAVGSTLTEERHVIYAWKILQEHADLILGKFSEADFSS
;
_entity_poly.pdbx_strand_id   A,B,C,D,E,F
#
# COMPACT_ATOMS: atom_id res chain seq x y z
N GLY A 17 -52.96 17.15 44.19
CA GLY A 17 -51.89 16.50 43.47
C GLY A 17 -51.75 15.02 43.81
N VAL A 18 -51.32 14.22 42.84
CA VAL A 18 -51.16 12.79 43.01
C VAL A 18 -49.68 12.44 42.87
N THR A 19 -49.21 11.57 43.76
CA THR A 19 -47.82 11.15 43.73
C THR A 19 -47.62 10.01 42.74
N ASN A 20 -46.45 10.00 42.11
CA ASN A 20 -46.11 8.95 41.16
C ASN A 20 -46.16 7.59 41.85
N PRO A 21 -46.79 6.58 41.24
CA PRO A 21 -46.89 5.26 41.90
C PRO A 21 -45.54 4.61 42.16
N LEU A 22 -44.47 5.09 41.55
CA LEU A 22 -43.12 4.56 41.75
C LEU A 22 -42.21 5.60 42.38
N ASP A 23 -42.78 6.49 43.20
CA ASP A 23 -42.00 7.53 43.84
C ASP A 23 -40.92 6.91 44.74
N PRO A 24 -39.64 7.28 44.57
CA PRO A 24 -38.58 6.60 45.32
C PRO A 24 -38.74 6.70 46.83
N GLU A 25 -39.06 7.88 47.36
CA GLU A 25 -39.17 8.04 48.81
C GLU A 25 -40.35 7.25 49.36
N GLU A 26 -41.47 7.24 48.64
CA GLU A 26 -42.60 6.42 49.08
C GLU A 26 -42.28 4.93 48.95
N PHE A 27 -41.53 4.55 47.90
CA PHE A 27 -41.03 3.19 47.81
C PHE A 27 -40.15 2.85 49.00
N ARG A 28 -39.25 3.76 49.36
CA ARG A 28 -38.36 3.52 50.50
C ARG A 28 -39.17 3.38 51.79
N ARG A 29 -40.11 4.30 52.02
CA ARG A 29 -40.88 4.26 53.26
C ARG A 29 -41.72 2.99 53.37
N GLN A 30 -42.52 2.70 52.34
CA GLN A 30 -43.38 1.52 52.40
C GLN A 30 -42.58 0.23 52.31
N GLY A 31 -41.46 0.25 51.60
CA GLY A 31 -40.63 -0.95 51.53
C GLY A 31 -40.05 -1.34 52.88
N HIS A 32 -39.55 -0.37 53.64
CA HIS A 32 -39.05 -0.64 54.98
C HIS A 32 -40.16 -1.19 55.89
N MET A 33 -41.41 -0.78 55.65
CA MET A 33 -42.51 -1.28 56.47
C MET A 33 -42.78 -2.75 56.21
N ILE A 34 -42.75 -3.18 54.95
CA ILE A 34 -43.01 -4.58 54.63
C ILE A 34 -41.88 -5.47 55.14
N ILE A 35 -40.64 -4.98 55.04
CA ILE A 35 -39.50 -5.74 55.56
C ILE A 35 -39.67 -5.96 57.06
N ASP A 36 -40.05 -4.92 57.79
CA ASP A 36 -40.32 -5.07 59.21
C ASP A 36 -41.51 -5.98 59.45
N PHE A 37 -42.53 -5.89 58.60
CA PHE A 37 -43.69 -6.75 58.71
C PHE A 37 -43.32 -8.22 58.51
N LEU A 38 -42.47 -8.49 57.52
CA LEU A 38 -42.09 -9.87 57.21
C LEU A 38 -41.12 -10.43 58.22
N ALA A 39 -40.19 -9.60 58.72
CA ALA A 39 -39.29 -10.05 59.79
C ALA A 39 -40.09 -10.42 61.04
N ASP A 40 -41.10 -9.60 61.38
CA ASP A 40 -41.98 -9.94 62.48
C ASP A 40 -42.71 -11.26 62.21
N TYR A 41 -43.05 -11.52 60.94
CA TYR A 41 -43.74 -12.76 60.61
C TYR A 41 -42.85 -13.97 60.87
N TYR A 42 -41.61 -13.92 60.40
CA TYR A 42 -40.69 -15.03 60.64
C TYR A 42 -40.40 -15.22 62.12
N ARG A 43 -40.37 -14.12 62.88
CA ARG A 43 -40.13 -14.21 64.32
C ARG A 43 -41.30 -14.86 65.04
N ASP A 44 -42.52 -14.63 64.58
CA ASP A 44 -43.73 -15.04 65.29
C ASP A 44 -44.50 -16.16 64.60
N VAL A 45 -43.93 -16.79 63.58
CA VAL A 45 -44.71 -17.73 62.76
C VAL A 45 -45.16 -18.93 63.56
N GLU A 46 -44.42 -19.31 64.61
CA GLU A 46 -44.78 -20.51 65.37
C GLU A 46 -46.12 -20.39 66.07
N LYS A 47 -46.59 -19.17 66.35
CA LYS A 47 -47.84 -19.01 67.08
C LYS A 47 -49.06 -19.31 66.23
N TYR A 48 -48.92 -19.38 64.91
CA TYR A 48 -50.11 -19.66 64.11
C TYR A 48 -50.31 -21.17 63.98
N PRO A 49 -51.55 -21.62 63.83
CA PRO A 49 -51.77 -23.02 63.43
C PRO A 49 -51.22 -23.23 62.03
N VAL A 50 -50.47 -24.33 61.86
CA VAL A 50 -49.74 -24.54 60.61
C VAL A 50 -50.72 -24.66 59.45
N ARG A 51 -51.67 -25.58 59.54
CA ARG A 51 -52.71 -25.68 58.53
C ARG A 51 -53.82 -24.69 58.85
N SER A 52 -54.21 -23.90 57.85
CA SER A 52 -55.21 -22.87 58.06
C SER A 52 -56.53 -23.47 58.54
N GLN A 53 -57.16 -22.79 59.49
CA GLN A 53 -58.39 -23.28 60.11
C GLN A 53 -59.62 -22.50 59.67
N VAL A 54 -59.50 -21.69 58.61
CA VAL A 54 -60.67 -20.98 58.11
C VAL A 54 -61.57 -21.96 57.37
N GLU A 55 -62.79 -21.52 57.13
CA GLU A 55 -63.80 -22.24 56.36
C GLU A 55 -63.83 -21.75 54.93
N PRO A 56 -64.18 -22.61 53.97
CA PRO A 56 -64.24 -22.18 52.57
C PRO A 56 -65.24 -21.05 52.37
N GLY A 57 -64.81 -20.01 51.66
CA GLY A 57 -65.63 -18.84 51.44
C GLY A 57 -65.54 -17.77 52.51
N TYR A 58 -64.62 -17.91 53.46
CA TYR A 58 -64.51 -16.94 54.55
C TYR A 58 -64.12 -15.56 54.03
N LEU A 59 -63.27 -15.51 53.00
CA LEU A 59 -62.67 -14.24 52.62
C LEU A 59 -63.61 -13.36 51.81
N ARG A 60 -64.43 -13.98 50.94
CA ARG A 60 -65.33 -13.21 50.10
C ARG A 60 -66.34 -12.42 50.93
N LYS A 61 -66.66 -12.90 52.13
CA LYS A 61 -67.62 -12.22 52.99
C LYS A 61 -66.99 -11.12 53.83
N ARG A 62 -65.69 -11.20 54.11
CA ARG A 62 -65.01 -10.17 54.87
C ARG A 62 -64.50 -9.02 54.01
N LEU A 63 -64.40 -9.22 52.69
CA LEU A 63 -63.90 -8.22 51.79
C LEU A 63 -65.03 -7.59 50.98
N PRO A 64 -64.89 -6.34 50.55
CA PRO A 64 -65.90 -5.73 49.69
C PRO A 64 -66.01 -6.46 48.36
N GLU A 65 -67.16 -6.28 47.71
CA GLU A 65 -67.43 -6.94 46.45
C GLU A 65 -66.98 -6.14 45.24
N THR A 66 -66.56 -4.89 45.44
CA THR A 66 -66.03 -4.05 44.37
C THR A 66 -64.73 -3.41 44.84
N ALA A 67 -63.92 -2.98 43.88
CA ALA A 67 -62.70 -2.26 44.20
C ALA A 67 -63.03 -0.87 44.73
N PRO A 68 -62.22 -0.34 45.65
CA PRO A 68 -62.47 1.02 46.15
C PRO A 68 -62.16 2.06 45.08
N TYR A 69 -62.97 3.12 45.06
CA TYR A 69 -62.73 4.19 44.11
C TYR A 69 -61.59 5.09 44.54
N ASN A 70 -61.41 5.26 45.85
CA ASN A 70 -60.38 6.11 46.42
C ASN A 70 -59.26 5.29 47.02
N PRO A 71 -58.05 5.85 47.12
CA PRO A 71 -56.92 5.08 47.64
C PRO A 71 -57.08 4.74 49.11
N GLU A 72 -56.51 3.61 49.50
CA GLU A 72 -56.43 3.18 50.89
C GLU A 72 -54.98 3.16 51.33
N SER A 73 -54.75 3.42 52.61
CA SER A 73 -53.41 3.53 53.14
C SER A 73 -52.74 2.17 53.23
N ILE A 74 -51.41 2.17 53.17
CA ILE A 74 -50.66 0.94 53.36
C ILE A 74 -50.85 0.41 54.78
N GLU A 75 -51.04 1.31 55.75
CA GLU A 75 -51.29 0.88 57.12
C GLU A 75 -52.62 0.14 57.23
N THR A 76 -53.63 0.59 56.48
CA THR A 76 -54.91 -0.11 56.48
C THR A 76 -54.80 -1.47 55.81
N ILE A 77 -54.15 -1.52 54.65
CA ILE A 77 -53.98 -2.78 53.93
C ILE A 77 -53.20 -3.78 54.78
N LEU A 78 -52.12 -3.31 55.42
CA LEU A 78 -51.28 -4.21 56.21
C LEU A 78 -52.05 -4.80 57.38
N GLN A 79 -52.89 -4.00 58.04
CA GLN A 79 -53.74 -4.53 59.10
C GLN A 79 -54.71 -5.56 58.56
N ASP A 80 -55.22 -5.33 57.34
CA ASP A 80 -56.09 -6.32 56.71
C ASP A 80 -55.32 -7.58 56.35
N VAL A 81 -54.03 -7.45 56.01
CA VAL A 81 -53.19 -8.63 55.79
C VAL A 81 -53.12 -9.46 57.07
N THR A 82 -53.04 -8.78 58.22
CA THR A 82 -52.92 -9.50 59.49
C THR A 82 -54.22 -10.19 59.87
N THR A 83 -55.36 -9.51 59.69
CA THR A 83 -56.63 -10.03 60.18
C THR A 83 -57.40 -10.85 59.15
N GLU A 84 -57.16 -10.64 57.86
CA GLU A 84 -57.90 -11.34 56.82
C GLU A 84 -57.06 -12.34 56.03
N ILE A 85 -55.81 -12.00 55.71
CA ILE A 85 -54.99 -12.86 54.86
C ILE A 85 -54.32 -13.95 55.69
N ILE A 86 -53.53 -13.54 56.68
CA ILE A 86 -52.73 -14.44 57.51
C ILE A 86 -53.57 -15.58 58.10
N PRO A 87 -54.79 -15.33 58.60
CA PRO A 87 -55.61 -16.48 59.05
C PRO A 87 -55.91 -17.48 57.94
N GLY A 88 -55.95 -17.03 56.69
CA GLY A 88 -56.23 -17.92 55.58
C GLY A 88 -54.99 -18.46 54.90
N LEU A 89 -53.87 -18.46 55.63
CA LEU A 89 -52.63 -19.02 55.14
C LEU A 89 -52.35 -20.35 55.83
N THR A 90 -51.86 -21.32 55.07
CA THR A 90 -51.18 -22.48 55.63
C THR A 90 -49.69 -22.20 55.57
N HIS A 91 -49.04 -22.16 56.72
CA HIS A 91 -47.71 -21.58 56.84
C HIS A 91 -46.67 -22.60 56.40
N TRP A 92 -46.33 -22.55 55.11
CA TRP A 92 -45.23 -23.37 54.60
C TRP A 92 -43.91 -23.01 55.26
N GLN A 93 -43.76 -21.75 55.71
CA GLN A 93 -42.54 -21.29 56.35
C GLN A 93 -42.50 -21.60 57.83
N SER A 94 -43.56 -22.16 58.41
CA SER A 94 -43.55 -22.56 59.80
C SER A 94 -42.48 -23.63 60.01
N PRO A 95 -41.65 -23.53 61.05
CA PRO A 95 -40.71 -24.62 61.36
C PRO A 95 -41.40 -25.93 61.70
N ASN A 96 -42.70 -25.91 61.96
CA ASN A 96 -43.49 -27.11 62.21
C ASN A 96 -44.28 -27.55 60.98
N TYR A 97 -43.82 -27.18 59.79
CA TYR A 97 -44.44 -27.58 58.54
C TYR A 97 -43.64 -28.74 57.95
N TYR A 98 -44.23 -29.89 57.82
CA TYR A 98 -43.59 -31.06 57.28
C TYR A 98 -44.42 -31.70 56.17
N ALA A 99 -45.38 -30.98 55.63
CA ALA A 99 -46.25 -31.48 54.59
C ALA A 99 -45.68 -31.41 53.19
N TYR A 100 -46.14 -32.28 52.32
CA TYR A 100 -45.70 -32.37 50.93
C TYR A 100 -44.20 -32.35 50.84
N PHE A 101 -43.68 -31.34 50.21
CA PHE A 101 -42.26 -31.05 50.11
C PHE A 101 -42.09 -29.61 50.53
N PRO A 102 -40.89 -29.23 50.95
CA PRO A 102 -40.65 -27.88 51.50
C PRO A 102 -40.82 -26.79 50.46
N SER A 103 -41.24 -25.62 50.94
CA SER A 103 -41.13 -24.38 50.17
C SER A 103 -39.87 -23.69 50.67
N SER A 104 -38.73 -24.13 50.13
CA SER A 104 -37.43 -23.79 50.68
C SER A 104 -37.07 -22.35 50.35
N GLY A 105 -36.89 -21.53 51.38
CA GLY A 105 -36.55 -20.13 51.22
C GLY A 105 -35.33 -19.75 52.03
N SER A 106 -34.98 -18.46 51.94
CA SER A 106 -33.81 -17.92 52.62
C SER A 106 -33.81 -16.41 52.44
N VAL A 107 -33.00 -15.74 53.27
CA VAL A 107 -32.82 -14.29 53.12
C VAL A 107 -32.24 -13.98 51.76
N ALA A 108 -31.15 -14.66 51.39
CA ALA A 108 -30.49 -14.41 50.11
C ALA A 108 -31.46 -14.57 48.95
N GLY A 109 -32.29 -15.61 48.99
CA GLY A 109 -33.22 -15.84 47.90
C GLY A 109 -34.34 -14.83 47.86
N PHE A 110 -34.84 -14.42 49.03
CA PHE A 110 -35.83 -13.35 49.08
C PHE A 110 -35.28 -12.07 48.47
N LEU A 111 -34.03 -11.72 48.82
CA LEU A 111 -33.42 -10.51 48.29
C LEU A 111 -33.21 -10.61 46.78
N GLY A 112 -32.94 -11.82 46.26
CA GLY A 112 -32.83 -11.98 44.83
C GLY A 112 -34.12 -11.65 44.11
N GLU A 113 -35.24 -12.15 44.64
CA GLU A 113 -36.55 -11.80 44.08
C GLU A 113 -36.82 -10.32 44.23
N MET A 114 -36.39 -9.72 45.34
CA MET A 114 -36.59 -8.30 45.56
C MET A 114 -35.89 -7.47 44.50
N LEU A 115 -34.62 -7.78 44.24
CA LEU A 115 -33.89 -7.07 43.19
C LEU A 115 -34.50 -7.34 41.82
N SER A 116 -34.98 -8.56 41.60
CA SER A 116 -35.62 -8.89 40.32
C SER A 116 -36.92 -8.10 40.15
N THR A 117 -37.76 -8.09 41.18
CA THR A 117 -38.99 -7.30 41.13
C THR A 117 -38.70 -5.80 41.12
N GLY A 118 -37.58 -5.38 41.74
CA GLY A 118 -37.24 -3.97 41.74
C GLY A 118 -36.81 -3.47 40.39
N PHE A 119 -35.83 -4.16 39.78
CA PHE A 119 -35.42 -3.82 38.42
C PHE A 119 -36.58 -3.98 37.45
N ASN A 120 -37.36 -5.04 37.62
CA ASN A 120 -38.57 -5.27 36.84
C ASN A 120 -38.30 -5.21 35.34
N VAL A 121 -37.27 -5.91 34.90
CA VAL A 121 -36.97 -6.00 33.48
C VAL A 121 -37.61 -7.27 32.92
N VAL A 122 -37.74 -7.30 31.60
CA VAL A 122 -38.40 -8.40 30.89
C VAL A 122 -37.36 -9.05 30.01
N GLY A 123 -37.01 -10.30 30.32
CA GLY A 123 -35.97 -11.00 29.58
C GLY A 123 -36.45 -11.59 28.28
N PHE A 124 -37.16 -10.78 27.48
CA PHE A 124 -37.69 -11.26 26.21
C PHE A 124 -36.58 -11.75 25.29
N ASN A 125 -35.43 -11.07 25.32
CA ASN A 125 -34.25 -11.50 24.57
C ASN A 125 -33.02 -10.99 25.29
N TRP A 126 -31.86 -11.21 24.68
CA TRP A 126 -30.60 -10.77 25.29
C TRP A 126 -30.55 -9.25 25.42
N MET A 127 -30.99 -8.53 24.40
CA MET A 127 -30.90 -7.07 24.44
C MET A 127 -31.81 -6.47 25.50
N SER A 128 -32.92 -7.14 25.80
CA SER A 128 -33.89 -6.57 26.73
C SER A 128 -33.32 -6.47 28.15
N SER A 129 -32.41 -7.37 28.52
CA SER A 129 -31.49 -7.17 29.64
C SER A 129 -30.34 -8.16 29.55
N PRO A 130 -29.20 -7.77 28.96
CA PRO A 130 -28.09 -8.74 28.81
C PRO A 130 -27.74 -9.49 30.09
N ALA A 131 -27.78 -8.82 31.24
CA ALA A 131 -27.45 -9.50 32.49
C ALA A 131 -28.48 -10.57 32.84
N ALA A 132 -29.75 -10.33 32.50
CA ALA A 132 -30.80 -11.29 32.81
C ALA A 132 -30.65 -12.59 32.04
N THR A 133 -29.89 -12.58 30.94
CA THR A 133 -29.62 -13.80 30.18
C THR A 133 -28.26 -14.40 30.54
N GLU A 134 -27.22 -13.58 30.61
CA GLU A 134 -25.88 -14.10 30.82
C GLU A 134 -25.66 -14.61 32.24
N LEU A 135 -26.30 -13.97 33.24
CA LEU A 135 -26.17 -14.47 34.61
C LEU A 135 -26.82 -15.84 34.76
N GLU A 136 -27.91 -16.09 34.04
CA GLU A 136 -28.57 -17.38 34.10
C GLU A 136 -27.66 -18.49 33.58
N SER A 137 -26.98 -18.24 32.45
CA SER A 137 -26.08 -19.23 31.90
C SER A 137 -24.88 -19.48 32.81
N VAL A 138 -24.46 -18.46 33.56
CA VAL A 138 -23.33 -18.64 34.47
C VAL A 138 -23.74 -19.48 35.67
N VAL A 139 -24.85 -19.12 36.33
CA VAL A 139 -25.23 -19.81 37.56
C VAL A 139 -25.69 -21.24 37.27
N MET A 140 -26.29 -21.48 36.10
CA MET A 140 -26.66 -22.85 35.75
C MET A 140 -25.41 -23.71 35.57
N ASP A 141 -24.33 -23.12 35.05
CA ASP A 141 -23.06 -23.83 34.99
C ASP A 141 -22.50 -24.03 36.40
N TRP A 142 -22.65 -23.03 37.26
CA TRP A 142 -22.26 -23.17 38.66
C TRP A 142 -22.98 -24.34 39.31
N PHE A 143 -24.31 -24.32 39.27
CA PHE A 143 -25.11 -25.37 39.92
C PHE A 143 -24.84 -26.73 39.30
N GLY A 144 -24.73 -26.79 37.97
CA GLY A 144 -24.47 -28.06 37.32
C GLY A 144 -23.15 -28.68 37.74
N LYS A 145 -22.12 -27.85 37.90
CA LYS A 145 -20.84 -28.36 38.35
C LYS A 145 -20.86 -28.76 39.82
N MET A 146 -21.62 -28.03 40.64
CA MET A 146 -21.84 -28.47 42.02
C MET A 146 -22.54 -29.82 42.07
N LEU A 147 -23.42 -30.08 41.10
CA LEU A 147 -24.09 -31.37 40.99
C LEU A 147 -23.26 -32.41 40.26
N ASN A 148 -22.06 -32.05 39.81
CA ASN A 148 -21.17 -32.96 39.08
C ASN A 148 -21.85 -33.53 37.84
N LEU A 149 -22.68 -32.72 37.20
CA LEU A 149 -23.24 -33.11 35.91
C LEU A 149 -22.13 -33.17 34.86
N PRO A 150 -22.24 -34.09 33.90
CA PRO A 150 -21.24 -34.14 32.82
C PRO A 150 -21.27 -32.87 32.00
N GLU A 151 -20.15 -32.58 31.34
CA GLU A 151 -20.02 -31.34 30.58
C GLU A 151 -21.03 -31.25 29.44
N SER A 152 -21.64 -32.38 29.05
CA SER A 152 -22.66 -32.36 28.01
C SER A 152 -23.93 -31.64 28.42
N PHE A 153 -24.08 -31.31 29.71
CA PHE A 153 -25.21 -30.52 30.19
C PHE A 153 -24.84 -29.07 30.43
N LEU A 154 -23.58 -28.69 30.25
CA LEU A 154 -23.09 -27.36 30.59
C LEU A 154 -22.76 -26.56 29.34
N PHE A 155 -22.75 -25.24 29.51
CA PHE A 155 -22.33 -24.35 28.42
C PHE A 155 -20.84 -24.50 28.14
N SER A 156 -20.05 -24.86 29.16
CA SER A 156 -18.64 -25.17 28.94
C SER A 156 -18.49 -26.33 27.97
N GLY A 157 -19.41 -27.29 28.01
CA GLY A 157 -19.37 -28.42 27.09
C GLY A 157 -20.38 -28.31 25.96
N SER A 158 -21.23 -29.33 25.81
CA SER A 158 -22.10 -29.44 24.65
C SER A 158 -23.52 -28.91 24.91
N GLY A 159 -23.96 -28.82 26.15
CA GLY A 159 -25.35 -28.50 26.43
C GLY A 159 -25.61 -27.12 26.99
N GLY A 160 -26.56 -27.04 27.92
CA GLY A 160 -26.91 -25.77 28.52
C GLY A 160 -28.02 -25.96 29.52
N GLY A 161 -28.24 -24.93 30.33
CA GLY A 161 -29.29 -24.94 31.32
C GLY A 161 -30.14 -23.69 31.25
N VAL A 162 -31.39 -23.84 31.66
CA VAL A 162 -32.36 -22.75 31.60
C VAL A 162 -33.16 -22.74 32.91
N LEU A 163 -33.50 -21.54 33.38
CA LEU A 163 -34.31 -21.37 34.57
C LEU A 163 -35.77 -21.17 34.17
N GLN A 164 -36.66 -21.97 34.73
CA GLN A 164 -38.09 -21.85 34.49
C GLN A 164 -38.80 -21.71 35.83
N GLY A 165 -40.12 -21.61 35.79
CA GLY A 165 -40.90 -21.50 37.00
C GLY A 165 -41.11 -22.81 37.72
N THR A 166 -41.62 -23.81 37.01
CA THR A 166 -42.02 -25.07 37.62
C THR A 166 -41.50 -26.23 36.79
N SER A 167 -41.48 -27.41 37.41
CA SER A 167 -40.98 -28.61 36.75
C SER A 167 -41.97 -29.15 35.72
N CYS A 168 -43.28 -28.96 35.95
CA CYS A 168 -44.27 -29.35 34.95
C CYS A 168 -44.08 -28.57 33.66
N GLU A 169 -43.83 -27.27 33.78
CA GLU A 169 -43.46 -26.48 32.61
C GLU A 169 -42.17 -27.00 31.99
N ALA A 170 -41.18 -27.33 32.83
CA ALA A 170 -39.92 -27.85 32.31
C ALA A 170 -40.09 -29.22 31.68
N ILE A 171 -40.96 -30.06 32.27
CA ILE A 171 -41.20 -31.38 31.67
C ILE A 171 -42.00 -31.23 30.39
N LEU A 172 -42.94 -30.28 30.34
CA LEU A 172 -43.70 -30.02 29.12
C LEU A 172 -42.79 -29.62 27.97
N CYS A 173 -41.90 -28.65 28.22
CA CYS A 173 -40.97 -28.22 27.19
C CYS A 173 -40.08 -29.37 26.72
N THR A 174 -39.55 -30.15 27.67
CA THR A 174 -38.72 -31.28 27.32
C THR A 174 -39.50 -32.34 26.54
N LEU A 175 -40.79 -32.51 26.86
CA LEU A 175 -41.60 -33.50 26.15
C LEU A 175 -41.94 -33.05 24.74
N THR A 176 -42.27 -31.77 24.55
CA THR A 176 -42.55 -31.28 23.21
C THR A 176 -41.30 -31.28 22.34
N ALA A 177 -40.13 -31.07 22.94
CA ALA A 177 -38.87 -31.21 22.21
C ALA A 177 -38.67 -32.65 21.74
N ALA A 178 -38.92 -33.61 22.63
CA ALA A 178 -38.85 -35.02 22.24
C ALA A 178 -39.92 -35.36 21.21
N ARG A 179 -41.12 -34.78 21.37
CA ARG A 179 -42.19 -35.02 20.41
C ARG A 179 -41.81 -34.52 19.02
N ASP A 180 -41.35 -33.27 18.94
CA ASP A 180 -41.00 -32.68 17.65
C ASP A 180 -39.82 -33.38 17.02
N ARG A 181 -38.84 -33.80 17.82
CA ARG A 181 -37.70 -34.53 17.27
C ARG A 181 -38.16 -35.81 16.57
N LYS A 182 -39.08 -36.55 17.19
CA LYS A 182 -39.60 -37.75 16.57
C LYS A 182 -40.51 -37.43 15.39
N LEU A 183 -41.45 -36.51 15.59
CA LEU A 183 -42.45 -36.24 14.56
C LEU A 183 -41.84 -35.56 13.33
N ASN A 184 -40.74 -34.82 13.51
CA ASN A 184 -40.07 -34.23 12.36
C ASN A 184 -39.40 -35.28 11.48
N LYS A 185 -39.10 -36.45 12.04
CA LYS A 185 -38.51 -37.54 11.26
C LYS A 185 -39.58 -38.39 10.57
N ILE A 186 -40.60 -38.81 11.31
CA ILE A 186 -41.58 -39.78 10.79
C ILE A 186 -42.87 -39.13 10.31
N GLY A 187 -43.11 -37.86 10.64
CA GLY A 187 -44.32 -37.20 10.18
C GLY A 187 -45.25 -36.77 11.31
N ARG A 188 -45.84 -35.58 11.17
CA ARG A 188 -46.69 -35.04 12.22
C ARG A 188 -47.94 -35.86 12.46
N GLU A 189 -48.38 -36.63 11.46
CA GLU A 189 -49.64 -37.37 11.58
C GLU A 189 -49.57 -38.53 12.57
N HIS A 190 -48.39 -38.84 13.09
CA HIS A 190 -48.21 -39.96 14.00
C HIS A 190 -48.26 -39.54 15.47
N ILE A 191 -48.73 -38.33 15.76
CA ILE A 191 -48.76 -37.86 17.15
C ILE A 191 -49.67 -38.73 18.00
N GLY A 192 -50.69 -39.33 17.39
CA GLY A 192 -51.60 -40.19 18.11
C GLY A 192 -51.05 -41.56 18.46
N ARG A 193 -49.81 -41.86 18.08
CA ARG A 193 -49.16 -43.11 18.42
C ARG A 193 -48.02 -42.96 19.40
N LEU A 194 -47.66 -41.74 19.77
CA LEU A 194 -46.56 -41.51 20.69
C LEU A 194 -46.96 -41.88 22.11
N VAL A 195 -46.06 -42.56 22.81
CA VAL A 195 -46.31 -43.08 24.15
C VAL A 195 -45.35 -42.40 25.12
N VAL A 196 -45.87 -41.97 26.27
CA VAL A 196 -45.08 -41.36 27.33
C VAL A 196 -45.08 -42.31 28.52
N TYR A 197 -43.90 -42.57 29.07
CA TYR A 197 -43.71 -43.62 30.07
C TYR A 197 -43.32 -43.01 31.41
N GLY A 198 -44.01 -43.44 32.45
CA GLY A 198 -43.65 -43.13 33.82
C GLY A 198 -44.04 -44.29 34.71
N SER A 199 -43.68 -44.18 35.98
CA SER A 199 -44.09 -45.18 36.95
C SER A 199 -45.43 -44.78 37.57
N ASP A 200 -45.99 -45.71 38.34
CA ASP A 200 -47.19 -45.41 39.11
C ASP A 200 -46.93 -44.41 40.22
N GLN A 201 -45.66 -44.10 40.51
CA GLN A 201 -45.28 -43.11 41.50
C GLN A 201 -44.91 -41.78 40.88
N THR A 202 -44.81 -41.70 39.55
CA THR A 202 -44.41 -40.48 38.89
C THR A 202 -45.40 -39.35 39.18
N HIS A 203 -44.85 -38.17 39.46
CA HIS A 203 -45.67 -37.00 39.75
C HIS A 203 -46.62 -36.71 38.59
N CYS A 204 -47.80 -36.20 38.92
CA CYS A 204 -48.83 -35.95 37.91
C CYS A 204 -48.45 -34.85 36.93
N ALA A 205 -47.30 -34.19 37.14
CA ALA A 205 -46.84 -33.18 36.19
C ALA A 205 -46.53 -33.79 34.83
N LEU A 206 -46.06 -35.04 34.81
CA LEU A 206 -45.78 -35.71 33.54
C LEU A 206 -47.07 -35.92 32.75
N GLN A 207 -48.10 -36.45 33.41
CA GLN A 207 -49.38 -36.67 32.73
C GLN A 207 -49.98 -35.36 32.24
N LYS A 208 -49.89 -34.30 33.04
CA LYS A 208 -50.39 -33.00 32.61
C LYS A 208 -49.63 -32.50 31.39
N ALA A 209 -48.31 -32.69 31.38
CA ALA A 209 -47.51 -32.29 30.22
C ALA A 209 -47.91 -33.07 28.98
N ALA A 210 -48.17 -34.37 29.13
CA ALA A 210 -48.60 -35.19 28.00
C ALA A 210 -49.97 -34.77 27.49
N GLN A 211 -50.86 -34.34 28.40
CA GLN A 211 -52.17 -33.87 27.97
C GLN A 211 -52.07 -32.57 27.18
N VAL A 212 -51.20 -31.65 27.61
CA VAL A 212 -51.06 -30.38 26.91
C VAL A 212 -50.36 -30.58 25.57
N ALA A 213 -49.30 -31.39 25.54
CA ALA A 213 -48.49 -31.57 24.34
C ALA A 213 -49.21 -32.33 23.22
N GLY A 214 -50.43 -32.79 23.45
CA GLY A 214 -51.16 -33.50 22.43
C GLY A 214 -51.01 -35.00 22.44
N ILE A 215 -50.32 -35.56 23.44
CA ILE A 215 -50.23 -37.01 23.56
C ILE A 215 -51.62 -37.57 23.85
N ASN A 216 -51.95 -38.68 23.22
CA ASN A 216 -53.25 -39.29 23.42
C ASN A 216 -53.36 -39.81 24.84
N PRO A 217 -54.48 -39.55 25.55
CA PRO A 217 -54.58 -39.98 26.95
C PRO A 217 -54.39 -41.47 27.15
N LYS A 218 -54.92 -42.29 26.24
CA LYS A 218 -54.73 -43.73 26.34
C LYS A 218 -53.30 -44.17 26.06
N ASN A 219 -52.42 -43.24 25.68
CA ASN A 219 -51.01 -43.55 25.44
C ASN A 219 -50.10 -43.02 26.54
N PHE A 220 -50.64 -42.79 27.73
CA PHE A 220 -49.85 -42.46 28.91
C PHE A 220 -49.71 -43.71 29.77
N ARG A 221 -48.49 -44.02 30.18
CA ARG A 221 -48.18 -45.23 30.92
C ARG A 221 -47.76 -44.89 32.34
N ALA A 222 -48.44 -45.49 33.31
CA ALA A 222 -48.07 -45.44 34.71
C ALA A 222 -47.70 -46.87 35.11
N ILE A 223 -46.44 -47.23 34.85
CA ILE A 223 -45.99 -48.60 35.03
C ILE A 223 -45.95 -48.94 36.53
N LYS A 224 -46.45 -50.13 36.86
CA LYS A 224 -46.57 -50.53 38.25
C LYS A 224 -45.20 -50.80 38.87
N THR A 225 -45.05 -50.40 40.13
CA THR A 225 -43.84 -50.62 40.90
C THR A 225 -44.16 -51.51 42.09
N PHE A 226 -43.13 -52.09 42.69
CA PHE A 226 -43.31 -53.10 43.71
C PHE A 226 -42.54 -52.75 44.98
N LYS A 227 -43.12 -53.14 46.12
CA LYS A 227 -42.45 -52.94 47.40
C LYS A 227 -41.09 -53.61 47.44
N GLU A 228 -40.93 -54.71 46.70
CA GLU A 228 -39.64 -55.40 46.64
C GLU A 228 -38.54 -54.49 46.11
N ASN A 229 -38.89 -53.50 45.30
CA ASN A 229 -37.95 -52.52 44.78
C ASN A 229 -38.16 -51.14 45.40
N SER A 230 -38.79 -51.08 46.57
CA SER A 230 -39.09 -49.81 47.25
C SER A 230 -39.87 -48.87 46.34
N PHE A 231 -40.66 -49.44 45.44
CA PHE A 231 -41.53 -48.70 44.52
C PHE A 231 -40.74 -47.85 43.54
N GLY A 232 -39.50 -48.25 43.26
CA GLY A 232 -38.77 -47.69 42.14
C GLY A 232 -39.07 -48.44 40.85
N LEU A 233 -39.05 -47.72 39.74
CA LEU A 233 -39.40 -48.32 38.46
C LEU A 233 -38.34 -49.32 38.03
N SER A 234 -38.78 -50.52 37.67
CA SER A 234 -37.87 -51.56 37.20
C SER A 234 -37.70 -51.45 35.69
N ALA A 235 -36.44 -51.40 35.23
CA ALA A 235 -36.18 -51.31 33.81
C ALA A 235 -36.67 -52.53 33.06
N ALA A 236 -36.72 -53.69 33.73
CA ALA A 236 -37.26 -54.89 33.09
C ALA A 236 -38.76 -54.77 32.86
N THR A 237 -39.49 -54.21 33.83
CA THR A 237 -40.91 -53.97 33.63
C THR A 237 -41.15 -52.93 32.55
N LEU A 238 -40.29 -51.91 32.48
CA LEU A 238 -40.43 -50.89 31.46
C LEU A 238 -40.26 -51.48 30.06
N ARG A 239 -39.25 -52.34 29.88
CA ARG A 239 -39.03 -52.97 28.59
C ARG A 239 -40.21 -53.85 28.20
N GLU A 240 -40.83 -54.51 29.17
CA GLU A 240 -42.00 -55.33 28.89
C GLU A 240 -43.14 -54.49 28.33
N VAL A 241 -43.42 -53.35 28.94
CA VAL A 241 -44.52 -52.49 28.49
C VAL A 241 -44.21 -51.93 27.11
N ILE A 242 -42.95 -51.58 26.86
CA ILE A 242 -42.57 -51.02 25.57
C ILE A 242 -42.83 -52.02 24.46
N LEU A 243 -42.41 -53.27 24.66
CA LEU A 243 -42.61 -54.30 23.65
C LEU A 243 -44.10 -54.50 23.37
N GLU A 244 -44.94 -54.43 24.41
CA GLU A 244 -46.38 -54.49 24.21
C GLU A 244 -46.86 -53.33 23.35
N ASP A 245 -46.37 -52.11 23.64
CA ASP A 245 -46.77 -50.95 22.85
C ASP A 245 -46.26 -51.06 21.42
N ILE A 246 -45.02 -51.52 21.24
CA ILE A 246 -44.45 -51.68 19.90
C ILE A 246 -45.23 -52.73 19.13
N GLU A 247 -45.54 -53.86 19.78
CA GLU A 247 -46.32 -54.91 19.12
C GLU A 247 -47.72 -54.41 18.76
N ALA A 248 -48.25 -53.45 19.51
CA ALA A 248 -49.56 -52.87 19.23
C ALA A 248 -49.49 -51.72 18.24
N GLY A 249 -48.33 -51.46 17.65
CA GLY A 249 -48.21 -50.43 16.64
C GLY A 249 -48.02 -49.03 17.18
N LEU A 250 -47.55 -48.88 18.41
CA LEU A 250 -47.33 -47.58 19.02
C LEU A 250 -45.85 -47.22 19.01
N ILE A 251 -45.58 -45.93 19.20
CA ILE A 251 -44.23 -45.38 19.13
C ILE A 251 -43.82 -44.96 20.53
N PRO A 252 -42.89 -45.67 21.18
CA PRO A 252 -42.35 -45.18 22.47
C PRO A 252 -41.54 -43.91 22.24
N LEU A 253 -41.82 -42.89 23.04
CA LEU A 253 -41.26 -41.56 22.81
C LEU A 253 -40.43 -41.04 23.96
N PHE A 254 -40.88 -41.23 25.20
CA PHE A 254 -40.44 -40.39 26.30
C PHE A 254 -40.61 -41.16 27.61
N VAL A 255 -39.54 -41.26 28.39
CA VAL A 255 -39.59 -41.88 29.71
C VAL A 255 -39.02 -40.90 30.73
N CYS A 256 -39.66 -40.82 31.89
CA CYS A 256 -39.34 -39.83 32.92
C CYS A 256 -39.06 -40.55 34.24
N PRO A 257 -37.85 -41.07 34.44
CA PRO A 257 -37.50 -41.64 35.74
C PRO A 257 -37.38 -40.55 36.80
N THR A 258 -37.78 -40.90 38.02
CA THR A 258 -37.84 -39.94 39.12
C THR A 258 -36.83 -40.34 40.20
N VAL A 259 -36.08 -39.35 40.68
CA VAL A 259 -35.27 -39.48 41.89
C VAL A 259 -35.99 -38.69 42.99
N GLY A 260 -36.53 -39.40 43.98
CA GLY A 260 -37.32 -38.76 45.02
C GLY A 260 -38.78 -38.53 44.67
N THR A 261 -39.53 -39.61 44.45
CA THR A 261 -40.95 -39.51 44.14
C THR A 261 -41.70 -38.78 45.24
N THR A 262 -42.87 -38.24 44.89
CA THR A 262 -43.59 -37.37 45.81
C THR A 262 -44.18 -38.13 46.99
N SER A 263 -44.61 -39.38 46.78
CA SER A 263 -45.35 -40.09 47.82
C SER A 263 -44.42 -40.73 48.84
N SER A 264 -43.46 -41.54 48.38
CA SER A 264 -42.61 -42.33 49.26
C SER A 264 -41.13 -42.04 49.05
N THR A 265 -40.82 -40.92 48.40
CA THR A 265 -39.45 -40.55 47.97
C THR A 265 -38.67 -41.76 47.45
N ALA A 266 -39.33 -42.53 46.59
CA ALA A 266 -38.67 -43.60 45.89
C ALA A 266 -37.73 -43.05 44.83
N VAL A 267 -36.81 -43.89 44.37
CA VAL A 267 -35.80 -43.50 43.39
C VAL A 267 -35.75 -44.56 42.30
N ASP A 268 -35.84 -44.10 41.04
CA ASP A 268 -35.75 -44.99 39.90
C ASP A 268 -34.30 -45.15 39.45
N PRO A 269 -33.86 -46.37 39.15
CA PRO A 269 -32.49 -46.57 38.64
C PRO A 269 -32.33 -46.00 37.25
N ILE A 270 -31.51 -44.95 37.13
CA ILE A 270 -31.44 -44.21 35.87
C ILE A 270 -30.71 -45.03 34.80
N SER A 271 -29.57 -45.61 35.17
CA SER A 271 -28.71 -46.25 34.16
C SER A 271 -29.42 -47.35 33.38
N PRO A 272 -30.04 -48.37 34.00
CA PRO A 272 -30.73 -49.38 33.19
C PRO A 272 -31.95 -48.85 32.46
N ILE A 273 -32.53 -47.73 32.91
CA ILE A 273 -33.71 -47.19 32.23
C ILE A 273 -33.33 -46.55 30.90
N CYS A 274 -32.27 -45.72 30.92
CA CYS A 274 -31.75 -45.16 29.68
C CYS A 274 -31.20 -46.24 28.76
N GLU A 275 -30.66 -47.31 29.33
CA GLU A 275 -30.22 -48.45 28.52
C GLU A 275 -31.38 -49.02 27.71
N VAL A 276 -32.53 -49.21 28.37
CA VAL A 276 -33.74 -49.61 27.66
C VAL A 276 -34.17 -48.52 26.69
N ALA A 277 -34.07 -47.25 27.11
CA ALA A 277 -34.53 -46.15 26.28
C ALA A 277 -33.64 -45.95 25.05
N LYS A 278 -32.33 -46.23 25.18
CA LYS A 278 -31.45 -46.11 24.03
C LYS A 278 -31.79 -47.15 22.96
N GLU A 279 -32.22 -48.35 23.40
CA GLU A 279 -32.55 -49.40 22.45
C GLU A 279 -33.70 -48.99 21.55
N TYR A 280 -34.68 -48.26 22.10
CA TYR A 280 -35.88 -47.88 21.36
C TYR A 280 -35.93 -46.39 21.06
N GLU A 281 -34.78 -45.70 21.10
CA GLU A 281 -34.64 -44.30 20.71
C GLU A 281 -35.66 -43.42 21.43
N MET A 282 -35.57 -43.44 22.76
CA MET A 282 -36.49 -42.72 23.62
C MET A 282 -35.77 -41.57 24.32
N TRP A 283 -36.47 -40.46 24.48
CA TRP A 283 -35.96 -39.36 25.29
C TRP A 283 -36.11 -39.71 26.76
N VAL A 284 -35.07 -39.41 27.55
CA VAL A 284 -35.09 -39.63 28.98
C VAL A 284 -34.97 -38.28 29.68
N HIS A 285 -35.98 -37.94 30.46
CA HIS A 285 -35.93 -36.81 31.37
C HIS A 285 -35.87 -37.33 32.80
N VAL A 286 -34.89 -36.88 33.57
CA VAL A 286 -34.73 -37.29 34.95
C VAL A 286 -35.40 -36.24 35.82
N ASP A 287 -36.48 -36.63 36.50
CA ASP A 287 -37.24 -35.74 37.37
C ASP A 287 -36.71 -35.86 38.79
N ALA A 288 -35.99 -34.83 39.24
CA ALA A 288 -35.45 -34.76 40.59
C ALA A 288 -35.89 -33.46 41.25
N ALA A 289 -37.19 -33.16 41.11
CA ALA A 289 -37.72 -31.85 41.53
C ALA A 289 -37.38 -31.55 42.99
N TYR A 290 -37.55 -32.52 43.88
CA TYR A 290 -37.25 -32.30 45.29
C TYR A 290 -35.83 -32.71 45.65
N ALA A 291 -35.47 -33.97 45.39
CA ALA A 291 -34.23 -34.54 45.89
C ALA A 291 -32.99 -34.11 45.11
N GLY A 292 -33.16 -33.44 43.97
CA GLY A 292 -32.03 -33.18 43.10
C GLY A 292 -30.93 -32.36 43.76
N SER A 293 -31.31 -31.36 44.56
CA SER A 293 -30.33 -30.46 45.15
C SER A 293 -29.40 -31.18 46.13
N ALA A 294 -29.85 -32.29 46.71
CA ALA A 294 -29.03 -33.01 47.69
C ALA A 294 -27.76 -33.58 47.09
N CYS A 295 -27.75 -33.82 45.78
CA CYS A 295 -26.60 -34.42 45.12
C CYS A 295 -25.45 -33.46 44.89
N ILE A 296 -25.53 -32.22 45.38
CA ILE A 296 -24.32 -31.41 45.47
C ILE A 296 -23.42 -31.94 46.59
N CYS A 297 -23.98 -32.69 47.52
CA CYS A 297 -23.21 -33.43 48.52
C CYS A 297 -22.69 -34.73 47.93
N PRO A 298 -21.38 -35.00 48.00
CA PRO A 298 -20.85 -36.19 47.31
C PRO A 298 -21.48 -37.49 47.77
N GLU A 299 -21.88 -37.60 49.04
CA GLU A 299 -22.45 -38.84 49.54
C GLU A 299 -23.86 -39.09 49.02
N PHE A 300 -24.49 -38.11 48.36
CA PHE A 300 -25.78 -38.30 47.73
C PHE A 300 -25.72 -38.27 46.21
N ARG A 301 -24.55 -37.99 45.63
CA ARG A 301 -24.42 -37.86 44.18
C ARG A 301 -24.73 -39.16 43.45
N HIS A 302 -24.59 -40.31 44.11
CA HIS A 302 -24.87 -41.60 43.48
C HIS A 302 -26.33 -41.72 43.04
N PHE A 303 -27.23 -40.92 43.62
CA PHE A 303 -28.66 -41.06 43.31
C PHE A 303 -28.99 -40.63 41.89
N ILE A 304 -28.17 -39.79 41.27
CA ILE A 304 -28.38 -39.39 39.88
C ILE A 304 -27.30 -40.00 38.97
N ASP A 305 -26.67 -41.09 39.40
CA ASP A 305 -25.80 -41.85 38.52
C ASP A 305 -26.58 -42.34 37.31
N GLY A 306 -25.99 -42.21 36.14
CA GLY A 306 -26.66 -42.53 34.90
C GLY A 306 -27.30 -41.34 34.20
N VAL A 307 -27.28 -40.16 34.83
CA VAL A 307 -27.77 -38.96 34.18
C VAL A 307 -26.91 -38.60 32.97
N GLU A 308 -25.71 -39.17 32.88
CA GLU A 308 -24.86 -38.99 31.71
C GLU A 308 -25.49 -39.56 30.44
N GLU A 309 -26.44 -40.47 30.58
CA GLU A 309 -27.10 -41.09 29.44
C GLU A 309 -28.50 -40.55 29.19
N ALA A 310 -28.97 -39.63 30.03
CA ALA A 310 -30.28 -39.01 29.83
C ALA A 310 -30.16 -37.81 28.91
N ASP A 311 -31.31 -37.33 28.44
CA ASP A 311 -31.37 -36.15 27.59
C ASP A 311 -31.61 -34.86 28.35
N SER A 312 -32.30 -34.93 29.49
CA SER A 312 -32.64 -33.75 30.26
C SER A 312 -32.67 -34.10 31.73
N PHE A 313 -32.59 -33.07 32.57
CA PHE A 313 -32.54 -33.25 34.02
C PHE A 313 -33.07 -31.99 34.67
N SER A 314 -33.96 -32.16 35.64
CA SER A 314 -34.62 -31.01 36.27
C SER A 314 -34.71 -31.20 37.77
N LEU A 315 -34.60 -30.08 38.49
CA LEU A 315 -34.91 -30.03 39.91
C LEU A 315 -35.58 -28.70 40.21
N ASN A 316 -36.28 -28.65 41.34
CA ASN A 316 -36.92 -27.42 41.81
C ASN A 316 -36.04 -26.82 42.89
N ALA A 317 -35.36 -25.72 42.55
CA ALA A 317 -34.55 -25.01 43.53
C ALA A 317 -35.39 -24.35 44.61
N HIS A 318 -36.70 -24.22 44.40
CA HIS A 318 -37.59 -23.65 45.41
C HIS A 318 -38.08 -24.73 46.35
N TRP A 320 -35.94 -27.38 47.55
CA TRP A 320 -34.89 -27.75 48.49
C TRP A 320 -33.58 -27.00 48.25
N PHE A 321 -33.65 -25.79 47.67
CA PHE A 321 -32.41 -25.03 47.48
C PHE A 321 -32.59 -23.54 47.73
N PHE A 322 -33.51 -23.16 48.63
CA PHE A 322 -33.53 -21.86 49.31
C PHE A 322 -33.75 -20.68 48.39
N THR A 323 -34.16 -20.87 47.13
CA THR A 323 -34.22 -19.69 46.28
C THR A 323 -35.40 -18.82 46.68
N THR A 324 -36.60 -19.26 46.30
CA THR A 324 -37.89 -19.02 46.94
C THR A 324 -38.85 -19.51 45.85
N LEU A 325 -40.14 -19.62 46.11
CA LEU A 325 -41.03 -19.92 44.99
C LEU A 325 -41.05 -18.73 44.04
N ASP A 326 -40.74 -18.96 42.76
CA ASP A 326 -40.42 -20.29 42.19
C ASP A 326 -39.11 -20.25 41.39
N CYS A 327 -38.43 -21.39 41.28
CA CYS A 327 -37.20 -21.47 40.50
C CYS A 327 -36.95 -22.94 40.12
N CYS A 328 -37.26 -23.28 38.87
CA CYS A 328 -36.98 -24.61 38.34
C CYS A 328 -35.72 -24.56 37.48
N CYS A 329 -34.85 -25.54 37.69
CA CYS A 329 -33.56 -25.64 37.00
C CYS A 329 -33.61 -26.82 36.05
N LEU A 330 -33.47 -26.56 34.74
CA LEU A 330 -33.53 -27.59 33.72
C LEU A 330 -32.22 -27.58 32.93
N TRP A 331 -31.54 -28.72 32.91
CA TRP A 331 -30.36 -28.92 32.08
C TRP A 331 -30.72 -29.87 30.94
N VAL A 332 -30.23 -29.58 29.74
CA VAL A 332 -30.46 -30.42 28.58
C VAL A 332 -29.15 -30.60 27.83
N LYS A 333 -28.99 -31.78 27.22
CA LYS A 333 -27.82 -32.03 26.39
C LYS A 333 -27.91 -31.27 25.08
N ASP A 334 -29.11 -31.10 24.53
CA ASP A 334 -29.31 -30.52 23.21
C ASP A 334 -30.34 -29.40 23.30
N PRO A 335 -29.91 -28.18 23.63
CA PRO A 335 -30.86 -27.05 23.66
C PRO A 335 -31.51 -26.77 22.30
N SER A 336 -30.88 -27.16 21.19
CA SER A 336 -31.48 -26.93 19.89
C SER A 336 -32.79 -27.69 19.73
N ALA A 337 -32.92 -28.85 20.39
CA ALA A 337 -34.17 -29.59 20.35
C ALA A 337 -35.29 -28.81 21.03
N LEU A 338 -34.98 -28.06 22.09
CA LEU A 338 -35.97 -27.16 22.66
C LEU A 338 -36.29 -26.02 21.71
N VAL A 339 -35.26 -25.45 21.08
CA VAL A 339 -35.48 -24.34 20.15
C VAL A 339 -36.34 -24.78 18.97
N LYS A 340 -36.10 -26.00 18.47
CA LYS A 340 -36.86 -26.47 17.31
C LYS A 340 -38.35 -26.57 17.61
N ALA A 341 -38.71 -26.91 18.86
CA ALA A 341 -40.12 -27.06 19.22
C ALA A 341 -40.75 -25.78 19.72
N LEU A 342 -39.98 -24.93 20.42
CA LEU A 342 -40.56 -23.79 21.12
C LEU A 342 -40.34 -22.46 20.41
N SER A 343 -39.41 -22.38 19.47
CA SER A 343 -39.25 -21.15 18.70
C SER A 343 -40.46 -20.92 17.79
N THR A 344 -40.75 -19.64 17.56
CA THR A 344 -41.75 -19.26 16.56
C THR A 344 -41.11 -18.72 15.29
N ASN A 345 -39.79 -18.61 15.24
CA ASN A 345 -39.12 -18.41 13.96
C ASN A 345 -39.49 -19.55 13.03
N PRO A 346 -39.51 -19.31 11.72
CA PRO A 346 -39.82 -20.39 10.78
C PRO A 346 -38.83 -21.54 10.92
N GLU A 347 -39.30 -22.74 10.57
CA GLU A 347 -38.57 -23.96 10.91
C GLU A 347 -37.20 -24.03 10.25
N TYR A 348 -36.95 -23.28 9.18
CA TYR A 348 -35.65 -23.32 8.55
C TYR A 348 -34.62 -22.46 9.28
N LEU A 349 -35.06 -21.55 10.13
CA LEU A 349 -34.12 -20.73 10.91
C LEU A 349 -33.86 -21.31 12.29
N ARG A 350 -34.84 -22.00 12.88
CA ARG A 350 -34.55 -22.78 14.09
C ARG A 350 -33.59 -23.92 13.79
N ASN A 351 -33.51 -24.35 12.52
CA ASN A 351 -32.66 -25.44 12.10
C ASN A 351 -31.22 -24.97 11.88
N LYS A 352 -30.65 -24.26 12.85
CA LYS A 352 -29.30 -23.75 12.75
C LYS A 352 -28.81 -23.21 14.09
N VAL A 359 -25.25 -15.74 21.11
CA VAL A 359 -26.13 -15.09 22.07
C VAL A 359 -27.35 -15.99 22.35
N VAL A 360 -27.56 -16.29 23.62
CA VAL A 360 -28.64 -17.17 24.02
C VAL A 360 -29.98 -16.45 23.92
N ASP A 361 -31.00 -17.14 23.41
CA ASP A 361 -32.37 -16.65 23.34
C ASP A 361 -33.22 -17.60 24.17
N TYR A 362 -33.33 -17.32 25.47
CA TYR A 362 -33.91 -18.28 26.42
C TYR A 362 -35.41 -18.49 26.23
N LYS A 363 -36.11 -17.54 25.62
CA LYS A 363 -37.55 -17.71 25.42
C LYS A 363 -37.85 -18.92 24.54
N ASP A 364 -36.92 -19.30 23.68
CA ASP A 364 -37.07 -20.49 22.84
C ASP A 364 -36.73 -21.78 23.57
N TRP A 365 -36.29 -21.70 24.83
CA TRP A 365 -36.03 -22.88 25.64
C TRP A 365 -37.19 -23.24 26.56
N GLN A 366 -38.24 -22.43 26.59
CA GLN A 366 -39.30 -22.59 27.58
C GLN A 366 -40.60 -22.05 27.01
N ILE A 367 -41.63 -21.99 27.85
CA ILE A 367 -42.93 -21.46 27.45
C ILE A 367 -42.93 -19.95 27.51
N ALA A 368 -42.41 -19.39 28.60
CA ALA A 368 -42.55 -17.96 28.86
C ALA A 368 -41.73 -17.14 27.87
N LEU A 369 -42.35 -16.11 27.30
CA LEU A 369 -41.64 -15.15 26.46
C LEU A 369 -41.14 -13.98 27.28
N SER A 370 -42.01 -13.40 28.11
CA SER A 370 -41.65 -12.31 29.02
C SER A 370 -41.03 -12.92 30.27
N ARG A 371 -39.74 -13.23 30.15
CA ARG A 371 -39.05 -13.97 31.20
C ARG A 371 -38.73 -13.06 32.39
N ARG A 372 -38.75 -13.65 33.58
CA ARG A 372 -38.36 -12.96 34.78
C ARG A 372 -36.88 -13.16 35.07
N PHE A 373 -36.30 -12.19 35.77
CA PHE A 373 -34.87 -12.21 36.13
C PHE A 373 -34.66 -13.17 37.29
N ARG A 374 -34.87 -14.46 37.00
CA ARG A 374 -34.81 -15.49 38.04
C ARG A 374 -33.38 -15.84 38.45
N SER A 375 -32.39 -15.52 37.63
CA SER A 375 -31.00 -15.88 37.96
C SER A 375 -30.49 -15.15 39.19
N LEU A 376 -31.11 -14.03 39.56
CA LEU A 376 -30.67 -13.30 40.75
C LEU A 376 -30.86 -14.14 42.00
N LYS A 377 -32.03 -14.78 42.15
CA LYS A 377 -32.30 -15.65 43.29
C LYS A 377 -31.20 -16.69 43.47
N LEU A 378 -30.95 -17.48 42.42
CA LEU A 378 -29.97 -18.55 42.50
C LEU A 378 -28.57 -17.99 42.73
N TRP A 379 -28.22 -16.90 42.04
CA TRP A 379 -26.93 -16.25 42.25
C TRP A 379 -26.77 -15.81 43.70
N MET A 380 -27.82 -15.19 44.27
CA MET A 380 -27.74 -14.70 45.63
C MET A 380 -27.56 -15.83 46.63
N VAL A 381 -28.30 -16.93 46.46
CA VAL A 381 -28.20 -18.05 47.38
C VAL A 381 -26.81 -18.66 47.33
N LEU A 382 -26.27 -18.86 46.12
CA LEU A 382 -24.97 -19.50 45.97
C LEU A 382 -23.86 -18.66 46.58
N ARG A 383 -23.92 -17.35 46.41
CA ARG A 383 -22.86 -16.47 46.93
C ARG A 383 -23.01 -16.25 48.42
N SER A 384 -24.23 -16.02 48.91
CA SER A 384 -24.41 -15.65 50.30
C SER A 384 -24.09 -16.79 51.26
N TYR A 385 -24.19 -18.03 50.81
CA TYR A 385 -23.97 -19.18 51.67
C TYR A 385 -22.78 -20.04 51.26
N GLY A 386 -22.47 -20.13 49.98
CA GLY A 386 -21.35 -20.92 49.53
C GLY A 386 -21.64 -22.41 49.53
N VAL A 387 -20.81 -23.14 48.78
CA VAL A 387 -21.04 -24.57 48.56
C VAL A 387 -21.01 -25.32 49.89
N THR A 388 -20.05 -25.00 50.75
CA THR A 388 -19.89 -25.75 52.00
C THR A 388 -21.12 -25.61 52.90
N ASN A 389 -21.57 -24.38 53.13
CA ASN A 389 -22.74 -24.17 53.98
C ASN A 389 -24.00 -24.72 53.35
N LEU A 390 -24.13 -24.61 52.02
CA LEU A 390 -25.30 -25.15 51.35
C LEU A 390 -25.36 -26.67 51.48
N ARG A 391 -24.22 -27.34 51.34
CA ARG A 391 -24.16 -28.78 51.59
C ARG A 391 -24.62 -29.11 53.00
N ASN A 392 -24.22 -28.30 53.98
CA ASN A 392 -24.53 -28.59 55.37
C ASN A 392 -25.99 -28.29 55.70
N PHE A 393 -26.58 -27.31 55.02
CA PHE A 393 -28.02 -27.07 55.18
C PHE A 393 -28.82 -28.31 54.82
N LEU A 394 -28.55 -28.87 53.64
CA LEU A 394 -29.25 -30.08 53.21
C LEU A 394 -28.94 -31.26 54.13
N ARG A 395 -27.68 -31.36 54.58
CA ARG A 395 -27.31 -32.45 55.48
C ARG A 395 -28.09 -32.39 56.79
N SER A 396 -28.28 -31.18 57.32
CA SER A 396 -28.99 -31.03 58.59
C SER A 396 -30.44 -31.48 58.48
N HIS A 397 -31.08 -31.22 57.34
CA HIS A 397 -32.45 -31.71 57.14
C HIS A 397 -32.49 -33.23 57.13
N VAL A 398 -31.51 -33.87 56.50
CA VAL A 398 -31.46 -35.32 56.45
C VAL A 398 -31.21 -35.89 57.84
N LYS A 399 -30.27 -35.30 58.58
CA LYS A 399 -29.97 -35.76 59.94
C LYS A 399 -31.21 -35.65 60.82
N MET A 400 -31.93 -34.53 60.75
CA MET A 400 -33.12 -34.36 61.56
C MET A 400 -34.19 -35.38 61.19
N ALA A 401 -34.30 -35.71 59.90
CA ALA A 401 -35.25 -36.74 59.50
C ALA A 401 -34.77 -38.12 59.93
N LYS A 402 -33.47 -38.38 59.84
CA LYS A 402 -32.94 -39.64 60.32
C LYS A 402 -33.12 -39.77 61.84
N THR A 403 -32.93 -38.66 62.57
CA THR A 403 -33.24 -38.64 64.00
C THR A 403 -34.71 -38.98 64.22
N PHE A 404 -35.59 -38.35 63.45
CA PHE A 404 -37.02 -38.66 63.54
C PHE A 404 -37.28 -40.13 63.24
N GLU A 405 -36.56 -40.69 62.26
CA GLU A 405 -36.70 -42.11 61.94
C GLU A 405 -36.26 -42.98 63.11
N GLY A 406 -35.17 -42.58 63.78
CA GLY A 406 -34.68 -43.36 64.91
C GLY A 406 -35.64 -43.36 66.09
N LEU A 407 -36.24 -42.20 66.39
CA LEU A 407 -37.24 -42.14 67.45
C LEU A 407 -38.42 -43.06 67.15
N ILE A 408 -38.75 -43.22 65.88
CA ILE A 408 -39.90 -44.03 65.49
C ILE A 408 -39.63 -45.51 65.73
N CYS A 409 -38.44 -45.98 65.33
CA CYS A 409 -38.10 -47.38 65.52
C CYS A 409 -37.99 -47.74 67.00
N MET A 410 -37.58 -46.80 67.85
CA MET A 410 -37.50 -47.06 69.28
C MET A 410 -38.87 -47.14 69.93
N ASP A 411 -39.91 -46.64 69.28
CA ASP A 411 -41.29 -46.78 69.73
C ASP A 411 -41.89 -47.96 68.96
N GLY A 412 -42.09 -49.08 69.66
CA GLY A 412 -42.55 -50.30 69.02
C GLY A 412 -43.94 -50.20 68.40
N ARG A 413 -44.69 -49.13 68.69
CA ARG A 413 -46.02 -48.96 68.14
C ARG A 413 -46.03 -48.43 66.72
N PHE A 414 -44.90 -47.94 66.22
CA PHE A 414 -44.79 -47.40 64.87
C PHE A 414 -43.99 -48.34 63.98
N GLU A 415 -44.01 -48.04 62.69
CA GLU A 415 -43.29 -48.84 61.70
C GLU A 415 -42.88 -47.94 60.55
N ILE A 416 -41.62 -48.07 60.13
CA ILE A 416 -41.14 -47.38 58.94
C ILE A 416 -41.59 -48.17 57.71
N THR A 417 -42.27 -47.49 56.78
CA THR A 417 -42.94 -48.19 55.69
C THR A 417 -42.07 -48.33 54.45
N VAL A 418 -41.23 -47.36 54.14
CA VAL A 418 -40.30 -47.44 53.03
C VAL A 418 -38.95 -46.89 53.46
N PRO A 419 -37.87 -47.28 52.77
CA PRO A 419 -36.56 -46.73 53.11
C PRO A 419 -36.52 -45.23 52.93
N ARG A 420 -35.90 -44.55 53.89
CA ARG A 420 -35.73 -43.11 53.83
C ARG A 420 -34.50 -42.77 52.99
N THR A 421 -34.67 -41.87 52.02
CA THR A 421 -33.61 -41.55 51.07
C THR A 421 -33.15 -40.10 51.17
N PHE A 422 -34.06 -39.12 51.18
CA PHE A 422 -33.70 -37.71 51.30
C PHE A 422 -34.67 -37.04 52.27
N ALA A 423 -34.31 -37.04 53.55
CA ALA A 423 -34.88 -36.15 54.56
C ALA A 423 -36.40 -36.26 54.71
N MET A 424 -37.03 -37.27 54.10
CA MET A 424 -38.46 -37.52 54.32
C MET A 424 -38.63 -38.94 54.85
N VAL A 425 -39.37 -39.07 55.95
CA VAL A 425 -39.60 -40.33 56.62
C VAL A 425 -41.05 -40.72 56.41
N CYS A 426 -41.28 -41.97 55.98
CA CYS A 426 -42.62 -42.53 55.83
C CYS A 426 -42.85 -43.52 56.97
N PHE A 427 -43.97 -43.40 57.65
CA PHE A 427 -44.26 -44.24 58.80
C PHE A 427 -45.77 -44.36 58.97
N ARG A 428 -46.16 -45.24 59.88
CA ARG A 428 -47.57 -45.45 60.20
C ARG A 428 -47.70 -46.02 61.59
N LEU A 429 -48.83 -45.72 62.23
CA LEU A 429 -49.16 -46.31 63.52
C LEU A 429 -49.73 -47.71 63.31
N LEU A 430 -49.30 -48.64 64.16
CA LEU A 430 -49.76 -50.01 63.94
C LEU A 430 -50.89 -50.36 64.90
N PRO A 431 -51.84 -51.19 64.46
CA PRO A 431 -52.87 -51.65 65.37
C PRO A 431 -52.29 -52.55 66.44
N PRO A 432 -52.87 -52.57 67.65
CA PRO A 432 -52.39 -53.39 68.77
C PRO A 432 -52.39 -54.88 68.44
N GLU A 457 -59.17 -57.43 56.06
CA GLU A 457 -57.72 -57.41 56.24
C GLU A 457 -57.34 -56.49 57.40
N ASN A 458 -56.15 -56.73 57.96
CA ASN A 458 -55.58 -55.78 58.90
C ASN A 458 -55.26 -54.45 58.21
N LEU A 459 -55.04 -54.48 56.90
CA LEU A 459 -54.61 -53.29 56.19
C LEU A 459 -55.69 -52.22 56.18
N VAL A 460 -56.93 -52.61 55.88
CA VAL A 460 -58.03 -51.64 55.84
C VAL A 460 -58.20 -50.99 57.20
N LEU A 461 -58.09 -51.77 58.27
CA LEU A 461 -58.18 -51.21 59.62
C LEU A 461 -56.96 -50.34 59.92
N ALA A 462 -55.77 -50.82 59.57
CA ALA A 462 -54.56 -50.02 59.79
C ALA A 462 -54.62 -48.72 59.00
N ASN A 463 -55.11 -48.78 57.76
CA ASN A 463 -55.25 -47.57 56.96
C ASN A 463 -56.24 -46.59 57.62
N LYS A 464 -57.37 -47.10 58.10
CA LYS A 464 -58.34 -46.24 58.75
C LYS A 464 -57.82 -45.69 60.07
N LEU A 465 -56.99 -46.46 60.78
CA LEU A 465 -56.42 -45.97 62.02
C LEU A 465 -55.48 -44.79 61.77
N ASN A 466 -54.60 -44.93 60.79
CA ASN A 466 -53.65 -43.87 60.49
C ASN A 466 -54.34 -42.63 59.93
N GLN A 467 -55.43 -42.81 59.18
CA GLN A 467 -56.16 -41.66 58.67
C GLN A 467 -56.78 -40.85 59.80
N VAL A 468 -57.43 -41.53 60.74
CA VAL A 468 -57.97 -40.85 61.92
C VAL A 468 -56.85 -40.27 62.76
N TYR A 469 -55.77 -41.04 62.95
CA TYR A 469 -54.63 -40.59 63.74
C TYR A 469 -54.02 -39.32 63.14
N LEU A 470 -53.76 -39.33 61.83
CA LEU A 470 -53.11 -38.18 61.20
C LEU A 470 -53.99 -36.95 61.25
N GLU A 471 -55.29 -37.09 60.97
CA GLU A 471 -56.17 -35.93 60.94
C GLU A 471 -56.35 -35.34 62.33
N THR A 472 -56.33 -36.16 63.38
CA THR A 472 -56.40 -35.62 64.72
C THR A 472 -55.15 -34.82 65.08
N VAL A 473 -53.99 -35.23 64.55
CA VAL A 473 -52.75 -34.51 64.82
C VAL A 473 -52.74 -33.19 64.06
N ASN A 474 -53.09 -33.23 62.77
CA ASN A 474 -53.10 -32.00 61.96
C ASN A 474 -54.14 -31.00 62.45
N ALA A 475 -55.24 -31.49 63.03
CA ALA A 475 -56.30 -30.61 63.51
C ALA A 475 -55.85 -29.77 64.71
N THR A 476 -54.83 -30.21 65.44
CA THR A 476 -54.34 -29.42 66.56
C THR A 476 -53.70 -28.12 66.11
N GLY A 477 -53.22 -28.04 64.87
CA GLY A 477 -52.50 -26.88 64.39
C GLY A 477 -51.07 -26.79 64.85
N SER A 478 -50.61 -27.71 65.70
CA SER A 478 -49.24 -27.66 66.20
C SER A 478 -48.24 -28.11 65.15
N VAL A 479 -48.61 -29.06 64.30
CA VAL A 479 -47.76 -29.54 63.20
C VAL A 479 -48.66 -29.81 62.00
N TYR A 480 -48.03 -30.09 60.87
CA TYR A 480 -48.77 -30.42 59.66
C TYR A 480 -47.97 -31.42 58.84
N MET A 481 -48.58 -32.59 58.60
CA MET A 481 -47.99 -33.63 57.78
C MET A 481 -49.06 -34.21 56.89
N THR A 482 -48.68 -34.59 55.68
CA THR A 482 -49.59 -35.23 54.73
C THR A 482 -49.24 -36.71 54.60
N HIS A 483 -50.10 -37.43 53.89
CA HIS A 483 -50.04 -38.88 53.79
C HIS A 483 -49.87 -39.30 52.33
N ALA A 484 -49.75 -40.62 52.15
CA ALA A 484 -49.70 -41.22 50.83
C ALA A 484 -50.10 -42.67 50.96
N VAL A 485 -50.79 -43.18 49.94
CA VAL A 485 -51.17 -44.58 49.86
C VAL A 485 -50.27 -45.23 48.80
N VAL A 486 -49.31 -46.01 49.25
CA VAL A 486 -48.33 -46.64 48.38
C VAL A 486 -48.35 -48.14 48.63
N GLY A 487 -48.63 -48.91 47.58
CA GLY A 487 -48.75 -50.35 47.74
C GLY A 487 -49.92 -50.77 48.60
N GLY A 488 -50.99 -49.99 48.60
CA GLY A 488 -52.15 -50.26 49.43
C GLY A 488 -52.02 -49.83 50.87
N VAL A 489 -50.88 -49.26 51.27
CA VAL A 489 -50.61 -48.94 52.67
C VAL A 489 -50.74 -47.43 52.85
N TYR A 490 -51.64 -47.04 53.74
CA TYR A 490 -51.70 -45.65 54.19
C TYR A 490 -50.52 -45.36 55.11
N MET A 491 -49.67 -44.42 54.69
CA MET A 491 -48.50 -44.06 55.47
C MET A 491 -48.43 -42.55 55.63
N ILE A 492 -47.93 -42.12 56.78
CA ILE A 492 -47.76 -40.71 57.10
C ILE A 492 -46.38 -40.27 56.63
N ARG A 493 -46.32 -39.10 56.01
CA ARG A 493 -45.07 -38.53 55.51
C ARG A 493 -44.58 -37.44 56.46
N PHE A 494 -43.29 -37.49 56.79
CA PHE A 494 -42.63 -36.47 57.60
C PHE A 494 -41.47 -35.93 56.77
N ALA A 495 -41.67 -34.79 56.13
CA ALA A 495 -40.69 -34.20 55.21
C ALA A 495 -40.08 -32.97 55.87
N VAL A 496 -38.82 -33.08 56.31
CA VAL A 496 -38.13 -32.02 57.03
C VAL A 496 -37.45 -31.13 55.99
N GLY A 497 -38.08 -30.00 55.66
CA GLY A 497 -37.36 -29.04 54.84
C GLY A 497 -37.55 -27.54 55.07
N SER A 498 -38.49 -27.14 55.91
CA SER A 498 -38.73 -25.72 56.09
C SER A 498 -37.51 -25.07 56.74
N THR A 499 -37.03 -23.98 56.12
CA THR A 499 -35.73 -23.42 56.50
C THR A 499 -35.64 -23.16 58.00
N LEU A 500 -36.72 -22.65 58.61
CA LEU A 500 -36.70 -22.33 60.02
C LEU A 500 -36.74 -23.55 60.93
N THR A 501 -36.93 -24.75 60.37
CA THR A 501 -37.04 -25.94 61.20
C THR A 501 -35.70 -26.28 61.84
N GLU A 502 -35.71 -26.42 63.16
CA GLU A 502 -34.56 -26.87 63.93
C GLU A 502 -34.89 -28.19 64.61
N GLU A 503 -33.90 -28.76 65.28
CA GLU A 503 -34.08 -30.07 65.90
C GLU A 503 -35.17 -30.04 66.97
N ARG A 504 -35.32 -28.93 67.69
CA ARG A 504 -36.34 -28.85 68.72
C ARG A 504 -37.74 -28.99 68.13
N HIS A 505 -37.94 -28.53 66.89
CA HIS A 505 -39.25 -28.66 66.26
C HIS A 505 -39.53 -30.11 65.89
N VAL A 506 -38.53 -30.83 65.38
CA VAL A 506 -38.71 -32.23 65.03
C VAL A 506 -39.00 -33.06 66.27
N ILE A 507 -38.23 -32.83 67.34
CA ILE A 507 -38.50 -33.49 68.61
C ILE A 507 -39.89 -33.14 69.12
N TYR A 508 -40.27 -31.86 68.99
CA TYR A 508 -41.61 -31.43 69.41
C TYR A 508 -42.69 -32.16 68.62
N ALA A 509 -42.50 -32.33 67.31
CA ALA A 509 -43.47 -33.05 66.50
C ALA A 509 -43.54 -34.52 66.90
N TRP A 510 -42.39 -35.12 67.22
CA TRP A 510 -42.38 -36.49 67.72
C TRP A 510 -43.15 -36.61 69.02
N LYS A 511 -43.00 -35.63 69.91
CA LYS A 511 -43.76 -35.61 71.15
C LYS A 511 -45.26 -35.55 70.87
N ILE A 512 -45.68 -34.68 69.94
CA ILE A 512 -47.09 -34.59 69.59
C ILE A 512 -47.59 -35.91 69.03
N LEU A 513 -46.77 -36.58 68.22
CA LEU A 513 -47.18 -37.86 67.65
C LEU A 513 -47.32 -38.93 68.73
N GLN A 514 -46.40 -38.92 69.71
CA GLN A 514 -46.44 -39.94 70.76
C GLN A 514 -47.65 -39.74 71.67
N GLU A 515 -47.94 -38.50 72.06
CA GLU A 515 -49.08 -38.24 72.93
C GLU A 515 -50.38 -38.63 72.28
N HIS A 516 -50.52 -38.36 70.98
CA HIS A 516 -51.73 -38.78 70.27
C HIS A 516 -51.76 -40.30 70.14
N ALA A 517 -50.61 -40.93 69.88
CA ALA A 517 -50.54 -42.38 69.85
C ALA A 517 -51.02 -42.98 71.17
N ASP A 518 -50.52 -42.45 72.29
CA ASP A 518 -51.02 -42.88 73.60
C ASP A 518 -52.52 -42.71 73.70
N LEU A 519 -53.06 -41.64 73.12
CA LEU A 519 -54.47 -41.34 73.24
C LEU A 519 -55.33 -42.24 72.36
N ILE A 520 -54.93 -42.43 71.10
CA ILE A 520 -55.70 -43.29 70.19
C ILE A 520 -55.66 -44.74 70.66
N LEU A 521 -54.46 -45.25 70.94
CA LEU A 521 -54.31 -46.66 71.29
C LEU A 521 -54.76 -46.98 72.70
N GLY A 522 -54.78 -46.00 73.60
CA GLY A 522 -55.24 -46.25 74.95
C GLY A 522 -56.72 -46.55 75.03
N LYS A 523 -57.50 -46.02 74.09
CA LYS A 523 -58.93 -46.28 74.00
C LYS A 523 -59.28 -47.05 72.73
N PHE A 524 -58.36 -47.89 72.26
CA PHE A 524 -58.54 -48.54 70.97
C PHE A 524 -59.60 -49.62 71.03
N SER A 525 -60.47 -49.64 70.02
CA SER A 525 -61.42 -50.71 69.79
C SER A 525 -61.51 -50.95 68.30
N GLU A 526 -61.47 -52.22 67.89
CA GLU A 526 -61.50 -52.54 66.46
C GLU A 526 -62.75 -51.97 65.80
N ALA A 527 -63.87 -51.96 66.50
CA ALA A 527 -65.13 -51.49 65.93
C ALA A 527 -65.13 -49.99 65.65
N ASP A 528 -64.19 -49.25 66.21
CA ASP A 528 -64.12 -47.81 65.96
C ASP A 528 -63.44 -47.48 64.63
N PHE A 529 -62.71 -48.43 64.05
CA PHE A 529 -62.05 -48.22 62.77
C PHE A 529 -62.48 -49.19 61.70
N SER A 530 -63.32 -50.17 62.02
CA SER A 530 -63.81 -51.13 61.04
C SER A 530 -65.05 -50.61 60.31
N SER A 531 -64.94 -49.41 59.75
CA SER A 531 -66.04 -48.80 59.02
C SER A 531 -65.53 -47.71 58.09
N GLY B 17 -22.89 -19.96 66.05
CA GLY B 17 -22.23 -20.87 65.13
C GLY B 17 -22.75 -20.76 63.71
N VAL B 18 -23.82 -21.50 63.42
CA VAL B 18 -24.43 -21.50 62.09
C VAL B 18 -25.72 -20.71 62.17
N THR B 19 -25.80 -19.63 61.39
CA THR B 19 -26.96 -18.76 61.37
C THR B 19 -27.99 -19.30 60.38
N ASN B 20 -29.24 -19.36 60.82
CA ASN B 20 -30.31 -19.88 59.97
C ASN B 20 -30.47 -19.00 58.74
N PRO B 21 -30.59 -19.57 57.53
CA PRO B 21 -30.74 -18.74 56.32
C PRO B 21 -31.98 -17.87 56.32
N LEU B 22 -32.94 -18.10 57.22
CA LEU B 22 -34.15 -17.29 57.31
C LEU B 22 -34.22 -16.58 58.67
N ASP B 23 -33.07 -16.27 59.25
CA ASP B 23 -33.04 -15.63 60.56
C ASP B 23 -33.78 -14.29 60.52
N PRO B 24 -34.76 -14.08 61.41
CA PRO B 24 -35.58 -12.86 61.30
C PRO B 24 -34.78 -11.56 61.39
N GLU B 25 -33.80 -11.49 62.29
CA GLU B 25 -33.05 -10.25 62.43
C GLU B 25 -32.12 -10.01 61.24
N GLU B 26 -31.50 -11.08 60.74
CA GLU B 26 -30.69 -10.95 59.52
C GLU B 26 -31.55 -10.67 58.30
N PHE B 27 -32.78 -11.22 58.28
CA PHE B 27 -33.72 -10.84 57.23
C PHE B 27 -34.06 -9.36 57.29
N ARG B 28 -34.27 -8.84 58.51
CA ARG B 28 -34.63 -7.44 58.66
C ARG B 28 -33.50 -6.52 58.21
N ARG B 29 -32.26 -6.83 58.60
CA ARG B 29 -31.14 -5.96 58.29
C ARG B 29 -30.86 -5.93 56.79
N GLN B 30 -30.71 -7.11 56.17
CA GLN B 30 -30.43 -7.16 54.75
C GLN B 30 -31.62 -6.67 53.92
N GLY B 31 -32.84 -6.91 54.39
CA GLY B 31 -34.01 -6.45 53.67
C GLY B 31 -34.07 -4.93 53.58
N HIS B 32 -33.87 -4.25 54.72
CA HIS B 32 -33.80 -2.79 54.71
C HIS B 32 -32.69 -2.30 53.80
N MET B 33 -31.59 -3.05 53.73
CA MET B 33 -30.47 -2.67 52.86
C MET B 33 -30.90 -2.65 51.40
N ILE B 34 -31.59 -3.69 50.95
CA ILE B 34 -31.95 -3.79 49.54
C ILE B 34 -33.05 -2.80 49.19
N ILE B 35 -33.97 -2.54 50.13
CA ILE B 35 -34.99 -1.51 49.91
C ILE B 35 -34.33 -0.17 49.64
N ASP B 36 -33.35 0.20 50.46
CA ASP B 36 -32.60 1.43 50.22
C ASP B 36 -31.87 1.38 48.88
N PHE B 37 -31.31 0.21 48.54
CA PHE B 37 -30.61 0.05 47.27
C PHE B 37 -31.55 0.28 46.10
N LEU B 38 -32.79 -0.20 46.19
CA LEU B 38 -33.73 -0.07 45.08
C LEU B 38 -34.32 1.32 45.00
N ALA B 39 -34.60 1.95 46.15
CA ALA B 39 -35.09 3.32 46.14
C ALA B 39 -34.07 4.26 45.53
N ASP B 40 -32.78 4.02 45.80
CA ASP B 40 -31.73 4.78 45.14
C ASP B 40 -31.73 4.53 43.64
N TYR B 41 -32.05 3.30 43.22
CA TYR B 41 -32.08 2.99 41.80
C TYR B 41 -33.16 3.79 41.09
N TYR B 42 -34.38 3.79 41.63
CA TYR B 42 -35.46 4.58 41.04
C TYR B 42 -35.13 6.07 41.04
N ARG B 43 -34.35 6.52 42.02
CA ARG B 43 -33.97 7.93 42.07
C ARG B 43 -32.94 8.28 41.01
N ASP B 44 -32.04 7.33 40.68
CA ASP B 44 -30.91 7.60 39.81
C ASP B 44 -31.00 6.90 38.45
N VAL B 45 -32.13 6.29 38.13
CA VAL B 45 -32.23 5.48 36.92
C VAL B 45 -31.98 6.30 35.67
N GLU B 46 -32.25 7.60 35.73
CA GLU B 46 -32.08 8.44 34.55
C GLU B 46 -30.63 8.58 34.12
N LYS B 47 -29.68 8.39 35.04
CA LYS B 47 -28.27 8.53 34.69
C LYS B 47 -27.76 7.38 33.82
N TYR B 48 -28.47 6.24 33.80
CA TYR B 48 -27.96 5.14 33.01
C TYR B 48 -28.43 5.24 31.56
N PRO B 49 -27.64 4.71 30.63
CA PRO B 49 -28.16 4.53 29.26
C PRO B 49 -29.30 3.52 29.27
N VAL B 50 -30.37 3.85 28.54
CA VAL B 50 -31.60 3.05 28.62
C VAL B 50 -31.33 1.64 28.06
N ARG B 51 -30.88 1.57 26.81
CA ARG B 51 -30.47 0.28 26.25
C ARG B 51 -29.05 -0.03 26.67
N SER B 52 -28.85 -1.21 27.27
CA SER B 52 -27.55 -1.60 27.78
C SER B 52 -26.50 -1.55 26.68
N GLN B 53 -25.27 -1.17 27.06
CA GLN B 53 -24.19 -0.98 26.09
C GLN B 53 -23.07 -1.98 26.25
N VAL B 54 -23.30 -3.06 27.00
CA VAL B 54 -22.28 -4.09 27.16
C VAL B 54 -22.20 -4.95 25.90
N GLU B 55 -21.10 -5.67 25.77
CA GLU B 55 -20.96 -6.60 24.66
C GLU B 55 -21.39 -8.00 25.09
N PRO B 56 -21.90 -8.80 24.16
CA PRO B 56 -22.24 -10.19 24.48
C PRO B 56 -21.04 -10.93 25.04
N GLY B 57 -21.27 -11.66 26.13
CA GLY B 57 -20.20 -12.36 26.82
C GLY B 57 -19.46 -11.55 27.86
N TYR B 58 -19.95 -10.35 28.19
CA TYR B 58 -19.23 -9.49 29.13
C TYR B 58 -19.24 -10.07 30.54
N LEU B 59 -20.34 -10.74 30.93
CA LEU B 59 -20.51 -11.11 32.33
C LEU B 59 -19.72 -12.36 32.68
N ARG B 60 -19.64 -13.33 31.75
CA ARG B 60 -18.86 -14.53 32.03
C ARG B 60 -17.39 -14.22 32.23
N LYS B 61 -16.87 -13.19 31.54
CA LYS B 61 -15.49 -12.77 31.76
C LYS B 61 -15.30 -12.24 33.16
N ARG B 62 -16.24 -11.44 33.65
CA ARG B 62 -16.08 -10.75 34.93
C ARG B 62 -16.41 -11.63 36.13
N LEU B 63 -17.11 -12.74 35.93
CA LEU B 63 -17.49 -13.58 37.05
C LEU B 63 -16.63 -14.84 37.13
N PRO B 64 -16.47 -15.41 38.31
CA PRO B 64 -15.74 -16.69 38.42
C PRO B 64 -16.50 -17.81 37.72
N GLU B 65 -15.77 -18.89 37.42
CA GLU B 65 -16.31 -20.02 36.69
C GLU B 65 -17.04 -21.02 37.58
N THR B 66 -16.85 -20.96 38.90
CA THR B 66 -17.48 -21.88 39.82
C THR B 66 -18.10 -21.10 40.99
N ALA B 67 -19.03 -21.76 41.67
CA ALA B 67 -19.63 -21.17 42.85
C ALA B 67 -18.60 -21.08 43.98
N PRO B 68 -18.69 -20.07 44.84
CA PRO B 68 -17.75 -19.97 45.95
C PRO B 68 -18.02 -21.03 47.00
N TYR B 69 -16.95 -21.53 47.61
CA TYR B 69 -17.09 -22.52 48.67
C TYR B 69 -17.42 -21.87 50.01
N ASN B 70 -17.08 -20.60 50.18
CA ASN B 70 -17.34 -19.89 51.43
C ASN B 70 -18.28 -18.72 51.19
N PRO B 71 -19.08 -18.34 52.19
CA PRO B 71 -20.07 -17.28 51.98
C PRO B 71 -19.42 -15.94 51.69
N GLU B 72 -20.12 -15.15 50.89
CA GLU B 72 -19.74 -13.77 50.60
C GLU B 72 -20.74 -12.83 51.27
N SER B 73 -20.27 -11.64 51.61
CA SER B 73 -21.12 -10.68 52.30
C SER B 73 -22.15 -10.09 51.35
N ILE B 74 -23.30 -9.70 51.92
CA ILE B 74 -24.32 -9.00 51.13
C ILE B 74 -23.78 -7.65 50.67
N GLU B 75 -22.86 -7.06 51.43
CA GLU B 75 -22.24 -5.81 51.03
C GLU B 75 -21.42 -6.01 49.75
N THR B 76 -20.63 -7.08 49.70
CA THR B 76 -19.85 -7.37 48.50
C THR B 76 -20.75 -7.70 47.32
N ILE B 77 -21.81 -8.47 47.55
CA ILE B 77 -22.71 -8.86 46.48
C ILE B 77 -23.39 -7.64 45.88
N LEU B 78 -23.89 -6.74 46.73
CA LEU B 78 -24.56 -5.54 46.25
C LEU B 78 -23.62 -4.67 45.42
N GLN B 79 -22.33 -4.63 45.78
CA GLN B 79 -21.38 -3.88 44.97
C GLN B 79 -21.22 -4.50 43.59
N ASP B 80 -21.20 -5.83 43.52
CA ASP B 80 -21.14 -6.50 42.23
C ASP B 80 -22.41 -6.25 41.41
N VAL B 81 -23.56 -6.12 42.09
CA VAL B 81 -24.78 -5.75 41.39
C VAL B 81 -24.63 -4.39 40.73
N THR B 82 -23.97 -3.45 41.42
CA THR B 82 -23.78 -2.12 40.86
C THR B 82 -22.79 -2.13 39.70
N THR B 83 -21.70 -2.88 39.84
CA THR B 83 -20.63 -2.84 38.85
C THR B 83 -20.82 -3.85 37.71
N GLU B 84 -21.44 -5.00 37.98
CA GLU B 84 -21.51 -6.06 36.99
C GLU B 84 -22.90 -6.30 36.43
N ILE B 85 -23.95 -6.16 37.24
CA ILE B 85 -25.32 -6.44 36.78
C ILE B 85 -25.96 -5.22 36.16
N ILE B 86 -25.91 -4.07 36.87
CA ILE B 86 -26.59 -2.87 36.38
C ILE B 86 -26.11 -2.46 34.99
N PRO B 87 -24.82 -2.50 34.66
CA PRO B 87 -24.43 -2.24 33.26
C PRO B 87 -25.09 -3.17 32.26
N GLY B 88 -25.34 -4.42 32.64
CA GLY B 88 -25.96 -5.37 31.74
C GLY B 88 -27.47 -5.33 31.76
N LEU B 89 -28.05 -4.24 32.27
CA LEU B 89 -29.48 -4.06 32.31
C LEU B 89 -29.93 -3.07 31.25
N THR B 90 -31.01 -3.40 30.56
CA THR B 90 -31.78 -2.43 29.79
C THR B 90 -32.93 -1.98 30.68
N HIS B 91 -32.93 -0.68 31.02
CA HIS B 91 -33.75 -0.18 32.12
C HIS B 91 -35.18 0.03 31.64
N TRP B 92 -35.97 -1.05 31.76
CA TRP B 92 -37.40 -0.95 31.50
C TRP B 92 -38.08 0.08 32.40
N GLN B 93 -37.54 0.27 33.61
CA GLN B 93 -38.10 1.21 34.56
C GLN B 93 -37.60 2.64 34.37
N SER B 94 -36.74 2.87 33.39
CA SER B 94 -36.31 4.23 33.09
C SER B 94 -37.49 5.05 32.58
N PRO B 95 -37.59 6.32 32.96
CA PRO B 95 -38.66 7.17 32.40
C PRO B 95 -38.48 7.45 30.92
N ASN B 96 -37.31 7.19 30.38
CA ASN B 96 -37.01 7.36 28.98
C ASN B 96 -37.04 6.07 28.22
N TYR B 97 -37.73 5.09 28.81
CA TYR B 97 -37.89 3.81 28.16
C TYR B 97 -39.25 3.82 27.44
N TYR B 98 -39.22 3.67 26.14
CA TYR B 98 -40.44 3.66 25.34
C TYR B 98 -40.47 2.48 24.39
N ALA B 99 -39.68 1.45 24.66
CA ALA B 99 -39.64 0.28 23.80
C ALA B 99 -40.71 -0.74 24.09
N TYR B 100 -40.97 -1.60 23.13
CA TYR B 100 -41.94 -2.70 23.17
C TYR B 100 -43.23 -2.28 23.83
N PHE B 101 -43.55 -2.83 24.96
CA PHE B 101 -44.66 -2.41 25.75
C PHE B 101 -44.11 -2.20 27.18
N PRO B 102 -44.79 -1.43 28.02
CA PRO B 102 -44.26 -1.10 29.35
C PRO B 102 -44.14 -2.32 30.24
N SER B 103 -43.09 -2.33 31.05
CA SER B 103 -43.03 -3.18 32.25
C SER B 103 -43.61 -2.36 33.40
N SER B 104 -44.92 -2.16 33.32
CA SER B 104 -45.63 -1.26 34.22
C SER B 104 -45.50 -1.72 35.66
N GLY B 105 -44.92 -0.88 36.52
CA GLY B 105 -44.69 -1.22 37.90
C GLY B 105 -45.22 -0.14 38.84
N SER B 106 -45.14 -0.44 40.13
CA SER B 106 -45.61 0.48 41.15
C SER B 106 -45.09 0.02 42.51
N VAL B 107 -45.15 0.94 43.48
CA VAL B 107 -44.82 0.58 44.85
C VAL B 107 -45.75 -0.52 45.35
N ALA B 108 -47.05 -0.35 45.13
CA ALA B 108 -48.03 -1.32 45.62
C ALA B 108 -47.80 -2.69 45.02
N GLY B 109 -47.55 -2.76 43.71
CA GLY B 109 -47.28 -4.04 43.08
C GLY B 109 -46.03 -4.70 43.63
N PHE B 110 -44.99 -3.89 43.89
CA PHE B 110 -43.76 -4.43 44.46
C PHE B 110 -43.99 -5.01 45.85
N LEU B 111 -44.74 -4.29 46.70
CA LEU B 111 -45.00 -4.77 48.05
C LEU B 111 -45.84 -6.05 48.03
N GLY B 112 -46.81 -6.12 47.11
CA GLY B 112 -47.61 -7.33 47.00
C GLY B 112 -46.78 -8.54 46.62
N GLU B 113 -45.77 -8.33 45.77
CA GLU B 113 -44.88 -9.43 45.40
C GLU B 113 -43.95 -9.81 46.56
N MET B 114 -43.51 -8.82 47.34
CA MET B 114 -42.63 -9.13 48.46
C MET B 114 -43.39 -9.80 49.60
N LEU B 115 -44.65 -9.43 49.81
CA LEU B 115 -45.49 -10.19 50.73
C LEU B 115 -45.72 -11.61 50.21
N SER B 116 -45.92 -11.75 48.90
CA SER B 116 -46.04 -13.08 48.31
C SER B 116 -44.75 -13.87 48.49
N THR B 117 -43.60 -13.22 48.23
CA THR B 117 -42.32 -13.89 48.41
C THR B 117 -41.99 -14.11 49.89
N GLY B 118 -42.50 -13.26 50.77
CA GLY B 118 -42.22 -13.43 52.19
C GLY B 118 -42.99 -14.59 52.79
N PHE B 119 -44.28 -14.69 52.47
CA PHE B 119 -45.06 -15.84 52.95
C PHE B 119 -44.59 -17.12 52.30
N ASN B 120 -44.28 -17.08 51.00
CA ASN B 120 -43.70 -18.20 50.27
C ASN B 120 -44.54 -19.47 50.41
N VAL B 121 -45.84 -19.32 50.22
CA VAL B 121 -46.74 -20.46 50.22
C VAL B 121 -46.90 -20.96 48.79
N VAL B 122 -47.30 -22.23 48.66
CA VAL B 122 -47.48 -22.88 47.38
C VAL B 122 -48.98 -23.14 47.20
N GLY B 123 -49.60 -22.44 46.26
CA GLY B 123 -51.02 -22.58 46.05
C GLY B 123 -51.41 -23.81 45.25
N PHE B 124 -50.90 -24.97 45.65
CA PHE B 124 -51.20 -26.22 44.95
C PHE B 124 -52.68 -26.54 45.01
N ASN B 125 -53.33 -26.23 46.13
CA ASN B 125 -54.78 -26.37 46.26
C ASN B 125 -55.27 -25.34 47.27
N TRP B 126 -56.58 -25.36 47.52
CA TRP B 126 -57.17 -24.41 48.44
C TRP B 126 -56.62 -24.58 49.85
N MET B 127 -56.46 -25.83 50.30
CA MET B 127 -56.01 -26.07 51.66
C MET B 127 -54.57 -25.60 51.87
N SER B 128 -53.77 -25.53 50.81
CA SER B 128 -52.36 -25.19 50.96
C SER B 128 -52.18 -23.72 51.36
N SER B 129 -53.11 -22.85 50.94
CA SER B 129 -53.33 -21.56 51.59
C SER B 129 -54.66 -20.97 51.14
N PRO B 130 -55.75 -21.15 51.91
CA PRO B 130 -57.08 -20.68 51.46
C PRO B 130 -57.10 -19.25 50.95
N ALA B 131 -56.36 -18.34 51.57
CA ALA B 131 -56.35 -16.95 51.11
C ALA B 131 -55.71 -16.82 49.73
N ALA B 132 -54.72 -17.65 49.42
CA ALA B 132 -54.06 -17.58 48.12
C ALA B 132 -54.99 -17.96 46.98
N THR B 133 -56.12 -18.60 47.27
CA THR B 133 -57.12 -18.93 46.26
C THR B 133 -58.30 -17.97 46.30
N GLU B 134 -58.83 -17.69 47.49
CA GLU B 134 -60.05 -16.89 47.58
C GLU B 134 -59.78 -15.42 47.23
N LEU B 135 -58.64 -14.89 47.64
CA LEU B 135 -58.30 -13.51 47.29
C LEU B 135 -58.17 -13.34 45.78
N GLU B 136 -57.74 -14.39 45.09
CA GLU B 136 -57.60 -14.32 43.64
C GLU B 136 -58.96 -14.17 42.96
N SER B 137 -59.95 -14.95 43.39
CA SER B 137 -61.28 -14.87 42.80
C SER B 137 -61.97 -13.55 43.11
N VAL B 138 -61.67 -12.96 44.26
CA VAL B 138 -62.27 -11.67 44.61
C VAL B 138 -61.73 -10.57 43.69
N VAL B 139 -60.40 -10.48 43.57
CA VAL B 139 -59.80 -9.38 42.81
C VAL B 139 -60.05 -9.55 41.31
N MET B 140 -60.17 -10.79 40.83
CA MET B 140 -60.52 -10.99 39.43
C MET B 140 -61.94 -10.52 39.15
N ASP B 141 -62.85 -10.67 40.12
CA ASP B 141 -64.18 -10.10 39.98
C ASP B 141 -64.14 -8.58 40.11
N TRP B 142 -63.30 -8.07 41.02
CA TRP B 142 -63.06 -6.64 41.10
C TRP B 142 -62.60 -6.09 39.75
N PHE B 143 -61.51 -6.65 39.23
CA PHE B 143 -60.95 -6.21 37.95
C PHE B 143 -61.97 -6.37 36.83
N GLY B 144 -62.71 -7.49 36.83
CA GLY B 144 -63.69 -7.71 35.77
C GLY B 144 -64.82 -6.72 35.80
N LYS B 145 -65.24 -6.27 36.99
CA LYS B 145 -66.31 -5.28 37.08
C LYS B 145 -65.81 -3.90 36.67
N MET B 146 -64.55 -3.58 37.00
CA MET B 146 -63.96 -2.33 36.51
C MET B 146 -63.85 -2.35 35.00
N LEU B 147 -63.56 -3.52 34.42
CA LEU B 147 -63.58 -3.70 32.97
C LEU B 147 -64.99 -3.77 32.41
N ASN B 148 -66.01 -3.79 33.28
CA ASN B 148 -67.40 -3.95 32.85
C ASN B 148 -67.59 -5.19 31.99
N LEU B 149 -66.93 -6.27 32.40
CA LEU B 149 -67.15 -7.56 31.74
C LEU B 149 -68.53 -8.09 32.10
N PRO B 150 -69.15 -8.85 31.20
CA PRO B 150 -70.45 -9.45 31.52
C PRO B 150 -70.34 -10.42 32.68
N GLU B 151 -71.48 -10.65 33.34
CA GLU B 151 -71.51 -11.58 34.46
C GLU B 151 -71.12 -12.99 34.05
N SER B 152 -71.21 -13.31 32.76
CA SER B 152 -70.80 -14.61 32.26
C SER B 152 -69.29 -14.85 32.38
N PHE B 153 -68.52 -13.82 32.72
CA PHE B 153 -67.08 -13.95 32.93
C PHE B 153 -66.69 -13.91 34.40
N LEU B 154 -67.64 -13.73 35.31
CA LEU B 154 -67.36 -13.48 36.71
C LEU B 154 -67.88 -14.61 37.58
N PHE B 155 -67.21 -14.82 38.72
CA PHE B 155 -67.75 -15.71 39.74
C PHE B 155 -69.09 -15.23 40.24
N SER B 156 -69.33 -13.91 40.21
CA SER B 156 -70.64 -13.37 40.49
C SER B 156 -71.72 -14.03 39.64
N GLY B 157 -71.41 -14.26 38.36
CA GLY B 157 -72.32 -14.94 37.46
C GLY B 157 -71.96 -16.40 37.24
N SER B 158 -71.74 -16.77 35.99
CA SER B 158 -71.49 -18.16 35.61
C SER B 158 -70.05 -18.41 35.17
N GLY B 159 -69.19 -17.40 35.19
CA GLY B 159 -67.83 -17.56 34.71
C GLY B 159 -66.79 -17.62 35.81
N GLY B 160 -65.60 -17.14 35.51
CA GLY B 160 -64.52 -17.15 36.49
C GLY B 160 -63.25 -16.58 35.90
N GLY B 161 -62.37 -16.14 36.80
CA GLY B 161 -61.10 -15.59 36.40
C GLY B 161 -59.97 -16.24 37.16
N VAL B 162 -58.81 -16.32 36.50
CA VAL B 162 -57.63 -16.97 37.07
C VAL B 162 -56.42 -16.11 36.76
N LEU B 163 -55.48 -16.05 37.71
CA LEU B 163 -54.23 -15.33 37.53
C LEU B 163 -53.16 -16.30 37.05
N GLN B 164 -52.43 -15.90 36.01
CA GLN B 164 -51.35 -16.70 35.45
C GLN B 164 -50.11 -15.82 35.31
N GLY B 165 -49.02 -16.44 34.88
CA GLY B 165 -47.78 -15.71 34.68
C GLY B 165 -47.80 -14.84 33.44
N THR B 166 -48.05 -15.42 32.28
CA THR B 166 -47.91 -14.74 31.00
C THR B 166 -49.11 -15.00 30.12
N SER B 167 -49.23 -14.19 29.06
CA SER B 167 -50.31 -14.35 28.10
C SER B 167 -50.16 -15.62 27.27
N CYS B 168 -48.91 -16.01 26.97
CA CYS B 168 -48.69 -17.22 26.17
C CYS B 168 -49.21 -18.46 26.90
N GLU B 169 -48.97 -18.54 28.21
CA GLU B 169 -49.52 -19.65 28.98
C GLU B 169 -51.04 -19.59 29.02
N ALA B 170 -51.60 -18.39 29.20
CA ALA B 170 -53.05 -18.24 29.22
C ALA B 170 -53.66 -18.64 27.88
N ILE B 171 -53.07 -18.17 26.78
CA ILE B 171 -53.56 -18.53 25.45
C ILE B 171 -53.39 -20.03 25.21
N LEU B 172 -52.28 -20.61 25.72
CA LEU B 172 -52.08 -22.04 25.59
C LEU B 172 -53.19 -22.84 26.27
N CYS B 173 -53.59 -22.41 27.47
CA CYS B 173 -54.59 -23.15 28.23
C CYS B 173 -55.97 -23.05 27.58
N THR B 174 -56.37 -21.86 27.15
CA THR B 174 -57.64 -21.73 26.44
C THR B 174 -57.63 -22.50 25.13
N LEU B 175 -56.46 -22.62 24.51
CA LEU B 175 -56.36 -23.37 23.26
C LEU B 175 -56.53 -24.86 23.51
N THR B 176 -55.86 -25.40 24.54
CA THR B 176 -56.03 -26.81 24.87
C THR B 176 -57.45 -27.09 25.34
N ALA B 177 -58.06 -26.14 26.05
CA ALA B 177 -59.46 -26.30 26.44
C ALA B 177 -60.36 -26.31 25.22
N ALA B 178 -60.10 -25.44 24.25
CA ALA B 178 -60.84 -25.47 23.00
C ALA B 178 -60.56 -26.75 22.22
N ARG B 179 -59.30 -27.18 22.19
CA ARG B 179 -58.94 -28.40 21.49
C ARG B 179 -59.64 -29.60 22.11
N ASP B 180 -59.59 -29.73 23.43
CA ASP B 180 -60.21 -30.88 24.09
C ASP B 180 -61.72 -30.85 23.96
N ARG B 181 -62.32 -29.66 23.99
CA ARG B 181 -63.78 -29.56 23.84
C ARG B 181 -64.22 -30.10 22.49
N LYS B 182 -63.45 -29.84 21.44
CA LYS B 182 -63.82 -30.32 20.11
C LYS B 182 -63.42 -31.78 19.92
N LEU B 183 -62.19 -32.14 20.33
CA LEU B 183 -61.72 -33.50 20.11
C LEU B 183 -62.48 -34.52 20.95
N ASN B 184 -63.00 -34.11 22.10
CA ASN B 184 -63.79 -35.04 22.91
C ASN B 184 -65.15 -35.32 22.29
N LYS B 185 -65.61 -34.46 21.39
CA LYS B 185 -66.85 -34.71 20.67
C LYS B 185 -66.65 -35.48 19.37
N ILE B 186 -65.52 -35.26 18.68
CA ILE B 186 -65.30 -35.82 17.36
C ILE B 186 -64.19 -36.86 17.33
N GLY B 187 -63.37 -36.96 18.36
CA GLY B 187 -62.32 -37.96 18.38
C GLY B 187 -60.94 -37.32 18.38
N ARG B 188 -60.04 -37.88 19.17
CA ARG B 188 -58.67 -37.36 19.27
C ARG B 188 -57.90 -37.46 17.96
N GLU B 189 -58.26 -38.41 17.09
CA GLU B 189 -57.53 -38.63 15.86
C GLU B 189 -57.62 -37.46 14.89
N HIS B 190 -58.49 -36.49 15.14
CA HIS B 190 -58.67 -35.34 14.26
C HIS B 190 -57.85 -34.13 14.67
N ILE B 191 -56.88 -34.30 15.57
CA ILE B 191 -56.08 -33.17 16.03
C ILE B 191 -55.31 -32.54 14.87
N GLY B 192 -54.93 -33.35 13.89
CA GLY B 192 -54.21 -32.84 12.73
C GLY B 192 -55.05 -32.09 11.74
N ARG B 193 -56.35 -31.93 11.98
CA ARG B 193 -57.24 -31.14 11.15
C ARG B 193 -57.64 -29.82 11.79
N LEU B 194 -57.29 -29.60 13.05
CA LEU B 194 -57.70 -28.39 13.75
C LEU B 194 -56.87 -27.20 13.29
N VAL B 195 -57.55 -26.08 13.03
CA VAL B 195 -56.92 -24.88 12.50
C VAL B 195 -57.05 -23.76 13.53
N VAL B 196 -55.94 -23.07 13.80
CA VAL B 196 -55.89 -21.95 14.71
C VAL B 196 -55.75 -20.67 13.90
N TYR B 197 -56.60 -19.69 14.16
CA TYR B 197 -56.70 -18.50 13.33
C TYR B 197 -56.22 -17.27 14.08
N GLY B 198 -55.32 -16.53 13.43
CA GLY B 198 -54.96 -15.20 13.85
C GLY B 198 -54.78 -14.31 12.64
N SER B 199 -54.39 -13.06 12.90
CA SER B 199 -54.01 -12.15 11.83
C SER B 199 -52.50 -12.13 11.68
N ASP B 200 -52.03 -11.48 10.62
CA ASP B 200 -50.59 -11.31 10.48
C ASP B 200 -50.02 -10.32 11.48
N GLN B 201 -50.86 -9.72 12.33
CA GLN B 201 -50.42 -8.86 13.42
C GLN B 201 -50.50 -9.55 14.78
N THR B 202 -51.11 -10.72 14.86
CA THR B 202 -51.27 -11.41 16.13
C THR B 202 -49.90 -11.73 16.73
N HIS B 203 -49.80 -11.58 18.06
CA HIS B 203 -48.54 -11.81 18.75
C HIS B 203 -48.08 -13.25 18.59
N CYS B 204 -46.76 -13.44 18.61
CA CYS B 204 -46.17 -14.75 18.42
C CYS B 204 -46.61 -15.76 19.48
N ALA B 205 -47.30 -15.31 20.53
CA ALA B 205 -47.74 -16.23 21.59
C ALA B 205 -48.78 -17.21 21.09
N LEU B 206 -49.61 -16.81 20.12
CA LEU B 206 -50.62 -17.72 19.61
C LEU B 206 -49.99 -18.87 18.83
N GLN B 207 -49.06 -18.56 17.93
CA GLN B 207 -48.38 -19.61 17.17
C GLN B 207 -47.62 -20.55 18.11
N LYS B 208 -46.98 -20.00 19.13
CA LYS B 208 -46.25 -20.83 20.09
C LYS B 208 -47.20 -21.75 20.85
N ALA B 209 -48.36 -21.22 21.27
CA ALA B 209 -49.35 -22.04 21.94
C ALA B 209 -49.83 -23.17 21.04
N ALA B 210 -50.04 -22.87 19.75
CA ALA B 210 -50.49 -23.89 18.81
C ALA B 210 -49.42 -24.96 18.62
N GLN B 211 -48.15 -24.56 18.63
CA GLN B 211 -47.07 -25.54 18.47
C GLN B 211 -47.00 -26.47 19.68
N VAL B 212 -47.10 -25.91 20.89
CA VAL B 212 -47.04 -26.73 22.10
C VAL B 212 -48.26 -27.64 22.20
N ALA B 213 -49.44 -27.12 21.86
CA ALA B 213 -50.68 -27.87 22.02
C ALA B 213 -50.89 -28.94 20.96
N GLY B 214 -49.92 -29.15 20.07
CA GLY B 214 -50.03 -30.21 19.09
C GLY B 214 -50.76 -29.86 17.82
N ILE B 215 -51.12 -28.60 17.61
CA ILE B 215 -51.70 -28.19 16.33
C ILE B 215 -50.64 -28.31 15.25
N ASN B 216 -51.06 -28.75 14.07
CA ASN B 216 -50.12 -28.94 12.98
C ASN B 216 -49.58 -27.58 12.53
N PRO B 217 -48.26 -27.43 12.38
CA PRO B 217 -47.71 -26.13 11.95
C PRO B 217 -48.30 -25.60 10.65
N LYS B 218 -48.70 -26.49 9.74
CA LYS B 218 -49.36 -26.06 8.51
C LYS B 218 -50.79 -25.60 8.72
N ASN B 219 -51.32 -25.71 9.94
CA ASN B 219 -52.70 -25.33 10.23
C ASN B 219 -52.79 -24.12 11.15
N PHE B 220 -51.72 -23.32 11.21
CA PHE B 220 -51.76 -22.01 11.85
C PHE B 220 -52.00 -20.96 10.78
N ARG B 221 -52.93 -20.05 11.03
CA ARG B 221 -53.32 -19.05 10.05
C ARG B 221 -53.02 -17.66 10.59
N ALA B 222 -52.19 -16.91 9.87
CA ALA B 222 -51.95 -15.49 10.12
C ALA B 222 -52.59 -14.75 8.95
N ILE B 223 -53.86 -14.40 9.11
CA ILE B 223 -54.65 -13.86 8.00
C ILE B 223 -54.16 -12.45 7.66
N LYS B 224 -54.09 -12.17 6.36
CA LYS B 224 -53.63 -10.88 5.89
C LYS B 224 -54.54 -9.76 6.39
N THR B 225 -53.91 -8.66 6.82
CA THR B 225 -54.62 -7.45 7.18
C THR B 225 -54.18 -6.31 6.26
N PHE B 226 -55.01 -5.27 6.19
CA PHE B 226 -54.83 -4.21 5.21
C PHE B 226 -54.77 -2.85 5.87
N LYS B 227 -54.06 -1.92 5.22
CA LYS B 227 -53.97 -0.55 5.69
C LYS B 227 -55.33 0.12 5.74
N GLU B 228 -56.24 -0.27 4.84
CA GLU B 228 -57.57 0.33 4.81
C GLU B 228 -58.34 0.09 6.10
N ASN B 229 -58.00 -0.98 6.83
CA ASN B 229 -58.60 -1.27 8.12
C ASN B 229 -57.64 -1.01 9.27
N SER B 230 -56.57 -0.26 9.03
CA SER B 230 -55.52 -0.03 10.02
C SER B 230 -54.99 -1.35 10.56
N PHE B 231 -54.92 -2.35 9.68
CA PHE B 231 -54.36 -3.66 9.97
C PHE B 231 -55.12 -4.42 11.05
N GLY B 232 -56.38 -4.08 11.25
CA GLY B 232 -57.26 -4.93 12.03
C GLY B 232 -57.84 -6.05 11.17
N LEU B 233 -58.10 -7.19 11.81
CA LEU B 233 -58.55 -8.36 11.07
C LEU B 233 -59.99 -8.17 10.61
N SER B 234 -60.21 -8.33 9.31
CA SER B 234 -61.56 -8.28 8.76
C SER B 234 -62.26 -9.61 8.95
N ALA B 235 -63.51 -9.57 9.41
CA ALA B 235 -64.29 -10.78 9.53
C ALA B 235 -64.60 -11.38 8.16
N ALA B 236 -64.74 -10.55 7.13
CA ALA B 236 -64.95 -11.05 5.79
C ALA B 236 -63.76 -11.86 5.30
N THR B 237 -62.54 -11.38 5.58
CA THR B 237 -61.35 -12.14 5.24
C THR B 237 -61.26 -13.42 6.07
N LEU B 238 -61.70 -13.36 7.33
CA LEU B 238 -61.68 -14.54 8.18
C LEU B 238 -62.62 -15.62 7.65
N ARG B 239 -63.78 -15.24 7.14
CA ARG B 239 -64.72 -16.22 6.61
C ARG B 239 -64.21 -16.81 5.30
N GLU B 240 -63.57 -16.01 4.46
CA GLU B 240 -62.99 -16.52 3.23
C GLU B 240 -61.99 -17.63 3.51
N VAL B 241 -61.11 -17.41 4.50
CA VAL B 241 -60.06 -18.38 4.80
C VAL B 241 -60.66 -19.65 5.40
N ILE B 242 -61.67 -19.51 6.25
CA ILE B 242 -62.30 -20.67 6.89
C ILE B 242 -62.94 -21.56 5.83
N LEU B 243 -63.65 -20.95 4.87
CA LEU B 243 -64.26 -21.73 3.80
C LEU B 243 -63.20 -22.48 2.99
N GLU B 244 -62.04 -21.84 2.77
CA GLU B 244 -60.94 -22.51 2.10
C GLU B 244 -60.46 -23.71 2.93
N ASP B 245 -60.32 -23.53 4.24
CA ASP B 245 -59.88 -24.62 5.09
C ASP B 245 -60.91 -25.74 5.12
N ILE B 246 -62.19 -25.39 5.16
CA ILE B 246 -63.24 -26.40 5.18
C ILE B 246 -63.25 -27.18 3.87
N GLU B 247 -63.00 -26.50 2.76
CA GLU B 247 -62.91 -27.19 1.47
C GLU B 247 -61.71 -28.13 1.43
N ALA B 248 -60.64 -27.81 2.16
CA ALA B 248 -59.46 -28.65 2.23
C ALA B 248 -59.60 -29.78 3.25
N GLY B 249 -60.78 -29.94 3.83
CA GLY B 249 -61.01 -31.00 4.80
C GLY B 249 -60.62 -30.67 6.23
N LEU B 250 -60.32 -29.41 6.52
CA LEU B 250 -59.84 -29.02 7.84
C LEU B 250 -61.00 -28.62 8.75
N ILE B 251 -60.67 -28.46 10.03
CA ILE B 251 -61.66 -28.14 11.06
C ILE B 251 -61.28 -26.85 11.76
N PRO B 252 -62.01 -25.76 11.54
CA PRO B 252 -61.72 -24.51 12.25
C PRO B 252 -62.00 -24.66 13.74
N LEU B 253 -61.05 -24.25 14.56
CA LEU B 253 -61.12 -24.49 16.00
C LEU B 253 -61.09 -23.21 16.82
N PHE B 254 -60.18 -22.29 16.52
CA PHE B 254 -59.78 -21.27 17.48
C PHE B 254 -59.40 -19.99 16.74
N VAL B 255 -59.96 -18.86 17.19
CA VAL B 255 -59.63 -17.56 16.63
C VAL B 255 -59.29 -16.62 17.78
N CYS B 256 -58.27 -15.78 17.57
CA CYS B 256 -57.72 -14.93 18.63
C CYS B 256 -57.67 -13.48 18.14
N PRO B 257 -58.80 -12.78 18.16
CA PRO B 257 -58.78 -11.35 17.86
C PRO B 257 -58.00 -10.59 18.92
N THR B 258 -57.29 -9.55 18.47
CA THR B 258 -56.40 -8.79 19.34
C THR B 258 -56.88 -7.35 19.45
N VAL B 259 -56.94 -6.85 20.67
CA VAL B 259 -57.16 -5.43 20.95
C VAL B 259 -55.82 -4.84 21.35
N GLY B 260 -55.25 -3.98 20.50
CA GLY B 260 -53.93 -3.45 20.74
C GLY B 260 -52.80 -4.39 20.33
N THR B 261 -52.68 -4.65 19.03
CA THR B 261 -51.59 -5.47 18.51
C THR B 261 -50.24 -4.87 18.88
N THR B 262 -49.21 -5.74 18.91
CA THR B 262 -47.91 -5.29 19.40
C THR B 262 -47.18 -4.42 18.38
N SER B 263 -47.44 -4.61 17.08
CA SER B 263 -46.74 -3.84 16.06
C SER B 263 -47.24 -2.41 15.99
N SER B 264 -48.55 -2.23 15.76
CA SER B 264 -49.11 -0.91 15.49
C SER B 264 -50.28 -0.57 16.41
N THR B 265 -50.50 -1.32 17.48
CA THR B 265 -51.69 -1.22 18.32
C THR B 265 -52.96 -1.17 17.47
N ALA B 266 -53.06 -2.11 16.53
CA ALA B 266 -54.30 -2.30 15.80
C ALA B 266 -55.34 -2.97 16.71
N VAL B 267 -56.60 -2.89 16.29
CA VAL B 267 -57.71 -3.42 17.07
C VAL B 267 -58.57 -4.26 16.14
N ASP B 268 -58.71 -5.54 16.45
CA ASP B 268 -59.60 -6.41 15.67
C ASP B 268 -61.03 -6.25 16.16
N PRO B 269 -62.00 -6.04 15.25
CA PRO B 269 -63.40 -5.92 15.69
C PRO B 269 -63.93 -7.25 16.23
N ILE B 270 -64.20 -7.28 17.54
CA ILE B 270 -64.51 -8.55 18.20
C ILE B 270 -65.87 -9.07 17.77
N SER B 271 -66.87 -8.19 17.67
CA SER B 271 -68.24 -8.66 17.44
C SER B 271 -68.42 -9.30 16.06
N PRO B 272 -67.95 -8.72 14.96
CA PRO B 272 -68.06 -9.44 13.68
C PRO B 272 -67.27 -10.74 13.65
N ILE B 273 -66.15 -10.82 14.38
CA ILE B 273 -65.35 -12.03 14.38
C ILE B 273 -66.06 -13.15 15.11
N CYS B 274 -66.64 -12.84 16.28
CA CYS B 274 -67.41 -13.83 17.03
C CYS B 274 -68.61 -14.31 16.23
N GLU B 275 -69.24 -13.41 15.48
CA GLU B 275 -70.35 -13.80 14.62
C GLU B 275 -69.93 -14.88 13.63
N VAL B 276 -68.76 -14.70 13.00
CA VAL B 276 -68.23 -15.73 12.12
C VAL B 276 -67.88 -16.99 12.91
N ALA B 277 -67.42 -16.83 14.15
CA ALA B 277 -66.94 -17.97 14.92
C ALA B 277 -68.09 -18.88 15.37
N LYS B 278 -69.22 -18.30 15.77
CA LYS B 278 -70.34 -19.12 16.21
C LYS B 278 -70.95 -19.90 15.06
N GLU B 279 -70.93 -19.34 13.85
CA GLU B 279 -71.41 -20.08 12.69
C GLU B 279 -70.63 -21.36 12.47
N TYR B 280 -69.33 -21.35 12.79
CA TYR B 280 -68.48 -22.52 12.64
C TYR B 280 -68.07 -23.14 13.97
N GLU B 281 -68.77 -22.77 15.05
CA GLU B 281 -68.55 -23.35 16.39
C GLU B 281 -67.08 -23.27 16.79
N MET B 282 -66.56 -22.05 16.78
CA MET B 282 -65.16 -21.80 17.10
C MET B 282 -65.03 -21.10 18.44
N TRP B 283 -63.94 -21.41 19.13
CA TRP B 283 -63.58 -20.72 20.37
C TRP B 283 -62.99 -19.36 20.04
N VAL B 284 -63.44 -18.33 20.75
CA VAL B 284 -62.92 -16.98 20.59
C VAL B 284 -62.15 -16.61 21.84
N HIS B 285 -60.88 -16.29 21.69
CA HIS B 285 -60.08 -15.69 22.75
C HIS B 285 -59.72 -14.26 22.35
N VAL B 286 -60.03 -13.31 23.22
CA VAL B 286 -59.70 -11.92 22.98
C VAL B 286 -58.37 -11.63 23.66
N ASP B 287 -57.36 -11.33 22.86
CA ASP B 287 -56.03 -11.01 23.36
C ASP B 287 -55.93 -9.50 23.52
N ALA B 288 -55.88 -9.04 24.77
CA ALA B 288 -55.73 -7.63 25.11
C ALA B 288 -54.60 -7.46 26.11
N ALA B 289 -53.47 -8.13 25.83
CA ALA B 289 -52.39 -8.23 26.80
C ALA B 289 -51.90 -6.86 27.27
N TYR B 290 -51.83 -5.89 26.36
CA TYR B 290 -51.38 -4.54 26.71
C TYR B 290 -52.55 -3.58 26.92
N ALA B 291 -53.39 -3.42 25.89
CA ALA B 291 -54.42 -2.38 25.89
C ALA B 291 -55.60 -2.68 26.80
N GLY B 292 -55.76 -3.94 27.26
CA GLY B 292 -56.95 -4.31 28.00
C GLY B 292 -57.18 -3.47 29.24
N SER B 293 -56.10 -3.08 29.92
CA SER B 293 -56.23 -2.31 31.16
C SER B 293 -56.93 -0.98 30.94
N ALA B 294 -56.77 -0.39 29.75
CA ALA B 294 -57.34 0.93 29.50
C ALA B 294 -58.86 0.91 29.49
N CYS B 295 -59.46 -0.24 29.16
CA CYS B 295 -60.91 -0.35 29.18
C CYS B 295 -61.50 -0.25 30.58
N ILE B 296 -60.67 -0.06 31.61
CA ILE B 296 -61.16 0.40 32.91
C ILE B 296 -61.82 1.76 32.74
N CYS B 297 -61.32 2.57 31.81
CA CYS B 297 -61.88 3.88 31.54
C CYS B 297 -63.13 3.75 30.68
N PRO B 298 -64.22 4.43 31.03
CA PRO B 298 -65.45 4.32 30.22
C PRO B 298 -65.26 4.73 28.76
N GLU B 299 -64.41 5.74 28.51
CA GLU B 299 -64.21 6.21 27.13
C GLU B 299 -63.36 5.24 26.31
N PHE B 300 -62.75 4.23 26.92
CA PHE B 300 -62.00 3.21 26.19
C PHE B 300 -62.69 1.85 26.17
N ARG B 301 -63.78 1.69 26.91
CA ARG B 301 -64.45 0.40 27.03
C ARG B 301 -64.99 -0.10 25.69
N HIS B 302 -65.23 0.80 24.73
CA HIS B 302 -65.76 0.39 23.44
C HIS B 302 -64.81 -0.51 22.67
N PHE B 303 -63.52 -0.53 23.05
CA PHE B 303 -62.54 -1.31 22.30
C PHE B 303 -62.74 -2.81 22.49
N ILE B 304 -63.30 -3.23 23.62
CA ILE B 304 -63.59 -4.64 23.86
C ILE B 304 -65.08 -4.93 23.74
N ASP B 305 -65.83 -4.07 23.04
CA ASP B 305 -67.22 -4.36 22.73
C ASP B 305 -67.30 -5.65 21.91
N GLY B 306 -68.22 -6.52 22.29
CA GLY B 306 -68.33 -7.83 21.68
C GLY B 306 -67.66 -8.93 22.47
N VAL B 307 -66.92 -8.60 23.52
CA VAL B 307 -66.31 -9.62 24.38
C VAL B 307 -67.37 -10.49 25.03
N GLU B 308 -68.62 -10.00 25.11
CA GLU B 308 -69.71 -10.80 25.65
C GLU B 308 -70.02 -12.02 24.79
N GLU B 309 -69.60 -12.02 23.53
CA GLU B 309 -69.82 -13.15 22.63
C GLU B 309 -68.59 -14.06 22.50
N ALA B 310 -67.51 -13.76 23.21
CA ALA B 310 -66.30 -14.55 23.17
C ALA B 310 -66.26 -15.56 24.31
N ASP B 311 -65.31 -16.49 24.23
CA ASP B 311 -65.17 -17.53 25.23
C ASP B 311 -64.14 -17.20 26.30
N SER B 312 -63.13 -16.40 25.98
CA SER B 312 -62.08 -16.08 26.94
C SER B 312 -61.53 -14.70 26.63
N PHE B 313 -60.97 -14.07 27.65
CA PHE B 313 -60.42 -12.72 27.54
C PHE B 313 -59.23 -12.61 28.47
N SER B 314 -58.13 -12.06 27.96
CA SER B 314 -56.90 -11.99 28.74
C SER B 314 -56.26 -10.61 28.59
N LEU B 315 -55.55 -10.21 29.64
CA LEU B 315 -54.71 -9.03 29.61
C LEU B 315 -53.53 -9.26 30.55
N ASN B 316 -52.44 -8.55 30.30
CA ASN B 316 -51.26 -8.62 31.15
C ASN B 316 -51.27 -7.42 32.08
N ALA B 317 -51.53 -7.67 33.36
CA ALA B 317 -51.48 -6.60 34.34
C ALA B 317 -50.08 -6.06 34.56
N HIS B 318 -49.05 -6.74 34.06
CA HIS B 318 -47.69 -6.23 34.21
C HIS B 318 -47.31 -5.34 33.03
N TRP B 320 -49.73 -2.93 31.43
CA TRP B 320 -50.34 -1.61 31.57
C TRP B 320 -51.26 -1.48 32.78
N PHE B 321 -50.92 -2.25 33.80
CA PHE B 321 -51.59 -2.23 35.10
C PHE B 321 -50.79 -2.23 36.43
N PHE B 322 -49.58 -1.72 36.43
CA PHE B 322 -48.77 -1.49 37.64
C PHE B 322 -48.41 -2.60 38.62
N THR B 323 -48.71 -3.84 38.31
CA THR B 323 -48.45 -4.92 39.22
C THR B 323 -47.04 -5.40 39.43
N THR B 324 -46.20 -5.22 38.40
CA THR B 324 -44.80 -5.71 38.21
C THR B 324 -44.88 -7.12 37.60
N LEU B 325 -43.82 -7.52 36.92
CA LEU B 325 -43.82 -8.79 36.26
C LEU B 325 -43.73 -9.92 37.26
N ASP B 326 -44.60 -10.93 37.16
CA ASP B 326 -45.59 -11.02 36.09
C ASP B 326 -46.99 -11.27 36.68
N CYS B 327 -48.03 -10.88 35.94
CA CYS B 327 -49.41 -11.11 36.38
C CYS B 327 -50.32 -11.09 35.17
N CYS B 328 -50.72 -12.27 34.69
CA CYS B 328 -51.66 -12.39 33.59
C CYS B 328 -53.07 -12.66 34.14
N CYS B 329 -54.02 -11.87 33.70
CA CYS B 329 -55.42 -12.00 34.11
C CYS B 329 -56.21 -12.65 32.98
N LEU B 330 -56.79 -13.81 33.25
CA LEU B 330 -57.55 -14.56 32.26
C LEU B 330 -58.97 -14.77 32.79
N TRP B 331 -59.95 -14.30 32.02
CA TRP B 331 -61.36 -14.52 32.31
C TRP B 331 -61.92 -15.50 31.28
N VAL B 332 -62.65 -16.50 31.75
CA VAL B 332 -63.28 -17.49 30.88
C VAL B 332 -64.75 -17.60 31.23
N LYS B 333 -65.56 -17.92 30.23
CA LYS B 333 -66.97 -18.18 30.46
C LYS B 333 -67.20 -19.56 31.07
N ASP B 334 -66.39 -20.55 30.68
CA ASP B 334 -66.58 -21.94 31.07
C ASP B 334 -65.28 -22.49 31.66
N PRO B 335 -65.06 -22.26 32.96
CA PRO B 335 -63.88 -22.87 33.61
C PRO B 335 -63.87 -24.38 33.56
N SER B 336 -65.03 -25.02 33.39
CA SER B 336 -65.05 -26.46 33.23
C SER B 336 -64.26 -26.91 32.01
N ALA B 337 -64.24 -26.09 30.95
CA ALA B 337 -63.46 -26.43 29.77
C ALA B 337 -61.97 -26.47 30.09
N LEU B 338 -61.49 -25.55 30.92
CA LEU B 338 -60.10 -25.59 31.35
C LEU B 338 -59.83 -26.82 32.20
N VAL B 339 -60.72 -27.10 33.17
CA VAL B 339 -60.51 -28.23 34.08
C VAL B 339 -60.54 -29.54 33.32
N LYS B 340 -61.45 -29.67 32.35
CA LYS B 340 -61.54 -30.91 31.58
C LYS B 340 -60.26 -31.19 30.81
N ALA B 341 -59.54 -30.14 30.41
CA ALA B 341 -58.33 -30.32 29.62
C ALA B 341 -57.06 -30.33 30.45
N LEU B 342 -57.04 -29.63 31.59
CA LEU B 342 -55.81 -29.43 32.35
C LEU B 342 -55.71 -30.26 33.61
N SER B 343 -56.81 -30.70 34.19
CA SER B 343 -56.74 -31.57 35.36
C SER B 343 -56.19 -32.92 34.97
N THR B 344 -55.46 -33.54 35.90
CA THR B 344 -54.93 -34.89 35.70
C THR B 344 -55.76 -35.96 36.39
N ASN B 345 -56.76 -35.57 37.17
CA ASN B 345 -57.63 -36.55 37.79
C ASN B 345 -58.53 -37.19 36.74
N PRO B 346 -58.88 -38.48 36.90
CA PRO B 346 -59.60 -39.23 35.87
C PRO B 346 -60.75 -38.49 35.19
N GLU B 347 -60.98 -38.81 33.91
CA GLU B 347 -61.87 -38.02 33.07
C GLU B 347 -63.29 -37.96 33.62
N TYR B 348 -63.77 -39.00 34.32
CA TYR B 348 -65.16 -39.00 34.76
C TYR B 348 -65.39 -37.94 35.83
N LEU B 349 -64.51 -37.85 36.83
CA LEU B 349 -64.68 -36.81 37.86
C LEU B 349 -64.42 -35.42 37.29
N ARG B 350 -63.56 -35.31 36.28
CA ARG B 350 -63.23 -34.03 35.65
C ARG B 350 -64.48 -33.25 35.24
N VAL B 359 -65.22 -25.67 46.12
CA VAL B 359 -64.00 -24.91 46.29
C VAL B 359 -63.24 -24.86 44.96
N VAL B 360 -62.53 -23.75 44.73
CA VAL B 360 -61.85 -23.54 43.45
C VAL B 360 -60.50 -24.25 43.48
N ASP B 361 -60.18 -24.97 42.40
CA ASP B 361 -58.92 -25.67 42.24
C ASP B 361 -58.19 -25.00 41.07
N TYR B 362 -57.47 -23.92 41.37
CA TYR B 362 -56.91 -23.08 40.31
C TYR B 362 -55.84 -23.80 39.50
N LYS B 363 -55.17 -24.80 40.08
CA LYS B 363 -54.13 -25.52 39.35
C LYS B 363 -54.70 -26.23 38.13
N ASP B 364 -56.00 -26.51 38.10
CA ASP B 364 -56.65 -27.10 36.94
C ASP B 364 -57.07 -26.07 35.91
N TRP B 365 -56.81 -24.78 36.16
CA TRP B 365 -57.12 -23.73 35.22
C TRP B 365 -55.93 -23.29 34.38
N GLN B 366 -54.73 -23.77 34.70
CA GLN B 366 -53.50 -23.26 34.09
C GLN B 366 -52.49 -24.39 34.01
N ILE B 367 -51.26 -24.04 33.64
CA ILE B 367 -50.19 -25.02 33.56
C ILE B 367 -49.57 -25.25 34.94
N ALA B 368 -49.24 -24.16 35.63
CA ALA B 368 -48.48 -24.26 36.88
C ALA B 368 -49.28 -24.98 37.96
N LEU B 369 -48.64 -25.93 38.61
CA LEU B 369 -49.20 -26.57 39.80
C LEU B 369 -48.78 -25.87 41.08
N SER B 370 -47.50 -25.51 41.18
CA SER B 370 -46.99 -24.78 42.34
C SER B 370 -47.21 -23.28 42.14
N ARG B 371 -48.48 -22.89 42.25
CA ARG B 371 -48.89 -21.52 41.98
C ARG B 371 -48.31 -20.57 43.01
N ARG B 372 -48.01 -19.35 42.56
CA ARG B 372 -47.57 -18.28 43.44
C ARG B 372 -48.77 -17.45 43.89
N PHE B 373 -48.58 -16.75 45.01
CA PHE B 373 -49.61 -15.90 45.60
C PHE B 373 -49.64 -14.56 44.86
N ARG B 374 -50.08 -14.63 43.59
CA ARG B 374 -50.04 -13.48 42.71
C ARG B 374 -51.16 -12.47 42.98
N SER B 375 -52.24 -12.89 43.63
CA SER B 375 -53.37 -11.98 43.86
C SER B 375 -53.01 -10.83 44.80
N LEU B 376 -51.98 -11.00 45.63
CA LEU B 376 -51.55 -9.91 46.49
C LEU B 376 -51.13 -8.70 45.67
N LYS B 377 -50.38 -8.91 44.60
CA LYS B 377 -49.98 -7.82 43.71
C LYS B 377 -51.19 -7.04 43.22
N LEU B 378 -52.17 -7.75 42.65
CA LEU B 378 -53.36 -7.08 42.11
C LEU B 378 -54.19 -6.45 43.22
N TRP B 379 -54.31 -7.12 44.36
CA TRP B 379 -55.03 -6.57 45.49
C TRP B 379 -54.39 -5.26 45.96
N MET B 380 -53.07 -5.25 46.11
CA MET B 380 -52.37 -4.05 46.58
C MET B 380 -52.58 -2.88 45.62
N VAL B 381 -52.49 -3.12 44.32
CA VAL B 381 -52.62 -2.04 43.34
C VAL B 381 -54.02 -1.44 43.39
N LEU B 382 -55.04 -2.31 43.41
CA LEU B 382 -56.42 -1.83 43.43
C LEU B 382 -56.71 -1.03 44.68
N ARG B 383 -56.20 -1.48 45.84
CA ARG B 383 -56.51 -0.82 47.10
C ARG B 383 -55.68 0.45 47.29
N SER B 384 -54.37 0.39 47.00
CA SER B 384 -53.49 1.52 47.28
C SER B 384 -53.79 2.72 46.40
N TYR B 385 -54.31 2.49 45.19
CA TYR B 385 -54.54 3.58 44.25
C TYR B 385 -56.01 3.84 43.96
N GLY B 386 -56.87 2.82 44.04
CA GLY B 386 -58.27 3.02 43.79
C GLY B 386 -58.63 3.21 42.33
N VAL B 387 -59.89 3.00 41.99
CA VAL B 387 -60.32 3.02 40.59
C VAL B 387 -60.07 4.38 39.96
N THR B 388 -60.33 5.46 40.70
CA THR B 388 -60.23 6.80 40.14
C THR B 388 -58.80 7.15 39.74
N ASN B 389 -57.85 6.92 40.65
CA ASN B 389 -56.46 7.23 40.33
C ASN B 389 -55.90 6.30 39.26
N LEU B 390 -56.33 5.04 39.25
CA LEU B 390 -55.86 4.12 38.22
C LEU B 390 -56.32 4.55 36.84
N ARG B 391 -57.58 4.97 36.71
CA ARG B 391 -58.07 5.50 35.45
C ARG B 391 -57.21 6.66 34.97
N ASN B 392 -56.92 7.61 35.87
CA ASN B 392 -56.16 8.80 35.47
C ASN B 392 -54.69 8.46 35.23
N PHE B 393 -54.16 7.43 35.88
CA PHE B 393 -52.83 6.93 35.54
C PHE B 393 -52.77 6.53 34.08
N LEU B 394 -53.69 5.65 33.66
CA LEU B 394 -53.73 5.23 32.27
C LEU B 394 -54.00 6.39 31.32
N ARG B 395 -54.90 7.30 31.73
CA ARG B 395 -55.22 8.45 30.89
C ARG B 395 -54.00 9.35 30.69
N SER B 396 -53.17 9.50 31.72
CA SER B 396 -52.00 10.36 31.61
C SER B 396 -51.00 9.79 30.60
N HIS B 397 -50.88 8.46 30.53
CA HIS B 397 -50.03 7.85 29.51
C HIS B 397 -50.57 8.12 28.12
N VAL B 398 -51.89 7.93 27.94
CA VAL B 398 -52.51 8.19 26.64
C VAL B 398 -52.35 9.66 26.27
N LYS B 399 -52.48 10.56 27.25
CA LYS B 399 -52.40 11.98 26.95
C LYS B 399 -50.98 12.40 26.58
N MET B 400 -49.98 11.83 27.27
CA MET B 400 -48.60 12.12 26.91
C MET B 400 -48.27 11.62 25.51
N ALA B 401 -48.86 10.48 25.12
CA ALA B 401 -48.68 9.99 23.76
C ALA B 401 -49.43 10.84 22.76
N LYS B 402 -50.62 11.34 23.14
CA LYS B 402 -51.34 12.27 22.29
C LYS B 402 -50.54 13.54 22.07
N THR B 403 -49.86 14.01 23.11
CA THR B 403 -48.99 15.18 22.97
C THR B 403 -47.82 14.88 22.03
N PHE B 404 -47.19 13.71 22.20
CA PHE B 404 -46.12 13.30 21.30
C PHE B 404 -46.61 13.24 19.85
N GLU B 405 -47.81 12.69 19.65
CA GLU B 405 -48.39 12.65 18.31
C GLU B 405 -48.61 14.06 17.77
N GLY B 406 -49.07 14.98 18.61
CA GLY B 406 -49.25 16.36 18.17
C GLY B 406 -47.94 17.02 17.80
N LEU B 407 -46.88 16.73 18.55
CA LEU B 407 -45.57 17.29 18.22
C LEU B 407 -45.05 16.76 16.89
N ILE B 408 -45.32 15.48 16.59
CA ILE B 408 -44.92 14.90 15.32
C ILE B 408 -45.67 15.58 14.17
N CYS B 409 -46.99 15.73 14.32
CA CYS B 409 -47.81 16.30 13.26
C CYS B 409 -47.43 17.76 12.96
N MET B 410 -46.85 18.46 13.92
CA MET B 410 -46.40 19.83 13.69
C MET B 410 -45.03 19.92 13.04
N ASP B 411 -44.33 18.79 12.90
CA ASP B 411 -43.06 18.72 12.20
C ASP B 411 -43.30 18.01 10.88
N GLY B 412 -43.31 18.78 9.78
CA GLY B 412 -43.63 18.25 8.47
C GLY B 412 -42.66 17.22 7.93
N ARG B 413 -41.53 17.01 8.61
CA ARG B 413 -40.58 16.00 8.19
C ARG B 413 -40.94 14.60 8.68
N PHE B 414 -41.96 14.47 9.52
CA PHE B 414 -42.39 13.20 10.09
C PHE B 414 -43.77 12.84 9.57
N GLU B 415 -44.23 11.65 9.95
CA GLU B 415 -45.53 11.15 9.50
C GLU B 415 -46.05 10.13 10.49
N ILE B 416 -47.30 10.29 10.91
CA ILE B 416 -47.99 9.27 11.69
C ILE B 416 -48.42 8.16 10.73
N THR B 417 -47.98 6.93 11.01
CA THR B 417 -48.16 5.84 10.08
C THR B 417 -49.47 5.08 10.25
N VAL B 418 -49.98 5.00 11.47
CA VAL B 418 -51.27 4.37 11.75
C VAL B 418 -51.97 5.13 12.86
N PRO B 419 -53.29 5.01 12.96
CA PRO B 419 -54.02 5.73 14.02
C PRO B 419 -53.58 5.28 15.40
N ARG B 420 -53.31 6.25 16.27
CA ARG B 420 -52.99 5.94 17.66
C ARG B 420 -54.26 5.53 18.40
N THR B 421 -54.17 4.45 19.16
CA THR B 421 -55.32 3.91 19.90
C THR B 421 -55.11 3.89 21.40
N PHE B 422 -53.96 3.41 21.87
CA PHE B 422 -53.66 3.36 23.32
C PHE B 422 -52.20 3.75 23.52
N ALA B 423 -51.95 5.02 23.80
CA ALA B 423 -50.71 5.50 24.40
C ALA B 423 -49.46 5.13 23.60
N MET B 424 -49.60 4.59 22.39
CA MET B 424 -48.45 4.30 21.54
C MET B 424 -48.65 4.99 20.20
N VAL B 425 -47.63 5.72 19.77
CA VAL B 425 -47.64 6.45 18.51
C VAL B 425 -46.63 5.81 17.58
N CYS B 426 -47.09 5.40 16.39
CA CYS B 426 -46.22 4.89 15.35
C CYS B 426 -45.95 5.98 14.34
N PHE B 427 -44.67 6.21 14.03
CA PHE B 427 -44.29 7.31 13.15
C PHE B 427 -43.01 6.93 12.42
N ARG B 428 -42.66 7.74 11.42
CA ARG B 428 -41.42 7.53 10.69
C ARG B 428 -40.93 8.87 10.15
N LEU B 429 -39.62 8.96 9.96
CA LEU B 429 -39.02 10.11 9.31
C LEU B 429 -39.19 9.98 7.80
N LEU B 430 -39.46 11.08 7.15
CA LEU B 430 -39.64 10.92 5.72
C LEU B 430 -38.41 11.42 4.96
N PRO B 431 -38.04 10.76 3.87
CA PRO B 431 -36.95 11.26 3.04
C PRO B 431 -37.35 12.57 2.38
N PRO B 432 -36.39 13.50 2.20
CA PRO B 432 -36.69 14.79 1.57
C PRO B 432 -36.86 14.68 0.05
N GLU B 457 -39.23 1.14 -4.24
CA GLU B 457 -37.87 1.63 -4.17
C GLU B 457 -37.78 2.84 -3.24
N ASN B 458 -38.75 3.76 -3.37
CA ASN B 458 -38.83 4.87 -2.44
C ASN B 458 -39.16 4.39 -1.03
N LEU B 459 -39.96 3.32 -0.92
CA LEU B 459 -40.27 2.75 0.38
C LEU B 459 -39.06 2.08 1.00
N VAL B 460 -38.28 1.35 0.19
CA VAL B 460 -37.07 0.71 0.69
C VAL B 460 -36.08 1.76 1.20
N LEU B 461 -35.93 2.86 0.46
CA LEU B 461 -35.05 3.94 0.92
C LEU B 461 -35.56 4.55 2.21
N ALA B 462 -36.87 4.82 2.28
CA ALA B 462 -37.45 5.36 3.50
C ALA B 462 -37.24 4.41 4.68
N ASN B 463 -37.45 3.11 4.46
CA ASN B 463 -37.22 2.13 5.52
C ASN B 463 -35.78 2.17 6.01
N LYS B 464 -34.82 2.22 5.08
CA LYS B 464 -33.42 2.30 5.48
C LYS B 464 -33.12 3.59 6.22
N LEU B 465 -33.73 4.70 5.78
CA LEU B 465 -33.55 5.97 6.47
C LEU B 465 -34.00 5.87 7.92
N ASN B 466 -35.14 5.23 8.17
CA ASN B 466 -35.67 5.15 9.52
C ASN B 466 -34.92 4.14 10.38
N GLN B 467 -34.41 3.06 9.79
CA GLN B 467 -33.61 2.10 10.55
C GLN B 467 -32.32 2.75 11.04
N VAL B 468 -31.62 3.48 10.16
CA VAL B 468 -30.41 4.19 10.57
C VAL B 468 -30.76 5.29 11.56
N TYR B 469 -31.80 6.07 11.27
CA TYR B 469 -32.21 7.16 12.14
C TYR B 469 -32.54 6.64 13.54
N LEU B 470 -33.34 5.59 13.64
CA LEU B 470 -33.71 5.04 14.94
C LEU B 470 -32.49 4.50 15.67
N GLU B 471 -31.60 3.87 14.94
CA GLU B 471 -30.44 3.30 15.54
C GLU B 471 -29.48 4.27 16.12
N THR B 472 -29.29 5.42 15.51
CA THR B 472 -28.46 6.47 16.10
C THR B 472 -29.11 7.05 17.34
N VAL B 473 -30.44 7.15 17.36
CA VAL B 473 -31.14 7.65 18.54
C VAL B 473 -30.97 6.69 19.70
N ASN B 474 -31.18 5.39 19.46
CA ASN B 474 -31.03 4.40 20.53
C ASN B 474 -29.59 4.29 21.00
N ALA B 475 -28.62 4.54 20.11
CA ALA B 475 -27.22 4.40 20.47
C ALA B 475 -26.75 5.46 21.45
N THR B 476 -27.47 6.59 21.56
CA THR B 476 -27.09 7.61 22.53
C THR B 476 -27.29 7.15 23.96
N GLY B 477 -28.17 6.17 24.19
CA GLY B 477 -28.55 5.79 25.52
C GLY B 477 -29.49 6.74 26.21
N SER B 478 -29.86 7.84 25.56
CA SER B 478 -30.72 8.83 26.19
C SER B 478 -32.18 8.38 26.22
N VAL B 479 -32.63 7.70 25.17
CA VAL B 479 -33.97 7.13 25.09
C VAL B 479 -33.87 5.76 24.43
N TYR B 480 -34.98 5.02 24.44
CA TYR B 480 -35.03 3.72 23.78
C TYR B 480 -36.40 3.53 23.14
N MET B 481 -36.41 3.37 21.83
CA MET B 481 -37.60 3.00 21.07
C MET B 481 -37.27 1.81 20.19
N THR B 482 -38.27 0.97 19.97
CA THR B 482 -38.18 -0.11 19.00
C THR B 482 -39.09 0.18 17.81
N HIS B 483 -39.01 -0.68 16.81
CA HIS B 483 -39.68 -0.46 15.53
C HIS B 483 -40.59 -1.64 15.20
N ALA B 484 -41.25 -1.52 14.05
CA ALA B 484 -42.00 -2.62 13.45
C ALA B 484 -42.13 -2.33 11.97
N VAL B 485 -42.37 -3.40 11.21
CA VAL B 485 -42.60 -3.31 9.77
C VAL B 485 -44.01 -3.79 9.51
N VAL B 486 -44.92 -2.86 9.21
CA VAL B 486 -46.33 -3.16 9.01
C VAL B 486 -46.71 -2.67 7.61
N GLY B 487 -47.22 -3.58 6.78
CA GLY B 487 -47.52 -3.23 5.41
C GLY B 487 -46.30 -2.83 4.60
N GLY B 488 -45.14 -3.42 4.91
CA GLY B 488 -43.90 -3.07 4.25
C GLY B 488 -43.24 -1.80 4.74
N VAL B 489 -43.89 -1.05 5.63
CA VAL B 489 -43.40 0.25 6.07
C VAL B 489 -42.66 0.07 7.39
N TYR B 490 -41.37 0.43 7.38
CA TYR B 490 -40.60 0.50 8.62
C TYR B 490 -41.04 1.72 9.42
N MET B 491 -41.60 1.49 10.60
CA MET B 491 -42.12 2.57 11.43
C MET B 491 -41.58 2.44 12.86
N ILE B 492 -41.39 3.59 13.49
CA ILE B 492 -40.89 3.68 14.85
C ILE B 492 -42.07 3.71 15.82
N ARG B 493 -41.95 2.96 16.91
CA ARG B 493 -42.98 2.89 17.94
C ARG B 493 -42.56 3.74 19.14
N PHE B 494 -43.48 4.59 19.61
CA PHE B 494 -43.29 5.37 20.83
C PHE B 494 -44.40 4.97 21.80
N ALA B 495 -44.09 4.05 22.70
CA ALA B 495 -45.06 3.50 23.65
C ALA B 495 -44.80 4.11 25.03
N VAL B 496 -45.61 5.10 25.39
CA VAL B 496 -45.51 5.76 26.69
C VAL B 496 -46.19 4.87 27.73
N GLY B 497 -45.41 4.13 28.50
CA GLY B 497 -46.01 3.45 29.63
C GLY B 497 -45.22 3.34 30.92
N SER B 498 -43.95 3.72 30.93
CA SER B 498 -43.14 3.53 32.13
C SER B 498 -43.68 4.40 33.26
N THR B 499 -43.81 3.81 34.45
CA THR B 499 -44.48 4.50 35.55
C THR B 499 -43.77 5.80 35.89
N LEU B 500 -42.43 5.80 35.86
CA LEU B 500 -41.68 7.01 36.18
C LEU B 500 -41.75 8.08 35.10
N THR B 501 -42.33 7.78 33.94
CA THR B 501 -42.34 8.72 32.84
C THR B 501 -43.28 9.90 33.14
N GLU B 502 -42.76 11.10 32.96
CA GLU B 502 -43.52 12.33 33.07
C GLU B 502 -43.45 13.08 31.74
N GLU B 503 -44.22 14.17 31.64
CA GLU B 503 -44.30 14.91 30.39
C GLU B 503 -42.94 15.44 29.95
N ARG B 504 -42.09 15.84 30.90
CA ARG B 504 -40.79 16.36 30.55
C ARG B 504 -39.91 15.33 29.86
N HIS B 505 -40.13 14.04 30.17
CA HIS B 505 -39.35 12.99 29.51
C HIS B 505 -39.81 12.81 28.07
N VAL B 506 -41.12 12.85 27.83
CA VAL B 506 -41.64 12.74 26.47
C VAL B 506 -41.17 13.92 25.63
N ILE B 507 -41.24 15.13 26.18
CA ILE B 507 -40.76 16.31 25.48
C ILE B 507 -39.27 16.19 25.20
N TYR B 508 -38.50 15.70 26.19
CA TYR B 508 -37.07 15.49 26.00
C TYR B 508 -36.81 14.48 24.89
N ALA B 509 -37.60 13.41 24.82
CA ALA B 509 -37.48 12.45 23.74
C ALA B 509 -37.80 13.08 22.39
N TRP B 510 -38.75 14.02 22.36
CA TRP B 510 -39.07 14.71 21.13
C TRP B 510 -37.92 15.60 20.67
N LYS B 511 -37.24 16.25 21.62
CA LYS B 511 -36.10 17.09 21.28
C LYS B 511 -34.99 16.27 20.63
N ILE B 512 -34.69 15.10 21.19
CA ILE B 512 -33.62 14.27 20.64
C ILE B 512 -34.00 13.74 19.26
N LEU B 513 -35.26 13.35 19.09
CA LEU B 513 -35.72 12.92 17.77
C LEU B 513 -35.60 14.04 16.75
N GLN B 514 -35.89 15.28 17.16
CA GLN B 514 -35.76 16.41 16.25
C GLN B 514 -34.30 16.72 15.96
N GLU B 515 -33.44 16.70 16.97
CA GLU B 515 -32.04 17.01 16.76
C GLU B 515 -31.37 15.99 15.84
N HIS B 516 -31.70 14.71 16.02
CA HIS B 516 -31.15 13.69 15.14
C HIS B 516 -31.76 13.76 13.75
N ALA B 517 -33.01 14.25 13.64
CA ALA B 517 -33.58 14.48 12.33
C ALA B 517 -32.87 15.61 11.61
N ASP B 518 -32.53 16.68 12.34
CA ASP B 518 -31.70 17.75 11.76
C ASP B 518 -30.38 17.20 11.26
N LEU B 519 -29.77 16.28 12.03
CA LEU B 519 -28.46 15.75 11.69
C LEU B 519 -28.50 14.96 10.39
N ILE B 520 -29.39 13.97 10.31
CA ILE B 520 -29.39 13.06 9.17
C ILE B 520 -29.92 13.75 7.93
N LEU B 521 -31.01 14.52 8.06
CA LEU B 521 -31.58 15.19 6.89
C LEU B 521 -30.72 16.36 6.43
N GLY B 522 -29.97 16.98 7.34
CA GLY B 522 -29.13 18.10 6.96
C GLY B 522 -28.03 17.72 6.00
N LYS B 523 -27.48 16.51 6.14
CA LYS B 523 -26.44 15.99 5.25
C LYS B 523 -26.97 14.79 4.47
N PHE B 524 -28.23 14.85 4.04
CA PHE B 524 -28.87 13.71 3.41
C PHE B 524 -28.39 13.54 1.98
N SER B 525 -28.01 12.32 1.64
CA SER B 525 -27.79 11.89 0.27
C SER B 525 -28.45 10.54 0.11
N GLU B 526 -29.31 10.40 -0.90
CA GLU B 526 -30.04 9.15 -1.06
C GLU B 526 -29.12 7.98 -1.39
N ALA B 527 -27.90 8.26 -1.86
CA ALA B 527 -26.93 7.21 -2.07
C ALA B 527 -26.42 6.61 -0.77
N ASP B 528 -26.57 7.33 0.35
CA ASP B 528 -26.16 6.79 1.65
C ASP B 528 -27.16 5.80 2.22
N PHE B 529 -28.39 5.77 1.69
CA PHE B 529 -29.41 4.83 2.12
C PHE B 529 -29.91 3.96 0.97
N SER B 530 -29.30 4.07 -0.21
CA SER B 530 -29.65 3.24 -1.37
C SER B 530 -28.83 1.96 -1.44
N SER B 531 -28.34 1.48 -0.29
CA SER B 531 -27.51 0.29 -0.25
C SER B 531 -28.05 -0.73 0.75
N GLY C 17 -6.58 -29.04 -21.31
CA GLY C 17 -5.62 -29.65 -20.40
C GLY C 17 -4.70 -28.65 -19.74
N VAL C 18 -5.24 -27.49 -19.38
CA VAL C 18 -4.46 -26.48 -18.66
C VAL C 18 -4.44 -26.84 -17.18
N THR C 19 -3.26 -26.73 -16.57
CA THR C 19 -3.09 -27.03 -15.16
C THR C 19 -3.35 -25.77 -14.35
N ASN C 20 -4.08 -25.94 -13.25
CA ASN C 20 -4.56 -24.81 -12.47
C ASN C 20 -3.39 -23.92 -12.03
N PRO C 21 -3.50 -22.60 -12.19
CA PRO C 21 -2.38 -21.71 -11.81
C PRO C 21 -2.07 -21.74 -10.31
N LEU C 22 -2.93 -22.31 -9.49
CA LEU C 22 -2.68 -22.47 -8.06
C LEU C 22 -2.64 -23.93 -7.67
N ASP C 23 -2.18 -24.79 -8.59
CA ASP C 23 -2.11 -26.22 -8.33
C ASP C 23 -1.17 -26.48 -7.15
N PRO C 24 -1.61 -27.22 -6.12
CA PRO C 24 -0.76 -27.39 -4.93
C PRO C 24 0.59 -28.03 -5.22
N GLU C 25 0.66 -28.99 -6.14
CA GLU C 25 1.92 -29.66 -6.39
C GLU C 25 2.87 -28.80 -7.21
N GLU C 26 2.35 -28.02 -8.14
CA GLU C 26 3.20 -27.07 -8.85
C GLU C 26 3.65 -25.94 -7.92
N PHE C 27 2.77 -25.52 -7.02
CA PHE C 27 3.17 -24.55 -6.00
C PHE C 27 4.31 -25.10 -5.14
N ARG C 28 4.18 -26.35 -4.69
CA ARG C 28 5.21 -26.96 -3.86
C ARG C 28 6.53 -27.07 -4.62
N ARG C 29 6.47 -27.52 -5.88
CA ARG C 29 7.69 -27.69 -6.66
C ARG C 29 8.40 -26.37 -6.90
N GLN C 30 7.67 -25.37 -7.38
CA GLN C 30 8.29 -24.08 -7.72
C GLN C 30 8.61 -23.25 -6.49
N GLY C 31 7.86 -23.41 -5.40
CA GLY C 31 8.18 -22.70 -4.18
C GLY C 31 9.52 -23.11 -3.60
N HIS C 32 9.79 -24.43 -3.60
CA HIS C 32 11.09 -24.90 -3.12
C HIS C 32 12.23 -24.41 -4.00
N MET C 33 11.97 -24.24 -5.30
CA MET C 33 12.99 -23.70 -6.19
C MET C 33 13.34 -22.25 -5.83
N ILE C 34 12.32 -21.44 -5.57
CA ILE C 34 12.54 -20.03 -5.26
C ILE C 34 13.28 -19.89 -3.93
N ILE C 35 12.93 -20.72 -2.95
CA ILE C 35 13.59 -20.68 -1.66
C ILE C 35 15.08 -20.97 -1.81
N ASP C 36 15.40 -22.05 -2.55
CA ASP C 36 16.80 -22.37 -2.81
C ASP C 36 17.47 -21.27 -3.62
N PHE C 37 16.72 -20.65 -4.55
CA PHE C 37 17.26 -19.53 -5.30
C PHE C 37 17.58 -18.35 -4.38
N LEU C 38 16.68 -18.06 -3.45
CA LEU C 38 16.90 -16.93 -2.54
C LEU C 38 17.94 -17.26 -1.48
N ALA C 39 18.00 -18.52 -1.03
CA ALA C 39 19.00 -18.91 -0.04
C ALA C 39 20.40 -18.79 -0.62
N ASP C 40 20.58 -19.20 -1.88
CA ASP C 40 21.87 -19.00 -2.54
C ASP C 40 22.18 -17.51 -2.68
N TYR C 41 21.16 -16.69 -2.93
CA TYR C 41 21.38 -15.26 -3.08
C TYR C 41 21.95 -14.65 -1.80
N TYR C 42 21.35 -14.99 -0.65
CA TYR C 42 21.88 -14.51 0.62
C TYR C 42 23.29 -15.03 0.86
N ARG C 43 23.56 -16.26 0.43
CA ARG C 43 24.88 -16.85 0.63
C ARG C 43 25.93 -16.18 -0.25
N ASP C 44 25.56 -15.73 -1.44
CA ASP C 44 26.50 -15.22 -2.42
C ASP C 44 26.39 -13.71 -2.63
N VAL C 45 25.58 -13.01 -1.84
CA VAL C 45 25.30 -11.60 -2.12
C VAL C 45 26.55 -10.73 -2.04
N GLU C 46 27.58 -11.17 -1.31
CA GLU C 46 28.79 -10.37 -1.18
C GLU C 46 29.56 -10.23 -2.49
N LYS C 47 29.36 -11.15 -3.43
CA LYS C 47 30.08 -11.09 -4.70
C LYS C 47 29.55 -10.01 -5.64
N TYR C 48 28.38 -9.44 -5.35
CA TYR C 48 27.88 -8.41 -6.25
C TYR C 48 28.34 -7.03 -5.80
N PRO C 49 28.51 -6.11 -6.75
CA PRO C 49 28.67 -4.70 -6.37
C PRO C 49 27.41 -4.20 -5.67
N VAL C 50 27.60 -3.48 -4.58
CA VAL C 50 26.45 -3.06 -3.76
C VAL C 50 25.53 -2.15 -4.56
N ARG C 51 26.04 -1.00 -4.98
CA ARG C 51 25.28 -0.13 -5.86
C ARG C 51 25.34 -0.66 -7.28
N SER C 52 24.18 -0.82 -7.91
CA SER C 52 24.12 -1.41 -9.24
C SER C 52 24.95 -0.58 -10.23
N GLN C 53 25.60 -1.27 -11.16
CA GLN C 53 26.49 -0.64 -12.12
C GLN C 53 25.95 -0.67 -13.54
N VAL C 54 24.66 -0.95 -13.70
CA VAL C 54 24.04 -0.91 -15.01
C VAL C 54 23.78 0.54 -15.38
N GLU C 55 23.50 0.80 -16.66
CA GLU C 55 23.20 2.13 -17.13
C GLU C 55 21.71 2.27 -17.40
N PRO C 56 21.17 3.49 -17.31
CA PRO C 56 19.73 3.68 -17.55
C PRO C 56 19.29 3.12 -18.90
N GLY C 57 18.15 2.44 -18.90
CA GLY C 57 17.61 1.83 -20.09
C GLY C 57 18.15 0.46 -20.44
N TYR C 58 18.95 -0.15 -19.56
CA TYR C 58 19.57 -1.43 -19.88
C TYR C 58 18.55 -2.53 -20.03
N LEU C 59 17.49 -2.52 -19.21
CA LEU C 59 16.59 -3.66 -19.14
C LEU C 59 15.66 -3.72 -20.34
N ARG C 60 15.19 -2.56 -20.82
CA ARG C 60 14.31 -2.56 -21.99
C ARG C 60 15.02 -3.10 -23.22
N LYS C 61 16.33 -2.89 -23.33
CA LYS C 61 17.08 -3.40 -24.47
C LYS C 61 17.19 -4.92 -24.44
N ARG C 62 17.25 -5.52 -23.26
CA ARG C 62 17.48 -6.95 -23.11
C ARG C 62 16.20 -7.76 -22.97
N LEU C 63 15.04 -7.11 -22.89
CA LEU C 63 13.77 -7.82 -22.76
C LEU C 63 12.92 -7.61 -24.02
N PRO C 64 12.01 -8.54 -24.30
CA PRO C 64 11.09 -8.33 -25.44
C PRO C 64 10.20 -7.11 -25.22
N GLU C 65 9.64 -6.62 -26.32
CA GLU C 65 8.78 -5.45 -26.27
C GLU C 65 7.32 -5.80 -25.99
N THR C 66 6.93 -7.06 -26.15
CA THR C 66 5.56 -7.49 -25.90
C THR C 66 5.57 -8.73 -25.01
N ALA C 67 4.42 -9.01 -24.43
CA ALA C 67 4.29 -10.18 -23.57
C ALA C 67 4.26 -11.46 -24.42
N PRO C 68 4.79 -12.56 -23.91
CA PRO C 68 4.77 -13.81 -24.67
C PRO C 68 3.35 -14.36 -24.78
N TYR C 69 3.04 -14.92 -25.94
CA TYR C 69 1.75 -15.56 -26.14
C TYR C 69 1.69 -16.95 -25.53
N ASN C 70 2.83 -17.60 -25.35
CA ASN C 70 2.92 -18.95 -24.83
C ASN C 70 3.67 -18.96 -23.51
N PRO C 71 3.37 -19.91 -22.62
CA PRO C 71 4.01 -19.90 -21.30
C PRO C 71 5.50 -20.20 -21.38
N GLU C 72 6.24 -19.60 -20.45
CA GLU C 72 7.66 -19.85 -20.29
C GLU C 72 7.90 -20.56 -18.95
N SER C 73 8.88 -21.46 -18.96
CA SER C 73 9.14 -22.26 -17.78
C SER C 73 9.74 -21.42 -16.66
N ILE C 74 9.56 -21.89 -15.42
CA ILE C 74 10.15 -21.22 -14.27
C ILE C 74 11.66 -21.28 -14.33
N GLU C 75 12.22 -22.31 -14.99
CA GLU C 75 13.66 -22.46 -15.06
C GLU C 75 14.30 -21.37 -15.90
N THR C 76 13.72 -21.04 -17.05
CA THR C 76 14.26 -19.98 -17.88
C THR C 76 13.97 -18.60 -17.32
N ILE C 77 12.86 -18.45 -16.58
CA ILE C 77 12.58 -17.18 -15.94
C ILE C 77 13.60 -16.89 -14.85
N LEU C 78 13.89 -17.89 -14.01
CA LEU C 78 14.88 -17.72 -12.96
C LEU C 78 16.26 -17.44 -13.54
N GLN C 79 16.56 -18.03 -14.70
CA GLN C 79 17.81 -17.70 -15.38
C GLN C 79 17.85 -16.23 -15.78
N ASP C 80 16.72 -15.69 -16.24
CA ASP C 80 16.68 -14.27 -16.58
C ASP C 80 16.76 -13.39 -15.34
N VAL C 81 16.24 -13.87 -14.21
CA VAL C 81 16.40 -13.14 -12.95
C VAL C 81 17.88 -12.98 -12.62
N THR C 82 18.67 -14.02 -12.91
CA THR C 82 20.10 -13.97 -12.61
C THR C 82 20.84 -13.02 -13.56
N THR C 83 20.53 -13.08 -14.86
CA THR C 83 21.30 -12.36 -15.86
C THR C 83 20.76 -10.98 -16.18
N GLU C 84 19.47 -10.71 -15.92
CA GLU C 84 18.88 -9.43 -16.26
C GLU C 84 18.47 -8.61 -15.05
N ILE C 85 17.90 -9.23 -14.03
CA ILE C 85 17.38 -8.50 -12.88
C ILE C 85 18.48 -8.21 -11.85
N ILE C 86 19.21 -9.25 -11.45
CA ILE C 86 20.20 -9.10 -10.38
C ILE C 86 21.25 -8.04 -10.70
N PRO C 87 21.80 -7.95 -11.92
CA PRO C 87 22.70 -6.82 -12.21
C PRO C 87 22.06 -5.46 -12.00
N GLY C 88 20.74 -5.36 -12.17
CA GLY C 88 20.05 -4.10 -11.99
C GLY C 88 19.52 -3.89 -10.58
N LEU C 89 20.11 -4.59 -9.62
CA LEU C 89 19.74 -4.46 -8.21
C LEU C 89 20.84 -3.72 -7.47
N THR C 90 20.45 -2.78 -6.62
CA THR C 90 21.32 -2.27 -5.57
C THR C 90 20.99 -3.05 -4.31
N HIS C 91 21.98 -3.74 -3.76
CA HIS C 91 21.74 -4.83 -2.81
C HIS C 91 21.59 -4.25 -1.40
N TRP C 92 20.35 -3.91 -1.05
CA TRP C 92 20.06 -3.48 0.32
C TRP C 92 20.38 -4.59 1.33
N GLN C 93 20.22 -5.85 0.94
CA GLN C 93 20.47 -6.97 1.82
C GLN C 93 21.94 -7.36 1.91
N SER C 94 22.81 -6.72 1.14
CA SER C 94 24.23 -7.01 1.23
C SER C 94 24.77 -6.52 2.57
N PRO C 95 25.70 -7.27 3.19
CA PRO C 95 26.28 -6.80 4.47
C PRO C 95 27.14 -5.57 4.32
N ASN C 96 27.55 -5.22 3.10
CA ASN C 96 28.33 -4.01 2.84
C ASN C 96 27.46 -2.84 2.40
N TYR C 97 26.16 -2.94 2.54
CA TYR C 97 25.23 -1.85 2.26
C TYR C 97 25.09 -1.00 3.49
N TYR C 98 25.35 0.27 3.39
CA TYR C 98 25.27 1.15 4.54
C TYR C 98 24.58 2.44 4.20
N ALA C 99 23.83 2.45 3.13
CA ALA C 99 23.18 3.63 2.64
C ALA C 99 21.82 3.90 3.27
N TYR C 100 21.34 5.11 3.11
CA TYR C 100 20.08 5.65 3.63
C TYR C 100 19.81 5.10 5.00
N PHE C 101 18.82 4.28 5.12
CA PHE C 101 18.53 3.54 6.32
C PHE C 101 18.34 2.08 5.88
N PRO C 102 18.48 1.13 6.78
CA PRO C 102 18.46 -0.28 6.38
C PRO C 102 17.09 -0.72 5.90
N SER C 103 17.10 -1.69 4.99
CA SER C 103 15.90 -2.48 4.69
C SER C 103 15.99 -3.70 5.60
N SER C 104 15.48 -3.54 6.82
CA SER C 104 15.68 -4.53 7.89
C SER C 104 14.84 -5.77 7.59
N GLY C 105 15.50 -6.89 7.32
CA GLY C 105 14.82 -8.14 7.04
C GLY C 105 15.27 -9.25 7.99
N SER C 106 14.55 -10.37 7.89
CA SER C 106 14.85 -11.54 8.71
C SER C 106 14.16 -12.75 8.09
N VAL C 107 14.57 -13.93 8.55
CA VAL C 107 13.90 -15.16 8.11
C VAL C 107 12.45 -15.15 8.54
N ALA C 108 12.21 -14.87 9.83
CA ALA C 108 10.84 -14.88 10.37
C ALA C 108 9.96 -13.88 9.63
N GLY C 109 10.46 -12.66 9.42
CA GLY C 109 9.66 -11.67 8.74
C GLY C 109 9.38 -12.03 7.29
N PHE C 110 10.35 -12.64 6.62
CA PHE C 110 10.10 -13.16 5.28
C PHE C 110 9.03 -14.24 5.31
N LEU C 111 9.11 -15.16 6.26
CA LEU C 111 8.11 -16.22 6.38
C LEU C 111 6.72 -15.65 6.68
N GLY C 112 6.67 -14.55 7.45
CA GLY C 112 5.38 -13.92 7.68
C GLY C 112 4.75 -13.42 6.40
N GLU C 113 5.55 -12.86 5.50
CA GLU C 113 5.02 -12.36 4.24
C GLU C 113 4.62 -13.49 3.30
N MET C 114 5.32 -14.63 3.36
CA MET C 114 4.89 -15.81 2.59
C MET C 114 3.51 -16.26 3.02
N LEU C 115 3.32 -16.47 4.32
CA LEU C 115 2.03 -16.90 4.84
C LEU C 115 0.94 -15.89 4.48
N SER C 116 1.25 -14.60 4.60
CA SER C 116 0.28 -13.57 4.20
C SER C 116 0.00 -13.63 2.71
N THR C 117 1.04 -13.80 1.89
CA THR C 117 0.84 -13.91 0.45
C THR C 117 0.18 -15.24 0.08
N GLY C 118 0.44 -16.30 0.85
CA GLY C 118 -0.16 -17.59 0.56
C GLY C 118 -1.64 -17.63 0.89
N PHE C 119 -1.99 -17.19 2.11
CA PHE C 119 -3.40 -17.10 2.47
C PHE C 119 -4.13 -16.14 1.55
N ASN C 120 -3.50 -15.00 1.22
CA ASN C 120 -4.01 -14.05 0.24
C ASN C 120 -5.44 -13.64 0.53
N VAL C 121 -5.73 -13.38 1.81
CA VAL C 121 -7.02 -12.85 2.19
C VAL C 121 -6.97 -11.33 2.12
N VAL C 122 -8.13 -10.71 2.05
CA VAL C 122 -8.27 -9.27 1.94
C VAL C 122 -8.89 -8.76 3.24
N GLY C 123 -8.14 -7.96 3.99
CA GLY C 123 -8.62 -7.47 5.27
C GLY C 123 -9.55 -6.28 5.16
N PHE C 124 -10.48 -6.34 4.20
CA PHE C 124 -11.41 -5.24 3.98
C PHE C 124 -12.20 -4.91 5.24
N ASN C 125 -12.58 -5.93 6.01
CA ASN C 125 -13.22 -5.74 7.30
C ASN C 125 -12.90 -6.92 8.19
N TRP C 126 -13.48 -6.92 9.39
CA TRP C 126 -13.24 -8.01 10.33
C TRP C 126 -13.73 -9.34 9.78
N MET C 127 -14.91 -9.36 9.16
CA MET C 127 -15.47 -10.62 8.68
C MET C 127 -14.64 -11.21 7.55
N SER C 128 -13.97 -10.37 6.77
CA SER C 128 -13.23 -10.87 5.61
C SER C 128 -12.01 -11.68 6.02
N SER C 129 -11.43 -11.38 7.19
CA SER C 129 -10.56 -12.33 7.90
C SER C 129 -10.37 -11.89 9.35
N PRO C 130 -11.15 -12.41 10.30
CA PRO C 130 -11.03 -11.95 11.69
C PRO C 130 -9.62 -11.97 12.25
N ALA C 131 -8.84 -13.01 11.95
CA ALA C 131 -7.46 -13.07 12.40
C ALA C 131 -6.62 -11.96 11.79
N ALA C 132 -6.93 -11.56 10.54
CA ALA C 132 -6.18 -10.50 9.89
C ALA C 132 -6.38 -9.15 10.56
N THR C 133 -7.40 -9.02 11.41
CA THR C 133 -7.64 -7.80 12.17
C THR C 133 -7.25 -7.95 13.64
N GLU C 134 -7.64 -9.05 14.27
CA GLU C 134 -7.42 -9.21 15.70
C GLU C 134 -5.94 -9.42 16.02
N LEU C 135 -5.22 -10.14 15.17
CA LEU C 135 -3.78 -10.31 15.39
C LEU C 135 -3.05 -8.98 15.30
N GLU C 136 -3.53 -8.08 14.44
CA GLU C 136 -2.90 -6.76 14.31
C GLU C 136 -3.00 -5.98 15.61
N SER C 137 -4.18 -6.01 16.25
CA SER C 137 -4.35 -5.29 17.51
C SER C 137 -3.49 -5.89 18.61
N VAL C 138 -3.31 -7.22 18.60
CA VAL C 138 -2.54 -7.88 19.65
C VAL C 138 -1.06 -7.53 19.52
N VAL C 139 -0.52 -7.62 18.30
CA VAL C 139 0.91 -7.37 18.13
C VAL C 139 1.22 -5.88 18.29
N MET C 140 0.29 -5.01 17.94
CA MET C 140 0.51 -3.57 18.15
C MET C 140 0.58 -3.26 19.64
N ASP C 141 -0.24 -3.94 20.45
CA ASP C 141 -0.13 -3.81 21.89
C ASP C 141 1.17 -4.41 22.41
N TRP C 142 1.58 -5.55 21.84
CA TRP C 142 2.87 -6.14 22.17
C TRP C 142 4.00 -5.15 21.93
N PHE C 143 4.10 -4.65 20.69
CA PHE C 143 5.17 -3.73 20.32
C PHE C 143 5.10 -2.45 21.15
N GLY C 144 3.88 -1.94 21.37
CA GLY C 144 3.74 -0.72 22.17
C GLY C 144 4.21 -0.91 23.60
N LYS C 145 3.94 -2.07 24.18
CA LYS C 145 4.40 -2.34 25.54
C LYS C 145 5.92 -2.53 25.59
N MET C 146 6.49 -3.13 24.56
CA MET C 146 7.95 -3.23 24.47
C MET C 146 8.58 -1.84 24.36
N LEU C 147 7.93 -0.94 23.63
CA LEU C 147 8.38 0.45 23.54
C LEU C 147 8.02 1.26 24.78
N ASN C 148 7.33 0.64 25.75
CA ASN C 148 6.88 1.34 26.96
C ASN C 148 6.06 2.59 26.61
N LEU C 149 5.25 2.47 25.56
CA LEU C 149 4.29 3.53 25.26
C LEU C 149 3.27 3.63 26.39
N PRO C 150 2.80 4.84 26.71
CA PRO C 150 1.73 4.96 27.70
C PRO C 150 0.49 4.21 27.26
N GLU C 151 -0.32 3.82 28.24
CA GLU C 151 -1.52 3.01 27.96
C GLU C 151 -2.51 3.76 27.06
N SER C 152 -2.39 5.07 26.93
CA SER C 152 -3.28 5.84 26.07
C SER C 152 -3.07 5.56 24.59
N PHE C 153 -1.98 4.88 24.23
CA PHE C 153 -1.73 4.48 22.85
C PHE C 153 -2.11 3.02 22.57
N LEU C 154 -2.61 2.31 23.56
CA LEU C 154 -2.84 0.88 23.46
C LEU C 154 -4.33 0.56 23.48
N PHE C 155 -4.67 -0.61 22.92
CA PHE C 155 -6.05 -1.07 22.95
C PHE C 155 -6.48 -1.42 24.36
N SER C 156 -5.55 -1.94 25.17
CA SER C 156 -5.83 -2.20 26.58
C SER C 156 -6.06 -0.92 27.37
N GLY C 157 -5.91 0.24 26.73
CA GLY C 157 -6.21 1.51 27.35
C GLY C 157 -7.21 2.32 26.54
N SER C 158 -6.83 3.53 26.15
CA SER C 158 -7.73 4.43 25.45
C SER C 158 -7.46 4.57 23.96
N GLY C 159 -6.28 4.13 23.49
CA GLY C 159 -5.94 4.32 22.08
C GLY C 159 -5.89 3.03 21.29
N GLY C 160 -4.97 2.96 20.34
CA GLY C 160 -4.83 1.78 19.51
C GLY C 160 -3.73 1.97 18.49
N GLY C 161 -3.38 0.87 17.84
CA GLY C 161 -2.34 0.88 16.82
C GLY C 161 -2.81 0.20 15.55
N VAL C 162 -2.26 0.66 14.43
CA VAL C 162 -2.63 0.14 13.11
C VAL C 162 -1.36 -0.02 12.28
N LEU C 163 -1.32 -1.08 11.48
CA LEU C 163 -0.22 -1.32 10.57
C LEU C 163 -0.55 -0.77 9.20
N GLN C 164 0.32 0.08 8.67
CA GLN C 164 0.22 0.60 7.31
C GLN C 164 1.47 0.22 6.54
N GLY C 165 1.49 0.61 5.27
CA GLY C 165 2.63 0.32 4.42
C GLY C 165 3.86 1.15 4.75
N THR C 166 3.72 2.47 4.69
CA THR C 166 4.84 3.38 4.83
C THR C 166 4.49 4.50 5.80
N SER C 167 5.53 5.25 6.20
CA SER C 167 5.34 6.32 7.18
C SER C 167 4.68 7.55 6.57
N CYS C 168 4.95 7.85 5.29
CA CYS C 168 4.29 8.98 4.64
C CYS C 168 2.78 8.78 4.60
N GLU C 169 2.33 7.54 4.37
CA GLU C 169 0.91 7.25 4.41
C GLU C 169 0.36 7.44 5.82
N ALA C 170 1.11 6.99 6.83
CA ALA C 170 0.66 7.14 8.21
C ALA C 170 0.67 8.61 8.62
N ILE C 171 1.68 9.36 8.20
CA ILE C 171 1.70 10.80 8.45
C ILE C 171 0.55 11.48 7.73
N LEU C 172 0.24 11.04 6.52
CA LEU C 172 -0.90 11.58 5.79
C LEU C 172 -2.21 11.31 6.51
N CYS C 173 -2.41 10.06 6.94
CA CYS C 173 -3.63 9.72 7.67
C CYS C 173 -3.73 10.50 8.97
N THR C 174 -2.60 10.67 9.67
CA THR C 174 -2.58 11.43 10.90
C THR C 174 -2.81 12.92 10.66
N LEU C 175 -2.33 13.44 9.52
CA LEU C 175 -2.52 14.85 9.23
C LEU C 175 -3.97 15.15 8.83
N THR C 176 -4.58 14.29 8.01
CA THR C 176 -5.97 14.50 7.64
C THR C 176 -6.89 14.40 8.84
N ALA C 177 -6.53 13.56 9.82
CA ALA C 177 -7.29 13.49 11.06
C ALA C 177 -7.22 14.80 11.82
N ALA C 178 -6.01 15.37 11.93
CA ALA C 178 -5.86 16.67 12.58
C ALA C 178 -6.54 17.77 11.77
N ARG C 179 -6.43 17.70 10.44
CA ARG C 179 -7.09 18.68 9.59
C ARG C 179 -8.61 18.65 9.80
N ASP C 180 -9.20 17.46 9.79
CA ASP C 180 -10.65 17.36 9.93
C ASP C 180 -11.09 17.73 11.34
N ARG C 181 -10.34 17.35 12.37
CA ARG C 181 -10.69 17.73 13.72
C ARG C 181 -10.74 19.24 13.88
N LYS C 182 -9.86 19.96 13.18
CA LYS C 182 -9.89 21.43 13.21
C LYS C 182 -10.99 21.97 12.31
N LEU C 183 -11.07 21.48 11.07
CA LEU C 183 -12.01 22.05 10.11
C LEU C 183 -13.45 21.72 10.47
N ASN C 184 -13.69 20.63 11.20
CA ASN C 184 -15.05 20.29 11.60
C ASN C 184 -15.60 21.25 12.64
N LYS C 185 -14.74 21.98 13.35
CA LYS C 185 -15.20 22.94 14.35
C LYS C 185 -15.28 24.35 13.79
N ILE C 186 -14.28 24.77 12.99
CA ILE C 186 -14.21 26.15 12.52
C ILE C 186 -14.74 26.33 11.10
N GLY C 187 -14.96 25.24 10.37
CA GLY C 187 -15.48 25.37 9.02
C GLY C 187 -14.46 24.91 7.99
N ARG C 188 -14.94 24.16 6.99
CA ARG C 188 -14.05 23.62 5.96
C ARG C 188 -13.41 24.71 5.10
N GLU C 189 -14.00 25.90 5.04
CA GLU C 189 -13.48 26.96 4.19
C GLU C 189 -12.14 27.50 4.67
N HIS C 190 -11.69 27.11 5.86
CA HIS C 190 -10.43 27.59 6.41
C HIS C 190 -9.25 26.68 6.10
N ILE C 191 -9.40 25.73 5.18
CA ILE C 191 -8.32 24.81 4.86
C ILE C 191 -7.10 25.55 4.34
N GLY C 192 -7.31 26.66 3.63
CA GLY C 192 -6.20 27.45 3.12
C GLY C 192 -5.42 28.21 4.15
N ARG C 193 -5.82 28.17 5.42
CA ARG C 193 -5.09 28.86 6.49
C ARG C 193 -4.36 27.92 7.42
N LEU C 194 -4.50 26.61 7.27
CA LEU C 194 -3.85 25.66 8.17
C LEU C 194 -2.37 25.54 7.84
N VAL C 195 -1.55 25.54 8.90
CA VAL C 195 -0.10 25.49 8.77
C VAL C 195 0.41 24.17 9.33
N VAL C 196 1.38 23.57 8.63
CA VAL C 196 2.02 22.33 9.06
C VAL C 196 3.48 22.65 9.35
N TYR C 197 3.95 22.22 10.53
CA TYR C 197 5.25 22.62 11.04
C TYR C 197 6.20 21.42 11.10
N GLY C 198 7.40 21.61 10.52
CA GLY C 198 8.50 20.70 10.72
C GLY C 198 9.79 21.48 10.83
N SER C 199 10.89 20.75 10.94
CA SER C 199 12.22 21.35 10.91
C SER C 199 12.81 21.22 9.52
N ASP C 200 13.96 21.86 9.32
CA ASP C 200 14.65 21.70 8.04
C ASP C 200 15.33 20.35 7.91
N GLN C 201 15.23 19.50 8.93
CA GLN C 201 15.69 18.12 8.87
C GLN C 201 14.55 17.13 8.73
N THR C 202 13.30 17.60 8.75
CA THR C 202 12.15 16.72 8.67
C THR C 202 12.10 16.04 7.31
N HIS C 203 11.81 14.73 7.33
CA HIS C 203 11.75 13.94 6.11
C HIS C 203 10.71 14.51 5.14
N CYS C 204 10.95 14.30 3.85
CA CYS C 204 10.06 14.82 2.82
C CYS C 204 8.65 14.23 2.90
N ALA C 205 8.43 13.24 3.76
CA ALA C 205 7.12 12.62 3.88
C ALA C 205 6.09 13.60 4.42
N LEU C 206 6.51 14.47 5.35
CA LEU C 206 5.57 15.44 5.92
C LEU C 206 5.08 16.42 4.87
N GLN C 207 6.00 16.97 4.07
CA GLN C 207 5.61 17.91 3.03
C GLN C 207 4.70 17.24 2.00
N LYS C 208 5.02 16.00 1.61
CA LYS C 208 4.18 15.28 0.67
C LYS C 208 2.79 15.04 1.22
N ALA C 209 2.71 14.66 2.50
CA ALA C 209 1.40 14.47 3.14
C ALA C 209 0.62 15.77 3.16
N ALA C 210 1.30 16.89 3.44
CA ALA C 210 0.62 18.19 3.44
C ALA C 210 0.10 18.55 2.07
N GLN C 211 0.87 18.23 1.02
CA GLN C 211 0.43 18.54 -0.34
C GLN C 211 -0.82 17.74 -0.71
N VAL C 212 -0.83 16.45 -0.39
CA VAL C 212 -1.98 15.61 -0.73
C VAL C 212 -3.21 16.03 0.06
N ALA C 213 -3.04 16.29 1.36
CA ALA C 213 -4.17 16.59 2.23
C ALA C 213 -4.78 17.97 1.98
N GLY C 214 -4.31 18.71 0.99
CA GLY C 214 -4.89 20.00 0.67
C GLY C 214 -4.33 21.17 1.44
N ILE C 215 -3.24 20.99 2.18
CA ILE C 215 -2.60 22.12 2.85
C ILE C 215 -1.94 23.01 1.80
N ASN C 216 -2.12 24.32 1.94
CA ASN C 216 -1.56 25.26 0.98
C ASN C 216 -0.04 25.18 1.02
N PRO C 217 0.63 25.10 -0.14
CA PRO C 217 2.10 24.99 -0.15
C PRO C 217 2.79 26.14 0.56
N LYS C 218 2.20 27.33 0.58
CA LYS C 218 2.79 28.45 1.30
C LYS C 218 2.76 28.25 2.81
N ASN C 219 1.94 27.33 3.31
CA ASN C 219 1.75 27.14 4.74
C ASN C 219 2.45 25.88 5.26
N PHE C 220 3.56 25.50 4.65
CA PHE C 220 4.42 24.46 5.18
C PHE C 220 5.68 25.09 5.73
N ARG C 221 6.07 24.70 6.94
CA ARG C 221 7.19 25.32 7.65
C ARG C 221 8.29 24.28 7.86
N ALA C 222 9.48 24.59 7.37
CA ALA C 222 10.69 23.81 7.63
C ALA C 222 11.59 24.71 8.47
N ILE C 223 11.40 24.65 9.79
CA ILE C 223 12.07 25.56 10.70
C ILE C 223 13.57 25.27 10.73
N LYS C 224 14.37 26.33 10.71
CA LYS C 224 15.81 26.18 10.72
C LYS C 224 16.30 25.59 12.03
N THR C 225 17.28 24.70 11.93
CA THR C 225 17.94 24.12 13.09
C THR C 225 19.43 24.46 13.06
N PHE C 226 20.07 24.36 14.23
CA PHE C 226 21.43 24.85 14.39
C PHE C 226 22.34 23.76 14.92
N LYS C 227 23.62 23.86 14.53
CA LYS C 227 24.63 22.90 14.98
C LYS C 227 24.75 22.87 16.49
N GLU C 228 24.44 23.99 17.16
CA GLU C 228 24.54 24.07 18.62
C GLU C 228 23.53 23.15 19.32
N ASN C 229 22.44 22.78 18.63
CA ASN C 229 21.50 21.80 19.14
C ASN C 229 21.64 20.46 18.42
N SER C 230 22.74 20.27 17.69
CA SER C 230 22.93 19.10 16.82
C SER C 230 21.76 18.96 15.85
N PHE C 231 21.23 20.10 15.40
CA PHE C 231 20.18 20.18 14.39
C PHE C 231 18.86 19.57 14.87
N GLY C 232 18.64 19.56 16.18
CA GLY C 232 17.31 19.28 16.70
C GLY C 232 16.47 20.54 16.76
N LEU C 233 15.18 20.39 16.50
CA LEU C 233 14.29 21.54 16.43
C LEU C 233 14.12 22.18 17.81
N SER C 234 14.37 23.48 17.90
CA SER C 234 14.19 24.21 19.14
C SER C 234 12.72 24.57 19.33
N ALA C 235 12.19 24.26 20.52
CA ALA C 235 10.81 24.62 20.82
C ALA C 235 10.63 26.14 20.88
N ALA C 236 11.66 26.86 21.31
CA ALA C 236 11.58 28.32 21.32
C ALA C 236 11.49 28.87 19.91
N THR C 237 12.29 28.33 18.98
CA THR C 237 12.18 28.75 17.59
C THR C 237 10.83 28.38 17.00
N LEU C 238 10.29 27.21 17.39
CA LEU C 238 8.99 26.79 16.89
C LEU C 238 7.89 27.75 17.35
N ARG C 239 7.94 28.17 18.61
CA ARG C 239 6.92 29.10 19.13
C ARG C 239 7.00 30.45 18.43
N GLU C 240 8.21 30.90 18.11
CA GLU C 240 8.36 32.17 17.39
C GLU C 240 7.70 32.11 16.02
N VAL C 241 7.90 31.02 15.29
CA VAL C 241 7.29 30.88 13.97
C VAL C 241 5.77 30.83 14.08
N ILE C 242 5.25 30.16 15.11
CA ILE C 242 3.80 30.06 15.29
C ILE C 242 3.20 31.45 15.53
N LEU C 243 3.85 32.25 16.37
CA LEU C 243 3.32 33.58 16.66
C LEU C 243 3.33 34.48 15.44
N GLU C 244 4.32 34.31 14.55
CA GLU C 244 4.29 35.03 13.28
C GLU C 244 3.11 34.58 12.43
N ASP C 245 2.85 33.27 12.39
CA ASP C 245 1.74 32.76 11.60
C ASP C 245 0.40 33.20 12.16
N ILE C 246 0.25 33.15 13.48
CA ILE C 246 -0.99 33.60 14.12
C ILE C 246 -1.20 35.08 13.87
N GLU C 247 -0.13 35.88 13.98
CA GLU C 247 -0.21 37.30 13.70
C GLU C 247 -0.64 37.58 12.27
N ALA C 248 -0.31 36.68 11.34
CA ALA C 248 -0.68 36.81 9.95
C ALA C 248 -2.05 36.22 9.64
N GLY C 249 -2.80 35.80 10.66
CA GLY C 249 -4.12 35.24 10.46
C GLY C 249 -4.16 33.77 10.13
N LEU C 250 -3.06 33.05 10.33
CA LEU C 250 -3.00 31.64 10.00
C LEU C 250 -3.35 30.79 11.21
N ILE C 251 -3.62 29.51 10.95
CA ILE C 251 -4.01 28.57 12.00
C ILE C 251 -2.97 27.48 12.12
N PRO C 252 -2.17 27.47 13.19
CA PRO C 252 -1.26 26.34 13.42
C PRO C 252 -2.03 25.06 13.64
N LEU C 253 -1.67 24.02 12.88
CA LEU C 253 -2.43 22.78 12.87
C LEU C 253 -1.64 21.58 13.37
N PHE C 254 -0.42 21.40 12.87
CA PHE C 254 0.25 20.10 12.90
C PHE C 254 1.74 20.30 13.02
N VAL C 255 2.36 19.64 14.00
CA VAL C 255 3.81 19.65 14.17
C VAL C 255 4.30 18.21 14.27
N CYS C 256 5.43 17.93 13.63
CA CYS C 256 5.95 16.57 13.49
C CYS C 256 7.41 16.54 13.91
N PRO C 257 7.69 16.43 15.20
CA PRO C 257 9.08 16.24 15.64
C PRO C 257 9.58 14.85 15.26
N THR C 258 10.87 14.80 14.94
CA THR C 258 11.50 13.57 14.46
C THR C 258 12.53 13.07 15.47
N VAL C 259 12.48 11.79 15.76
CA VAL C 259 13.52 11.09 16.52
C VAL C 259 14.31 10.26 15.51
N GLY C 260 15.54 10.70 15.21
CA GLY C 260 16.33 10.02 14.20
C GLY C 260 16.14 10.52 12.78
N THR C 261 16.42 11.80 12.55
CA THR C 261 16.30 12.39 11.22
C THR C 261 17.14 11.61 10.21
N THR C 262 16.80 11.80 8.97
CA THR C 262 17.43 11.09 7.90
C THR C 262 18.89 11.48 7.63
N SER C 263 19.18 12.76 7.56
CA SER C 263 20.52 13.23 7.29
C SER C 263 21.58 13.00 8.33
N SER C 264 21.26 13.32 9.56
CA SER C 264 22.27 13.27 10.58
C SER C 264 21.76 12.73 11.84
N THR C 265 20.75 11.91 11.75
CA THR C 265 20.02 11.25 12.84
C THR C 265 19.91 12.14 14.08
N ALA C 266 19.49 13.38 13.86
CA ALA C 266 19.19 14.28 14.95
C ALA C 266 17.93 13.83 15.69
N VAL C 267 17.71 14.41 16.87
CA VAL C 267 16.57 14.08 17.71
C VAL C 267 15.93 15.38 18.19
N ASP C 268 14.62 15.51 17.95
CA ASP C 268 13.89 16.68 18.42
C ASP C 268 13.34 16.43 19.83
N PRO C 269 13.44 17.40 20.73
CA PRO C 269 12.92 17.21 22.09
C PRO C 269 11.40 17.24 22.12
N ILE C 270 10.78 16.09 22.39
CA ILE C 270 9.33 15.96 22.23
C ILE C 270 8.59 16.75 23.31
N SER C 271 9.07 16.70 24.56
CA SER C 271 8.34 17.35 25.64
C SER C 271 8.21 18.86 25.46
N PRO C 272 9.26 19.63 25.18
CA PRO C 272 9.07 21.07 24.97
C PRO C 272 8.22 21.38 23.75
N ILE C 273 8.31 20.57 22.70
CA ILE C 273 7.53 20.81 21.49
C ILE C 273 6.04 20.62 21.77
N CYS C 274 5.70 19.60 22.56
CA CYS C 274 4.30 19.38 22.91
C CYS C 274 3.77 20.47 23.83
N GLU C 275 4.63 21.03 24.69
CA GLU C 275 4.23 22.18 25.50
C GLU C 275 3.79 23.34 24.63
N VAL C 276 4.59 23.66 23.61
CA VAL C 276 4.21 24.70 22.64
C VAL C 276 2.93 24.29 21.91
N ALA C 277 2.79 23.01 21.60
CA ALA C 277 1.69 22.57 20.75
C ALA C 277 0.35 22.62 21.48
N LYS C 278 0.31 22.16 22.73
CA LYS C 278 -0.95 22.13 23.45
C LYS C 278 -1.47 23.53 23.75
N GLU C 279 -0.58 24.51 23.86
CA GLU C 279 -1.03 25.89 24.08
C GLU C 279 -1.80 26.41 22.88
N TYR C 280 -1.34 26.11 21.67
CA TYR C 280 -2.00 26.56 20.45
C TYR C 280 -2.83 25.45 19.81
N GLU C 281 -3.17 24.41 20.58
CA GLU C 281 -4.08 23.35 20.16
C GLU C 281 -3.62 22.72 18.83
N MET C 282 -2.39 22.23 18.85
CA MET C 282 -1.78 21.60 17.69
C MET C 282 -1.66 20.10 17.89
N TRP C 283 -1.87 19.35 16.81
CA TRP C 283 -1.63 17.91 16.81
C TRP C 283 -0.14 17.64 16.69
N VAL C 284 0.37 16.73 17.52
CA VAL C 284 1.77 16.34 17.51
C VAL C 284 1.88 14.90 17.03
N HIS C 285 2.60 14.71 15.92
CA HIS C 285 2.96 13.37 15.46
C HIS C 285 4.46 13.20 15.64
N VAL C 286 4.85 12.16 16.36
CA VAL C 286 6.26 11.85 16.56
C VAL C 286 6.70 10.87 15.48
N ASP C 287 7.62 11.31 14.63
CA ASP C 287 8.13 10.49 13.53
C ASP C 287 9.45 9.87 13.98
N ALA C 288 9.43 8.56 14.20
CA ALA C 288 10.61 7.79 14.58
C ALA C 288 10.77 6.60 13.66
N ALA C 289 10.68 6.86 12.35
CA ALA C 289 10.60 5.79 11.36
C ALA C 289 11.74 4.79 11.50
N TYR C 290 12.97 5.28 11.67
CA TYR C 290 14.13 4.42 11.82
C TYR C 290 14.47 4.15 13.28
N ALA C 291 14.74 5.20 14.05
CA ALA C 291 15.28 5.05 15.39
C ALA C 291 14.26 4.51 16.39
N GLY C 292 12.96 4.57 16.07
CA GLY C 292 11.94 4.20 17.03
C GLY C 292 12.07 2.79 17.58
N SER C 293 12.52 1.85 16.74
CA SER C 293 12.63 0.46 17.18
C SER C 293 13.64 0.29 18.30
N ALA C 294 14.67 1.14 18.34
CA ALA C 294 15.68 1.04 19.40
C ALA C 294 15.10 1.32 20.78
N CYS C 295 13.94 1.95 20.85
CA CYS C 295 13.36 2.33 22.14
C CYS C 295 12.74 1.17 22.90
N ILE C 296 12.86 -0.06 22.38
CA ILE C 296 12.51 -1.23 23.19
C ILE C 296 13.65 -1.58 24.15
N CYS C 297 14.85 -1.05 23.92
CA CYS C 297 15.96 -1.18 24.85
C CYS C 297 15.86 -0.08 25.90
N PRO C 298 15.87 -0.44 27.19
CA PRO C 298 15.69 0.57 28.24
C PRO C 298 16.70 1.71 28.17
N GLU C 299 17.92 1.45 27.72
CA GLU C 299 18.91 2.51 27.63
C GLU C 299 18.65 3.49 26.49
N PHE C 300 17.72 3.18 25.58
CA PHE C 300 17.36 4.07 24.49
C PHE C 300 15.98 4.68 24.62
N ARG C 301 15.18 4.25 25.61
CA ARG C 301 13.79 4.69 25.71
C ARG C 301 13.68 6.19 25.96
N HIS C 302 14.68 6.79 26.61
CA HIS C 302 14.65 8.23 26.88
C HIS C 302 14.50 9.07 25.62
N PHE C 303 14.81 8.51 24.45
CA PHE C 303 14.79 9.29 23.23
C PHE C 303 13.38 9.67 22.80
N ILE C 304 12.38 8.86 23.16
CA ILE C 304 11.00 9.21 22.88
C ILE C 304 10.27 9.68 24.14
N ASP C 305 11.02 10.14 25.15
CA ASP C 305 10.40 10.75 26.31
C ASP C 305 9.60 11.97 25.89
N GLY C 306 8.39 12.09 26.43
CA GLY C 306 7.46 13.13 26.02
C GLY C 306 6.42 12.67 25.01
N VAL C 307 6.54 11.45 24.51
CA VAL C 307 5.53 10.89 23.61
C VAL C 307 4.17 10.82 24.30
N GLU C 308 4.15 10.82 25.64
CA GLU C 308 2.90 10.80 26.37
C GLU C 308 2.04 12.04 26.11
N GLU C 309 2.65 13.13 25.64
CA GLU C 309 1.92 14.35 25.35
C GLU C 309 1.60 14.52 23.88
N ALA C 310 2.06 13.61 23.03
CA ALA C 310 1.77 13.69 21.60
C ALA C 310 0.45 13.00 21.28
N ASP C 311 -0.01 13.18 20.04
CA ASP C 311 -1.24 12.55 19.58
C ASP C 311 -1.01 11.29 18.77
N SER C 312 0.12 11.20 18.08
CA SER C 312 0.42 10.04 17.25
C SER C 312 1.92 9.76 17.29
N PHE C 313 2.27 8.52 16.94
CA PHE C 313 3.65 8.06 16.98
C PHE C 313 3.79 6.93 15.98
N SER C 314 4.82 6.99 15.14
CA SER C 314 5.01 6.00 14.10
C SER C 314 6.47 5.62 13.98
N LEU C 315 6.70 4.36 13.60
CA LEU C 315 8.02 3.87 13.25
C LEU C 315 7.87 2.87 12.10
N ASN C 316 8.92 2.75 11.31
CA ASN C 316 8.97 1.79 10.21
C ASN C 316 9.62 0.52 10.71
N ALA C 317 8.82 -0.52 10.96
CA ALA C 317 9.36 -1.81 11.37
C ALA C 317 10.20 -2.46 10.28
N HIS C 318 10.12 -1.98 9.04
CA HIS C 318 10.94 -2.51 7.95
C HIS C 318 12.27 -1.79 7.86
N TRP C 320 14.14 -0.94 10.79
CA TRP C 320 15.01 -1.42 11.85
C TRP C 320 14.33 -2.42 12.79
N PHE C 321 13.36 -3.19 12.28
CA PHE C 321 12.78 -4.25 13.10
C PHE C 321 12.50 -5.53 12.32
N PHE C 322 13.26 -5.78 11.25
CA PHE C 322 13.44 -7.11 10.66
C PHE C 322 12.18 -7.69 10.01
N THR C 323 11.15 -6.88 9.72
CA THR C 323 9.91 -7.48 9.25
C THR C 323 10.02 -7.90 7.78
N THR C 324 9.95 -6.91 6.88
CA THR C 324 10.53 -6.81 5.54
C THR C 324 9.89 -5.55 5.02
N LEU C 325 10.29 -5.04 3.86
CA LEU C 325 9.45 -4.04 3.22
C LEU C 325 8.12 -4.68 2.86
N ASP C 326 7.01 -4.15 3.38
CA ASP C 326 6.98 -2.95 4.24
C ASP C 326 6.07 -3.16 5.44
N CYS C 327 6.36 -2.44 6.54
CA CYS C 327 5.53 -2.53 7.75
C CYS C 327 5.74 -1.26 8.57
N CYS C 328 4.77 -0.34 8.49
CA CYS C 328 4.78 0.87 9.30
C CYS C 328 3.78 0.73 10.44
N CYS C 329 4.25 0.96 11.67
CA CYS C 329 3.44 0.82 12.87
C CYS C 329 3.05 2.20 13.37
N LEU C 330 1.74 2.47 13.43
CA LEU C 330 1.22 3.78 13.84
C LEU C 330 0.36 3.62 15.08
N TRP C 331 0.76 4.28 16.16
CA TRP C 331 -0.03 4.38 17.38
C TRP C 331 -0.64 5.77 17.47
N VAL C 332 -1.89 5.83 17.89
CA VAL C 332 -2.57 7.11 18.11
C VAL C 332 -3.33 7.05 19.43
N LYS C 333 -3.53 8.22 20.04
CA LYS C 333 -4.34 8.31 21.24
C LYS C 333 -5.83 8.23 20.92
N ASP C 334 -6.24 8.75 19.77
CA ASP C 334 -7.66 8.88 19.42
C ASP C 334 -7.90 8.24 18.06
N PRO C 335 -8.13 6.92 18.01
CA PRO C 335 -8.49 6.30 16.73
C PRO C 335 -9.73 6.89 16.08
N SER C 336 -10.64 7.46 16.87
CA SER C 336 -11.85 8.05 16.30
C SER C 336 -11.52 9.24 15.42
N ALA C 337 -10.40 9.92 15.69
CA ALA C 337 -9.98 11.02 14.82
C ALA C 337 -9.61 10.51 13.43
N LEU C 338 -8.99 9.34 13.35
CA LEU C 338 -8.73 8.72 12.05
C LEU C 338 -10.02 8.33 11.37
N VAL C 339 -10.94 7.70 12.11
CA VAL C 339 -12.19 7.22 11.54
C VAL C 339 -13.01 8.40 11.01
N LYS C 340 -13.06 9.50 11.76
CA LYS C 340 -13.86 10.65 11.34
C LYS C 340 -13.43 11.16 9.98
N ALA C 341 -12.14 11.11 9.68
CA ALA C 341 -11.62 11.68 8.44
C ALA C 341 -11.51 10.66 7.31
N LEU C 342 -11.35 9.38 7.63
CA LEU C 342 -11.07 8.38 6.60
C LEU C 342 -12.25 7.46 6.29
N SER C 343 -13.25 7.40 7.15
CA SER C 343 -14.44 6.61 6.84
C SER C 343 -15.22 7.26 5.70
N THR C 344 -15.85 6.43 4.88
CA THR C 344 -16.78 6.90 3.87
C THR C 344 -18.23 6.76 4.29
N ASN C 345 -18.48 6.27 5.50
CA ASN C 345 -19.82 6.28 6.07
C ASN C 345 -20.28 7.72 6.24
N PRO C 346 -21.59 7.96 6.33
CA PRO C 346 -22.08 9.31 6.59
C PRO C 346 -21.43 9.91 7.84
N GLU C 347 -21.26 11.22 7.82
CA GLU C 347 -20.48 11.89 8.87
C GLU C 347 -21.12 11.71 10.24
N TYR C 348 -22.44 11.55 10.31
CA TYR C 348 -23.09 11.33 11.59
C TYR C 348 -22.93 9.90 12.10
N LEU C 349 -22.60 8.96 11.22
CA LEU C 349 -22.41 7.57 11.62
C LEU C 349 -20.97 7.26 12.04
N ARG C 350 -20.02 8.14 11.72
CA ARG C 350 -18.62 7.90 12.09
C ARG C 350 -18.39 8.01 13.59
N ASN C 351 -19.34 8.54 14.34
CA ASN C 351 -19.22 8.55 15.79
C ASN C 351 -19.50 7.15 16.35
N LYS C 352 -18.71 6.76 17.37
CA LYS C 352 -18.89 5.49 18.03
C LYS C 352 -18.09 5.45 19.33
N VAL C 359 -15.61 -4.38 17.53
CA VAL C 359 -14.89 -4.88 16.36
C VAL C 359 -14.20 -3.73 15.65
N VAL C 360 -12.90 -3.89 15.41
CA VAL C 360 -12.10 -2.86 14.76
C VAL C 360 -12.36 -2.90 13.27
N ASP C 361 -12.44 -1.73 12.65
CA ASP C 361 -12.58 -1.57 11.20
C ASP C 361 -11.33 -0.82 10.73
N TYR C 362 -10.26 -1.57 10.46
CA TYR C 362 -8.95 -0.96 10.23
C TYR C 362 -8.89 -0.14 8.95
N LYS C 363 -9.73 -0.44 7.95
CA LYS C 363 -9.72 0.33 6.72
C LYS C 363 -10.05 1.80 6.95
N ASP C 364 -10.72 2.12 8.05
CA ASP C 364 -11.04 3.50 8.39
C ASP C 364 -9.94 4.18 9.22
N TRP C 365 -8.83 3.49 9.47
CA TRP C 365 -7.67 4.07 10.13
C TRP C 365 -6.58 4.47 9.14
N GLN C 366 -6.75 4.16 7.86
CA GLN C 366 -5.67 4.29 6.89
C GLN C 366 -6.25 4.55 5.51
N ILE C 367 -5.37 4.68 4.53
CA ILE C 367 -5.79 4.90 3.14
C ILE C 367 -6.29 3.61 2.52
N ALA C 368 -5.51 2.53 2.64
CA ALA C 368 -5.83 1.29 1.96
C ALA C 368 -7.13 0.68 2.46
N LEU C 369 -7.93 0.18 1.53
CA LEU C 369 -9.18 -0.52 1.83
C LEU C 369 -9.01 -2.03 1.80
N SER C 370 -8.37 -2.55 0.77
CA SER C 370 -8.07 -3.98 0.66
C SER C 370 -6.75 -4.25 1.37
N ARG C 371 -6.82 -4.32 2.70
CA ARG C 371 -5.61 -4.40 3.51
C ARG C 371 -4.95 -5.76 3.38
N ARG C 372 -3.63 -5.77 3.54
CA ARG C 372 -2.85 -7.00 3.58
C ARG C 372 -2.71 -7.49 5.01
N PHE C 373 -2.51 -8.81 5.15
CA PHE C 373 -2.34 -9.45 6.45
C PHE C 373 -0.90 -9.19 6.92
N ARG C 374 -0.63 -7.93 7.25
CA ARG C 374 0.72 -7.50 7.61
C ARG C 374 1.13 -7.91 9.01
N SER C 375 0.17 -8.21 9.90
CA SER C 375 0.51 -8.53 11.27
C SER C 375 1.23 -9.87 11.41
N LEU C 376 1.18 -10.72 10.38
CA LEU C 376 1.89 -11.99 10.44
C LEU C 376 3.40 -11.77 10.54
N LYS C 377 3.93 -10.84 9.75
CA LYS C 377 5.36 -10.55 9.79
C LYS C 377 5.80 -10.10 11.18
N LEU C 378 5.10 -9.12 11.75
CA LEU C 378 5.45 -8.62 13.08
C LEU C 378 5.29 -9.71 14.13
N TRP C 379 4.19 -10.47 14.05
CA TRP C 379 3.99 -11.60 14.96
C TRP C 379 5.14 -12.60 14.85
N MET C 380 5.50 -12.98 13.60
CA MET C 380 6.57 -13.95 13.41
C MET C 380 7.90 -13.44 13.93
N VAL C 381 8.21 -12.16 13.68
CA VAL C 381 9.47 -11.60 14.15
C VAL C 381 9.52 -11.60 15.68
N LEU C 382 8.44 -11.15 16.32
CA LEU C 382 8.41 -11.06 17.77
C LEU C 382 8.51 -12.45 18.41
N ARG C 383 7.90 -13.45 17.78
CA ARG C 383 7.89 -14.79 18.36
C ARG C 383 9.16 -15.57 18.05
N SER C 384 9.70 -15.41 16.85
CA SER C 384 10.87 -16.20 16.47
C SER C 384 12.11 -15.80 17.25
N TYR C 385 12.24 -14.53 17.60
CA TYR C 385 13.45 -14.02 18.23
C TYR C 385 13.25 -13.61 19.68
N GLY C 386 12.09 -13.07 20.03
CA GLY C 386 11.83 -12.68 21.40
C GLY C 386 12.45 -11.33 21.75
N VAL C 387 11.92 -10.74 22.82
CA VAL C 387 12.33 -9.39 23.21
C VAL C 387 13.82 -9.34 23.50
N THR C 388 14.35 -10.33 24.21
CA THR C 388 15.75 -10.31 24.61
C THR C 388 16.69 -10.30 23.40
N ASN C 389 16.45 -11.19 22.44
CA ASN C 389 17.29 -11.24 21.25
C ASN C 389 17.07 -10.02 20.36
N LEU C 390 15.82 -9.55 20.26
CA LEU C 390 15.53 -8.39 19.43
C LEU C 390 16.24 -7.15 19.95
N ARG C 391 16.26 -6.97 21.28
CA ARG C 391 17.03 -5.88 21.86
C ARG C 391 18.51 -6.00 21.49
N ASN C 392 19.05 -7.22 21.57
CA ASN C 392 20.48 -7.42 21.34
C ASN C 392 20.83 -7.30 19.86
N PHE C 393 19.87 -7.59 18.98
CA PHE C 393 20.07 -7.31 17.55
C PHE C 393 20.33 -5.82 17.34
N LEU C 394 19.48 -4.97 17.94
CA LEU C 394 19.63 -3.53 17.77
C LEU C 394 20.91 -3.03 18.45
N ARG C 395 21.25 -3.58 19.61
CA ARG C 395 22.47 -3.18 20.30
C ARG C 395 23.71 -3.57 19.51
N SER C 396 23.64 -4.67 18.77
CA SER C 396 24.79 -5.09 17.96
C SER C 396 25.09 -4.09 16.86
N HIS C 397 24.05 -3.58 16.20
CA HIS C 397 24.26 -2.54 15.19
C HIS C 397 24.84 -1.28 15.82
N VAL C 398 24.36 -0.90 17.01
CA VAL C 398 24.91 0.24 17.72
C VAL C 398 26.35 -0.02 18.12
N LYS C 399 26.61 -1.20 18.68
CA LYS C 399 27.98 -1.57 19.05
C LYS C 399 28.92 -1.49 17.86
N MET C 400 28.47 -1.96 16.69
CA MET C 400 29.30 -1.88 15.50
C MET C 400 29.49 -0.43 15.06
N ALA C 401 28.48 0.41 15.23
CA ALA C 401 28.63 1.82 14.90
C ALA C 401 29.59 2.51 15.86
N LYS C 402 29.57 2.13 17.13
CA LYS C 402 30.53 2.69 18.08
C LYS C 402 31.94 2.24 17.75
N THR C 403 32.10 1.00 17.28
CA THR C 403 33.41 0.54 16.81
C THR C 403 33.88 1.37 15.62
N PHE C 404 33.00 1.55 14.63
CA PHE C 404 33.34 2.37 13.48
C PHE C 404 33.64 3.82 13.90
N GLU C 405 32.90 4.32 14.89
CA GLU C 405 33.17 5.66 15.40
C GLU C 405 34.55 5.75 16.02
N GLY C 406 34.96 4.72 16.76
CA GLY C 406 36.27 4.74 17.37
C GLY C 406 37.40 4.68 16.37
N LEU C 407 37.20 3.96 15.26
CA LEU C 407 38.21 3.91 14.21
C LEU C 407 38.43 5.28 13.59
N ILE C 408 37.37 6.08 13.47
CA ILE C 408 37.49 7.38 12.84
C ILE C 408 38.29 8.34 13.72
N CYS C 409 38.02 8.34 15.03
CA CYS C 409 38.74 9.21 15.94
C CYS C 409 40.22 8.85 16.02
N MET C 410 40.59 7.62 15.68
CA MET C 410 41.99 7.22 15.64
C MET C 410 42.72 7.75 14.41
N ASP C 411 41.99 8.17 13.38
CA ASP C 411 42.57 8.67 12.13
C ASP C 411 42.38 10.18 12.09
N GLY C 412 43.49 10.91 12.16
CA GLY C 412 43.45 12.37 12.15
C GLY C 412 42.98 12.98 10.84
N ARG C 413 42.91 12.19 9.77
CA ARG C 413 42.40 12.69 8.50
C ARG C 413 40.87 12.74 8.46
N PHE C 414 40.19 12.14 9.42
CA PHE C 414 38.74 12.11 9.48
C PHE C 414 38.26 12.84 10.73
N GLU C 415 36.99 13.23 10.71
CA GLU C 415 36.37 13.86 11.86
C GLU C 415 34.91 13.41 11.95
N ILE C 416 34.45 13.21 13.19
CA ILE C 416 33.03 13.02 13.44
C ILE C 416 32.32 14.36 13.32
N THR C 417 31.26 14.41 12.53
CA THR C 417 30.59 15.68 12.24
C THR C 417 29.41 15.97 13.15
N VAL C 418 28.67 14.96 13.58
CA VAL C 418 27.55 15.14 14.50
C VAL C 418 27.55 14.01 15.51
N PRO C 419 26.93 14.22 16.68
CA PRO C 419 26.87 13.14 17.68
C PRO C 419 26.09 11.94 17.16
N ARG C 420 26.66 10.75 17.37
CA ARG C 420 25.99 9.51 16.99
C ARG C 420 24.91 9.18 18.02
N THR C 421 23.72 8.81 17.53
CA THR C 421 22.59 8.53 18.42
C THR C 421 22.07 7.11 18.26
N PHE C 422 21.83 6.64 17.03
CA PHE C 422 21.35 5.27 16.78
C PHE C 422 22.11 4.67 15.60
N ALA C 423 23.21 4.00 15.89
CA ALA C 423 23.83 3.07 14.95
C ALA C 423 24.18 3.68 13.59
N MET C 424 24.17 5.00 13.47
CA MET C 424 24.62 5.67 12.26
C MET C 424 25.67 6.70 12.63
N VAL C 425 26.80 6.68 11.92
CA VAL C 425 27.92 7.57 12.18
C VAL C 425 28.09 8.48 10.97
N CYS C 426 28.11 9.78 11.21
CA CYS C 426 28.33 10.78 10.18
C CYS C 426 29.76 11.31 10.31
N PHE C 427 30.48 11.34 9.19
CA PHE C 427 31.88 11.72 9.20
C PHE C 427 32.23 12.36 7.87
N ARG C 428 33.48 12.82 7.76
CA ARG C 428 33.97 13.40 6.52
C ARG C 428 35.49 13.36 6.53
N LEU C 429 36.06 13.34 5.33
CA LEU C 429 37.51 13.42 5.16
C LEU C 429 37.95 14.87 5.25
N LEU C 430 39.11 15.10 5.86
CA LEU C 430 39.52 16.47 6.01
C LEU C 430 40.63 16.82 5.03
N PRO C 431 40.55 17.96 4.37
CA PRO C 431 41.62 18.40 3.48
C PRO C 431 42.81 18.89 4.28
N PRO C 432 44.03 18.61 3.83
CA PRO C 432 45.25 19.04 4.54
C PRO C 432 45.75 20.39 4.04
N GLU C 457 34.70 28.80 1.51
CA GLU C 457 36.10 28.94 1.87
C GLU C 457 36.79 27.58 1.90
N ASN C 458 37.27 27.21 3.09
CA ASN C 458 37.77 25.87 3.31
C ASN C 458 36.65 24.85 3.18
N LEU C 459 35.41 25.26 3.48
CA LEU C 459 34.29 24.32 3.50
C LEU C 459 33.88 23.90 2.10
N VAL C 460 33.93 24.82 1.13
CA VAL C 460 33.56 24.49 -0.24
C VAL C 460 34.47 23.42 -0.81
N LEU C 461 35.78 23.54 -0.55
CA LEU C 461 36.71 22.53 -1.03
C LEU C 461 36.58 21.24 -0.23
N ALA C 462 36.31 21.35 1.08
CA ALA C 462 36.08 20.16 1.88
C ALA C 462 34.85 19.41 1.40
N ASN C 463 33.78 20.13 1.05
CA ASN C 463 32.58 19.48 0.53
C ASN C 463 32.84 18.79 -0.79
N LYS C 464 33.58 19.44 -1.68
CA LYS C 464 33.89 18.83 -2.97
C LYS C 464 34.82 17.63 -2.80
N LEU C 465 35.79 17.74 -1.90
CA LEU C 465 36.70 16.62 -1.64
C LEU C 465 35.92 15.40 -1.15
N ASN C 466 35.00 15.61 -0.19
CA ASN C 466 34.21 14.49 0.32
C ASN C 466 33.25 13.94 -0.73
N GLN C 467 32.73 14.80 -1.60
CA GLN C 467 31.86 14.32 -2.67
C GLN C 467 32.62 13.43 -3.63
N VAL C 468 33.80 13.88 -4.08
CA VAL C 468 34.64 13.07 -4.96
C VAL C 468 35.09 11.81 -4.23
N TYR C 469 35.48 11.94 -2.97
CA TYR C 469 35.97 10.80 -2.21
C TYR C 469 34.88 9.74 -2.03
N LEU C 470 33.67 10.17 -1.66
CA LEU C 470 32.58 9.22 -1.45
C LEU C 470 32.18 8.54 -2.76
N GLU C 471 32.14 9.28 -3.86
CA GLU C 471 31.76 8.69 -5.13
C GLU C 471 32.80 7.67 -5.60
N THR C 472 34.09 7.96 -5.37
CA THR C 472 35.13 7.00 -5.69
C THR C 472 34.94 5.71 -4.90
N VAL C 473 34.61 5.83 -3.62
CA VAL C 473 34.37 4.64 -2.80
C VAL C 473 33.16 3.88 -3.30
N ASN C 474 32.07 4.59 -3.59
CA ASN C 474 30.85 3.93 -4.06
C ASN C 474 31.05 3.30 -5.43
N ALA C 475 31.88 3.91 -6.29
CA ALA C 475 32.08 3.40 -7.64
C ALA C 475 32.84 2.07 -7.67
N THR C 476 33.48 1.68 -6.58
CA THR C 476 34.18 0.40 -6.55
C THR C 476 33.21 -0.77 -6.49
N GLY C 477 32.03 -0.56 -5.91
CA GLY C 477 31.10 -1.64 -5.65
C GLY C 477 31.37 -2.44 -4.39
N SER C 478 32.45 -2.12 -3.67
CA SER C 478 32.79 -2.87 -2.47
C SER C 478 31.87 -2.53 -1.31
N VAL C 479 31.53 -1.24 -1.16
CA VAL C 479 30.59 -0.79 -0.14
C VAL C 479 29.70 0.28 -0.77
N TYR C 480 28.65 0.66 -0.05
CA TYR C 480 27.76 1.73 -0.50
C TYR C 480 27.38 2.59 0.69
N MET C 481 27.66 3.88 0.60
CA MET C 481 27.23 4.87 1.57
C MET C 481 26.63 6.06 0.84
N THR C 482 25.67 6.71 1.48
CA THR C 482 25.09 7.95 0.98
C THR C 482 25.55 9.11 1.86
N HIS C 483 25.26 10.31 1.40
CA HIS C 483 25.77 11.53 2.02
C HIS C 483 24.61 12.37 2.54
N ALA C 484 24.97 13.48 3.17
CA ALA C 484 24.02 14.48 3.63
C ALA C 484 24.77 15.78 3.85
N VAL C 485 24.13 16.90 3.54
CA VAL C 485 24.70 18.22 3.75
C VAL C 485 23.87 18.88 4.84
N VAL C 486 24.43 18.94 6.06
CA VAL C 486 23.76 19.51 7.21
C VAL C 486 24.59 20.69 7.71
N GLY C 487 23.92 21.81 7.97
CA GLY C 487 24.62 23.01 8.38
C GLY C 487 25.65 23.49 7.38
N GLY C 488 25.42 23.21 6.10
CA GLY C 488 26.36 23.56 5.05
C GLY C 488 27.54 22.63 4.91
N VAL C 489 27.61 21.56 5.70
CA VAL C 489 28.75 20.65 5.72
C VAL C 489 28.36 19.35 5.02
N TYR C 490 29.06 19.03 3.94
CA TYR C 490 28.88 17.76 3.26
C TYR C 490 29.39 16.63 4.15
N MET C 491 28.51 15.69 4.48
CA MET C 491 28.83 14.61 5.40
C MET C 491 28.61 13.26 4.72
N ILE C 492 29.41 12.28 5.14
CA ILE C 492 29.23 10.89 4.74
C ILE C 492 28.50 10.16 5.86
N ARG C 493 27.46 9.42 5.50
CA ARG C 493 26.66 8.69 6.47
C ARG C 493 27.02 7.21 6.43
N PHE C 494 27.29 6.64 7.60
CA PHE C 494 27.58 5.22 7.76
C PHE C 494 26.48 4.62 8.63
N ALA C 495 25.47 4.03 7.99
CA ALA C 495 24.29 3.50 8.68
C ALA C 495 24.38 1.98 8.71
N VAL C 496 24.74 1.46 9.89
CA VAL C 496 24.88 0.01 10.09
C VAL C 496 23.53 -0.53 10.53
N GLY C 497 22.78 -1.11 9.59
CA GLY C 497 21.62 -1.87 10.00
C GLY C 497 21.27 -3.09 9.17
N SER C 498 22.05 -3.37 8.12
CA SER C 498 21.75 -4.54 7.29
C SER C 498 21.90 -5.80 8.12
N THR C 499 20.87 -6.66 8.09
CA THR C 499 20.82 -7.80 8.98
C THR C 499 22.05 -8.68 8.83
N LEU C 500 22.53 -8.85 7.60
CA LEU C 500 23.70 -9.70 7.36
C LEU C 500 25.00 -9.04 7.81
N THR C 501 25.00 -7.72 8.01
CA THR C 501 26.23 -7.01 8.37
C THR C 501 26.73 -7.47 9.73
N GLU C 502 27.99 -7.90 9.77
CA GLU C 502 28.68 -8.27 11.00
C GLU C 502 29.94 -7.41 11.13
N GLU C 503 30.64 -7.57 12.26
CA GLU C 503 31.75 -6.68 12.57
C GLU C 503 32.83 -6.71 11.49
N ARG C 504 33.11 -7.89 10.94
CA ARG C 504 34.14 -7.99 9.90
C ARG C 504 33.81 -7.15 8.68
N HIS C 505 32.52 -6.95 8.40
CA HIS C 505 32.14 -6.10 7.27
C HIS C 505 32.42 -4.63 7.57
N VAL C 506 32.21 -4.21 8.82
CA VAL C 506 32.50 -2.83 9.20
C VAL C 506 34.00 -2.56 9.12
N ILE C 507 34.81 -3.51 9.61
CA ILE C 507 36.26 -3.38 9.49
C ILE C 507 36.67 -3.32 8.03
N TYR C 508 36.03 -4.13 7.18
CA TYR C 508 36.33 -4.11 5.76
C TYR C 508 35.97 -2.76 5.14
N ALA C 509 34.85 -2.18 5.55
CA ALA C 509 34.44 -0.89 5.02
C ALA C 509 35.42 0.22 5.43
N TRP C 510 35.93 0.15 6.66
CA TRP C 510 36.92 1.13 7.10
C TRP C 510 38.24 0.97 6.36
N LYS C 511 38.62 -0.27 6.02
CA LYS C 511 39.83 -0.49 5.24
C LYS C 511 39.69 0.08 3.83
N ILE C 512 38.50 -0.07 3.23
CA ILE C 512 38.25 0.55 1.92
C ILE C 512 38.31 2.06 2.04
N LEU C 513 37.73 2.61 3.09
CA LEU C 513 37.73 4.06 3.28
C LEU C 513 39.13 4.60 3.48
N GLN C 514 39.94 3.91 4.28
CA GLN C 514 41.31 4.37 4.53
C GLN C 514 42.17 4.25 3.27
N GLU C 515 41.98 3.18 2.49
CA GLU C 515 42.74 3.01 1.26
C GLU C 515 42.44 4.14 0.28
N HIS C 516 41.18 4.50 0.14
CA HIS C 516 40.83 5.60 -0.75
C HIS C 516 41.25 6.94 -0.17
N ALA C 517 41.29 7.05 1.17
CA ALA C 517 41.85 8.26 1.78
C ALA C 517 43.32 8.41 1.42
N ASP C 518 44.08 7.32 1.45
CA ASP C 518 45.47 7.36 1.02
C ASP C 518 45.57 7.79 -0.44
N LEU C 519 44.65 7.31 -1.28
CA LEU C 519 44.73 7.57 -2.71
C LEU C 519 44.47 9.04 -3.03
N ILE C 520 43.36 9.59 -2.54
CA ILE C 520 43.00 10.96 -2.86
C ILE C 520 44.02 11.93 -2.27
N LEU C 521 44.39 11.73 -1.00
CA LEU C 521 45.27 12.67 -0.32
C LEU C 521 46.73 12.54 -0.75
N GLY C 522 47.14 11.38 -1.28
CA GLY C 522 48.48 11.27 -1.83
C GLY C 522 48.65 12.10 -3.09
N LYS C 523 47.62 12.12 -3.94
CA LYS C 523 47.61 12.96 -5.13
C LYS C 523 47.13 14.37 -4.83
N PHE C 524 46.49 14.59 -3.67
CA PHE C 524 45.69 15.78 -3.38
C PHE C 524 46.30 17.06 -3.93
N SER C 525 45.58 17.71 -4.82
CA SER C 525 45.89 19.04 -5.30
C SER C 525 44.70 19.94 -5.01
N GLU C 526 44.95 21.08 -4.37
CA GLU C 526 43.88 22.02 -4.06
C GLU C 526 43.18 22.53 -5.32
N ALA C 527 43.87 22.52 -6.46
CA ALA C 527 43.26 22.94 -7.72
C ALA C 527 42.30 21.90 -8.29
N ASP C 528 42.43 20.64 -7.88
CA ASP C 528 41.53 19.61 -8.40
C ASP C 528 40.12 19.77 -7.87
N PHE C 529 39.99 20.17 -6.60
CA PHE C 529 38.69 20.25 -5.94
C PHE C 529 38.14 21.66 -5.86
N SER C 530 38.83 22.65 -6.45
CA SER C 530 38.40 24.04 -6.41
C SER C 530 37.60 24.44 -7.64
N SER C 531 36.86 23.50 -8.23
CA SER C 531 36.04 23.80 -9.40
C SER C 531 34.82 22.89 -9.44
N GLY D 17 21.02 -19.44 20.31
CA GLY D 17 22.17 -19.54 19.44
C GLY D 17 22.74 -18.19 19.04
N VAL D 18 23.85 -18.22 18.31
CA VAL D 18 24.50 -17.01 17.81
C VAL D 18 24.23 -16.80 16.32
N THR D 19 23.21 -17.47 15.77
CA THR D 19 22.97 -17.45 14.35
C THR D 19 22.40 -16.11 13.90
N ASN D 20 22.82 -15.67 12.72
CA ASN D 20 22.30 -14.42 12.16
C ASN D 20 20.83 -14.59 11.79
N PRO D 21 20.00 -13.56 12.04
CA PRO D 21 18.56 -13.69 11.72
C PRO D 21 18.26 -13.86 10.25
N LEU D 22 19.23 -13.62 9.36
CA LEU D 22 19.07 -13.85 7.93
C LEU D 22 20.07 -14.89 7.43
N ASP D 23 20.37 -15.88 8.26
CA ASP D 23 21.32 -16.91 7.89
C ASP D 23 20.82 -17.68 6.68
N PRO D 24 21.63 -17.82 5.62
CA PRO D 24 21.13 -18.46 4.40
C PRO D 24 20.61 -19.88 4.59
N GLU D 25 21.24 -20.66 5.46
CA GLU D 25 20.79 -22.05 5.62
C GLU D 25 19.58 -22.16 6.53
N GLU D 26 19.44 -21.28 7.51
CA GLU D 26 18.21 -21.24 8.29
C GLU D 26 17.06 -20.69 7.45
N PHE D 27 17.35 -19.71 6.60
CA PHE D 27 16.37 -19.26 5.61
C PHE D 27 15.94 -20.42 4.72
N ARG D 28 16.89 -21.23 4.26
CA ARG D 28 16.59 -22.35 3.38
C ARG D 28 15.71 -23.38 4.08
N ARG D 29 16.06 -23.74 5.31
CA ARG D 29 15.33 -24.79 6.01
C ARG D 29 13.92 -24.34 6.38
N GLN D 30 13.80 -23.16 7.01
CA GLN D 30 12.48 -22.67 7.39
C GLN D 30 11.64 -22.29 6.17
N GLY D 31 12.27 -21.82 5.09
CA GLY D 31 11.53 -21.49 3.90
C GLY D 31 10.84 -22.70 3.29
N HIS D 32 11.57 -23.82 3.19
CA HIS D 32 10.96 -25.04 2.66
C HIS D 32 9.80 -25.52 3.52
N MET D 33 9.84 -25.25 4.82
CA MET D 33 8.76 -25.67 5.70
C MET D 33 7.47 -24.91 5.40
N ILE D 34 7.57 -23.61 5.16
CA ILE D 34 6.38 -22.81 4.90
C ILE D 34 5.81 -23.11 3.51
N ILE D 35 6.69 -23.42 2.55
CA ILE D 35 6.23 -23.81 1.22
C ILE D 35 5.36 -25.06 1.31
N ASP D 36 5.83 -26.07 2.04
CA ASP D 36 5.04 -27.28 2.24
C ASP D 36 3.78 -26.99 3.04
N PHE D 37 3.87 -26.09 4.03
CA PHE D 37 2.70 -25.71 4.80
C PHE D 37 1.64 -25.06 3.90
N LEU D 38 2.06 -24.18 3.00
CA LEU D 38 1.11 -23.50 2.14
C LEU D 38 0.58 -24.43 1.05
N ALA D 39 1.42 -25.31 0.52
CA ALA D 39 0.95 -26.28 -0.46
C ALA D 39 -0.12 -27.19 0.14
N ASP D 40 0.09 -27.62 1.39
CA ASP D 40 -0.93 -28.40 2.08
C ASP D 40 -2.22 -27.59 2.25
N TYR D 41 -2.09 -26.29 2.50
CA TYR D 41 -3.27 -25.44 2.67
C TYR D 41 -4.12 -25.41 1.41
N TYR D 42 -3.48 -25.16 0.26
CA TYR D 42 -4.20 -25.17 -1.01
C TYR D 42 -4.84 -26.52 -1.27
N ARG D 43 -4.16 -27.60 -0.87
CA ARG D 43 -4.70 -28.94 -1.06
C ARG D 43 -5.89 -29.21 -0.15
N ASP D 44 -5.91 -28.60 1.05
CA ASP D 44 -6.91 -28.90 2.06
C ASP D 44 -7.92 -27.77 2.28
N VAL D 45 -7.79 -26.65 1.56
CA VAL D 45 -8.58 -25.46 1.87
C VAL D 45 -10.08 -25.75 1.81
N GLU D 46 -10.50 -26.74 1.02
CA GLU D 46 -11.92 -27.00 0.86
C GLU D 46 -12.58 -27.54 2.11
N LYS D 47 -11.81 -28.08 3.05
CA LYS D 47 -12.40 -28.63 4.27
C LYS D 47 -12.83 -27.55 5.25
N TYR D 48 -12.28 -26.35 5.15
CA TYR D 48 -12.64 -25.29 6.08
C TYR D 48 -13.96 -24.63 5.67
N PRO D 49 -14.73 -24.14 6.62
CA PRO D 49 -15.84 -23.25 6.29
C PRO D 49 -15.31 -21.99 5.64
N VAL D 50 -15.97 -21.55 4.57
CA VAL D 50 -15.45 -20.42 3.79
C VAL D 50 -15.43 -19.16 4.64
N ARG D 51 -16.59 -18.71 5.10
CA ARG D 51 -16.65 -17.57 6.00
C ARG D 51 -16.26 -18.00 7.40
N SER D 52 -15.41 -17.21 8.04
CA SER D 52 -14.93 -17.54 9.38
C SER D 52 -16.10 -17.65 10.36
N GLN D 53 -15.96 -18.55 11.32
CA GLN D 53 -17.01 -18.81 12.29
C GLN D 53 -16.59 -18.51 13.73
N VAL D 54 -15.40 -17.92 13.93
CA VAL D 54 -14.99 -17.53 15.27
C VAL D 54 -15.87 -16.39 15.77
N GLU D 55 -15.87 -16.20 17.07
CA GLU D 55 -16.54 -15.03 17.62
C GLU D 55 -15.56 -13.87 17.74
N PRO D 56 -16.06 -12.63 17.64
CA PRO D 56 -15.17 -11.48 17.80
C PRO D 56 -14.48 -11.49 19.16
N GLY D 57 -13.18 -11.20 19.14
CA GLY D 57 -12.37 -11.25 20.33
C GLY D 57 -11.78 -12.61 20.66
N TYR D 58 -11.95 -13.60 19.79
CA TYR D 58 -11.48 -14.94 20.07
C TYR D 58 -9.97 -15.01 20.21
N LEU D 59 -9.24 -14.21 19.42
CA LEU D 59 -7.80 -14.37 19.33
C LEU D 59 -7.08 -13.74 20.53
N ARG D 60 -7.58 -12.60 21.01
CA ARG D 60 -6.98 -11.98 22.19
C ARG D 60 -7.04 -12.90 23.40
N LYS D 61 -8.08 -13.71 23.50
CA LYS D 61 -8.21 -14.61 24.65
C LYS D 61 -7.18 -15.75 24.59
N ARG D 62 -6.88 -16.24 23.39
CA ARG D 62 -6.01 -17.39 23.22
C ARG D 62 -4.55 -17.02 22.98
N LEU D 63 -4.22 -15.74 22.95
CA LEU D 63 -2.84 -15.30 22.80
C LEU D 63 -2.36 -14.60 24.07
N PRO D 64 -1.05 -14.65 24.35
CA PRO D 64 -0.53 -13.88 25.49
C PRO D 64 -0.70 -12.39 25.27
N GLU D 65 -0.72 -11.65 26.38
CA GLU D 65 -0.89 -10.20 26.34
C GLU D 65 0.41 -9.44 26.11
N THR D 66 1.56 -10.11 26.24
CA THR D 66 2.85 -9.50 26.01
C THR D 66 3.68 -10.39 25.09
N ALA D 67 4.68 -9.78 24.45
CA ALA D 67 5.58 -10.52 23.58
C ALA D 67 6.47 -11.44 24.42
N PRO D 68 6.87 -12.58 23.85
CA PRO D 68 7.76 -13.49 24.60
C PRO D 68 9.15 -12.90 24.72
N TYR D 69 9.77 -13.10 25.89
CA TYR D 69 11.13 -12.64 26.10
C TYR D 69 12.15 -13.56 25.44
N ASN D 70 11.81 -14.83 25.26
CA ASN D 70 12.69 -15.83 24.69
C ASN D 70 12.15 -16.32 23.36
N PRO D 71 13.01 -16.80 22.47
CA PRO D 71 12.54 -17.25 21.14
C PRO D 71 11.66 -18.48 21.23
N GLU D 72 10.83 -18.64 20.21
CA GLU D 72 9.98 -19.82 20.04
C GLU D 72 10.32 -20.48 18.71
N SER D 73 10.14 -21.80 18.66
CA SER D 73 10.49 -22.55 17.47
C SER D 73 9.51 -22.25 16.33
N ILE D 74 10.01 -22.34 15.10
CA ILE D 74 9.15 -22.18 13.94
C ILE D 74 8.12 -23.31 13.88
N GLU D 75 8.46 -24.48 14.43
CA GLU D 75 7.51 -25.57 14.50
C GLU D 75 6.35 -25.22 15.43
N THR D 76 6.65 -24.59 16.57
CA THR D 76 5.61 -24.19 17.50
C THR D 76 4.73 -23.08 16.90
N ILE D 77 5.34 -22.13 16.21
CA ILE D 77 4.58 -21.03 15.61
C ILE D 77 3.62 -21.57 14.55
N LEU D 78 4.12 -22.45 13.68
CA LEU D 78 3.28 -22.98 12.60
C LEU D 78 2.09 -23.74 13.15
N GLN D 79 2.24 -24.43 14.28
CA GLN D 79 1.10 -25.09 14.90
C GLN D 79 0.11 -24.08 15.44
N ASP D 80 0.58 -22.91 15.87
CA ASP D 80 -0.34 -21.86 16.32
C ASP D 80 -1.07 -21.25 15.14
N VAL D 81 -0.41 -21.11 13.99
CA VAL D 81 -1.09 -20.65 12.79
C VAL D 81 -2.23 -21.59 12.42
N THR D 82 -2.01 -22.90 12.59
CA THR D 82 -3.04 -23.87 12.26
C THR D 82 -4.21 -23.81 13.24
N THR D 83 -3.92 -23.70 14.54
CA THR D 83 -4.96 -23.78 15.55
C THR D 83 -5.58 -22.44 15.90
N GLU D 84 -4.84 -21.34 15.75
CA GLU D 84 -5.33 -20.02 16.13
C GLU D 84 -5.63 -19.10 14.95
N ILE D 85 -4.79 -19.09 13.92
CA ILE D 85 -4.96 -18.16 12.81
C ILE D 85 -5.96 -18.69 11.80
N ILE D 86 -5.78 -19.94 11.38
CA ILE D 86 -6.59 -20.48 10.28
C ILE D 86 -8.08 -20.51 10.59
N PRO D 87 -8.53 -20.87 11.80
CA PRO D 87 -9.97 -20.74 12.08
C PRO D 87 -10.49 -19.31 11.95
N GLY D 88 -9.64 -18.31 12.19
CA GLY D 88 -10.05 -16.93 12.07
C GLY D 88 -9.82 -16.36 10.68
N LEU D 89 -9.80 -17.23 9.68
CA LEU D 89 -9.64 -16.82 8.28
C LEU D 89 -10.95 -17.01 7.53
N THR D 90 -11.30 -16.02 6.72
CA THR D 90 -12.28 -16.23 5.65
C THR D 90 -11.49 -16.54 4.39
N HIS D 91 -11.72 -17.73 3.83
CA HIS D 91 -10.81 -18.30 2.85
C HIS D 91 -11.13 -17.76 1.47
N TRP D 92 -10.53 -16.62 1.14
CA TRP D 92 -10.65 -16.04 -0.20
C TRP D 92 -10.14 -17.00 -1.26
N GLN D 93 -9.15 -17.83 -0.93
CA GLN D 93 -8.59 -18.80 -1.86
C GLN D 93 -9.41 -20.07 -1.95
N SER D 94 -10.48 -20.21 -1.17
CA SER D 94 -11.31 -21.39 -1.27
C SER D 94 -11.98 -21.43 -2.65
N PRO D 95 -12.05 -22.60 -3.28
CA PRO D 95 -12.80 -22.70 -4.55
C PRO D 95 -14.28 -22.41 -4.39
N ASN D 96 -14.76 -22.38 -3.16
CA ASN D 96 -16.14 -22.07 -2.88
C ASN D 96 -16.36 -20.65 -2.37
N TYR D 97 -15.42 -19.76 -2.67
CA TYR D 97 -15.54 -18.38 -2.27
C TYR D 97 -16.04 -17.59 -3.45
N TYR D 98 -17.22 -17.00 -3.33
CA TYR D 98 -17.78 -16.21 -4.39
C TYR D 98 -18.22 -14.84 -3.92
N ALA D 99 -17.71 -14.41 -2.78
CA ALA D 99 -18.04 -13.13 -2.21
C ALA D 99 -17.27 -11.99 -2.83
N TYR D 100 -17.78 -10.76 -2.72
CA TYR D 100 -17.16 -9.54 -3.23
C TYR D 100 -16.55 -9.71 -4.62
N PHE D 101 -15.25 -9.64 -4.69
CA PHE D 101 -14.51 -9.87 -5.91
C PHE D 101 -13.35 -10.77 -5.54
N PRO D 102 -12.84 -11.53 -6.50
CA PRO D 102 -11.81 -12.51 -6.20
C PRO D 102 -10.53 -11.87 -5.68
N SER D 103 -9.85 -12.58 -4.79
CA SER D 103 -8.46 -12.31 -4.47
C SER D 103 -7.65 -13.21 -5.40
N SER D 104 -7.37 -12.71 -6.59
CA SER D 104 -6.86 -13.53 -7.69
C SER D 104 -5.38 -13.81 -7.45
N GLY D 105 -5.05 -15.06 -7.15
CA GLY D 105 -3.68 -15.49 -6.93
C GLY D 105 -3.25 -16.55 -7.92
N SER D 106 -1.95 -16.84 -7.89
CA SER D 106 -1.37 -17.86 -8.76
C SER D 106 0.00 -18.23 -8.21
N VAL D 107 0.52 -19.36 -8.68
CA VAL D 107 1.88 -19.76 -8.33
C VAL D 107 2.87 -18.67 -8.75
N ALA D 108 2.76 -18.21 -9.99
CA ALA D 108 3.69 -17.21 -10.51
C ALA D 108 3.63 -15.92 -9.71
N GLY D 109 2.42 -15.44 -9.43
CA GLY D 109 2.29 -14.23 -8.63
C GLY D 109 2.89 -14.37 -7.24
N PHE D 110 2.69 -15.54 -6.62
CA PHE D 110 3.28 -15.79 -5.31
C PHE D 110 4.81 -15.79 -5.40
N LEU D 111 5.36 -16.46 -6.41
CA LEU D 111 6.81 -16.52 -6.55
C LEU D 111 7.40 -15.14 -6.78
N GLY D 112 6.71 -14.29 -7.56
CA GLY D 112 7.22 -12.95 -7.80
C GLY D 112 7.28 -12.11 -6.53
N GLU D 113 6.27 -12.23 -5.68
CA GLU D 113 6.30 -11.51 -4.41
C GLU D 113 7.38 -12.05 -3.49
N MET D 114 7.65 -13.35 -3.54
CA MET D 114 8.69 -13.93 -2.69
C MET D 114 10.07 -13.51 -3.18
N LEU D 115 10.27 -13.44 -4.50
CA LEU D 115 11.48 -12.82 -5.03
C LEU D 115 11.55 -11.36 -4.60
N SER D 116 10.43 -10.65 -4.66
CA SER D 116 10.41 -9.26 -4.21
C SER D 116 10.76 -9.14 -2.74
N THR D 117 10.20 -10.04 -1.91
CA THR D 117 10.49 -10.00 -0.47
C THR D 117 11.88 -10.57 -0.17
N GLY D 118 12.38 -11.46 -1.02
CA GLY D 118 13.72 -12.00 -0.80
C GLY D 118 14.81 -10.98 -1.08
N PHE D 119 14.70 -10.26 -2.20
CA PHE D 119 15.64 -9.18 -2.47
C PHE D 119 15.48 -8.05 -1.47
N ASN D 120 14.23 -7.74 -1.09
CA ASN D 120 13.90 -6.72 -0.09
C ASN D 120 14.62 -5.41 -0.37
N VAL D 121 14.56 -4.97 -1.62
CA VAL D 121 15.09 -3.66 -1.98
C VAL D 121 13.98 -2.63 -1.84
N VAL D 122 14.39 -1.37 -1.75
CA VAL D 122 13.47 -0.25 -1.57
C VAL D 122 13.60 0.65 -2.81
N GLY D 123 12.57 0.63 -3.66
CA GLY D 123 12.61 1.40 -4.88
C GLY D 123 12.37 2.89 -4.68
N PHE D 124 13.12 3.49 -3.75
CA PHE D 124 12.97 4.91 -3.47
C PHE D 124 13.26 5.75 -4.71
N ASN D 125 14.24 5.34 -5.51
CA ASN D 125 14.52 5.97 -6.79
C ASN D 125 15.11 4.92 -7.72
N TRP D 126 15.53 5.38 -8.90
CA TRP D 126 16.12 4.46 -9.89
C TRP D 126 17.40 3.82 -9.36
N MET D 127 18.27 4.62 -8.77
CA MET D 127 19.55 4.10 -8.30
C MET D 127 19.38 3.08 -7.19
N SER D 128 18.28 3.16 -6.43
CA SER D 128 18.12 2.27 -5.29
C SER D 128 17.95 0.82 -5.72
N SER D 129 17.37 0.57 -6.90
CA SER D 129 17.53 -0.69 -7.64
C SER D 129 17.03 -0.54 -9.07
N PRO D 130 17.89 -0.18 -10.04
CA PRO D 130 17.44 0.11 -11.40
C PRO D 130 16.42 -0.88 -11.98
N ALA D 131 16.57 -2.17 -11.67
CA ALA D 131 15.63 -3.15 -12.18
C ALA D 131 14.24 -2.96 -11.58
N ALA D 132 14.16 -2.51 -10.33
CA ALA D 132 12.86 -2.32 -9.69
C ALA D 132 12.05 -1.21 -10.34
N THR D 133 12.68 -0.35 -11.14
CA THR D 133 11.98 0.69 -11.87
C THR D 133 11.78 0.34 -13.34
N GLU D 134 12.83 -0.13 -14.00
CA GLU D 134 12.76 -0.37 -15.45
C GLU D 134 11.85 -1.56 -15.76
N LEU D 135 11.85 -2.59 -14.91
CA LEU D 135 10.96 -3.73 -15.15
C LEU D 135 9.50 -3.30 -15.05
N GLU D 136 9.20 -2.38 -14.14
CA GLU D 136 7.82 -1.92 -13.96
C GLU D 136 7.28 -1.24 -15.22
N SER D 137 8.10 -0.37 -15.83
CA SER D 137 7.68 0.31 -17.05
C SER D 137 7.53 -0.66 -18.21
N VAL D 138 8.37 -1.68 -18.26
CA VAL D 138 8.27 -2.67 -19.33
C VAL D 138 6.96 -3.45 -19.22
N VAL D 139 6.68 -3.99 -18.03
CA VAL D 139 5.50 -4.85 -17.88
C VAL D 139 4.22 -4.04 -17.99
N MET D 140 4.22 -2.79 -17.53
CA MET D 140 3.04 -1.95 -17.71
C MET D 140 2.78 -1.69 -19.19
N ASP D 141 3.85 -1.58 -19.99
CA ASP D 141 3.68 -1.47 -21.44
C ASP D 141 3.21 -2.80 -22.03
N TRP D 142 3.76 -3.91 -21.54
CA TRP D 142 3.26 -5.24 -21.93
C TRP D 142 1.76 -5.33 -21.69
N PHE D 143 1.35 -5.14 -20.43
CA PHE D 143 -0.06 -5.26 -20.06
C PHE D 143 -0.92 -4.27 -20.84
N GLY D 144 -0.45 -3.03 -20.99
CA GLY D 144 -1.21 -2.05 -21.72
C GLY D 144 -1.44 -2.43 -23.17
N LYS D 145 -0.46 -3.08 -23.80
CA LYS D 145 -0.64 -3.53 -25.17
C LYS D 145 -1.59 -4.72 -25.25
N MET D 146 -1.54 -5.61 -24.26
CA MET D 146 -2.52 -6.69 -24.19
C MET D 146 -3.93 -6.14 -24.04
N LEU D 147 -4.08 -5.06 -23.26
CA LEU D 147 -5.36 -4.37 -23.13
C LEU D 147 -5.67 -3.49 -24.33
N ASN D 148 -4.75 -3.38 -25.28
CA ASN D 148 -4.93 -2.56 -26.48
C ASN D 148 -5.22 -1.10 -26.12
N LEU D 149 -4.52 -0.59 -25.11
CA LEU D 149 -4.60 0.81 -24.80
C LEU D 149 -3.92 1.63 -25.89
N PRO D 150 -4.39 2.84 -26.16
CA PRO D 150 -3.71 3.69 -27.14
C PRO D 150 -2.31 4.03 -26.67
N GLU D 151 -1.45 4.38 -27.64
CA GLU D 151 -0.06 4.72 -27.34
C GLU D 151 0.04 5.88 -26.37
N SER D 152 -1.02 6.69 -26.23
CA SER D 152 -1.00 7.80 -25.29
C SER D 152 -0.85 7.36 -23.85
N PHE D 153 -1.12 6.09 -23.55
CA PHE D 153 -0.98 5.55 -22.21
C PHE D 153 0.30 4.74 -22.01
N LEU D 154 1.14 4.65 -23.03
CA LEU D 154 2.33 3.80 -22.98
C LEU D 154 3.60 4.66 -23.00
N PHE D 155 4.66 4.12 -22.40
CA PHE D 155 5.96 4.77 -22.49
C PHE D 155 6.44 4.84 -23.93
N SER D 156 6.06 3.86 -24.75
CA SER D 156 6.34 3.94 -26.18
C SER D 156 5.76 5.20 -26.79
N GLY D 157 4.59 5.63 -26.29
CA GLY D 157 3.95 6.82 -26.79
C GLY D 157 4.02 8.01 -25.84
N SER D 158 2.86 8.57 -25.51
CA SER D 158 2.81 9.82 -24.76
C SER D 158 2.95 9.62 -23.26
N GLY D 159 2.37 8.55 -22.72
CA GLY D 159 2.24 8.44 -21.28
C GLY D 159 3.12 7.40 -20.61
N GLY D 160 2.53 6.67 -19.66
CA GLY D 160 3.27 5.67 -18.90
C GLY D 160 2.36 5.03 -17.87
N GLY D 161 2.85 3.93 -17.31
CA GLY D 161 2.11 3.18 -16.31
C GLY D 161 2.92 3.03 -15.04
N VAL D 162 2.22 2.98 -13.91
CA VAL D 162 2.84 2.84 -12.60
C VAL D 162 2.07 1.78 -11.81
N LEU D 163 2.80 1.03 -11.00
CA LEU D 163 2.21 0.01 -10.13
C LEU D 163 2.04 0.58 -8.73
N GLN D 164 0.84 0.44 -8.19
CA GLN D 164 0.52 0.88 -6.84
C GLN D 164 -0.08 -0.28 -6.07
N GLY D 165 -0.38 -0.03 -4.80
CA GLY D 165 -0.99 -1.04 -3.96
C GLY D 165 -2.45 -1.28 -4.30
N THR D 166 -3.26 -0.21 -4.26
CA THR D 166 -4.70 -0.35 -4.38
C THR D 166 -5.26 0.69 -5.33
N SER D 167 -6.53 0.51 -5.68
CA SER D 167 -7.21 1.46 -6.56
C SER D 167 -7.51 2.78 -5.85
N CYS D 168 -7.74 2.72 -4.53
CA CYS D 168 -8.06 3.94 -3.80
C CYS D 168 -6.90 4.93 -3.80
N GLU D 169 -5.67 4.43 -3.69
CA GLU D 169 -4.53 5.34 -3.78
C GLU D 169 -4.31 5.79 -5.21
N ALA D 170 -4.51 4.90 -6.19
CA ALA D 170 -4.41 5.30 -7.59
C ALA D 170 -5.41 6.40 -7.93
N ILE D 171 -6.65 6.26 -7.44
CA ILE D 171 -7.66 7.29 -7.68
C ILE D 171 -7.31 8.56 -6.91
N LEU D 172 -6.76 8.42 -5.70
CA LEU D 172 -6.35 9.59 -4.93
C LEU D 172 -5.24 10.37 -5.63
N CYS D 173 -4.32 9.64 -6.28
CA CYS D 173 -3.21 10.30 -6.96
C CYS D 173 -3.68 11.03 -8.21
N THR D 174 -4.52 10.38 -9.02
CA THR D 174 -5.06 11.04 -10.20
C THR D 174 -5.95 12.23 -9.81
N LEU D 175 -6.74 12.07 -8.74
CA LEU D 175 -7.56 13.18 -8.26
C LEU D 175 -6.68 14.33 -7.77
N THR D 176 -5.60 14.01 -7.07
CA THR D 176 -4.66 15.05 -6.64
C THR D 176 -3.99 15.71 -7.84
N ALA D 177 -3.67 14.92 -8.87
CA ALA D 177 -3.11 15.48 -10.09
C ALA D 177 -4.11 16.41 -10.77
N ALA D 178 -5.36 15.97 -10.89
CA ALA D 178 -6.40 16.82 -11.48
C ALA D 178 -6.62 18.08 -10.65
N ARG D 179 -6.63 17.93 -9.32
CA ARG D 179 -6.85 19.08 -8.44
C ARG D 179 -5.75 20.11 -8.62
N ASP D 180 -4.48 19.67 -8.59
CA ASP D 180 -3.38 20.61 -8.74
C ASP D 180 -3.33 21.21 -10.13
N ARG D 181 -3.70 20.44 -11.16
CA ARG D 181 -3.74 20.98 -12.51
C ARG D 181 -4.73 22.14 -12.61
N LYS D 182 -5.89 22.01 -11.96
CA LYS D 182 -6.88 23.07 -11.98
C LYS D 182 -6.48 24.23 -11.07
N LEU D 183 -6.08 23.92 -9.83
CA LEU D 183 -5.80 24.97 -8.85
C LEU D 183 -4.51 25.73 -9.16
N ASN D 184 -3.60 25.16 -9.95
CA ASN D 184 -2.37 25.87 -10.28
C ASN D 184 -2.60 27.00 -11.27
N LYS D 185 -3.74 27.00 -11.98
CA LYS D 185 -4.05 28.08 -12.90
C LYS D 185 -5.16 29.00 -12.40
N ILE D 186 -6.11 28.49 -11.62
CA ILE D 186 -7.19 29.33 -11.11
C ILE D 186 -6.96 29.79 -9.67
N GLY D 187 -6.07 29.14 -8.93
CA GLY D 187 -5.78 29.55 -7.56
C GLY D 187 -6.12 28.49 -6.53
N ARG D 188 -5.23 28.34 -5.53
CA ARG D 188 -5.41 27.30 -4.52
C ARG D 188 -6.64 27.54 -3.66
N GLU D 189 -7.09 28.79 -3.52
CA GLU D 189 -8.21 29.10 -2.65
C GLU D 189 -9.55 28.60 -3.17
N HIS D 190 -9.60 28.14 -4.42
CA HIS D 190 -10.83 27.62 -5.00
C HIS D 190 -11.00 26.11 -4.77
N ILE D 191 -10.22 25.53 -3.85
CA ILE D 191 -10.35 24.10 -3.59
C ILE D 191 -11.73 23.76 -3.04
N GLY D 192 -12.34 24.70 -2.32
CA GLY D 192 -13.67 24.49 -1.78
C GLY D 192 -14.80 24.49 -2.80
N ARG D 193 -14.49 24.74 -4.07
CA ARG D 193 -15.49 24.71 -5.13
C ARG D 193 -15.36 23.52 -6.07
N LEU D 194 -14.33 22.69 -5.91
CA LEU D 194 -14.11 21.57 -6.81
C LEU D 194 -15.09 20.45 -6.52
N VAL D 195 -15.67 19.89 -7.58
CA VAL D 195 -16.68 18.85 -7.48
C VAL D 195 -16.13 17.57 -8.09
N VAL D 196 -16.30 16.45 -7.37
CA VAL D 196 -15.91 15.13 -7.84
C VAL D 196 -17.17 14.35 -8.15
N TYR D 197 -17.22 13.76 -9.36
CA TYR D 197 -18.44 13.15 -9.87
C TYR D 197 -18.28 11.63 -9.94
N GLY D 198 -19.20 10.91 -9.31
CA GLY D 198 -19.34 9.49 -9.52
C GLY D 198 -20.81 9.12 -9.68
N SER D 199 -21.04 7.83 -9.90
CA SER D 199 -22.39 7.31 -9.93
C SER D 199 -22.81 6.88 -8.53
N ASP D 200 -24.09 6.55 -8.38
CA ASP D 200 -24.50 5.96 -7.11
C ASP D 200 -24.09 4.50 -6.98
N GLN D 201 -23.35 3.98 -7.97
CA GLN D 201 -22.75 2.66 -7.90
C GLN D 201 -21.23 2.73 -7.78
N THR D 202 -20.65 3.92 -7.78
CA THR D 202 -19.20 4.08 -7.74
C THR D 202 -18.65 3.62 -6.40
N HIS D 203 -17.52 2.90 -6.45
CA HIS D 203 -16.90 2.35 -5.25
C HIS D 203 -16.54 3.45 -4.27
N CYS D 204 -16.55 3.11 -2.98
CA CYS D 204 -16.29 4.10 -1.95
C CYS D 204 -14.88 4.67 -2.01
N ALA D 205 -13.99 4.07 -2.81
CA ALA D 205 -12.63 4.58 -2.94
C ALA D 205 -12.60 6.00 -3.50
N LEU D 206 -13.55 6.34 -4.37
CA LEU D 206 -13.59 7.69 -4.93
C LEU D 206 -13.92 8.72 -3.85
N GLN D 207 -14.96 8.47 -3.06
CA GLN D 207 -15.32 9.37 -1.98
C GLN D 207 -14.18 9.50 -0.97
N LYS D 208 -13.51 8.39 -0.65
CA LYS D 208 -12.39 8.43 0.28
C LYS D 208 -11.27 9.29 -0.27
N ALA D 209 -10.92 9.10 -1.55
CA ALA D 209 -9.90 9.92 -2.18
C ALA D 209 -10.28 11.40 -2.15
N ALA D 210 -11.56 11.70 -2.37
CA ALA D 210 -12.02 13.09 -2.31
C ALA D 210 -11.86 13.66 -0.92
N GLN D 211 -12.21 12.88 0.11
CA GLN D 211 -12.07 13.35 1.48
C GLN D 211 -10.61 13.61 1.83
N VAL D 212 -9.71 12.70 1.44
CA VAL D 212 -8.30 12.87 1.73
C VAL D 212 -7.72 14.06 0.98
N ALA D 213 -8.05 14.19 -0.31
CA ALA D 213 -7.49 15.25 -1.16
C ALA D 213 -8.04 16.63 -0.84
N GLY D 214 -8.84 16.84 0.20
CA GLY D 214 -9.32 18.15 0.54
C GLY D 214 -10.56 18.61 -0.18
N ILE D 215 -11.20 17.74 -0.96
CA ILE D 215 -12.47 18.08 -1.58
C ILE D 215 -13.53 18.23 -0.50
N ASN D 216 -14.35 19.26 -0.61
CA ASN D 216 -15.39 19.51 0.40
C ASN D 216 -16.41 18.37 0.35
N PRO D 217 -16.80 17.81 1.50
CA PRO D 217 -17.76 16.70 1.49
C PRO D 217 -19.07 17.02 0.80
N LYS D 218 -19.49 18.29 0.79
CA LYS D 218 -20.71 18.65 0.07
C LYS D 218 -20.52 18.65 -1.45
N ASN D 219 -19.29 18.60 -1.94
CA ASN D 219 -19.00 18.65 -3.36
C ASN D 219 -18.66 17.27 -3.93
N PHE D 220 -19.15 16.21 -3.30
CA PHE D 220 -19.06 14.86 -3.84
C PHE D 220 -20.42 14.45 -4.36
N ARG D 221 -20.46 13.96 -5.60
CA ARG D 221 -21.70 13.57 -6.25
C ARG D 221 -21.74 12.07 -6.49
N ALA D 222 -22.87 11.46 -6.17
CA ALA D 222 -23.17 10.07 -6.51
C ALA D 222 -24.43 10.11 -7.36
N ILE D 223 -24.26 10.30 -8.67
CA ILE D 223 -25.38 10.58 -9.56
C ILE D 223 -26.29 9.35 -9.65
N LYS D 224 -27.60 9.60 -9.59
CA LYS D 224 -28.57 8.52 -9.68
C LYS D 224 -28.46 7.79 -11.01
N THR D 225 -28.53 6.46 -10.94
CA THR D 225 -28.56 5.61 -12.11
C THR D 225 -29.88 4.85 -12.15
N PHE D 226 -30.21 4.32 -13.32
CA PHE D 226 -31.54 3.75 -13.54
C PHE D 226 -31.45 2.34 -14.07
N LYS D 227 -32.47 1.54 -13.74
CA LYS D 227 -32.55 0.16 -14.21
C LYS D 227 -32.60 0.09 -15.73
N GLU D 228 -33.17 1.12 -16.37
CA GLU D 228 -33.25 1.15 -17.82
C GLU D 228 -31.88 1.06 -18.47
N ASN D 229 -30.85 1.59 -17.81
CA ASN D 229 -29.48 1.55 -18.32
C ASN D 229 -28.61 0.56 -17.55
N SER D 230 -29.23 -0.43 -16.89
CA SER D 230 -28.51 -1.39 -16.05
C SER D 230 -27.66 -0.68 -15.01
N PHE D 231 -28.13 0.47 -14.55
CA PHE D 231 -27.48 1.27 -13.50
C PHE D 231 -26.10 1.74 -13.92
N GLY D 232 -25.87 1.87 -15.23
CA GLY D 232 -24.72 2.60 -15.72
C GLY D 232 -25.00 4.09 -15.73
N LEU D 233 -23.95 4.88 -15.48
CA LEU D 233 -24.10 6.33 -15.43
C LEU D 233 -24.34 6.87 -16.83
N SER D 234 -25.50 7.49 -17.03
CA SER D 234 -25.81 8.11 -18.31
C SER D 234 -25.21 9.50 -18.39
N ALA D 235 -24.64 9.84 -19.56
CA ALA D 235 -23.99 11.12 -19.72
C ALA D 235 -24.98 12.28 -19.65
N ALA D 236 -26.24 12.06 -20.07
CA ALA D 236 -27.24 13.10 -19.98
C ALA D 236 -27.52 13.46 -18.53
N THR D 237 -27.59 12.47 -17.64
CA THR D 237 -27.76 12.75 -16.22
C THR D 237 -26.52 13.44 -15.66
N LEU D 238 -25.33 13.05 -16.10
CA LEU D 238 -24.11 13.70 -15.64
C LEU D 238 -24.10 15.17 -16.03
N ARG D 239 -24.50 15.48 -17.27
CA ARG D 239 -24.54 16.87 -17.71
C ARG D 239 -25.54 17.68 -16.90
N GLU D 240 -26.66 17.06 -16.51
CA GLU D 240 -27.67 17.75 -15.70
C GLU D 240 -27.09 18.20 -14.37
N VAL D 241 -26.37 17.31 -13.69
CA VAL D 241 -25.82 17.63 -12.38
C VAL D 241 -24.71 18.67 -12.49
N ILE D 242 -23.95 18.65 -13.60
CA ILE D 242 -22.88 19.63 -13.78
C ILE D 242 -23.45 21.03 -13.90
N LEU D 243 -24.47 21.19 -14.76
CA LEU D 243 -25.12 22.50 -14.91
C LEU D 243 -25.73 22.97 -13.59
N GLU D 244 -26.23 22.04 -12.78
CA GLU D 244 -26.74 22.40 -11.46
C GLU D 244 -25.63 22.94 -10.57
N ASP D 245 -24.48 22.27 -10.56
CA ASP D 245 -23.36 22.72 -9.75
C ASP D 245 -22.78 24.03 -10.28
N ILE D 246 -22.71 24.18 -11.60
CA ILE D 246 -22.20 25.41 -12.20
C ILE D 246 -23.10 26.58 -11.84
N GLU D 247 -24.42 26.38 -11.87
CA GLU D 247 -25.35 27.41 -11.42
C GLU D 247 -25.09 27.78 -9.96
N ALA D 248 -24.65 26.82 -9.15
CA ALA D 248 -24.36 27.07 -7.74
C ALA D 248 -22.98 27.67 -7.51
N GLY D 249 -22.24 27.99 -8.58
CA GLY D 249 -20.91 28.56 -8.44
C GLY D 249 -19.79 27.57 -8.24
N LEU D 250 -20.04 26.28 -8.45
CA LEU D 250 -19.05 25.24 -8.22
C LEU D 250 -18.24 24.98 -9.48
N ILE D 251 -17.14 24.26 -9.31
CA ILE D 251 -16.23 23.96 -10.41
C ILE D 251 -16.11 22.46 -10.60
N PRO D 252 -16.69 21.91 -11.68
CA PRO D 252 -16.53 20.47 -11.94
C PRO D 252 -15.08 20.14 -12.25
N LEU D 253 -14.55 19.13 -11.55
CA LEU D 253 -13.14 18.79 -11.65
C LEU D 253 -12.88 17.37 -12.14
N PHE D 254 -13.62 16.38 -11.63
CA PHE D 254 -13.21 14.99 -11.72
C PHE D 254 -14.43 14.11 -11.88
N VAL D 255 -14.43 13.26 -12.90
CA VAL D 255 -15.47 12.25 -13.10
C VAL D 255 -14.81 10.89 -13.23
N CYS D 256 -15.44 9.88 -12.63
CA CYS D 256 -14.86 8.53 -12.53
C CYS D 256 -15.85 7.49 -13.03
N PRO D 257 -15.95 7.30 -14.35
CA PRO D 257 -16.76 6.20 -14.87
C PRO D 257 -16.17 4.86 -14.48
N THR D 258 -17.04 3.90 -14.20
CA THR D 258 -16.63 2.58 -13.74
C THR D 258 -17.03 1.52 -14.75
N VAL D 259 -16.11 0.61 -15.03
CA VAL D 259 -16.37 -0.58 -15.83
C VAL D 259 -16.35 -1.76 -14.87
N GLY D 260 -17.52 -2.37 -14.64
CA GLY D 260 -17.64 -3.43 -13.64
C GLY D 260 -17.78 -2.94 -12.22
N THR D 261 -18.88 -2.25 -11.93
CA THR D 261 -19.14 -1.76 -10.58
C THR D 261 -19.25 -2.93 -9.59
N THR D 262 -19.03 -2.60 -8.35
CA THR D 262 -18.98 -3.53 -7.30
C THR D 262 -20.32 -4.21 -6.98
N SER D 263 -21.42 -3.49 -7.12
CA SER D 263 -22.74 -3.99 -6.74
C SER D 263 -23.27 -4.99 -7.75
N SER D 264 -23.42 -4.55 -9.01
CA SER D 264 -24.14 -5.34 -10.02
C SER D 264 -23.34 -5.47 -11.31
N THR D 265 -22.03 -5.24 -11.27
CA THR D 265 -21.16 -5.25 -12.44
C THR D 265 -21.75 -4.41 -13.58
N ALA D 266 -22.18 -3.19 -13.23
CA ALA D 266 -22.63 -2.26 -14.25
C ALA D 266 -21.43 -1.67 -14.99
N VAL D 267 -21.70 -1.09 -16.15
CA VAL D 267 -20.66 -0.52 -17.00
C VAL D 267 -21.09 0.88 -17.41
N ASP D 268 -20.30 1.88 -17.04
CA ASP D 268 -20.57 3.26 -17.45
C ASP D 268 -20.07 3.48 -18.88
N PRO D 269 -20.90 4.04 -19.76
CA PRO D 269 -20.42 4.34 -21.12
C PRO D 269 -19.33 5.41 -21.11
N ILE D 270 -18.12 5.02 -21.49
CA ILE D 270 -16.96 5.89 -21.28
C ILE D 270 -16.97 7.05 -22.27
N SER D 271 -17.20 6.76 -23.55
CA SER D 271 -17.10 7.80 -24.58
C SER D 271 -18.08 8.95 -24.37
N PRO D 272 -19.38 8.72 -24.13
CA PRO D 272 -20.28 9.86 -23.89
C PRO D 272 -19.93 10.63 -22.64
N ILE D 273 -19.41 9.96 -21.60
CA ILE D 273 -19.02 10.66 -20.38
C ILE D 273 -17.82 11.58 -20.65
N CYS D 274 -16.84 11.08 -21.42
CA CYS D 274 -15.70 11.92 -21.76
C CYS D 274 -16.11 13.12 -22.60
N GLU D 275 -17.12 12.94 -23.47
CA GLU D 275 -17.62 14.06 -24.27
C GLU D 275 -18.14 15.18 -23.39
N VAL D 276 -18.88 14.83 -22.32
CA VAL D 276 -19.34 15.84 -21.38
C VAL D 276 -18.16 16.44 -20.62
N ALA D 277 -17.17 15.61 -20.30
CA ALA D 277 -16.06 16.08 -19.47
C ALA D 277 -15.16 17.04 -20.22
N LYS D 278 -14.98 16.84 -21.52
CA LYS D 278 -14.15 17.74 -22.29
C LYS D 278 -14.81 19.11 -22.46
N GLU D 279 -16.14 19.14 -22.49
CA GLU D 279 -16.85 20.41 -22.56
C GLU D 279 -16.55 21.28 -21.34
N TYR D 280 -16.37 20.68 -20.17
CA TYR D 280 -16.12 21.42 -18.94
C TYR D 280 -14.71 21.22 -18.40
N GLU D 281 -13.80 20.70 -19.23
CA GLU D 281 -12.39 20.53 -18.88
C GLU D 281 -12.23 19.73 -17.59
N MET D 282 -12.78 18.52 -17.61
CA MET D 282 -12.76 17.63 -16.46
C MET D 282 -11.80 16.47 -16.70
N TRP D 283 -11.12 16.06 -15.64
CA TRP D 283 -10.31 14.86 -15.67
C TRP D 283 -11.21 13.63 -15.65
N VAL D 284 -10.89 12.66 -16.50
CA VAL D 284 -11.63 11.40 -16.58
C VAL D 284 -10.70 10.28 -16.14
N HIS D 285 -11.07 9.61 -15.04
CA HIS D 285 -10.40 8.40 -14.59
C HIS D 285 -11.35 7.23 -14.78
N VAL D 286 -10.93 6.24 -15.54
CA VAL D 286 -11.73 5.03 -15.77
C VAL D 286 -11.35 4.03 -14.69
N ASP D 287 -12.32 3.67 -13.86
CA ASP D 287 -12.12 2.72 -12.77
C ASP D 287 -12.61 1.35 -13.25
N ALA D 288 -11.67 0.45 -13.52
CA ALA D 288 -11.97 -0.92 -13.93
C ALA D 288 -11.20 -1.89 -13.03
N ALA D 289 -11.29 -1.65 -11.72
CA ALA D 289 -10.47 -2.39 -10.76
C ALA D 289 -10.62 -3.89 -10.91
N TYR D 290 -11.85 -4.38 -11.07
CA TYR D 290 -12.09 -5.81 -11.21
C TYR D 290 -12.15 -6.25 -12.67
N ALA D 291 -13.02 -5.63 -13.47
CA ALA D 291 -13.34 -6.12 -14.81
C ALA D 291 -12.28 -5.78 -15.85
N GLY D 292 -11.35 -4.87 -15.54
CA GLY D 292 -10.41 -4.42 -16.55
C GLY D 292 -9.57 -5.53 -17.15
N SER D 293 -9.21 -6.54 -16.35
CA SER D 293 -8.30 -7.58 -16.81
C SER D 293 -8.91 -8.38 -17.95
N ALA D 294 -10.24 -8.52 -17.98
CA ALA D 294 -10.87 -9.26 -19.07
C ALA D 294 -10.73 -8.57 -20.42
N CYS D 295 -10.35 -7.29 -20.42
CA CYS D 295 -10.25 -6.55 -21.68
C CYS D 295 -9.01 -6.92 -22.48
N ILE D 296 -8.15 -7.82 -21.98
CA ILE D 296 -7.12 -8.40 -22.83
C ILE D 296 -7.73 -9.40 -23.81
N CYS D 297 -8.95 -9.86 -23.54
CA CYS D 297 -9.68 -10.70 -24.48
C CYS D 297 -10.36 -9.82 -25.52
N PRO D 298 -10.19 -10.11 -26.82
CA PRO D 298 -10.78 -9.23 -27.85
C PRO D 298 -12.29 -9.10 -27.74
N GLU D 299 -12.99 -10.15 -27.29
CA GLU D 299 -14.44 -10.09 -27.20
C GLU D 299 -14.92 -9.23 -26.03
N PHE D 300 -14.03 -8.86 -25.10
CA PHE D 300 -14.38 -8.00 -23.98
C PHE D 300 -13.79 -6.61 -24.09
N ARG D 301 -12.93 -6.35 -25.08
CA ARG D 301 -12.23 -5.08 -25.16
C ARG D 301 -13.18 -3.91 -25.39
N HIS D 302 -14.35 -4.17 -25.98
CA HIS D 302 -15.32 -3.10 -26.23
C HIS D 302 -15.78 -2.42 -24.95
N PHE D 303 -15.65 -3.09 -23.80
CA PHE D 303 -16.16 -2.51 -22.56
C PHE D 303 -15.40 -1.26 -22.15
N ILE D 304 -14.15 -1.12 -22.57
CA ILE D 304 -13.38 0.09 -22.29
C ILE D 304 -13.21 0.94 -23.55
N ASP D 305 -14.10 0.77 -24.53
CA ASP D 305 -14.12 1.68 -25.67
C ASP D 305 -14.38 3.10 -25.19
N GLY D 306 -13.57 4.04 -25.67
CA GLY D 306 -13.61 5.40 -25.19
C GLY D 306 -12.51 5.76 -24.22
N VAL D 307 -11.77 4.77 -23.71
CA VAL D 307 -10.66 5.02 -22.81
C VAL D 307 -9.60 5.91 -23.45
N GLU D 308 -9.55 5.94 -24.78
CA GLU D 308 -8.62 6.81 -25.49
C GLU D 308 -8.90 8.28 -25.24
N GLU D 309 -10.10 8.62 -24.77
CA GLU D 309 -10.47 10.00 -24.47
C GLU D 309 -10.41 10.32 -22.99
N ALA D 310 -9.99 9.37 -22.15
CA ALA D 310 -9.85 9.60 -20.73
C ALA D 310 -8.44 10.06 -20.40
N ASP D 311 -8.24 10.50 -19.16
CA ASP D 311 -6.94 10.93 -18.69
C ASP D 311 -6.18 9.86 -17.92
N SER D 312 -6.89 8.89 -17.35
CA SER D 312 -6.24 7.85 -16.57
C SER D 312 -7.13 6.61 -16.58
N PHE D 313 -6.50 5.45 -16.38
CA PHE D 313 -7.19 4.17 -16.40
C PHE D 313 -6.50 3.25 -15.41
N SER D 314 -7.29 2.60 -14.56
CA SER D 314 -6.74 1.73 -13.53
C SER D 314 -7.49 0.41 -13.49
N LEU D 315 -6.77 -0.63 -13.05
CA LEU D 315 -7.37 -1.91 -12.72
C LEU D 315 -6.55 -2.54 -11.61
N ASN D 316 -7.18 -3.43 -10.86
CA ASN D 316 -6.51 -4.18 -9.81
C ASN D 316 -6.12 -5.54 -10.37
N ALA D 317 -4.82 -5.73 -10.60
CA ALA D 317 -4.33 -7.02 -11.07
C ALA D 317 -4.53 -8.11 -10.02
N HIS D 318 -4.73 -7.74 -8.76
CA HIS D 318 -4.93 -8.73 -7.71
C HIS D 318 -6.40 -9.15 -7.59
N TRP D 320 -8.35 -9.74 -10.54
CA TRP D 320 -8.64 -10.66 -11.63
C TRP D 320 -7.47 -10.87 -12.58
N PHE D 321 -6.24 -10.77 -12.07
CA PHE D 321 -5.08 -11.09 -12.90
C PHE D 321 -4.01 -11.86 -12.14
N PHE D 322 -4.41 -12.66 -11.15
CA PHE D 322 -3.58 -13.72 -10.59
C PHE D 322 -2.29 -13.22 -9.94
N THR D 323 -2.23 -11.97 -9.50
CA THR D 323 -0.97 -11.37 -9.10
C THR D 323 -0.67 -11.44 -7.60
N THR D 324 -1.57 -12.00 -6.77
CA THR D 324 -1.38 -12.04 -5.31
C THR D 324 -1.29 -10.65 -4.69
N LEU D 325 -2.45 -10.12 -4.28
CA LEU D 325 -2.60 -8.83 -3.60
C LEU D 325 -1.38 -8.41 -2.81
N ASP D 326 -0.93 -7.17 -3.02
CA ASP D 326 -1.67 -6.22 -3.87
C ASP D 326 -0.91 -5.80 -5.14
N CYS D 327 -1.67 -5.47 -6.19
CA CYS D 327 -1.07 -5.00 -7.43
C CYS D 327 -2.13 -4.18 -8.19
N CYS D 328 -2.04 -2.86 -8.10
CA CYS D 328 -2.89 -1.96 -8.87
C CYS D 328 -2.10 -1.37 -10.02
N CYS D 329 -2.67 -1.44 -11.23
CA CYS D 329 -2.03 -0.97 -12.44
C CYS D 329 -2.70 0.32 -12.87
N LEU D 330 -1.94 1.41 -12.89
CA LEU D 330 -2.46 2.73 -13.23
C LEU D 330 -1.77 3.24 -14.48
N TRP D 331 -2.55 3.52 -15.52
CA TRP D 331 -2.06 4.16 -16.74
C TRP D 331 -2.59 5.59 -16.78
N VAL D 332 -1.72 6.54 -17.16
CA VAL D 332 -2.10 7.93 -17.32
C VAL D 332 -1.52 8.45 -18.61
N LYS D 333 -2.18 9.47 -19.18
CA LYS D 333 -1.65 10.11 -20.38
C LYS D 333 -0.55 11.10 -20.06
N ASP D 334 -0.63 11.77 -18.91
CA ASP D 334 0.30 12.83 -18.54
C ASP D 334 0.92 12.52 -17.18
N PRO D 335 2.04 11.81 -17.16
CA PRO D 335 2.70 11.53 -15.87
C PRO D 335 3.19 12.78 -15.16
N SER D 336 3.44 13.87 -15.88
CA SER D 336 3.89 15.08 -15.19
C SER D 336 2.79 15.68 -14.31
N ALA D 337 1.52 15.45 -14.65
CA ALA D 337 0.45 15.87 -13.77
C ALA D 337 0.55 15.19 -12.41
N LEU D 338 0.96 13.92 -12.40
CA LEU D 338 1.23 13.24 -11.14
C LEU D 338 2.45 13.83 -10.45
N VAL D 339 3.55 14.00 -11.20
CA VAL D 339 4.78 14.51 -10.61
C VAL D 339 4.59 15.93 -10.10
N LYS D 340 3.87 16.76 -10.86
CA LYS D 340 3.65 18.14 -10.46
C LYS D 340 2.95 18.23 -9.10
N ALA D 341 2.09 17.25 -8.79
CA ALA D 341 1.32 17.27 -7.55
C ALA D 341 1.96 16.47 -6.42
N LEU D 342 2.69 15.39 -6.73
CA LEU D 342 3.15 14.47 -5.70
C LEU D 342 4.62 14.61 -5.36
N SER D 343 5.43 15.25 -6.20
CA SER D 343 6.82 15.47 -5.86
C SER D 343 6.94 16.50 -4.74
N THR D 344 7.97 16.35 -3.92
CA THR D 344 8.29 17.31 -2.87
C THR D 344 9.37 18.30 -3.28
N ASN D 345 9.90 18.18 -4.49
CA ASN D 345 10.82 19.18 -5.00
C ASN D 345 10.09 20.51 -5.14
N PRO D 346 10.77 21.63 -4.93
CA PRO D 346 10.13 22.94 -5.14
C PRO D 346 9.50 23.03 -6.52
N GLU D 347 8.39 23.78 -6.60
CA GLU D 347 7.45 23.64 -7.70
C GLU D 347 8.04 24.05 -9.05
N TYR D 348 9.10 24.85 -9.08
CA TYR D 348 9.70 25.19 -10.36
C TYR D 348 10.52 24.04 -10.93
N LEU D 349 10.91 23.07 -10.09
CA LEU D 349 11.65 21.89 -10.53
C LEU D 349 10.74 20.71 -10.88
N ARG D 350 9.44 20.94 -11.04
CA ARG D 350 8.51 19.85 -11.28
C ARG D 350 8.07 19.81 -12.74
N VAL D 359 15.21 8.73 -17.04
CA VAL D 359 15.04 7.88 -15.88
C VAL D 359 13.73 8.22 -15.16
N VAL D 360 12.95 7.20 -14.85
CA VAL D 360 11.67 7.39 -14.18
C VAL D 360 11.89 7.45 -12.67
N ASP D 361 11.23 8.40 -12.02
CA ASP D 361 11.21 8.51 -10.57
C ASP D 361 9.78 8.18 -10.12
N TYR D 362 9.52 6.89 -9.93
CA TYR D 362 8.15 6.41 -9.72
C TYR D 362 7.54 6.92 -8.42
N LYS D 363 8.35 7.28 -7.43
CA LYS D 363 7.79 7.76 -6.16
C LYS D 363 7.04 9.07 -6.33
N ASP D 364 7.28 9.81 -7.41
CA ASP D 364 6.52 11.01 -7.72
C ASP D 364 5.25 10.71 -8.52
N TRP D 365 5.00 9.43 -8.82
CA TRP D 365 3.76 9.02 -9.48
C TRP D 365 2.71 8.52 -8.50
N GLN D 366 3.04 8.39 -7.23
CA GLN D 366 2.15 7.73 -6.27
C GLN D 366 2.41 8.30 -4.88
N ILE D 367 1.78 7.69 -3.88
CA ILE D 367 1.93 8.13 -2.50
C ILE D 367 3.19 7.55 -1.88
N ALA D 368 3.41 6.25 -2.08
CA ALA D 368 4.50 5.56 -1.38
C ALA D 368 5.85 6.06 -1.86
N LEU D 369 6.72 6.40 -0.92
CA LEU D 369 8.10 6.72 -1.22
C LEU D 369 8.98 5.47 -1.21
N SER D 370 8.79 4.59 -0.23
CA SER D 370 9.56 3.34 -0.12
C SER D 370 8.81 2.25 -0.87
N ARG D 371 8.96 2.27 -2.20
CA ARG D 371 8.18 1.39 -3.06
C ARG D 371 8.69 -0.04 -3.01
N ARG D 372 7.75 -0.98 -3.14
CA ARG D 372 8.06 -2.40 -3.23
C ARG D 372 8.30 -2.80 -4.68
N PHE D 373 9.10 -3.85 -4.86
CA PHE D 373 9.43 -4.38 -6.19
C PHE D 373 8.26 -5.22 -6.70
N ARG D 374 7.18 -4.52 -7.03
CA ARG D 374 5.92 -5.18 -7.40
C ARG D 374 5.92 -5.74 -8.81
N SER D 375 6.76 -5.22 -9.71
CA SER D 375 6.71 -5.64 -11.09
C SER D 375 7.11 -7.10 -11.28
N LEU D 376 7.77 -7.70 -10.30
CA LEU D 376 8.10 -9.12 -10.40
C LEU D 376 6.83 -9.96 -10.45
N LYS D 377 5.85 -9.65 -9.61
CA LYS D 377 4.59 -10.39 -9.63
C LYS D 377 3.95 -10.33 -11.01
N LEU D 378 3.77 -9.13 -11.55
CA LEU D 378 3.15 -8.99 -12.87
C LEU D 378 3.99 -9.65 -13.95
N TRP D 379 5.32 -9.46 -13.89
CA TRP D 379 6.22 -10.09 -14.85
C TRP D 379 6.10 -11.62 -14.80
N MET D 380 6.14 -12.19 -13.60
CA MET D 380 6.05 -13.64 -13.45
C MET D 380 4.74 -14.18 -14.02
N VAL D 381 3.62 -13.52 -13.72
CA VAL D 381 2.33 -13.99 -14.20
C VAL D 381 2.27 -13.95 -15.72
N LEU D 382 2.78 -12.88 -16.32
CA LEU D 382 2.75 -12.77 -17.78
C LEU D 382 3.64 -13.82 -18.44
N ARG D 383 4.81 -14.08 -17.87
CA ARG D 383 5.74 -15.02 -18.49
C ARG D 383 5.36 -16.46 -18.22
N SER D 384 4.95 -16.78 -16.98
CA SER D 384 4.67 -18.16 -16.63
C SER D 384 3.45 -18.70 -17.36
N TYR D 385 2.52 -17.84 -17.76
CA TYR D 385 1.27 -18.27 -18.36
C TYR D 385 1.10 -17.82 -19.81
N GLY D 386 1.61 -16.66 -20.18
CA GLY D 386 1.46 -16.16 -21.53
C GLY D 386 0.07 -15.63 -21.81
N VAL D 387 -0.02 -14.81 -22.87
CA VAL D 387 -1.26 -14.12 -23.19
C VAL D 387 -2.39 -15.11 -23.43
N THR D 388 -2.10 -16.18 -24.20
CA THR D 388 -3.16 -17.09 -24.61
C THR D 388 -3.79 -17.81 -23.42
N ASN D 389 -2.95 -18.30 -22.49
CA ASN D 389 -3.50 -18.98 -21.31
C ASN D 389 -4.17 -18.00 -20.36
N LEU D 390 -3.66 -16.76 -20.28
CA LEU D 390 -4.30 -15.77 -19.42
C LEU D 390 -5.70 -15.42 -19.91
N ARG D 391 -5.85 -15.28 -21.23
CA ARG D 391 -7.17 -15.04 -21.80
C ARG D 391 -8.14 -16.17 -21.44
N ASN D 392 -7.70 -17.42 -21.56
CA ASN D 392 -8.58 -18.55 -21.32
C ASN D 392 -8.85 -18.76 -19.85
N PHE D 393 -7.91 -18.39 -18.97
CA PHE D 393 -8.19 -18.35 -17.54
C PHE D 393 -9.39 -17.45 -17.27
N LEU D 394 -9.36 -16.22 -17.79
CA LEU D 394 -10.46 -15.28 -17.57
C LEU D 394 -11.73 -15.77 -18.25
N ARG D 395 -11.61 -16.32 -19.46
CA ARG D 395 -12.77 -16.88 -20.13
C ARG D 395 -13.36 -18.04 -19.34
N SER D 396 -12.51 -18.82 -18.67
CA SER D 396 -13.01 -19.93 -17.86
C SER D 396 -13.92 -19.42 -16.75
N HIS D 397 -13.57 -18.29 -16.14
CA HIS D 397 -14.41 -17.73 -15.08
C HIS D 397 -15.75 -17.25 -15.63
N VAL D 398 -15.71 -16.51 -16.75
CA VAL D 398 -16.94 -16.04 -17.38
C VAL D 398 -17.81 -17.21 -17.82
N LYS D 399 -17.18 -18.27 -18.33
CA LYS D 399 -17.93 -19.43 -18.77
C LYS D 399 -18.64 -20.11 -17.62
N MET D 400 -17.97 -20.24 -16.48
CA MET D 400 -18.59 -20.87 -15.32
C MET D 400 -19.72 -19.99 -14.76
N ALA D 401 -19.53 -18.68 -14.78
CA ALA D 401 -20.61 -17.78 -14.35
C ALA D 401 -21.79 -17.84 -15.30
N LYS D 402 -21.51 -17.93 -16.61
CA LYS D 402 -22.59 -18.08 -17.58
C LYS D 402 -23.33 -19.41 -17.38
N THR D 403 -22.63 -20.45 -16.94
CA THR D 403 -23.28 -21.71 -16.62
C THR D 403 -24.19 -21.56 -15.40
N PHE D 404 -23.67 -20.91 -14.34
CA PHE D 404 -24.49 -20.64 -13.17
C PHE D 404 -25.72 -19.81 -13.54
N GLU D 405 -25.55 -18.85 -14.45
CA GLU D 405 -26.69 -18.05 -14.90
C GLU D 405 -27.73 -18.91 -15.60
N GLY D 406 -27.30 -19.82 -16.46
CA GLY D 406 -28.23 -20.69 -17.16
C GLY D 406 -28.96 -21.64 -16.22
N LEU D 407 -28.26 -22.11 -15.18
CA LEU D 407 -28.90 -22.98 -14.20
C LEU D 407 -30.01 -22.24 -13.45
N ILE D 408 -29.76 -20.99 -13.09
CA ILE D 408 -30.74 -20.23 -12.30
C ILE D 408 -31.97 -19.90 -13.14
N CYS D 409 -31.77 -19.62 -14.42
CA CYS D 409 -32.90 -19.34 -15.31
C CYS D 409 -33.80 -20.55 -15.48
N MET D 410 -33.20 -21.73 -15.62
CA MET D 410 -34.00 -22.95 -15.78
C MET D 410 -34.77 -23.32 -14.52
N ASP D 411 -34.44 -22.71 -13.38
CA ASP D 411 -35.21 -22.86 -12.15
C ASP D 411 -36.15 -21.67 -12.03
N GLY D 412 -37.45 -21.92 -12.24
CA GLY D 412 -38.43 -20.84 -12.29
C GLY D 412 -38.62 -20.09 -10.98
N ARG D 413 -38.00 -20.52 -9.90
CA ARG D 413 -38.13 -19.86 -8.62
C ARG D 413 -37.16 -18.71 -8.42
N PHE D 414 -36.19 -18.55 -9.31
CA PHE D 414 -35.17 -17.52 -9.20
C PHE D 414 -35.34 -16.49 -10.32
N GLU D 415 -34.53 -15.44 -10.27
CA GLU D 415 -34.60 -14.37 -11.25
C GLU D 415 -33.23 -13.71 -11.37
N ILE D 416 -32.77 -13.51 -12.61
CA ILE D 416 -31.58 -12.72 -12.86
C ILE D 416 -31.96 -11.24 -12.78
N THR D 417 -31.32 -10.52 -11.87
CA THR D 417 -31.74 -9.15 -11.56
C THR D 417 -31.15 -8.11 -12.52
N VAL D 418 -29.92 -8.31 -12.98
CA VAL D 418 -29.28 -7.42 -13.95
C VAL D 418 -28.49 -8.28 -14.93
N PRO D 419 -28.24 -7.76 -16.13
CA PRO D 419 -27.48 -8.53 -17.12
C PRO D 419 -26.07 -8.84 -16.63
N ARG D 420 -25.64 -10.08 -16.86
CA ARG D 420 -24.28 -10.48 -16.56
C ARG D 420 -23.34 -9.93 -17.61
N THR D 421 -22.35 -9.15 -17.17
CA THR D 421 -21.36 -8.56 -18.05
C THR D 421 -19.99 -9.22 -17.96
N PHE D 422 -19.72 -9.93 -16.87
CA PHE D 422 -18.41 -10.49 -16.55
C PHE D 422 -18.65 -11.77 -15.76
N ALA D 423 -17.68 -12.20 -14.97
CA ALA D 423 -17.80 -13.47 -14.26
C ALA D 423 -18.67 -13.40 -13.01
N MET D 424 -19.57 -12.43 -12.87
CA MET D 424 -20.45 -12.33 -11.72
C MET D 424 -21.91 -12.32 -12.16
N VAL D 425 -22.73 -13.10 -11.46
CA VAL D 425 -24.16 -13.20 -11.72
C VAL D 425 -24.92 -12.64 -10.52
N CYS D 426 -25.85 -11.73 -10.77
CA CYS D 426 -26.72 -11.18 -9.75
C CYS D 426 -28.10 -11.78 -9.90
N PHE D 427 -28.63 -12.35 -8.81
CA PHE D 427 -29.90 -13.05 -8.85
C PHE D 427 -30.59 -12.93 -7.50
N ARG D 428 -31.82 -13.42 -7.43
CA ARG D 428 -32.56 -13.42 -6.19
C ARG D 428 -33.64 -14.50 -6.24
N LEU D 429 -34.01 -14.98 -5.07
CA LEU D 429 -35.12 -15.92 -4.94
C LEU D 429 -36.44 -15.16 -4.95
N LEU D 430 -37.42 -15.70 -5.65
CA LEU D 430 -38.67 -14.95 -5.68
C LEU D 430 -39.69 -15.55 -4.73
N PRO D 431 -40.54 -14.73 -4.12
CA PRO D 431 -41.60 -15.27 -3.27
C PRO D 431 -42.62 -16.01 -4.10
N PRO D 432 -43.23 -17.08 -3.57
CA PRO D 432 -44.23 -17.84 -4.31
C PRO D 432 -45.57 -17.12 -4.39
N GLU D 457 -44.00 -3.12 -1.17
CA GLU D 457 -44.45 -4.05 -0.13
C GLU D 457 -44.09 -5.49 -0.51
N ASN D 458 -44.39 -5.86 -1.75
CA ASN D 458 -43.91 -7.14 -2.27
C ASN D 458 -42.40 -7.13 -2.41
N LEU D 459 -41.81 -5.98 -2.74
CA LEU D 459 -40.37 -5.87 -2.82
C LEU D 459 -39.73 -5.97 -1.44
N VAL D 460 -40.32 -5.31 -0.44
CA VAL D 460 -39.81 -5.41 0.92
C VAL D 460 -39.87 -6.86 1.42
N LEU D 461 -40.94 -7.57 1.08
CA LEU D 461 -41.04 -8.98 1.44
C LEU D 461 -39.97 -9.79 0.72
N ALA D 462 -39.80 -9.57 -0.58
CA ALA D 462 -38.80 -10.31 -1.35
C ALA D 462 -37.40 -10.03 -0.84
N ASN D 463 -37.11 -8.78 -0.50
CA ASN D 463 -35.80 -8.43 0.05
C ASN D 463 -35.53 -9.18 1.35
N LYS D 464 -36.53 -9.24 2.22
CA LYS D 464 -36.38 -9.98 3.48
C LYS D 464 -36.22 -11.48 3.22
N LEU D 465 -36.95 -12.00 2.23
CA LEU D 465 -36.81 -13.42 1.89
C LEU D 465 -35.39 -13.73 1.43
N ASN D 466 -34.80 -12.85 0.61
CA ASN D 466 -33.46 -13.11 0.10
C ASN D 466 -32.39 -12.87 1.16
N GLN D 467 -32.62 -11.92 2.07
CA GLN D 467 -31.66 -11.70 3.15
C GLN D 467 -31.58 -12.91 4.06
N VAL D 468 -32.74 -13.46 4.46
CA VAL D 468 -32.76 -14.66 5.29
C VAL D 468 -32.21 -15.85 4.51
N TYR D 469 -32.60 -15.99 3.25
CA TYR D 469 -32.15 -17.10 2.42
C TYR D 469 -30.64 -17.12 2.29
N LEU D 470 -30.04 -15.97 1.96
CA LEU D 470 -28.60 -15.92 1.74
C LEU D 470 -27.82 -16.19 3.01
N GLU D 471 -28.28 -15.64 4.15
CA GLU D 471 -27.52 -15.79 5.39
C GLU D 471 -27.55 -17.23 5.89
N THR D 472 -28.66 -17.95 5.68
CA THR D 472 -28.68 -19.37 6.01
C THR D 472 -27.72 -20.15 5.12
N VAL D 473 -27.64 -19.78 3.84
CA VAL D 473 -26.70 -20.43 2.92
C VAL D 473 -25.26 -20.18 3.38
N ASN D 474 -24.94 -18.92 3.70
CA ASN D 474 -23.59 -18.60 4.14
C ASN D 474 -23.26 -19.24 5.48
N ALA D 475 -24.26 -19.40 6.36
CA ALA D 475 -24.01 -19.96 7.69
C ALA D 475 -23.56 -21.40 7.64
N THR D 476 -23.86 -22.13 6.56
CA THR D 476 -23.42 -23.51 6.45
C THR D 476 -21.91 -23.64 6.37
N GLY D 477 -21.22 -22.59 5.95
CA GLY D 477 -19.81 -22.69 5.63
C GLY D 477 -19.50 -23.40 4.33
N SER D 478 -20.51 -23.91 3.64
CA SER D 478 -20.27 -24.64 2.40
C SER D 478 -19.77 -23.71 1.30
N VAL D 479 -20.38 -22.52 1.20
CA VAL D 479 -20.06 -21.54 0.19
C VAL D 479 -20.11 -20.17 0.85
N TYR D 480 -19.76 -19.13 0.08
CA TYR D 480 -19.84 -17.78 0.60
C TYR D 480 -20.16 -16.82 -0.53
N MET D 481 -21.27 -16.10 -0.41
CA MET D 481 -21.65 -15.05 -1.33
C MET D 481 -22.10 -13.84 -0.53
N THR D 482 -21.87 -12.66 -1.08
CA THR D 482 -22.38 -11.42 -0.51
C THR D 482 -23.51 -10.89 -1.38
N HIS D 483 -24.12 -9.81 -0.93
CA HIS D 483 -25.32 -9.26 -1.55
C HIS D 483 -25.10 -7.81 -1.91
N ALA D 484 -26.10 -7.24 -2.59
CA ALA D 484 -26.14 -5.82 -2.87
C ALA D 484 -27.60 -5.40 -3.01
N VAL D 485 -27.86 -4.13 -2.73
CA VAL D 485 -29.18 -3.54 -2.93
C VAL D 485 -29.04 -2.50 -4.03
N VAL D 486 -29.60 -2.80 -5.20
CA VAL D 486 -29.51 -1.95 -6.37
C VAL D 486 -30.92 -1.65 -6.85
N GLY D 487 -31.25 -0.36 -6.95
CA GLY D 487 -32.61 0.02 -7.32
C GLY D 487 -33.65 -0.44 -6.34
N GLY D 488 -33.27 -0.59 -5.07
CA GLY D 488 -34.17 -1.08 -4.05
C GLY D 488 -34.34 -2.58 -3.99
N VAL D 489 -33.68 -3.33 -4.87
CA VAL D 489 -33.83 -4.78 -4.94
C VAL D 489 -32.65 -5.43 -4.26
N TYR D 490 -32.93 -6.23 -3.24
CA TYR D 490 -31.91 -7.06 -2.60
C TYR D 490 -31.49 -8.17 -3.55
N MET D 491 -30.22 -8.16 -3.96
CA MET D 491 -29.70 -9.13 -4.92
C MET D 491 -28.58 -9.94 -4.30
N ILE D 492 -28.51 -11.22 -4.65
CA ILE D 492 -27.39 -12.07 -4.30
C ILE D 492 -26.37 -12.01 -5.43
N ARG D 493 -25.10 -11.79 -5.07
CA ARG D 493 -24.01 -11.77 -6.03
C ARG D 493 -23.29 -13.11 -6.04
N PHE D 494 -22.98 -13.60 -7.23
CA PHE D 494 -22.21 -14.83 -7.42
C PHE D 494 -21.01 -14.50 -8.30
N ALA D 495 -19.87 -14.22 -7.69
CA ALA D 495 -18.68 -13.75 -8.40
C ALA D 495 -17.68 -14.91 -8.49
N VAL D 496 -17.65 -15.55 -9.65
CA VAL D 496 -16.76 -16.68 -9.92
C VAL D 496 -15.39 -16.12 -10.26
N GLY D 497 -14.47 -16.11 -9.31
CA GLY D 497 -13.10 -15.81 -9.69
C GLY D 497 -11.96 -16.46 -8.94
N SER D 498 -12.23 -17.27 -7.92
CA SER D 498 -11.14 -17.88 -7.17
C SER D 498 -10.37 -18.83 -8.07
N THR D 499 -9.04 -18.72 -8.04
CA THR D 499 -8.21 -19.47 -8.98
C THR D 499 -8.47 -20.97 -8.89
N LEU D 500 -8.68 -21.47 -7.67
CA LEU D 500 -8.93 -22.89 -7.48
C LEU D 500 -10.34 -23.31 -7.91
N THR D 501 -11.24 -22.37 -8.14
CA THR D 501 -12.62 -22.72 -8.47
C THR D 501 -12.69 -23.44 -9.81
N GLU D 502 -13.31 -24.61 -9.81
CA GLU D 502 -13.59 -25.38 -11.01
C GLU D 502 -15.10 -25.48 -11.20
N GLU D 503 -15.51 -26.12 -12.30
CA GLU D 503 -16.95 -26.22 -12.60
C GLU D 503 -17.68 -27.03 -11.55
N ARG D 504 -17.02 -28.06 -10.98
CA ARG D 504 -17.68 -28.88 -9.97
C ARG D 504 -18.03 -28.06 -8.73
N HIS D 505 -17.26 -27.00 -8.44
CA HIS D 505 -17.57 -26.16 -7.30
C HIS D 505 -18.79 -25.27 -7.58
N VAL D 506 -18.85 -24.68 -8.78
CA VAL D 506 -19.99 -23.84 -9.14
C VAL D 506 -21.26 -24.67 -9.19
N ILE D 507 -21.19 -25.88 -9.76
CA ILE D 507 -22.33 -26.78 -9.75
C ILE D 507 -22.72 -27.14 -8.33
N TYR D 508 -21.72 -27.35 -7.47
CA TYR D 508 -22.00 -27.67 -6.07
C TYR D 508 -22.68 -26.51 -5.36
N ALA D 509 -22.20 -25.28 -5.60
CA ALA D 509 -22.84 -24.11 -5.01
C ALA D 509 -24.28 -23.98 -5.47
N TRP D 510 -24.54 -24.25 -6.74
CA TRP D 510 -25.90 -24.21 -7.26
C TRP D 510 -26.77 -25.28 -6.62
N LYS D 511 -26.19 -26.44 -6.30
CA LYS D 511 -26.93 -27.47 -5.58
C LYS D 511 -27.29 -27.00 -4.18
N ILE D 512 -26.37 -26.31 -3.50
CA ILE D 512 -26.64 -25.79 -2.17
C ILE D 512 -27.78 -24.77 -2.21
N LEU D 513 -27.74 -23.88 -3.21
CA LEU D 513 -28.78 -22.85 -3.31
C LEU D 513 -30.15 -23.49 -3.59
N GLN D 514 -30.17 -24.55 -4.40
CA GLN D 514 -31.44 -25.19 -4.71
C GLN D 514 -32.02 -25.92 -3.49
N GLU D 515 -31.17 -26.63 -2.75
CA GLU D 515 -31.64 -27.33 -1.56
C GLU D 515 -32.18 -26.36 -0.53
N HIS D 516 -31.53 -25.20 -0.38
CA HIS D 516 -32.02 -24.21 0.57
C HIS D 516 -33.29 -23.53 0.07
N ALA D 517 -33.40 -23.33 -1.25
CA ALA D 517 -34.65 -22.81 -1.80
C ALA D 517 -35.80 -23.77 -1.55
N ASP D 518 -35.53 -25.08 -1.63
CA ASP D 518 -36.55 -26.07 -1.30
C ASP D 518 -37.00 -25.94 0.15
N LEU D 519 -36.06 -25.73 1.06
CA LEU D 519 -36.40 -25.64 2.47
C LEU D 519 -37.18 -24.36 2.78
N ILE D 520 -36.68 -23.22 2.32
CA ILE D 520 -37.32 -21.94 2.65
C ILE D 520 -38.71 -21.85 2.02
N LEU D 521 -38.83 -22.22 0.75
CA LEU D 521 -40.11 -22.11 0.07
C LEU D 521 -41.07 -23.25 0.40
N GLY D 522 -40.56 -24.38 0.88
CA GLY D 522 -41.43 -25.50 1.19
C GLY D 522 -42.41 -25.18 2.30
N LYS D 523 -41.97 -24.42 3.29
CA LYS D 523 -42.81 -23.99 4.40
C LYS D 523 -43.02 -22.47 4.39
N PHE D 524 -43.11 -21.89 3.19
CA PHE D 524 -43.18 -20.45 3.07
C PHE D 524 -44.50 -19.92 3.65
N SER D 525 -44.39 -18.88 4.47
CA SER D 525 -45.53 -18.09 4.91
C SER D 525 -45.12 -16.63 4.84
N GLU D 526 -45.86 -15.83 4.09
CA GLU D 526 -45.48 -14.42 3.93
C GLU D 526 -45.58 -13.64 5.23
N ALA D 527 -46.23 -14.19 6.26
CA ALA D 527 -46.18 -13.58 7.58
C ALA D 527 -44.83 -13.78 8.26
N ASP D 528 -44.05 -14.78 7.84
CA ASP D 528 -42.73 -15.01 8.41
C ASP D 528 -41.69 -14.02 7.93
N PHE D 529 -41.96 -13.32 6.82
CA PHE D 529 -41.02 -12.34 6.27
C PHE D 529 -41.62 -10.94 6.25
N SER D 530 -42.69 -10.70 7.01
CA SER D 530 -43.34 -9.40 7.09
C SER D 530 -42.91 -8.62 8.33
N SER D 531 -41.68 -8.83 8.79
CA SER D 531 -41.20 -8.19 10.02
C SER D 531 -39.94 -7.38 9.78
N THR E 19 27.86 9.15 -61.64
CA THR E 19 28.58 10.38 -61.96
C THR E 19 29.83 10.48 -61.09
N ASN E 20 30.83 11.17 -61.62
CA ASN E 20 32.12 11.29 -60.95
C ASN E 20 31.96 11.94 -59.57
N PRO E 21 32.65 11.43 -58.54
CA PRO E 21 32.59 12.09 -57.23
C PRO E 21 33.06 13.53 -57.24
N LEU E 22 34.05 13.86 -58.07
CA LEU E 22 34.55 15.22 -58.20
C LEU E 22 33.95 15.95 -59.39
N ASP E 23 32.84 15.45 -59.93
CA ASP E 23 32.23 16.07 -61.11
C ASP E 23 31.81 17.50 -60.79
N PRO E 24 32.21 18.48 -61.61
CA PRO E 24 31.88 19.87 -61.29
C PRO E 24 30.41 20.20 -61.41
N GLU E 25 29.64 19.41 -62.18
CA GLU E 25 28.23 19.72 -62.37
C GLU E 25 27.41 19.32 -61.15
N GLU E 26 27.70 18.17 -60.56
CA GLU E 26 27.05 17.80 -59.30
C GLU E 26 27.63 18.59 -58.13
N PHE E 27 28.91 18.96 -58.20
CA PHE E 27 29.49 19.81 -57.16
C PHE E 27 28.79 21.16 -57.12
N ARG E 28 28.57 21.77 -58.28
CA ARG E 28 27.77 22.98 -58.33
C ARG E 28 26.33 22.70 -57.94
N ARG E 29 25.76 21.61 -58.45
CA ARG E 29 24.39 21.25 -58.14
C ARG E 29 24.20 21.14 -56.62
N GLN E 30 24.94 20.23 -55.98
CA GLN E 30 24.83 20.07 -54.54
C GLN E 30 25.34 21.29 -53.79
N GLY E 31 26.50 21.82 -54.20
CA GLY E 31 27.07 22.98 -53.52
C GLY E 31 26.08 24.10 -53.34
N HIS E 32 25.27 24.38 -54.36
CA HIS E 32 24.32 25.48 -54.27
C HIS E 32 23.19 25.16 -53.29
N MET E 33 22.78 23.90 -53.21
CA MET E 33 21.67 23.59 -52.30
C MET E 33 22.13 23.23 -50.90
N ILE E 34 23.43 23.14 -50.64
CA ILE E 34 23.86 23.10 -49.25
C ILE E 34 24.02 24.52 -48.71
N ILE E 35 24.51 25.45 -49.55
CA ILE E 35 24.43 26.86 -49.19
C ILE E 35 22.99 27.29 -49.04
N ASP E 36 22.06 26.59 -49.69
CA ASP E 36 20.64 26.81 -49.45
C ASP E 36 20.28 26.52 -47.99
N PHE E 37 20.66 25.34 -47.50
CA PHE E 37 20.38 24.99 -46.11
C PHE E 37 21.09 25.95 -45.16
N LEU E 38 22.42 26.07 -45.32
CA LEU E 38 23.21 26.80 -44.34
C LEU E 38 22.76 28.25 -44.21
N ALA E 39 22.44 28.89 -45.32
CA ALA E 39 21.89 30.24 -45.25
C ALA E 39 20.55 30.25 -44.55
N ASP E 40 19.75 29.20 -44.75
CA ASP E 40 18.52 29.06 -44.00
C ASP E 40 18.78 28.71 -42.54
N TYR E 41 19.93 28.11 -42.23
CA TYR E 41 20.24 27.74 -40.85
C TYR E 41 20.40 28.98 -39.98
N TYR E 42 21.22 29.93 -40.43
CA TYR E 42 21.45 31.15 -39.65
C TYR E 42 20.19 31.99 -39.54
N ARG E 43 19.24 31.85 -40.48
CA ARG E 43 18.00 32.60 -40.39
C ARG E 43 17.13 32.12 -39.23
N ASP E 44 17.20 30.84 -38.87
CA ASP E 44 16.23 30.25 -37.96
C ASP E 44 16.89 29.33 -36.94
N VAL E 45 17.98 29.77 -36.32
CA VAL E 45 18.53 29.02 -35.19
C VAL E 45 17.91 29.45 -33.87
N GLU E 46 17.32 30.65 -33.81
CA GLU E 46 16.60 31.06 -32.61
C GLU E 46 15.38 30.19 -32.35
N LYS E 47 14.88 29.50 -33.37
CA LYS E 47 13.73 28.61 -33.21
C LYS E 47 14.12 27.26 -32.59
N TYR E 48 15.41 27.01 -32.37
CA TYR E 48 15.85 25.81 -31.69
C TYR E 48 16.33 26.13 -30.29
N PRO E 49 16.22 25.19 -29.35
CA PRO E 49 16.81 25.42 -28.02
C PRO E 49 18.31 25.55 -28.13
N VAL E 50 18.85 26.63 -27.54
CA VAL E 50 20.27 26.93 -27.67
C VAL E 50 21.09 25.73 -27.21
N ARG E 51 20.87 25.29 -25.98
CA ARG E 51 21.45 24.03 -25.53
C ARG E 51 20.53 22.88 -25.90
N SER E 52 21.11 21.85 -26.52
CA SER E 52 20.31 20.72 -27.00
C SER E 52 19.58 20.06 -25.84
N GLN E 53 18.32 19.68 -26.08
CA GLN E 53 17.47 19.04 -25.10
C GLN E 53 17.30 17.55 -25.36
N VAL E 54 18.12 17.00 -26.21
CA VAL E 54 18.04 15.62 -26.66
C VAL E 54 18.91 14.75 -25.78
N GLU E 55 18.44 13.50 -25.51
CA GLU E 55 19.01 12.60 -24.53
C GLU E 55 20.09 11.72 -25.14
N PRO E 56 21.00 11.18 -24.33
CA PRO E 56 22.03 10.29 -24.85
C PRO E 56 21.44 9.02 -25.45
N GLY E 57 22.16 8.44 -26.40
CA GLY E 57 21.74 7.21 -27.04
C GLY E 57 20.69 7.39 -28.12
N TYR E 58 20.29 8.61 -28.44
CA TYR E 58 19.27 8.92 -29.44
C TYR E 58 19.74 8.69 -30.86
N LEU E 59 20.87 8.04 -31.10
CA LEU E 59 21.58 8.11 -32.37
C LEU E 59 21.60 6.79 -33.13
N ARG E 60 22.16 5.75 -32.54
CA ARG E 60 22.54 4.57 -33.31
C ARG E 60 21.43 3.54 -33.42
N LYS E 61 20.32 3.71 -32.71
CA LYS E 61 19.15 2.87 -32.95
C LYS E 61 18.20 3.49 -33.95
N ARG E 62 18.16 4.83 -34.03
CA ARG E 62 17.46 5.49 -35.13
C ARG E 62 18.18 5.28 -36.45
N LEU E 63 19.51 5.36 -36.43
CA LEU E 63 20.32 5.07 -37.60
C LEU E 63 20.56 3.57 -37.72
N PRO E 64 20.82 3.08 -38.93
CA PRO E 64 21.07 1.65 -39.10
C PRO E 64 22.40 1.23 -38.48
N GLU E 65 22.49 -0.07 -38.19
CA GLU E 65 23.70 -0.63 -37.59
C GLU E 65 24.80 -0.86 -38.61
N THR E 66 24.48 -0.87 -39.90
CA THR E 66 25.43 -1.19 -40.95
C THR E 66 25.36 -0.11 -42.03
N ALA E 67 26.52 0.24 -42.59
CA ALA E 67 26.55 1.21 -43.66
C ALA E 67 25.69 0.75 -44.83
N PRO E 68 25.10 1.67 -45.58
CA PRO E 68 24.27 1.28 -46.72
C PRO E 68 25.15 0.77 -47.86
N TYR E 69 24.81 -0.41 -48.37
CA TYR E 69 25.59 -1.08 -49.40
C TYR E 69 25.20 -0.67 -50.81
N ASN E 70 24.52 0.47 -50.97
CA ASN E 70 24.19 1.00 -52.28
C ASN E 70 23.78 2.45 -52.12
N PRO E 71 23.95 3.27 -53.16
CA PRO E 71 23.88 4.73 -52.95
C PRO E 71 22.53 5.21 -52.45
N GLU E 72 22.57 6.39 -51.84
CA GLU E 72 21.40 7.13 -51.40
C GLU E 72 21.51 8.53 -51.97
N SER E 73 20.34 9.16 -52.19
CA SER E 73 20.29 10.49 -52.79
C SER E 73 20.83 11.51 -51.79
N ILE E 74 20.75 12.78 -52.15
CA ILE E 74 21.33 13.83 -51.33
C ILE E 74 20.19 14.51 -50.58
N GLU E 75 18.98 14.44 -51.14
CA GLU E 75 17.81 14.96 -50.43
C GLU E 75 17.38 14.04 -49.29
N THR E 76 17.59 12.72 -49.42
CA THR E 76 17.38 11.85 -48.27
C THR E 76 18.37 12.17 -47.16
N ILE E 77 19.62 12.47 -47.54
CA ILE E 77 20.67 12.70 -46.55
C ILE E 77 20.57 14.09 -45.96
N LEU E 78 20.26 15.09 -46.80
CA LEU E 78 20.14 16.46 -46.29
C LEU E 78 19.01 16.59 -45.28
N GLN E 79 17.85 16.00 -45.57
CA GLN E 79 16.77 16.00 -44.59
C GLN E 79 17.04 15.03 -43.44
N ASP E 80 17.90 14.03 -43.66
CA ASP E 80 18.38 13.22 -42.55
C ASP E 80 19.17 14.07 -41.56
N VAL E 81 19.83 15.12 -42.05
CA VAL E 81 20.50 16.07 -41.17
C VAL E 81 19.47 16.81 -40.31
N THR E 82 18.32 17.15 -40.90
CA THR E 82 17.30 17.90 -40.16
C THR E 82 16.68 17.05 -39.06
N THR E 83 16.44 15.77 -39.33
CA THR E 83 15.73 14.92 -38.38
C THR E 83 16.57 14.54 -37.17
N GLU E 84 17.89 14.53 -37.30
CA GLU E 84 18.75 14.09 -36.22
C GLU E 84 19.75 15.15 -35.76
N ILE E 85 20.51 15.74 -36.69
CA ILE E 85 21.71 16.49 -36.30
C ILE E 85 21.33 17.77 -35.55
N ILE E 86 20.49 18.61 -36.15
CA ILE E 86 20.12 19.87 -35.50
C ILE E 86 19.40 19.66 -34.18
N PRO E 87 18.52 18.65 -34.02
CA PRO E 87 18.00 18.35 -32.67
C PRO E 87 19.09 18.18 -31.64
N GLY E 88 20.01 17.25 -31.88
CA GLY E 88 21.11 17.02 -30.97
C GLY E 88 22.28 17.94 -31.21
N LEU E 89 22.00 19.24 -31.42
CA LEU E 89 23.04 20.22 -31.68
C LEU E 89 22.87 21.37 -30.70
N THR E 90 23.93 21.67 -29.95
CA THR E 90 23.99 22.84 -29.08
C THR E 90 24.61 23.97 -29.88
N HIS E 91 23.77 24.88 -30.37
CA HIS E 91 24.18 25.86 -31.37
C HIS E 91 25.02 26.95 -30.71
N TRP E 92 26.34 26.87 -30.88
CA TRP E 92 27.23 27.96 -30.48
C TRP E 92 27.01 29.20 -31.33
N GLN E 93 26.43 29.04 -32.53
CA GLN E 93 26.12 30.16 -33.42
C GLN E 93 24.82 30.86 -33.05
N SER E 94 23.97 30.21 -32.26
CA SER E 94 22.74 30.84 -31.81
C SER E 94 23.08 32.19 -31.17
N PRO E 95 22.41 33.28 -31.57
CA PRO E 95 22.69 34.58 -30.95
C PRO E 95 22.46 34.58 -29.46
N ASN E 96 21.86 33.53 -28.91
CA ASN E 96 21.67 33.36 -27.48
C ASN E 96 22.55 32.25 -26.92
N TYR E 97 23.74 32.06 -27.52
CA TYR E 97 24.76 31.17 -26.97
C TYR E 97 25.78 32.03 -26.24
N TYR E 98 25.81 31.92 -24.93
CA TYR E 98 26.70 32.66 -24.04
C TYR E 98 27.57 31.79 -23.19
N ALA E 99 27.75 30.56 -23.60
CA ALA E 99 28.55 29.64 -22.83
C ALA E 99 30.01 29.79 -23.13
N TYR E 100 30.82 29.11 -22.32
CA TYR E 100 32.28 29.07 -22.38
C TYR E 100 32.96 30.28 -22.94
N PHE E 101 33.37 30.17 -24.18
CA PHE E 101 33.97 31.26 -24.95
C PHE E 101 33.39 31.05 -26.35
N PRO E 102 33.10 32.10 -27.07
CA PRO E 102 32.40 31.99 -28.36
C PRO E 102 33.15 31.13 -29.36
N SER E 103 32.39 30.38 -30.15
CA SER E 103 32.91 29.72 -31.34
C SER E 103 32.73 30.70 -32.50
N SER E 104 33.59 31.70 -32.52
CA SER E 104 33.45 32.81 -33.44
C SER E 104 33.53 32.32 -34.88
N GLY E 105 32.71 32.91 -35.75
CA GLY E 105 32.69 32.52 -37.15
C GLY E 105 32.34 33.69 -38.04
N SER E 106 32.66 33.55 -39.32
CA SER E 106 32.35 34.57 -40.30
C SER E 106 32.16 33.92 -41.67
N VAL E 107 31.36 34.58 -42.50
CA VAL E 107 31.23 34.11 -43.86
C VAL E 107 32.52 34.33 -44.64
N ALA E 108 33.33 35.31 -44.25
CA ALA E 108 34.64 35.46 -44.88
C ALA E 108 35.56 34.30 -44.52
N GLY E 109 35.58 33.89 -43.26
CA GLY E 109 36.22 32.64 -42.91
C GLY E 109 35.48 31.43 -43.47
N PHE E 110 34.18 31.58 -43.69
CA PHE E 110 33.38 30.49 -44.26
C PHE E 110 33.78 30.22 -45.71
N LEU E 111 33.84 31.27 -46.54
CA LEU E 111 34.33 31.10 -47.90
C LEU E 111 35.85 30.93 -47.91
N GLY E 112 36.52 31.50 -46.91
CA GLY E 112 37.98 31.37 -46.85
C GLY E 112 38.44 29.92 -46.90
N GLU E 113 37.91 29.09 -45.99
CA GLU E 113 38.29 27.70 -45.93
C GLU E 113 37.45 26.80 -46.83
N MET E 114 36.33 27.31 -47.36
CA MET E 114 35.63 26.58 -48.42
C MET E 114 36.54 26.44 -49.63
N LEU E 115 37.29 27.49 -49.95
CA LEU E 115 38.30 27.41 -50.98
C LEU E 115 39.40 26.42 -50.58
N SER E 116 39.79 26.45 -49.30
CA SER E 116 40.84 25.55 -48.82
C SER E 116 40.46 24.09 -49.02
N THR E 117 39.36 23.66 -48.42
CA THR E 117 38.89 22.30 -48.66
C THR E 117 38.40 22.11 -50.08
N GLY E 118 38.00 23.19 -50.75
CA GLY E 118 37.81 23.11 -52.20
C GLY E 118 39.12 22.88 -52.93
N PHE E 119 40.19 23.54 -52.47
CA PHE E 119 41.51 23.27 -53.00
C PHE E 119 41.97 21.86 -52.64
N ASN E 120 41.68 21.42 -51.41
CA ASN E 120 41.93 20.05 -50.96
C ASN E 120 43.37 19.62 -51.27
N VAL E 121 44.31 20.31 -50.64
CA VAL E 121 45.72 20.24 -51.01
C VAL E 121 46.55 19.91 -49.77
N VAL E 122 47.35 18.84 -49.88
CA VAL E 122 48.30 18.48 -48.84
C VAL E 122 49.40 19.54 -48.74
N GLY E 123 49.66 20.00 -47.52
CA GLY E 123 50.70 20.98 -47.31
C GLY E 123 51.99 20.39 -46.76
N PHE E 124 52.36 19.21 -47.26
CA PHE E 124 53.53 18.49 -46.76
C PHE E 124 54.79 19.35 -46.85
N ASN E 125 55.16 19.75 -48.07
CA ASN E 125 56.36 20.54 -48.31
C ASN E 125 56.00 21.77 -49.13
N TRP E 126 57.00 22.62 -49.37
CA TRP E 126 56.78 23.84 -50.14
C TRP E 126 56.39 23.52 -51.58
N MET E 127 56.95 22.45 -52.14
CA MET E 127 56.73 22.08 -53.54
C MET E 127 55.26 21.82 -53.82
N SER E 128 54.44 21.90 -52.78
CA SER E 128 53.04 21.53 -52.82
C SER E 128 52.21 22.69 -52.27
N SER E 129 51.61 23.45 -53.18
CA SER E 129 50.90 24.69 -52.87
C SER E 129 51.79 25.66 -52.11
N PRO E 130 52.79 26.26 -52.77
CA PRO E 130 53.61 27.26 -52.09
C PRO E 130 52.82 28.43 -51.53
N ALA E 131 51.61 28.68 -52.04
CA ALA E 131 50.81 29.79 -51.54
C ALA E 131 50.26 29.54 -50.14
N ALA E 132 50.26 28.29 -49.68
CA ALA E 132 49.71 27.98 -48.36
C ALA E 132 50.65 28.46 -47.26
N THR E 133 51.96 28.25 -47.43
CA THR E 133 52.92 28.60 -46.38
C THR E 133 53.31 30.07 -46.45
N GLU E 134 53.47 30.60 -47.67
CA GLU E 134 53.85 32.00 -47.81
C GLU E 134 52.77 32.92 -47.27
N LEU E 135 51.50 32.64 -47.61
CA LEU E 135 50.42 33.42 -47.02
C LEU E 135 50.38 33.24 -45.51
N GLU E 136 50.70 32.05 -45.01
CA GLU E 136 50.65 31.81 -43.57
C GLU E 136 51.62 32.72 -42.82
N SER E 137 52.85 32.85 -43.33
CA SER E 137 53.83 33.69 -42.65
C SER E 137 53.45 35.16 -42.73
N VAL E 138 52.77 35.57 -43.79
CA VAL E 138 52.47 37.00 -43.92
C VAL E 138 51.19 37.36 -43.17
N VAL E 139 50.18 36.48 -43.13
CA VAL E 139 49.02 36.79 -42.30
C VAL E 139 49.45 36.91 -40.84
N MET E 140 50.40 36.07 -40.41
CA MET E 140 50.88 36.14 -39.04
C MET E 140 51.65 37.43 -38.80
N ASP E 141 52.26 38.00 -39.84
CA ASP E 141 52.85 39.32 -39.70
C ASP E 141 51.77 40.40 -39.69
N TRP E 142 50.72 40.23 -40.49
CA TRP E 142 49.58 41.15 -40.42
C TRP E 142 49.02 41.20 -39.01
N PHE E 143 48.56 40.04 -38.52
CA PHE E 143 47.98 39.97 -37.18
C PHE E 143 48.99 40.37 -36.11
N GLY E 144 50.26 40.02 -36.30
CA GLY E 144 51.28 40.43 -35.35
C GLY E 144 51.46 41.94 -35.30
N LYS E 145 51.53 42.59 -36.45
CA LYS E 145 51.59 44.04 -36.41
C LYS E 145 50.32 44.68 -35.93
N MET E 146 49.17 44.08 -36.26
CA MET E 146 47.90 44.58 -35.75
C MET E 146 47.88 44.58 -34.22
N LEU E 147 48.41 43.53 -33.62
CA LEU E 147 48.54 43.43 -32.17
C LEU E 147 49.65 44.32 -31.62
N ASN E 148 50.39 45.02 -32.48
CA ASN E 148 51.60 45.73 -32.10
C ASN E 148 52.50 44.82 -31.26
N LEU E 149 52.83 43.69 -31.84
CA LEU E 149 53.73 42.79 -31.15
C LEU E 149 55.13 42.99 -31.67
N PRO E 150 56.13 43.14 -30.79
CA PRO E 150 57.48 43.50 -31.24
C PRO E 150 57.99 42.55 -32.31
N GLU E 151 58.70 43.11 -33.30
CA GLU E 151 59.14 42.32 -34.44
C GLU E 151 60.15 41.24 -34.06
N SER E 152 60.55 41.14 -32.79
CA SER E 152 61.22 39.94 -32.32
C SER E 152 60.33 38.72 -32.48
N PHE E 153 59.03 38.92 -32.69
CA PHE E 153 58.09 37.83 -32.95
C PHE E 153 57.74 37.68 -34.43
N LEU E 154 58.03 38.67 -35.26
CA LEU E 154 57.57 38.66 -36.64
C LEU E 154 58.66 38.13 -37.57
N PHE E 155 58.23 37.70 -38.76
CA PHE E 155 59.16 37.17 -39.74
C PHE E 155 60.05 38.27 -40.32
N SER E 156 59.54 39.49 -40.40
CA SER E 156 60.39 40.62 -40.77
C SER E 156 61.52 40.83 -39.78
N GLY E 157 61.47 40.21 -38.60
CA GLY E 157 62.58 40.23 -37.67
C GLY E 157 63.08 38.85 -37.30
N SER E 158 63.36 38.66 -36.03
CA SER E 158 63.94 37.38 -35.64
C SER E 158 62.92 36.25 -35.55
N GLY E 159 61.70 36.52 -35.15
CA GLY E 159 60.73 35.50 -34.88
C GLY E 159 59.88 35.07 -36.06
N GLY E 160 58.75 34.44 -35.74
CA GLY E 160 57.85 33.96 -36.77
C GLY E 160 56.52 33.58 -36.18
N GLY E 161 55.61 33.15 -37.06
CA GLY E 161 54.27 32.77 -36.65
C GLY E 161 53.81 31.58 -37.46
N VAL E 162 52.95 30.77 -36.83
CA VAL E 162 52.51 29.50 -37.38
C VAL E 162 51.04 29.28 -37.03
N LEU E 163 50.37 28.45 -37.85
CA LEU E 163 48.95 28.18 -37.72
C LEU E 163 48.72 26.70 -37.44
N GLN E 164 47.87 26.39 -36.48
CA GLN E 164 47.41 25.03 -36.24
C GLN E 164 46.02 25.08 -35.62
N GLY E 165 45.51 23.92 -35.21
CA GLY E 165 44.12 23.80 -34.81
C GLY E 165 43.78 24.34 -33.44
N THR E 166 44.37 23.76 -32.40
CA THR E 166 44.03 24.12 -31.03
C THR E 166 45.22 24.75 -30.33
N SER E 167 44.95 25.44 -29.22
CA SER E 167 46.01 26.03 -28.43
C SER E 167 46.88 24.95 -27.79
N CYS E 168 46.24 23.92 -27.23
CA CYS E 168 46.98 22.81 -26.63
C CYS E 168 47.98 22.22 -27.61
N GLU E 169 47.61 22.16 -28.89
CA GLU E 169 48.57 21.81 -29.93
C GLU E 169 49.78 22.74 -29.88
N ALA E 170 49.53 24.05 -29.93
CA ALA E 170 50.64 25.01 -29.88
C ALA E 170 51.37 24.93 -28.55
N ILE E 171 50.64 24.81 -27.44
CA ILE E 171 51.29 24.71 -26.13
C ILE E 171 52.09 23.42 -26.03
N LEU E 172 51.61 22.34 -26.65
CA LEU E 172 52.41 21.13 -26.73
C LEU E 172 53.70 21.39 -27.50
N CYS E 173 53.59 21.96 -28.69
CA CYS E 173 54.78 22.26 -29.49
C CYS E 173 55.70 23.23 -28.77
N THR E 174 55.14 24.27 -28.14
CA THR E 174 55.96 25.25 -27.44
C THR E 174 56.60 24.66 -26.19
N LEU E 175 56.02 23.62 -25.60
CA LEU E 175 56.64 22.98 -24.44
C LEU E 175 57.68 21.95 -24.85
N THR E 176 57.45 21.26 -25.97
CA THR E 176 58.49 20.41 -26.52
C THR E 176 59.71 21.22 -26.95
N ALA E 177 59.48 22.44 -27.45
CA ALA E 177 60.59 23.31 -27.83
C ALA E 177 61.41 23.72 -26.60
N ALA E 178 60.74 23.99 -25.48
CA ALA E 178 61.45 24.37 -24.26
C ALA E 178 62.07 23.18 -23.57
N ARG E 179 61.43 22.01 -23.64
CA ARG E 179 61.96 20.83 -22.96
C ARG E 179 63.23 20.34 -23.65
N ASP E 180 63.23 20.26 -24.98
CA ASP E 180 64.40 19.82 -25.69
C ASP E 180 65.56 20.81 -25.53
N ARG E 181 65.25 22.10 -25.51
CA ARG E 181 66.29 23.11 -25.32
C ARG E 181 67.03 22.90 -24.00
N LYS E 182 66.28 22.64 -22.93
CA LYS E 182 66.91 22.37 -21.64
C LYS E 182 67.63 21.02 -21.64
N LEU E 183 66.96 19.99 -22.17
CA LEU E 183 67.52 18.65 -22.12
C LEU E 183 68.68 18.46 -23.10
N ASN E 184 68.74 19.25 -24.18
CA ASN E 184 69.91 19.21 -25.04
C ASN E 184 71.16 19.75 -24.35
N LYS E 185 70.98 20.52 -23.27
CA LYS E 185 72.09 21.08 -22.51
C LYS E 185 72.53 20.16 -21.38
N ILE E 186 71.57 19.74 -20.54
CA ILE E 186 71.88 19.01 -19.32
C ILE E 186 71.70 17.51 -19.45
N GLY E 187 71.36 17.02 -20.63
CA GLY E 187 71.12 15.60 -20.82
C GLY E 187 69.66 15.24 -20.68
N ARG E 188 69.16 14.38 -21.56
CA ARG E 188 67.75 14.02 -21.57
C ARG E 188 67.35 13.07 -20.47
N GLU E 189 68.32 12.59 -19.67
CA GLU E 189 67.98 11.75 -18.52
C GLU E 189 67.26 12.52 -17.41
N HIS E 190 67.21 13.85 -17.51
CA HIS E 190 66.61 14.70 -16.48
C HIS E 190 65.21 15.16 -16.87
N ILE E 191 64.50 14.38 -17.68
CA ILE E 191 63.12 14.74 -18.03
C ILE E 191 62.22 14.63 -16.80
N GLY E 192 62.47 13.63 -15.94
CA GLY E 192 61.67 13.42 -14.75
C GLY E 192 61.84 14.44 -13.66
N ARG E 193 62.67 15.48 -13.87
CA ARG E 193 62.81 16.57 -12.92
C ARG E 193 62.36 17.92 -13.46
N LEU E 194 61.98 17.99 -14.74
CA LEU E 194 61.49 19.25 -15.29
C LEU E 194 60.10 19.55 -14.73
N VAL E 195 59.85 20.80 -14.33
CA VAL E 195 58.55 21.17 -13.80
C VAL E 195 57.96 22.27 -14.67
N VAL E 196 56.65 22.17 -14.92
CA VAL E 196 55.86 23.17 -15.64
C VAL E 196 54.99 23.88 -14.62
N TYR E 197 54.80 25.18 -14.80
CA TYR E 197 54.03 25.98 -13.87
C TYR E 197 52.84 26.64 -14.57
N GLY E 198 51.79 26.83 -13.79
CA GLY E 198 50.62 27.59 -14.20
C GLY E 198 49.84 27.98 -12.97
N SER E 199 48.86 28.85 -13.16
CA SER E 199 47.98 29.21 -12.06
C SER E 199 46.90 28.16 -11.89
N ASP E 200 46.14 28.27 -10.79
CA ASP E 200 44.98 27.43 -10.61
C ASP E 200 43.85 27.80 -11.58
N GLN E 201 43.94 28.96 -12.22
CA GLN E 201 42.98 29.37 -13.24
C GLN E 201 43.42 29.00 -14.65
N THR E 202 44.67 28.58 -14.83
CA THR E 202 45.17 28.28 -16.17
C THR E 202 44.41 27.12 -16.79
N HIS E 203 44.22 27.19 -18.11
CA HIS E 203 43.45 26.19 -18.83
C HIS E 203 44.08 24.81 -18.70
N CYS E 204 43.23 23.79 -18.79
CA CYS E 204 43.70 22.40 -18.71
C CYS E 204 44.57 22.00 -19.89
N ALA E 205 44.59 22.81 -20.96
CA ALA E 205 45.50 22.54 -22.08
C ALA E 205 46.95 22.53 -21.63
N LEU E 206 47.28 23.31 -20.60
CA LEU E 206 48.64 23.30 -20.07
C LEU E 206 48.98 21.95 -19.43
N GLN E 207 48.11 21.47 -18.54
CA GLN E 207 48.35 20.18 -17.90
C GLN E 207 48.37 19.03 -18.91
N LYS E 208 47.53 19.13 -19.95
CA LYS E 208 47.48 18.07 -20.95
C LYS E 208 48.76 18.00 -21.75
N ALA E 209 49.28 19.15 -22.18
CA ALA E 209 50.51 19.16 -22.97
C ALA E 209 51.68 18.59 -22.17
N ALA E 210 51.75 18.92 -20.88
CA ALA E 210 52.81 18.37 -20.03
C ALA E 210 52.71 16.86 -19.94
N GLN E 211 51.50 16.32 -19.86
CA GLN E 211 51.32 14.88 -19.85
C GLN E 211 51.83 14.25 -21.14
N VAL E 212 51.51 14.85 -22.29
CA VAL E 212 51.94 14.31 -23.57
C VAL E 212 53.45 14.47 -23.74
N ALA E 213 53.97 15.66 -23.44
CA ALA E 213 55.38 15.97 -23.66
C ALA E 213 56.32 15.20 -22.74
N GLY E 214 55.80 14.43 -21.78
CA GLY E 214 56.65 13.64 -20.90
C GLY E 214 56.95 14.26 -19.56
N ILE E 215 56.31 15.37 -19.20
CA ILE E 215 56.48 15.94 -17.87
C ILE E 215 55.89 14.98 -16.84
N ASN E 216 56.65 14.73 -15.78
CA ASN E 216 56.15 13.87 -14.72
C ASN E 216 54.92 14.51 -14.08
N PRO E 217 53.86 13.73 -13.82
CA PRO E 217 52.62 14.33 -13.29
C PRO E 217 52.83 15.09 -11.99
N LYS E 218 53.69 14.59 -11.11
CA LYS E 218 53.98 15.30 -9.86
C LYS E 218 54.72 16.62 -10.10
N ASN E 219 55.23 16.84 -11.30
CA ASN E 219 56.00 18.03 -11.62
C ASN E 219 55.16 19.12 -12.28
N PHE E 220 53.84 19.02 -12.18
CA PHE E 220 52.95 20.08 -12.65
C PHE E 220 52.50 20.91 -11.46
N ARG E 221 52.56 22.23 -11.61
CA ARG E 221 52.21 23.16 -10.54
C ARG E 221 50.98 23.96 -10.95
N ALA E 222 50.02 24.08 -10.02
CA ALA E 222 48.87 24.95 -10.18
C ALA E 222 48.94 25.95 -9.03
N ILE E 223 49.66 27.04 -9.25
CA ILE E 223 49.92 28.01 -8.20
C ILE E 223 48.61 28.70 -7.81
N LYS E 224 48.36 28.78 -6.50
CA LYS E 224 47.10 29.31 -6.01
C LYS E 224 47.03 30.81 -6.23
N THR E 225 45.91 31.27 -6.75
CA THR E 225 45.63 32.69 -6.95
C THR E 225 44.63 33.16 -5.90
N PHE E 226 44.65 34.47 -5.64
CA PHE E 226 43.87 35.06 -4.57
C PHE E 226 42.88 36.08 -5.12
N LYS E 227 41.86 36.37 -4.33
CA LYS E 227 40.82 37.31 -4.75
C LYS E 227 41.28 38.76 -4.68
N GLU E 228 42.34 39.05 -3.90
CA GLU E 228 42.84 40.42 -3.80
C GLU E 228 43.59 40.86 -5.05
N ASN E 229 44.16 39.92 -5.81
CA ASN E 229 44.72 40.20 -7.12
C ASN E 229 43.74 39.87 -8.23
N SER E 230 42.47 39.68 -7.90
CA SER E 230 41.44 39.27 -8.86
C SER E 230 41.83 37.99 -9.58
N PHE E 231 42.54 37.10 -8.87
CA PHE E 231 42.90 35.76 -9.33
C PHE E 231 43.92 35.77 -10.45
N GLY E 232 44.67 36.86 -10.61
CA GLY E 232 45.85 36.82 -11.45
C GLY E 232 47.05 36.29 -10.70
N LEU E 233 47.97 35.65 -11.43
CA LEU E 233 49.13 35.04 -10.79
C LEU E 233 50.06 36.12 -10.26
N SER E 234 50.49 35.96 -9.01
CA SER E 234 51.46 36.85 -8.41
C SER E 234 52.87 36.36 -8.72
N ALA E 235 53.75 37.28 -9.11
CA ALA E 235 55.13 36.90 -9.35
C ALA E 235 55.81 36.43 -8.08
N ALA E 236 55.47 37.05 -6.94
CA ALA E 236 56.07 36.66 -5.68
C ALA E 236 55.64 35.26 -5.27
N THR E 237 54.39 34.89 -5.57
CA THR E 237 53.94 33.52 -5.28
C THR E 237 54.59 32.52 -6.23
N LEU E 238 54.80 32.91 -7.48
CA LEU E 238 55.50 32.03 -8.41
C LEU E 238 56.93 31.78 -7.97
N ARG E 239 57.64 32.86 -7.61
CA ARG E 239 59.04 32.72 -7.19
C ARG E 239 59.16 31.83 -5.96
N GLU E 240 58.21 31.92 -5.04
CA GLU E 240 58.29 31.13 -3.81
C GLU E 240 58.19 29.64 -4.11
N VAL E 241 57.31 29.25 -5.02
CA VAL E 241 57.17 27.83 -5.34
C VAL E 241 58.34 27.35 -6.19
N ILE E 242 58.90 28.21 -7.06
CA ILE E 242 60.09 27.83 -7.81
C ILE E 242 61.23 27.47 -6.87
N LEU E 243 61.41 28.25 -5.81
CA LEU E 243 62.53 28.04 -4.91
C LEU E 243 62.39 26.75 -4.11
N GLU E 244 61.16 26.40 -3.72
CA GLU E 244 60.93 25.10 -3.11
C GLU E 244 61.22 23.96 -4.08
N ASP E 245 61.00 24.19 -5.37
CA ASP E 245 61.29 23.17 -6.37
C ASP E 245 62.79 22.98 -6.54
N ILE E 246 63.56 24.08 -6.57
CA ILE E 246 65.01 23.97 -6.61
C ILE E 246 65.52 23.34 -5.33
N GLU E 247 64.91 23.69 -4.19
CA GLU E 247 65.32 23.12 -2.91
C GLU E 247 65.19 21.60 -2.89
N ALA E 248 64.23 21.06 -3.65
CA ALA E 248 64.03 19.62 -3.74
C ALA E 248 64.71 19.00 -4.96
N GLY E 249 65.56 19.76 -5.63
CA GLY E 249 66.27 19.22 -6.79
C GLY E 249 65.43 19.09 -8.04
N LEU E 250 64.56 20.06 -8.31
CA LEU E 250 63.74 20.08 -9.51
C LEU E 250 64.15 21.25 -10.40
N ILE E 251 63.91 21.11 -11.70
CA ILE E 251 64.34 22.08 -12.70
C ILE E 251 63.13 22.87 -13.18
N PRO E 252 62.95 24.11 -12.77
CA PRO E 252 61.89 24.93 -13.37
C PRO E 252 62.13 25.12 -14.86
N LEU E 253 61.07 24.94 -15.65
CA LEU E 253 61.22 24.84 -17.09
C LEU E 253 60.31 25.80 -17.87
N PHE E 254 59.09 26.02 -17.39
CA PHE E 254 58.05 26.56 -18.26
C PHE E 254 56.93 27.14 -17.42
N VAL E 255 56.61 28.42 -17.63
CA VAL E 255 55.44 29.07 -17.05
C VAL E 255 54.53 29.51 -18.18
N CYS E 256 53.22 29.48 -17.91
CA CYS E 256 52.20 29.85 -18.89
C CYS E 256 51.28 30.90 -18.30
N PRO E 257 51.68 32.18 -18.36
CA PRO E 257 50.77 33.24 -17.95
C PRO E 257 49.59 33.35 -18.91
N THR E 258 48.45 33.76 -18.36
CA THR E 258 47.20 33.79 -19.11
C THR E 258 46.56 35.16 -19.05
N VAL E 259 46.17 35.67 -20.21
CA VAL E 259 45.37 36.88 -20.35
C VAL E 259 43.98 36.46 -20.77
N GLY E 260 43.01 36.57 -19.87
CA GLY E 260 41.67 36.07 -20.16
C GLY E 260 41.48 34.61 -19.83
N THR E 261 41.67 34.26 -18.56
CA THR E 261 41.50 32.88 -18.12
C THR E 261 40.07 32.39 -18.38
N THR E 262 39.87 31.09 -18.22
CA THR E 262 38.58 30.50 -18.58
C THR E 262 37.50 30.84 -17.56
N SER E 263 37.87 30.87 -16.28
CA SER E 263 36.87 30.94 -15.22
C SER E 263 36.46 32.37 -14.88
N SER E 264 37.42 33.21 -14.46
CA SER E 264 37.12 34.58 -14.08
C SER E 264 37.61 35.57 -15.12
N THR E 265 37.99 35.10 -16.32
CA THR E 265 38.70 35.86 -17.35
C THR E 265 39.71 36.81 -16.72
N ALA E 266 40.41 36.33 -15.69
CA ALA E 266 41.45 37.09 -15.03
C ALA E 266 42.70 37.15 -15.89
N VAL E 267 43.65 37.99 -15.46
CA VAL E 267 44.85 38.29 -16.23
C VAL E 267 46.07 38.13 -15.33
N ASP E 268 47.13 37.49 -15.86
CA ASP E 268 48.39 37.36 -15.14
C ASP E 268 49.37 38.39 -15.65
N PRO E 269 50.04 39.13 -14.76
CA PRO E 269 51.02 40.15 -15.19
C PRO E 269 52.23 39.50 -15.84
N ILE E 270 52.47 39.83 -17.11
CA ILE E 270 53.48 39.13 -17.89
C ILE E 270 54.89 39.55 -17.49
N SER E 271 55.15 40.87 -17.47
CA SER E 271 56.48 41.37 -17.15
C SER E 271 57.03 40.84 -15.83
N PRO E 272 56.32 40.96 -14.68
CA PRO E 272 56.92 40.46 -13.43
C PRO E 272 57.17 38.96 -13.44
N ILE E 273 56.35 38.20 -14.18
CA ILE E 273 56.59 36.77 -14.30
C ILE E 273 57.74 36.49 -15.25
N CYS E 274 57.91 37.31 -16.28
CA CYS E 274 59.10 37.20 -17.13
C CYS E 274 60.37 37.52 -16.36
N GLU E 275 60.29 38.42 -15.39
CA GLU E 275 61.45 38.73 -14.56
C GLU E 275 61.89 37.52 -13.77
N VAL E 276 60.95 36.85 -13.09
CA VAL E 276 61.30 35.66 -12.32
C VAL E 276 61.72 34.53 -13.23
N ALA E 277 61.01 34.35 -14.35
CA ALA E 277 61.35 33.26 -15.27
C ALA E 277 62.71 33.47 -15.93
N LYS E 278 63.13 34.73 -16.11
CA LYS E 278 64.49 35.00 -16.54
C LYS E 278 65.49 34.47 -15.52
N GLU E 279 65.26 34.81 -14.25
CA GLU E 279 66.23 34.47 -13.20
C GLU E 279 66.50 32.98 -13.12
N TYR E 280 65.54 32.15 -13.51
CA TYR E 280 65.66 30.71 -13.39
C TYR E 280 65.64 30.01 -14.74
N GLU E 281 65.94 30.73 -15.82
CA GLU E 281 66.11 30.17 -17.16
C GLU E 281 64.89 29.35 -17.58
N MET E 282 63.75 30.04 -17.69
CA MET E 282 62.48 29.39 -17.95
C MET E 282 61.81 29.98 -19.18
N TRP E 283 61.22 29.10 -19.99
CA TRP E 283 60.41 29.53 -21.12
C TRP E 283 59.10 30.13 -20.64
N VAL E 284 58.67 31.21 -21.27
CA VAL E 284 57.40 31.86 -20.97
C VAL E 284 56.54 31.80 -22.23
N HIS E 285 55.44 31.06 -22.15
CA HIS E 285 54.43 31.04 -23.20
C HIS E 285 53.19 31.76 -22.68
N VAL E 286 52.84 32.86 -23.33
CA VAL E 286 51.68 33.65 -22.93
C VAL E 286 50.44 33.04 -23.60
N ASP E 287 49.45 32.70 -22.79
CA ASP E 287 48.22 32.09 -23.27
C ASP E 287 47.13 33.16 -23.31
N ALA E 288 46.74 33.53 -24.53
CA ALA E 288 45.65 34.48 -24.75
C ALA E 288 44.71 33.96 -25.82
N ALA E 289 44.34 32.68 -25.69
CA ALA E 289 43.52 32.02 -26.70
C ALA E 289 42.26 32.81 -27.01
N TYR E 290 41.54 33.22 -25.97
CA TYR E 290 40.31 33.97 -26.17
C TYR E 290 40.55 35.49 -26.22
N ALA E 291 41.34 36.01 -25.29
CA ALA E 291 41.41 37.45 -25.06
C ALA E 291 42.48 38.17 -25.88
N GLY E 292 43.39 37.43 -26.52
CA GLY E 292 44.45 38.09 -27.26
C GLY E 292 43.97 38.86 -28.47
N SER E 293 42.90 38.37 -29.12
CA SER E 293 42.42 38.98 -30.35
C SER E 293 42.05 40.45 -30.17
N ALA E 294 41.53 40.82 -29.00
CA ALA E 294 41.07 42.18 -28.80
C ALA E 294 42.20 43.16 -28.57
N CYS E 295 43.40 42.67 -28.24
CA CYS E 295 44.53 43.54 -27.99
C CYS E 295 44.98 44.31 -29.21
N ILE E 296 44.36 44.09 -30.38
CA ILE E 296 44.62 44.93 -31.53
C ILE E 296 44.02 46.32 -31.39
N CYS E 297 43.17 46.55 -30.36
CA CYS E 297 42.66 47.88 -30.05
C CYS E 297 43.54 48.53 -29.01
N PRO E 298 43.90 49.81 -29.19
CA PRO E 298 44.93 50.42 -28.31
C PRO E 298 44.56 50.45 -26.84
N GLU E 299 43.29 50.60 -26.49
CA GLU E 299 42.93 50.53 -25.07
C GLU E 299 42.95 49.11 -24.54
N PHE E 300 43.06 48.10 -25.41
CA PHE E 300 43.20 46.72 -25.00
C PHE E 300 44.65 46.24 -25.01
N ARG E 301 45.54 46.98 -25.69
CA ARG E 301 46.91 46.51 -25.91
C ARG E 301 47.69 46.36 -24.63
N HIS E 302 47.38 47.16 -23.61
CA HIS E 302 48.13 47.11 -22.35
C HIS E 302 47.98 45.78 -21.64
N PHE E 303 46.94 45.01 -21.95
CA PHE E 303 46.70 43.75 -21.26
C PHE E 303 47.75 42.68 -21.60
N ILE E 304 48.48 42.85 -22.70
CA ILE E 304 49.55 41.92 -23.02
C ILE E 304 50.89 42.63 -22.88
N ASP E 305 50.97 43.61 -21.98
CA ASP E 305 52.24 44.25 -21.69
C ASP E 305 53.18 43.26 -21.01
N GLY E 306 54.42 43.20 -21.49
CA GLY E 306 55.39 42.24 -21.03
C GLY E 306 55.65 41.10 -21.99
N VAL E 307 54.84 40.99 -23.05
CA VAL E 307 55.03 39.95 -24.05
C VAL E 307 56.37 40.09 -24.75
N GLU E 308 57.00 41.26 -24.67
CA GLU E 308 58.31 41.46 -25.27
C GLU E 308 59.37 40.58 -24.62
N GLU E 309 59.16 40.14 -23.37
CA GLU E 309 60.11 39.29 -22.67
C GLU E 309 59.69 37.83 -22.65
N ALA E 310 58.66 37.46 -23.40
CA ALA E 310 58.17 36.10 -23.45
C ALA E 310 58.61 35.43 -24.75
N ASP E 311 58.78 34.11 -24.69
CA ASP E 311 59.34 33.38 -25.83
C ASP E 311 58.26 33.00 -26.84
N SER E 312 57.03 32.76 -26.41
CA SER E 312 55.96 32.38 -27.32
C SER E 312 54.64 32.98 -26.85
N PHE E 313 53.82 33.39 -27.82
CA PHE E 313 52.51 33.96 -27.56
C PHE E 313 51.50 33.29 -28.48
N SER E 314 50.34 32.95 -27.93
CA SER E 314 49.31 32.23 -28.66
C SER E 314 47.94 32.86 -28.44
N LEU E 315 47.13 32.89 -29.49
CA LEU E 315 45.72 33.24 -29.37
C LEU E 315 44.90 32.38 -30.32
N ASN E 316 43.74 31.96 -29.86
CA ASN E 316 42.78 31.23 -30.69
C ASN E 316 42.03 32.25 -31.54
N ALA E 317 42.33 32.29 -32.84
CA ALA E 317 41.59 33.17 -33.73
C ALA E 317 40.14 32.75 -33.89
N HIS E 318 39.81 31.50 -33.56
CA HIS E 318 38.46 31.00 -33.70
C HIS E 318 37.62 31.23 -32.44
N TRP E 320 37.71 34.40 -30.83
CA TRP E 320 37.29 35.79 -30.86
C TRP E 320 37.84 36.57 -32.05
N PHE E 321 38.04 35.91 -33.21
CA PHE E 321 38.44 36.66 -34.39
C PHE E 321 37.82 36.13 -35.68
N PHE E 322 36.60 35.60 -35.62
CA PHE E 322 35.76 35.43 -36.81
C PHE E 322 36.35 34.48 -37.84
N THR E 323 37.33 33.67 -37.46
CA THR E 323 37.73 32.54 -38.26
C THR E 323 36.86 31.34 -37.91
N THR E 324 36.64 30.48 -38.89
CA THR E 324 35.99 29.23 -38.56
C THR E 324 36.94 28.35 -37.76
N LEU E 325 36.39 27.61 -36.82
CA LEU E 325 37.16 26.62 -36.10
C LEU E 325 37.61 25.55 -37.09
N ASP E 326 38.91 25.25 -37.12
CA ASP E 326 39.88 25.79 -36.17
C ASP E 326 41.01 26.58 -36.86
N CYS E 327 41.53 27.59 -36.15
CA CYS E 327 42.73 28.31 -36.58
C CYS E 327 43.34 28.95 -35.34
N CYS E 328 44.40 28.35 -34.82
CA CYS E 328 45.14 28.88 -33.68
C CYS E 328 46.42 29.53 -34.17
N CYS E 329 46.70 30.74 -33.68
CA CYS E 329 47.83 31.52 -34.14
C CYS E 329 48.89 31.56 -33.05
N LEU E 330 50.08 31.03 -33.37
CA LEU E 330 51.21 31.01 -32.45
C LEU E 330 52.38 31.78 -33.06
N TRP E 331 52.98 32.65 -32.26
CA TRP E 331 54.17 33.40 -32.68
C TRP E 331 55.31 33.10 -31.72
N VAL E 332 56.50 32.90 -32.29
CA VAL E 332 57.67 32.52 -31.54
C VAL E 332 58.77 33.56 -31.76
N LYS E 333 59.55 33.79 -30.71
CA LYS E 333 60.82 34.50 -30.88
C LYS E 333 61.84 33.61 -31.57
N ASP E 334 61.78 32.30 -31.33
CA ASP E 334 62.85 31.37 -31.69
C ASP E 334 62.23 30.18 -32.41
N PRO E 335 61.90 30.32 -33.68
CA PRO E 335 61.42 29.15 -34.45
C PRO E 335 62.43 28.03 -34.55
N SER E 336 63.71 28.32 -34.32
CA SER E 336 64.73 27.28 -34.32
C SER E 336 64.44 26.21 -33.27
N ALA E 337 63.80 26.58 -32.17
CA ALA E 337 63.54 25.63 -31.10
C ALA E 337 62.45 24.63 -31.49
N LEU E 338 61.47 25.05 -32.28
CA LEU E 338 60.40 24.14 -32.69
C LEU E 338 60.92 23.12 -33.68
N VAL E 339 61.65 23.57 -34.70
CA VAL E 339 62.21 22.65 -35.69
C VAL E 339 63.15 21.66 -35.02
N LYS E 340 63.99 22.14 -34.10
CA LYS E 340 64.85 21.24 -33.34
C LYS E 340 64.04 20.21 -32.57
N ALA E 341 62.80 20.54 -32.20
CA ALA E 341 61.97 19.64 -31.42
C ALA E 341 61.04 18.79 -32.27
N LEU E 342 60.63 19.28 -33.44
CA LEU E 342 59.56 18.64 -34.19
C LEU E 342 59.98 18.05 -35.53
N SER E 343 61.18 18.35 -36.02
CA SER E 343 61.63 17.77 -37.28
C SER E 343 61.98 16.29 -37.09
N THR E 344 61.74 15.50 -38.12
CA THR E 344 62.23 14.13 -38.17
C THR E 344 63.56 14.02 -38.91
N ASN E 345 64.08 15.14 -39.41
CA ASN E 345 65.44 15.17 -39.94
C ASN E 345 66.43 14.87 -38.82
N PRO E 346 67.63 14.41 -39.16
CA PRO E 346 68.64 14.19 -38.12
C PRO E 346 68.96 15.48 -37.37
N GLU E 347 69.30 15.33 -36.09
CA GLU E 347 69.40 16.48 -35.20
C GLU E 347 70.47 17.46 -35.64
N TYR E 348 71.52 16.98 -36.31
CA TYR E 348 72.55 17.90 -36.79
C TYR E 348 72.06 18.74 -37.95
N LEU E 349 71.17 18.19 -38.79
CA LEU E 349 70.67 18.94 -39.93
C LEU E 349 69.75 20.07 -39.49
N ARG E 350 68.93 19.83 -38.46
CA ARG E 350 68.00 20.84 -37.97
C ARG E 350 68.73 22.09 -37.47
N VAL E 359 63.26 27.94 -47.98
CA VAL E 359 61.85 28.12 -47.68
C VAL E 359 61.50 27.52 -46.33
N VAL E 360 60.33 27.85 -45.81
CA VAL E 360 59.86 27.35 -44.53
C VAL E 360 59.19 26.01 -44.72
N ASP E 361 59.49 25.07 -43.82
CA ASP E 361 58.81 23.78 -43.75
C ASP E 361 57.98 23.81 -42.46
N TYR E 362 56.75 24.29 -42.57
CA TYR E 362 55.93 24.55 -41.38
C TYR E 362 55.61 23.29 -40.60
N LYS E 363 55.67 22.12 -41.22
CA LYS E 363 55.38 20.88 -40.50
C LYS E 363 56.41 20.60 -39.40
N ASP E 364 57.58 21.23 -39.48
CA ASP E 364 58.56 21.17 -38.41
C ASP E 364 58.32 22.23 -37.34
N TRP E 365 57.29 23.06 -37.50
CA TRP E 365 56.87 24.00 -36.48
C TRP E 365 55.71 23.49 -35.65
N GLN E 366 55.12 22.35 -36.00
CA GLN E 366 53.83 21.96 -35.46
C GLN E 366 53.69 20.45 -35.53
N ILE E 367 52.48 19.96 -35.23
CA ILE E 367 52.21 18.53 -35.18
C ILE E 367 52.00 17.96 -36.57
N ALA E 368 51.09 18.56 -37.33
CA ALA E 368 50.58 17.93 -38.54
C ALA E 368 51.64 17.86 -39.63
N LEU E 369 51.55 16.80 -40.44
CA LEU E 369 52.40 16.61 -41.62
C LEU E 369 51.64 16.88 -42.91
N SER E 370 50.46 16.29 -43.06
CA SER E 370 49.57 16.56 -44.17
C SER E 370 48.71 17.76 -43.80
N ARG E 371 49.29 18.95 -43.98
CA ARG E 371 48.69 20.17 -43.50
C ARG E 371 47.45 20.55 -44.32
N ARG E 372 46.56 21.30 -43.69
CA ARG E 372 45.39 21.86 -44.35
C ARG E 372 45.68 23.30 -44.73
N PHE E 373 45.08 23.75 -45.84
CA PHE E 373 45.34 25.08 -46.37
C PHE E 373 44.69 26.11 -45.45
N ARG E 374 45.29 26.31 -44.28
CA ARG E 374 44.68 27.03 -43.17
C ARG E 374 44.77 28.55 -43.32
N SER E 375 45.64 29.06 -44.21
CA SER E 375 45.90 30.49 -44.26
C SER E 375 44.74 31.29 -44.85
N LEU E 376 43.80 30.63 -45.55
CA LEU E 376 42.82 31.37 -46.34
C LEU E 376 41.76 32.04 -45.47
N LYS E 377 41.46 31.50 -44.29
CA LYS E 377 40.43 32.10 -43.45
C LYS E 377 40.88 33.45 -42.90
N LEU E 378 42.09 33.50 -42.35
CA LEU E 378 42.57 34.76 -41.76
C LEU E 378 42.85 35.81 -42.83
N TRP E 379 43.31 35.39 -44.00
CA TRP E 379 43.47 36.32 -45.12
C TRP E 379 42.14 36.92 -45.53
N MET E 380 41.12 36.07 -45.71
CA MET E 380 39.82 36.56 -46.12
C MET E 380 39.13 37.35 -45.02
N VAL E 381 39.40 37.03 -43.75
CA VAL E 381 38.80 37.78 -42.65
C VAL E 381 39.39 39.19 -42.60
N LEU E 382 40.72 39.30 -42.77
CA LEU E 382 41.37 40.59 -42.61
C LEU E 382 41.15 41.52 -43.79
N ARG E 383 40.93 40.98 -44.99
CA ARG E 383 40.74 41.82 -46.16
C ARG E 383 39.27 42.12 -46.45
N SER E 384 38.36 41.21 -46.07
CA SER E 384 36.93 41.45 -46.29
C SER E 384 36.41 42.56 -45.39
N TYR E 385 36.72 42.47 -44.11
CA TYR E 385 36.24 43.46 -43.14
C TYR E 385 37.25 44.58 -42.93
N GLY E 386 38.53 44.25 -42.76
CA GLY E 386 39.53 45.27 -42.58
C GLY E 386 39.87 45.49 -41.11
N VAL E 387 40.99 46.19 -40.89
CA VAL E 387 41.52 46.37 -39.55
C VAL E 387 40.51 47.12 -38.67
N THR E 388 39.87 48.15 -39.23
CA THR E 388 38.97 48.97 -38.42
C THR E 388 37.60 48.31 -38.23
N ASN E 389 37.18 47.43 -39.15
CA ASN E 389 35.93 46.71 -38.96
C ASN E 389 36.03 45.66 -37.85
N LEU E 390 37.25 45.18 -37.56
CA LEU E 390 37.41 44.17 -36.52
C LEU E 390 37.29 44.79 -35.13
N ARG E 391 37.89 45.94 -34.92
CA ARG E 391 37.69 46.68 -33.68
C ARG E 391 36.34 47.37 -33.64
N ASN E 392 35.51 47.18 -34.67
CA ASN E 392 34.08 47.47 -34.56
C ASN E 392 33.34 46.27 -33.99
N PHE E 393 33.60 45.08 -34.54
CA PHE E 393 32.90 43.87 -34.10
C PHE E 393 33.36 43.42 -32.72
N LEU E 394 34.64 43.62 -32.38
CA LEU E 394 35.13 43.00 -31.16
C LEU E 394 34.76 43.81 -29.93
N ARG E 395 34.82 45.14 -30.02
CA ARG E 395 34.25 45.97 -28.97
C ARG E 395 32.73 46.03 -29.07
N SER E 396 32.15 45.68 -30.23
CA SER E 396 30.72 45.38 -30.27
C SER E 396 30.38 44.30 -29.27
N HIS E 397 31.24 43.27 -29.18
CA HIS E 397 31.07 42.22 -28.19
C HIS E 397 31.37 42.70 -26.78
N VAL E 398 32.18 43.74 -26.62
CA VAL E 398 32.56 44.24 -25.30
C VAL E 398 31.56 45.23 -24.77
N LYS E 399 31.16 46.19 -25.58
CA LYS E 399 30.23 47.20 -25.10
C LYS E 399 28.94 46.59 -24.60
N MET E 400 28.53 45.45 -25.16
CA MET E 400 27.33 44.79 -24.68
C MET E 400 27.52 44.22 -23.28
N ALA E 401 28.75 43.83 -22.95
CA ALA E 401 29.01 43.25 -21.62
C ALA E 401 28.74 44.26 -20.51
N LYS E 402 29.14 45.52 -20.71
CA LYS E 402 28.93 46.52 -19.68
C LYS E 402 27.51 47.07 -19.68
N THR E 403 26.79 47.01 -20.80
CA THR E 403 25.37 47.30 -20.74
C THR E 403 24.62 46.15 -20.07
N PHE E 404 25.07 44.92 -20.28
CA PHE E 404 24.60 43.81 -19.45
C PHE E 404 25.07 43.99 -18.01
N GLU E 405 26.30 44.47 -17.81
CA GLU E 405 26.82 44.67 -16.47
C GLU E 405 26.05 45.77 -15.74
N GLY E 406 25.67 46.83 -16.45
CA GLY E 406 24.92 47.91 -15.83
C GLY E 406 23.56 47.46 -15.34
N LEU E 407 22.90 46.57 -16.09
CA LEU E 407 21.61 46.06 -15.66
C LEU E 407 21.74 45.30 -14.34
N ILE E 408 22.78 44.49 -14.22
CA ILE E 408 22.99 43.71 -13.00
C ILE E 408 23.20 44.62 -11.80
N CYS E 409 24.01 45.67 -11.97
CA CYS E 409 24.44 46.47 -10.84
C CYS E 409 23.29 47.24 -10.20
N MET E 410 22.22 47.52 -10.93
CA MET E 410 21.08 48.25 -10.36
C MET E 410 19.98 47.34 -9.83
N ASP E 411 20.05 46.03 -10.10
CA ASP E 411 19.21 45.06 -9.41
C ASP E 411 19.96 44.60 -8.17
N GLY E 412 19.43 44.93 -6.99
CA GLY E 412 20.07 44.63 -5.74
C GLY E 412 20.07 43.18 -5.32
N ARG E 413 19.55 42.27 -6.16
CA ARG E 413 19.56 40.85 -5.87
C ARG E 413 20.65 40.10 -6.61
N PHE E 414 21.35 40.75 -7.53
CA PHE E 414 22.49 40.17 -8.22
C PHE E 414 23.76 40.88 -7.79
N GLU E 415 24.91 40.34 -8.21
CA GLU E 415 26.18 40.81 -7.73
C GLU E 415 27.26 40.54 -8.77
N ILE E 416 28.09 41.55 -9.03
CA ILE E 416 29.28 41.36 -9.87
C ILE E 416 30.38 40.78 -9.00
N THR E 417 30.81 39.56 -9.31
CA THR E 417 31.73 38.82 -8.44
C THR E 417 33.17 39.27 -8.64
N VAL E 418 33.65 39.29 -9.87
CA VAL E 418 35.03 39.68 -10.16
C VAL E 418 35.02 40.66 -11.33
N PRO E 419 36.06 41.49 -11.45
CA PRO E 419 36.03 42.56 -12.46
C PRO E 419 35.91 42.02 -13.89
N ARG E 420 35.16 42.75 -14.71
CA ARG E 420 35.00 42.43 -16.12
C ARG E 420 36.18 42.98 -16.91
N THR E 421 36.83 42.12 -17.70
CA THR E 421 38.05 42.48 -18.41
C THR E 421 37.85 42.56 -19.92
N PHE E 422 37.43 41.48 -20.58
CA PHE E 422 37.16 41.48 -22.02
C PHE E 422 35.80 40.85 -22.27
N ALA E 423 34.74 41.66 -22.31
CA ALA E 423 33.46 41.23 -22.85
C ALA E 423 32.96 39.95 -22.18
N MET E 424 33.17 39.83 -20.88
CA MET E 424 32.55 38.73 -20.15
C MET E 424 32.35 39.17 -18.71
N VAL E 425 31.10 39.10 -18.27
CA VAL E 425 30.70 39.52 -16.94
C VAL E 425 30.42 38.28 -16.10
N CYS E 426 31.06 38.19 -14.95
CA CYS E 426 30.80 37.14 -13.98
C CYS E 426 29.86 37.68 -12.91
N PHE E 427 28.81 36.92 -12.60
CA PHE E 427 27.76 37.38 -11.72
C PHE E 427 27.11 36.20 -11.03
N ARG E 428 26.22 36.50 -10.09
CA ARG E 428 25.52 35.45 -9.36
C ARG E 428 24.30 36.06 -8.67
N LEU E 429 23.25 35.25 -8.57
CA LEU E 429 22.08 35.65 -7.79
C LEU E 429 22.38 35.54 -6.31
N LEU E 430 21.75 36.41 -5.52
CA LEU E 430 22.05 36.40 -4.10
C LEU E 430 20.85 35.93 -3.29
N PRO E 431 21.09 35.18 -2.21
CA PRO E 431 19.99 34.78 -1.34
C PRO E 431 19.50 35.96 -0.52
N PRO E 432 18.21 36.00 -0.17
CA PRO E 432 17.63 37.12 0.58
C PRO E 432 18.24 37.28 1.97
N GLU E 457 29.08 28.27 4.93
CA GLU E 457 27.87 28.75 5.60
C GLU E 457 26.85 29.24 4.57
N ASN E 458 26.73 30.56 4.42
CA ASN E 458 25.87 31.14 3.40
C ASN E 458 26.46 30.96 2.00
N LEU E 459 27.78 30.74 1.90
CA LEU E 459 28.39 30.53 0.59
C LEU E 459 27.94 29.21 -0.01
N VAL E 460 27.90 28.15 0.81
CA VAL E 460 27.35 26.88 0.35
C VAL E 460 25.88 27.04 -0.03
N LEU E 461 25.15 27.87 0.73
CA LEU E 461 23.76 28.15 0.40
C LEU E 461 23.65 28.92 -0.90
N ALA E 462 24.43 30.00 -1.04
CA ALA E 462 24.37 30.81 -2.25
C ALA E 462 24.83 30.03 -3.47
N ASN E 463 25.83 29.17 -3.31
CA ASN E 463 26.36 28.40 -4.43
C ASN E 463 25.31 27.47 -5.01
N LYS E 464 24.56 26.77 -4.14
CA LYS E 464 23.55 25.84 -4.64
C LYS E 464 22.36 26.57 -5.25
N LEU E 465 21.98 27.72 -4.68
CA LEU E 465 20.88 28.50 -5.26
C LEU E 465 21.27 29.03 -6.63
N ASN E 466 22.53 29.40 -6.82
CA ASN E 466 23.00 29.79 -8.15
C ASN E 466 23.06 28.58 -9.08
N GLN E 467 23.39 27.41 -8.54
CA GLN E 467 23.40 26.20 -9.36
C GLN E 467 22.00 25.87 -9.87
N VAL E 468 21.04 25.77 -8.95
CA VAL E 468 19.67 25.45 -9.33
C VAL E 468 19.07 26.56 -10.19
N TYR E 469 19.42 27.82 -9.88
CA TYR E 469 18.93 28.95 -10.66
C TYR E 469 19.39 28.84 -12.11
N LEU E 470 20.70 28.69 -12.33
CA LEU E 470 21.26 28.75 -13.67
C LEU E 470 20.79 27.57 -14.51
N GLU E 471 20.84 26.36 -13.95
CA GLU E 471 20.46 25.17 -14.71
C GLU E 471 18.97 25.11 -15.00
N THR E 472 18.13 25.80 -14.22
CA THR E 472 16.74 25.96 -14.59
C THR E 472 16.57 27.04 -15.65
N VAL E 473 17.45 28.05 -15.65
CA VAL E 473 17.46 29.03 -16.72
C VAL E 473 17.96 28.38 -18.02
N ASN E 474 18.90 27.45 -17.92
CA ASN E 474 19.36 26.75 -19.11
C ASN E 474 18.35 25.72 -19.59
N ALA E 475 17.52 25.21 -18.68
CA ALA E 475 16.48 24.25 -19.06
C ALA E 475 15.50 24.83 -20.06
N THR E 476 15.39 26.15 -20.12
CA THR E 476 14.51 26.81 -21.09
C THR E 476 14.76 26.33 -22.51
N GLY E 477 16.02 26.14 -22.86
CA GLY E 477 16.42 26.19 -24.25
C GLY E 477 16.50 27.60 -24.81
N SER E 478 16.05 28.60 -24.05
CA SER E 478 16.16 29.98 -24.51
C SER E 478 17.60 30.34 -24.80
N VAL E 479 18.49 30.03 -23.86
CA VAL E 479 19.85 30.55 -23.81
C VAL E 479 20.74 29.54 -23.10
N TYR E 480 21.99 29.42 -23.53
CA TYR E 480 22.97 28.58 -22.87
C TYR E 480 24.03 29.44 -22.19
N MET E 481 24.35 29.09 -20.94
CA MET E 481 25.43 29.74 -20.19
C MET E 481 26.07 28.70 -19.29
N THR E 482 27.36 28.87 -19.02
CA THR E 482 28.09 28.00 -18.11
C THR E 482 28.59 28.81 -16.92
N HIS E 483 29.35 28.15 -16.05
CA HIS E 483 29.68 28.69 -14.75
C HIS E 483 31.13 28.35 -14.40
N ALA E 484 31.53 28.72 -13.19
CA ALA E 484 32.84 28.40 -12.65
C ALA E 484 32.79 28.59 -11.15
N VAL E 485 33.70 27.92 -10.45
CA VAL E 485 33.86 28.08 -9.01
C VAL E 485 35.26 28.65 -8.79
N VAL E 486 35.33 29.94 -8.50
CA VAL E 486 36.59 30.63 -8.26
C VAL E 486 36.53 31.28 -6.87
N GLY E 487 37.55 31.02 -6.06
CA GLY E 487 37.48 31.44 -4.68
C GLY E 487 36.41 30.75 -3.87
N GLY E 488 35.98 29.56 -4.31
CA GLY E 488 34.88 28.88 -3.66
C GLY E 488 33.53 29.48 -3.91
N VAL E 489 33.40 30.36 -4.90
CA VAL E 489 32.16 31.09 -5.16
C VAL E 489 31.62 30.62 -6.50
N TYR E 490 30.49 29.90 -6.46
CA TYR E 490 29.78 29.52 -7.68
C TYR E 490 29.32 30.79 -8.40
N MET E 491 29.89 31.04 -9.57
CA MET E 491 29.59 32.22 -10.37
C MET E 491 29.07 31.79 -11.73
N ILE E 492 28.20 32.61 -12.31
CA ILE E 492 27.69 32.37 -13.66
C ILE E 492 28.46 33.27 -14.61
N ARG E 493 28.92 32.70 -15.72
CA ARG E 493 29.70 33.42 -16.71
C ARG E 493 28.80 33.87 -17.85
N PHE E 494 29.00 35.11 -18.29
CA PHE E 494 28.30 35.65 -19.44
C PHE E 494 29.32 35.95 -20.53
N ALA E 495 29.63 34.94 -21.35
CA ALA E 495 30.58 35.09 -22.46
C ALA E 495 29.79 35.56 -23.67
N VAL E 496 29.82 36.86 -23.93
CA VAL E 496 28.95 37.46 -24.95
C VAL E 496 29.62 37.54 -26.31
N THR E 499 28.07 35.50 -32.90
CA THR E 499 27.54 35.41 -34.25
C THR E 499 26.56 36.55 -34.52
N LEU E 500 25.28 36.33 -34.19
CA LEU E 500 24.20 37.27 -34.46
C LEU E 500 23.83 38.09 -33.23
N THR E 501 24.77 38.25 -32.28
CA THR E 501 24.46 38.85 -30.99
C THR E 501 24.71 40.35 -31.06
N GLU E 502 23.64 41.12 -31.14
CA GLU E 502 23.64 42.55 -30.87
C GLU E 502 22.93 42.78 -29.54
N GLU E 503 22.81 44.06 -29.17
CA GLU E 503 22.21 44.41 -27.88
C GLU E 503 20.78 43.90 -27.75
N ARG E 504 20.12 43.57 -28.86
CA ARG E 504 18.75 43.07 -28.80
C ARG E 504 18.66 41.80 -27.96
N HIS E 505 19.66 40.93 -28.05
CA HIS E 505 19.64 39.65 -27.34
C HIS E 505 20.28 39.73 -25.97
N VAL E 506 20.88 40.87 -25.61
CA VAL E 506 21.44 41.03 -24.28
C VAL E 506 20.34 41.39 -23.29
N ILE E 507 19.47 42.34 -23.67
CA ILE E 507 18.36 42.72 -22.79
C ILE E 507 17.35 41.58 -22.67
N TYR E 508 17.08 40.89 -23.78
CA TYR E 508 16.19 39.74 -23.73
C TYR E 508 16.73 38.68 -22.80
N ALA E 509 18.05 38.46 -22.81
CA ALA E 509 18.65 37.48 -21.92
C ALA E 509 18.65 37.97 -20.47
N TRP E 510 18.72 39.28 -20.25
CA TRP E 510 18.79 39.80 -18.89
C TRP E 510 17.48 39.59 -18.14
N LYS E 511 16.36 39.93 -18.76
CA LYS E 511 15.09 39.82 -18.05
C LYS E 511 14.52 38.41 -18.07
N ILE E 512 15.04 37.52 -18.91
CA ILE E 512 14.77 36.10 -18.67
C ILE E 512 15.56 35.62 -17.46
N LEU E 513 16.77 36.14 -17.28
CA LEU E 513 17.54 35.80 -16.08
C LEU E 513 16.84 36.31 -14.82
N GLN E 514 16.29 37.53 -14.87
CA GLN E 514 15.58 38.06 -13.72
C GLN E 514 14.12 37.59 -13.67
N GLU E 515 13.61 37.02 -14.76
CA GLU E 515 12.33 36.32 -14.69
C GLU E 515 12.42 35.13 -13.74
N HIS E 516 13.45 34.30 -13.89
CA HIS E 516 13.64 33.17 -13.01
C HIS E 516 14.06 33.60 -11.61
N ALA E 517 14.82 34.69 -11.51
CA ALA E 517 15.09 35.27 -10.20
C ALA E 517 13.80 35.70 -9.51
N ASP E 518 12.85 36.22 -10.29
CA ASP E 518 11.56 36.60 -9.73
C ASP E 518 10.80 35.39 -9.19
N LEU E 519 10.92 34.23 -9.88
CA LEU E 519 10.13 33.06 -9.53
C LEU E 519 10.79 32.24 -8.44
N ILE E 520 12.10 31.98 -8.58
CA ILE E 520 12.80 31.17 -7.58
C ILE E 520 12.82 31.88 -6.24
N LEU E 521 13.21 33.16 -6.23
CA LEU E 521 13.22 33.91 -4.98
C LEU E 521 11.82 34.09 -4.43
N GLY E 522 10.80 34.08 -5.28
CA GLY E 522 9.43 34.21 -4.81
C GLY E 522 8.96 33.03 -3.99
N LYS E 523 9.46 31.83 -4.30
CA LYS E 523 9.17 30.63 -3.53
C LYS E 523 10.38 30.15 -2.74
N PHE E 524 11.34 31.04 -2.49
CA PHE E 524 12.59 30.64 -1.85
C PHE E 524 12.36 30.22 -0.41
N SER E 525 12.96 29.09 -0.04
CA SER E 525 13.11 28.68 1.35
C SER E 525 14.49 28.09 1.52
N GLU E 526 15.15 28.42 2.62
CA GLU E 526 16.53 27.97 2.82
C GLU E 526 16.62 26.45 2.88
N ALA E 527 15.55 25.78 3.30
CA ALA E 527 15.54 24.32 3.32
C ALA E 527 15.53 23.71 1.93
N ASP E 528 15.20 24.50 0.90
CA ASP E 528 15.22 24.00 -0.47
C ASP E 528 16.64 23.88 -1.02
N PHE E 529 17.62 24.57 -0.44
CA PHE E 529 18.99 24.57 -0.95
C PHE E 529 20.01 24.24 0.13
N SER E 530 19.58 23.62 1.22
CA SER E 530 20.46 23.31 2.35
C SER E 530 20.75 21.81 2.44
N SER E 531 20.90 21.15 1.30
CA SER E 531 21.25 19.73 1.26
C SER E 531 21.96 19.38 -0.03
N THR F 19 25.79 45.90 -40.69
CA THR F 19 25.41 44.58 -41.19
C THR F 19 26.24 43.49 -40.52
N ASN F 20 25.57 42.42 -40.10
CA ASN F 20 26.24 41.37 -39.34
C ASN F 20 27.24 40.62 -40.21
N PRO F 21 28.43 40.31 -39.69
CA PRO F 21 29.41 39.55 -40.47
C PRO F 21 28.96 38.14 -40.83
N LEU F 22 27.93 37.62 -40.17
CA LEU F 22 27.30 36.36 -40.56
C LEU F 22 25.85 36.60 -40.95
N ASP F 23 25.60 37.68 -41.68
CA ASP F 23 24.29 37.98 -42.24
C ASP F 23 23.85 36.81 -43.12
N PRO F 24 22.76 36.12 -42.77
CA PRO F 24 22.44 34.84 -43.43
C PRO F 24 22.30 34.94 -44.95
N GLU F 25 21.87 36.08 -45.48
CA GLU F 25 21.72 36.22 -46.93
C GLU F 25 22.94 36.83 -47.60
N GLU F 26 23.61 37.78 -46.94
CA GLU F 26 24.96 38.13 -47.37
C GLU F 26 25.87 36.91 -47.34
N PHE F 27 25.66 36.03 -46.36
CA PHE F 27 26.28 34.72 -46.34
C PHE F 27 25.86 33.91 -47.57
N ARG F 28 24.62 34.09 -48.02
CA ARG F 28 24.08 33.24 -49.09
C ARG F 28 24.66 33.62 -50.44
N ARG F 29 24.57 34.91 -50.82
CA ARG F 29 25.12 35.32 -52.10
C ARG F 29 26.61 35.02 -52.18
N GLN F 30 27.37 35.50 -51.18
CA GLN F 30 28.79 35.22 -51.13
C GLN F 30 29.06 33.73 -50.99
N GLY F 31 28.17 33.01 -50.31
CA GLY F 31 28.27 31.56 -50.31
C GLY F 31 28.08 30.96 -51.68
N HIS F 32 27.29 31.62 -52.53
CA HIS F 32 26.93 31.05 -53.81
C HIS F 32 27.96 31.33 -54.91
N MET F 33 28.74 32.41 -54.80
CA MET F 33 29.77 32.63 -55.80
C MET F 33 30.88 31.61 -55.70
N ILE F 34 31.27 31.25 -54.48
CA ILE F 34 32.34 30.28 -54.25
C ILE F 34 32.02 28.92 -54.84
N ILE F 35 30.73 28.61 -55.03
CA ILE F 35 30.35 27.32 -55.60
C ILE F 35 30.77 27.23 -57.06
N ASP F 36 30.27 28.17 -57.88
CA ASP F 36 30.69 28.21 -59.28
C ASP F 36 32.19 28.41 -59.40
N PHE F 37 32.75 29.35 -58.63
CA PHE F 37 34.16 29.66 -58.72
C PHE F 37 35.02 28.42 -58.52
N LEU F 38 34.68 27.59 -57.53
CA LEU F 38 35.36 26.31 -57.38
C LEU F 38 34.89 25.32 -58.43
N ALA F 39 33.59 25.28 -58.72
CA ALA F 39 33.10 24.42 -59.79
C ALA F 39 33.79 24.77 -61.12
N ASP F 40 34.09 26.05 -61.33
CA ASP F 40 34.93 26.44 -62.47
C ASP F 40 36.31 25.80 -62.36
N TYR F 41 36.89 25.83 -61.15
CA TYR F 41 38.21 25.25 -60.91
C TYR F 41 38.28 23.80 -61.41
N TYR F 42 37.27 22.99 -61.07
CA TYR F 42 37.37 21.55 -61.28
C TYR F 42 37.38 21.19 -62.76
N ARG F 43 36.59 21.87 -63.59
CA ARG F 43 36.67 21.61 -65.02
C ARG F 43 37.98 22.12 -65.61
N ASP F 44 38.58 23.15 -64.99
CA ASP F 44 39.85 23.70 -65.44
C ASP F 44 41.02 23.25 -64.57
N VAL F 45 41.04 22.00 -64.11
CA VAL F 45 42.18 21.59 -63.28
C VAL F 45 43.37 21.19 -64.15
N GLU F 46 43.14 20.44 -65.23
CA GLU F 46 44.25 20.08 -66.12
C GLU F 46 44.82 21.29 -66.83
N LYS F 47 44.17 22.45 -66.73
CA LYS F 47 44.68 23.75 -67.12
C LYS F 47 46.15 23.88 -66.75
N TYR F 48 46.44 23.64 -65.48
CA TYR F 48 47.74 23.86 -64.89
C TYR F 48 48.66 22.68 -65.15
N PRO F 49 49.97 22.89 -65.05
CA PRO F 49 50.88 21.74 -64.91
C PRO F 49 50.75 21.15 -63.51
N VAL F 50 51.04 19.85 -63.42
CA VAL F 50 50.83 19.14 -62.16
C VAL F 50 51.60 19.82 -61.02
N ARG F 51 52.84 20.21 -61.28
CA ARG F 51 53.69 20.85 -60.29
C ARG F 51 53.64 22.35 -60.46
N SER F 52 53.64 23.07 -59.35
CA SER F 52 53.73 24.53 -59.41
C SER F 52 55.08 24.93 -60.02
N GLN F 53 55.08 26.10 -60.68
CA GLN F 53 56.28 26.61 -61.31
C GLN F 53 56.67 27.98 -60.77
N VAL F 54 56.03 28.43 -59.68
CA VAL F 54 56.42 29.65 -59.00
C VAL F 54 57.73 29.40 -58.27
N GLU F 55 58.41 30.46 -57.86
CA GLU F 55 59.67 30.38 -57.15
C GLU F 55 59.54 31.00 -55.76
N PRO F 56 60.40 30.60 -54.82
CA PRO F 56 60.26 31.07 -53.43
C PRO F 56 60.31 32.58 -53.31
N GLY F 57 59.30 33.14 -52.66
CA GLY F 57 59.26 34.56 -52.34
C GLY F 57 58.30 35.39 -53.17
N TYR F 58 57.40 34.77 -53.93
CA TYR F 58 56.52 35.54 -54.80
C TYR F 58 55.45 36.26 -54.00
N LEU F 59 54.89 35.61 -52.98
CA LEU F 59 53.74 36.16 -52.27
C LEU F 59 54.13 37.36 -51.41
N ARG F 60 55.36 37.38 -50.91
CA ARG F 60 55.78 38.45 -50.01
C ARG F 60 55.77 39.80 -50.72
N LYS F 61 56.41 39.88 -51.88
CA LYS F 61 56.49 41.16 -52.60
C LYS F 61 55.20 41.52 -53.30
N ARG F 62 54.43 40.53 -53.75
CA ARG F 62 53.29 40.75 -54.62
C ARG F 62 52.00 41.05 -53.88
N LEU F 63 52.07 41.46 -52.62
CA LEU F 63 50.91 41.94 -51.88
C LEU F 63 51.41 42.68 -50.63
N PRO F 64 50.58 43.55 -50.06
CA PRO F 64 51.10 44.55 -49.11
C PRO F 64 51.74 43.95 -47.87
N GLU F 65 52.57 44.79 -47.24
CA GLU F 65 53.23 44.43 -45.98
C GLU F 65 52.25 44.46 -44.81
N THR F 66 51.19 45.26 -44.93
CA THR F 66 50.29 45.55 -43.82
C THR F 66 48.86 45.18 -44.20
N ALA F 67 48.09 44.69 -43.24
CA ALA F 67 46.69 44.38 -43.47
C ALA F 67 45.92 45.66 -43.80
N PRO F 68 44.90 45.56 -44.66
CA PRO F 68 44.15 46.76 -45.04
C PRO F 68 43.41 47.35 -43.85
N TYR F 69 43.51 48.68 -43.71
CA TYR F 69 42.91 49.39 -42.59
C TYR F 69 41.42 49.65 -42.77
N ASN F 70 40.86 49.35 -43.93
CA ASN F 70 39.46 49.58 -44.25
C ASN F 70 38.89 48.36 -44.95
N PRO F 71 37.56 48.25 -45.03
CA PRO F 71 36.96 47.16 -45.83
C PRO F 71 37.01 47.47 -47.31
N GLU F 72 37.28 46.45 -48.11
CA GLU F 72 37.21 46.56 -49.56
C GLU F 72 36.51 45.34 -50.13
N SER F 73 36.11 45.46 -51.40
CA SER F 73 35.19 44.52 -52.03
C SER F 73 35.59 43.07 -51.80
N ILE F 74 34.59 42.19 -51.78
CA ILE F 74 34.91 40.78 -51.64
C ILE F 74 35.23 40.15 -53.00
N GLU F 75 34.59 40.58 -54.08
CA GLU F 75 35.04 40.02 -55.36
C GLU F 75 36.42 40.58 -55.75
N THR F 76 36.84 41.69 -55.15
CA THR F 76 38.26 42.05 -55.17
C THR F 76 39.10 41.02 -54.42
N ILE F 77 38.53 40.33 -53.43
CA ILE F 77 39.25 39.36 -52.63
C ILE F 77 38.81 37.96 -53.07
N LEU F 78 38.40 37.83 -54.35
CA LEU F 78 38.10 36.48 -54.84
C LEU F 78 38.89 36.08 -56.07
N GLN F 79 39.12 36.99 -57.04
CA GLN F 79 40.01 36.69 -58.16
C GLN F 79 41.39 37.32 -58.03
N ASP F 80 41.67 37.99 -56.91
CA ASP F 80 43.06 38.16 -56.52
C ASP F 80 43.63 36.83 -56.03
N VAL F 81 42.75 35.91 -55.63
CA VAL F 81 43.14 34.51 -55.54
C VAL F 81 43.62 34.03 -56.90
N THR F 82 42.91 34.40 -57.97
CA THR F 82 43.43 34.14 -59.32
C THR F 82 44.68 34.97 -59.59
N THR F 83 44.82 36.14 -58.96
CA THR F 83 46.04 36.93 -59.08
C THR F 83 47.20 36.24 -58.37
N GLU F 84 46.98 35.78 -57.13
CA GLU F 84 48.09 35.39 -56.25
C GLU F 84 48.08 33.93 -55.87
N ILE F 85 46.98 33.42 -55.33
CA ILE F 85 47.02 32.10 -54.70
C ILE F 85 47.07 30.99 -55.76
N ILE F 86 46.11 30.98 -56.68
CA ILE F 86 46.01 29.92 -57.68
C ILE F 86 47.28 29.79 -58.52
N PRO F 87 48.06 30.87 -58.75
CA PRO F 87 49.40 30.65 -59.30
C PRO F 87 50.28 29.76 -58.43
N GLY F 88 50.26 29.94 -57.12
CA GLY F 88 51.16 29.19 -56.27
C GLY F 88 50.60 27.90 -55.70
N LEU F 89 50.01 27.06 -56.55
CA LEU F 89 49.38 25.82 -56.12
C LEU F 89 49.95 24.63 -56.91
N THR F 90 49.94 23.48 -56.25
CA THR F 90 50.32 22.19 -56.85
C THR F 90 49.18 21.21 -56.61
N HIS F 91 48.93 20.35 -57.59
CA HIS F 91 47.68 19.58 -57.62
C HIS F 91 47.95 18.09 -57.76
N TRP F 92 47.57 17.33 -56.73
CA TRP F 92 47.19 15.93 -56.85
C TRP F 92 45.70 15.79 -57.10
N GLN F 93 44.94 16.86 -56.90
CA GLN F 93 43.62 16.97 -57.51
C GLN F 93 43.69 16.67 -58.99
N SER F 94 44.88 16.82 -59.59
CA SER F 94 45.23 16.50 -60.96
C SER F 94 44.74 15.12 -61.37
N PRO F 95 44.34 14.94 -62.62
CA PRO F 95 44.10 13.59 -63.13
C PRO F 95 45.37 12.77 -63.30
N ASN F 96 46.40 13.36 -63.91
CA ASN F 96 47.63 12.66 -64.25
C ASN F 96 48.62 12.79 -63.09
N TYR F 97 48.67 11.82 -62.23
CA TYR F 97 49.53 11.92 -61.08
C TYR F 97 49.76 10.51 -60.64
N TYR F 98 51.00 10.19 -60.30
CA TYR F 98 51.35 8.85 -59.84
C TYR F 98 52.34 8.94 -58.74
N ALA F 99 52.51 10.11 -58.15
CA ALA F 99 53.48 10.31 -57.08
C ALA F 99 52.84 10.02 -55.74
N TYR F 100 53.64 10.21 -54.67
CA TYR F 100 53.26 10.06 -53.27
C TYR F 100 52.23 9.00 -53.04
N PHE F 101 51.06 9.44 -52.60
CA PHE F 101 49.77 8.79 -52.27
C PHE F 101 48.73 9.92 -52.49
N PRO F 102 47.48 9.60 -52.87
CA PRO F 102 46.46 10.57 -53.30
C PRO F 102 45.97 11.46 -52.16
N SER F 103 45.18 12.45 -52.54
CA SER F 103 44.48 13.36 -51.63
C SER F 103 43.00 13.33 -51.97
N SER F 104 42.44 12.11 -52.03
CA SER F 104 41.09 11.85 -52.49
C SER F 104 40.06 12.76 -51.84
N GLY F 105 39.33 13.52 -52.65
CA GLY F 105 38.26 14.36 -52.18
C GLY F 105 36.93 13.95 -52.76
N SER F 106 35.91 14.78 -52.61
CA SER F 106 34.57 14.50 -53.12
C SER F 106 33.72 15.75 -52.96
N VAL F 107 32.54 15.72 -53.57
CA VAL F 107 31.52 16.70 -53.21
C VAL F 107 30.80 16.26 -51.94
N ALA F 108 30.78 14.95 -51.67
CA ALA F 108 30.18 14.44 -50.44
C ALA F 108 30.95 14.93 -49.22
N GLY F 109 32.25 14.67 -49.18
CA GLY F 109 33.06 15.15 -48.07
C GLY F 109 33.18 16.65 -48.02
N PHE F 110 33.12 17.31 -49.18
CA PHE F 110 33.31 18.76 -49.24
C PHE F 110 32.26 19.48 -48.40
N LEU F 111 30.99 19.35 -48.78
CA LEU F 111 29.97 20.12 -48.09
C LEU F 111 29.73 19.58 -46.69
N GLY F 112 29.82 18.26 -46.52
CA GLY F 112 29.83 17.71 -45.17
C GLY F 112 30.75 18.48 -44.24
N GLU F 113 31.92 18.88 -44.74
CA GLU F 113 32.79 19.78 -43.99
C GLU F 113 32.19 21.15 -43.78
N MET F 114 31.37 21.61 -44.73
CA MET F 114 30.91 23.00 -44.71
C MET F 114 29.64 23.17 -43.89
N LEU F 115 28.78 22.15 -43.81
CA LEU F 115 27.80 22.12 -42.73
C LEU F 115 28.52 22.16 -41.39
N SER F 116 29.53 21.31 -41.23
CA SER F 116 30.39 21.37 -40.05
C SER F 116 30.93 22.78 -39.82
N THR F 117 31.53 23.37 -40.86
CA THR F 117 32.04 24.73 -40.75
C THR F 117 30.93 25.75 -40.60
N GLY F 118 29.74 25.45 -41.12
CA GLY F 118 28.60 26.33 -40.98
C GLY F 118 27.90 26.12 -39.64
N PHE F 119 27.83 24.86 -39.21
CA PHE F 119 27.33 24.56 -37.87
C PHE F 119 28.36 24.95 -36.81
N ASN F 120 29.64 24.98 -37.18
CA ASN F 120 30.71 25.67 -36.45
C ASN F 120 30.54 25.61 -34.93
N VAL F 121 30.45 24.39 -34.41
CA VAL F 121 30.27 24.19 -32.98
C VAL F 121 31.36 23.26 -32.45
N VAL F 122 31.75 23.49 -31.20
CA VAL F 122 32.89 22.81 -30.60
C VAL F 122 32.42 21.52 -29.95
N GLY F 123 32.98 20.39 -30.38
CA GLY F 123 32.68 19.12 -29.75
C GLY F 123 33.54 18.90 -28.52
N PHE F 124 33.68 19.95 -27.71
CA PHE F 124 34.52 19.89 -26.51
C PHE F 124 34.06 18.78 -25.58
N ASN F 125 32.75 18.66 -25.35
CA ASN F 125 32.19 17.56 -24.59
C ASN F 125 30.93 17.08 -25.30
N TRP F 126 30.17 16.21 -24.63
CA TRP F 126 28.96 15.68 -25.25
C TRP F 126 27.90 16.76 -25.41
N MET F 127 27.67 17.58 -24.38
CA MET F 127 26.50 18.43 -24.37
C MET F 127 26.63 19.67 -25.26
N SER F 128 27.84 20.11 -25.58
CA SER F 128 27.95 21.30 -26.41
C SER F 128 27.68 21.03 -27.89
N SER F 129 27.60 19.76 -28.30
CA SER F 129 26.85 19.34 -29.49
C SER F 129 26.72 17.81 -29.53
N PRO F 130 25.68 17.23 -28.90
CA PRO F 130 25.60 15.76 -28.80
C PRO F 130 25.80 15.03 -30.10
N ALA F 131 25.23 15.56 -31.18
CA ALA F 131 25.42 14.92 -32.48
C ALA F 131 26.89 14.76 -32.80
N ALA F 132 27.69 15.82 -32.58
CA ALA F 132 29.08 15.84 -33.04
C ALA F 132 29.87 14.63 -32.54
N THR F 133 29.58 14.14 -31.33
CA THR F 133 30.35 13.02 -30.80
C THR F 133 29.67 11.66 -31.03
N GLU F 134 28.36 11.63 -31.19
CA GLU F 134 27.65 10.37 -31.32
C GLU F 134 27.60 9.87 -32.75
N LEU F 135 27.50 10.76 -33.75
CA LEU F 135 27.60 10.30 -35.12
C LEU F 135 28.96 9.68 -35.41
N GLU F 136 29.99 10.08 -34.64
CA GLU F 136 31.35 9.63 -34.89
C GLU F 136 31.60 8.20 -34.44
N SER F 137 30.81 7.68 -33.50
CA SER F 137 30.98 6.30 -33.06
C SER F 137 30.21 5.32 -33.92
N VAL F 138 29.06 5.73 -34.48
CA VAL F 138 28.30 4.85 -35.36
C VAL F 138 28.93 4.76 -36.75
N VAL F 139 29.69 5.77 -37.18
CA VAL F 139 30.29 5.69 -38.51
C VAL F 139 31.46 4.72 -38.51
N MET F 140 32.22 4.64 -37.42
CA MET F 140 33.44 3.84 -37.42
C MET F 140 33.15 2.35 -37.47
N ASP F 141 32.05 1.91 -36.84
CA ASP F 141 31.67 0.50 -36.94
C ASP F 141 31.26 0.15 -38.36
N TRP F 142 30.63 1.08 -39.06
CA TRP F 142 30.27 0.87 -40.46
C TRP F 142 31.51 0.51 -41.27
N PHE F 143 32.51 1.41 -41.27
CA PHE F 143 33.77 1.12 -41.95
C PHE F 143 34.45 -0.10 -41.35
N GLY F 144 34.47 -0.20 -40.02
CA GLY F 144 35.20 -1.28 -39.36
C GLY F 144 34.74 -2.66 -39.82
N LYS F 145 33.42 -2.84 -39.97
CA LYS F 145 32.90 -4.13 -40.42
C LYS F 145 33.19 -4.37 -41.89
N MET F 146 33.35 -3.31 -42.69
CA MET F 146 33.76 -3.48 -44.08
C MET F 146 35.16 -4.07 -44.17
N LEU F 147 36.08 -3.60 -43.33
CA LEU F 147 37.44 -4.13 -43.25
C LEU F 147 37.49 -5.55 -42.73
N ASN F 148 36.34 -6.14 -42.38
CA ASN F 148 36.29 -7.40 -41.65
C ASN F 148 37.10 -7.32 -40.36
N LEU F 149 37.12 -6.13 -39.75
CA LEU F 149 37.77 -5.97 -38.46
C LEU F 149 37.00 -6.75 -37.40
N PRO F 150 37.69 -7.48 -36.54
CA PRO F 150 37.01 -8.20 -35.46
C PRO F 150 36.31 -7.24 -34.51
N GLU F 151 35.35 -7.77 -33.77
CA GLU F 151 34.63 -6.93 -32.80
C GLU F 151 35.50 -6.46 -31.65
N SER F 152 36.76 -6.92 -31.58
CA SER F 152 37.71 -6.38 -30.59
C SER F 152 37.91 -4.88 -30.77
N PHE F 153 37.80 -4.40 -32.00
CA PHE F 153 37.99 -2.97 -32.32
C PHE F 153 36.68 -2.20 -32.45
N LEU F 154 35.54 -2.88 -32.43
CA LEU F 154 34.27 -2.24 -32.75
C LEU F 154 33.54 -1.79 -31.49
N PHE F 155 32.93 -0.61 -31.57
CA PHE F 155 32.05 -0.13 -30.49
C PHE F 155 31.00 -1.16 -30.14
N SER F 156 30.55 -1.94 -31.13
CA SER F 156 29.60 -3.02 -30.88
C SER F 156 30.06 -3.90 -29.73
N GLY F 157 31.36 -4.09 -29.59
CA GLY F 157 31.88 -4.90 -28.50
C GLY F 157 32.91 -4.19 -27.65
N SER F 158 34.07 -4.84 -27.48
CA SER F 158 35.11 -4.42 -26.56
C SER F 158 35.98 -3.26 -27.07
N GLY F 159 35.66 -2.67 -28.22
CA GLY F 159 36.54 -1.66 -28.79
C GLY F 159 35.97 -0.27 -28.91
N GLY F 160 36.64 0.56 -29.71
CA GLY F 160 36.20 1.93 -29.92
C GLY F 160 36.81 2.50 -31.18
N GLY F 161 36.32 3.67 -31.56
CA GLY F 161 36.76 4.33 -32.77
C GLY F 161 36.66 5.84 -32.70
N VAL F 162 37.70 6.52 -33.17
CA VAL F 162 37.78 7.98 -33.11
C VAL F 162 38.31 8.50 -34.44
N LEU F 163 37.97 9.74 -34.74
CA LEU F 163 38.44 10.42 -35.95
C LEU F 163 39.43 11.51 -35.55
N GLN F 164 40.63 11.45 -36.12
CA GLN F 164 41.66 12.45 -35.92
C GLN F 164 41.93 13.19 -37.22
N GLY F 165 42.73 14.25 -37.11
CA GLY F 165 43.12 15.01 -38.28
C GLY F 165 44.09 14.22 -39.15
N THR F 166 45.21 13.86 -38.57
CA THR F 166 46.26 13.13 -39.27
C THR F 166 46.65 11.91 -38.47
N SER F 167 47.31 10.96 -39.16
CA SER F 167 47.71 9.71 -38.52
C SER F 167 48.86 9.92 -37.54
N CYS F 168 49.77 10.85 -37.85
CA CYS F 168 50.80 11.22 -36.87
C CYS F 168 50.16 11.68 -35.57
N GLU F 169 49.09 12.46 -35.66
CA GLU F 169 48.30 12.79 -34.48
C GLU F 169 47.71 11.54 -33.86
N ALA F 170 47.16 10.64 -34.69
CA ALA F 170 46.57 9.41 -34.16
C ALA F 170 47.64 8.48 -33.61
N ILE F 171 48.76 8.31 -34.33
CA ILE F 171 49.84 7.47 -33.84
C ILE F 171 50.43 8.03 -32.55
N LEU F 172 50.45 9.36 -32.41
CA LEU F 172 50.98 9.97 -31.19
C LEU F 172 50.15 9.58 -29.98
N CYS F 173 48.83 9.53 -30.13
CA CYS F 173 47.96 9.25 -28.99
C CYS F 173 48.06 7.79 -28.55
N THR F 174 48.03 6.86 -29.50
CA THR F 174 48.25 5.46 -29.16
C THR F 174 49.63 5.24 -28.56
N LEU F 175 50.63 6.00 -29.04
CA LEU F 175 51.96 5.90 -28.47
C LEU F 175 51.99 6.44 -27.04
N THR F 176 51.24 7.52 -26.78
CA THR F 176 51.14 8.05 -25.43
C THR F 176 50.29 7.16 -24.54
N ALA F 177 49.26 6.52 -25.10
CA ALA F 177 48.48 5.57 -24.33
C ALA F 177 49.32 4.37 -23.93
N ALA F 178 50.11 3.84 -24.88
CA ALA F 178 51.00 2.73 -24.58
C ALA F 178 52.08 3.15 -23.58
N ARG F 179 52.55 4.39 -23.68
CA ARG F 179 53.58 4.88 -22.77
C ARG F 179 53.07 4.90 -21.33
N ASP F 180 51.92 5.56 -21.11
CA ASP F 180 51.39 5.67 -19.76
C ASP F 180 50.94 4.31 -19.22
N ARG F 181 50.42 3.44 -20.09
CA ARG F 181 50.00 2.11 -19.65
C ARG F 181 51.16 1.34 -19.05
N LYS F 182 52.36 1.48 -19.62
CA LYS F 182 53.53 0.80 -19.10
C LYS F 182 54.19 1.59 -17.97
N LEU F 183 54.19 2.92 -18.06
CA LEU F 183 54.82 3.72 -17.02
C LEU F 183 54.04 3.67 -15.72
N ASN F 184 52.71 3.58 -15.79
CA ASN F 184 51.91 3.47 -14.57
C ASN F 184 52.19 2.18 -13.82
N LYS F 185 52.58 1.12 -14.54
CA LYS F 185 52.88 -0.15 -13.88
C LYS F 185 54.31 -0.22 -13.37
N ILE F 186 55.23 0.48 -14.03
CA ILE F 186 56.66 0.38 -13.70
C ILE F 186 57.25 1.66 -13.14
N GLY F 187 56.55 2.79 -13.23
CA GLY F 187 57.09 4.03 -12.70
C GLY F 187 57.49 4.97 -13.81
N ARG F 188 57.19 6.26 -13.63
CA ARG F 188 57.46 7.26 -14.66
C ARG F 188 58.95 7.49 -14.89
N GLU F 189 59.80 7.10 -13.95
CA GLU F 189 61.24 7.34 -14.09
C GLU F 189 61.90 6.42 -15.11
N HIS F 190 61.15 5.56 -15.78
CA HIS F 190 61.68 4.67 -16.81
C HIS F 190 61.37 5.15 -18.22
N ILE F 191 60.96 6.41 -18.37
CA ILE F 191 60.64 6.95 -19.69
C ILE F 191 61.88 7.00 -20.58
N GLY F 192 63.08 6.96 -19.99
CA GLY F 192 64.30 6.93 -20.76
C GLY F 192 64.68 5.57 -21.31
N ARG F 193 64.00 4.51 -20.89
CA ARG F 193 64.28 3.17 -21.36
C ARG F 193 63.26 2.68 -22.40
N LEU F 194 62.18 3.43 -22.63
CA LEU F 194 61.17 3.00 -23.58
C LEU F 194 61.69 3.13 -25.01
N VAL F 195 61.47 2.09 -25.82
CA VAL F 195 61.96 2.03 -27.18
C VAL F 195 60.78 1.87 -28.13
N VAL F 196 60.77 2.66 -29.20
CA VAL F 196 59.74 2.62 -30.22
C VAL F 196 60.34 1.96 -31.47
N TYR F 197 59.60 1.03 -32.06
CA TYR F 197 60.12 0.20 -33.14
C TYR F 197 59.35 0.46 -34.43
N GLY F 198 60.11 0.60 -35.52
CA GLY F 198 59.58 0.65 -36.87
C GLY F 198 60.62 0.09 -37.81
N SER F 199 60.27 0.03 -39.09
CA SER F 199 61.22 -0.39 -40.09
C SER F 199 61.96 0.81 -40.68
N ASP F 200 62.97 0.53 -41.50
CA ASP F 200 63.61 1.60 -42.24
C ASP F 200 62.73 2.14 -43.36
N GLN F 201 61.57 1.52 -43.59
CA GLN F 201 60.57 2.02 -44.51
C GLN F 201 59.39 2.66 -43.81
N THR F 202 59.35 2.62 -42.47
CA THR F 202 58.24 3.18 -41.72
C THR F 202 58.18 4.69 -41.91
N HIS F 203 56.97 5.22 -42.05
CA HIS F 203 56.76 6.64 -42.26
C HIS F 203 57.33 7.44 -41.10
N CYS F 204 57.74 8.68 -41.40
CA CYS F 204 58.31 9.57 -40.40
C CYS F 204 57.31 10.00 -39.34
N ALA F 205 56.03 9.66 -39.50
CA ALA F 205 55.03 10.03 -38.51
C ALA F 205 55.31 9.36 -37.16
N LEU F 206 55.80 8.13 -37.18
CA LEU F 206 56.09 7.42 -35.95
C LEU F 206 57.23 8.09 -35.18
N GLN F 207 58.31 8.43 -35.87
CA GLN F 207 59.45 9.05 -35.21
C GLN F 207 59.07 10.40 -34.61
N LYS F 208 58.26 11.19 -35.33
CA LYS F 208 57.82 12.47 -34.80
C LYS F 208 56.93 12.28 -33.57
N ALA F 209 56.06 11.27 -33.60
CA ALA F 209 55.25 10.96 -32.42
C ALA F 209 56.14 10.61 -31.23
N ALA F 210 57.20 9.83 -31.46
CA ALA F 210 58.10 9.48 -30.37
C ALA F 210 58.82 10.70 -29.83
N GLN F 211 59.26 11.61 -30.71
CA GLN F 211 59.93 12.81 -30.25
C GLN F 211 59.02 13.66 -29.39
N VAL F 212 57.77 13.84 -29.81
CA VAL F 212 56.82 14.64 -29.03
C VAL F 212 56.51 13.96 -27.70
N ALA F 213 56.29 12.66 -27.72
CA ALA F 213 55.88 11.90 -26.53
C ALA F 213 56.97 11.74 -25.48
N GLY F 214 58.14 12.37 -25.60
CA GLY F 214 59.17 12.22 -24.60
C GLY F 214 60.07 11.01 -24.76
N ILE F 215 59.91 10.23 -25.82
CA ILE F 215 60.84 9.16 -26.10
C ILE F 215 62.21 9.76 -26.39
N ASN F 216 63.24 9.16 -25.81
CA ASN F 216 64.60 9.64 -26.06
C ASN F 216 64.96 9.40 -27.53
N PRO F 217 65.41 10.43 -28.26
CA PRO F 217 65.80 10.24 -29.67
C PRO F 217 66.68 9.04 -29.95
N LYS F 218 67.56 8.68 -29.00
CA LYS F 218 68.40 7.51 -29.18
C LYS F 218 67.62 6.20 -29.06
N ASN F 219 66.38 6.23 -28.58
CA ASN F 219 65.58 5.04 -28.36
C ASN F 219 64.54 4.82 -29.46
N PHE F 220 64.82 5.28 -30.67
CA PHE F 220 63.97 5.01 -31.83
C PHE F 220 64.70 4.05 -32.76
N ARG F 221 63.99 3.00 -33.18
CA ARG F 221 64.58 1.93 -33.98
C ARG F 221 63.89 1.88 -35.34
N ALA F 222 64.69 1.96 -36.39
CA ALA F 222 64.24 1.74 -37.77
C ALA F 222 64.96 0.49 -38.27
N ILE F 223 64.33 -0.67 -38.05
CA ILE F 223 65.00 -1.94 -38.30
C ILE F 223 65.26 -2.12 -39.80
N LYS F 224 66.29 -2.89 -40.11
CA LYS F 224 66.70 -3.11 -41.50
C LYS F 224 65.75 -4.06 -42.21
N THR F 225 65.41 -3.70 -43.45
CA THR F 225 64.58 -4.52 -44.33
C THR F 225 65.46 -5.07 -45.46
N PHE F 226 65.04 -6.19 -46.04
CA PHE F 226 65.80 -6.79 -47.11
C PHE F 226 64.92 -6.99 -48.35
N LYS F 227 65.55 -6.89 -49.51
CA LYS F 227 64.88 -7.25 -50.76
C LYS F 227 64.57 -8.73 -50.80
N GLU F 228 65.33 -9.55 -50.07
CA GLU F 228 65.01 -10.98 -49.95
C GLU F 228 63.61 -11.18 -49.38
N ASN F 229 63.20 -10.31 -48.47
CA ASN F 229 61.83 -10.29 -47.96
C ASN F 229 60.99 -9.19 -48.61
N SER F 230 61.43 -8.67 -49.75
CA SER F 230 60.74 -7.61 -50.47
C SER F 230 60.51 -6.38 -49.60
N PHE F 231 61.49 -6.09 -48.73
CA PHE F 231 61.50 -4.88 -47.90
C PHE F 231 60.33 -4.83 -46.93
N GLY F 232 59.85 -6.00 -46.52
CA GLY F 232 58.96 -6.10 -45.38
C GLY F 232 59.77 -6.44 -44.14
N LEU F 233 59.37 -5.89 -43.01
CA LEU F 233 60.12 -6.09 -41.77
C LEU F 233 59.98 -7.53 -41.31
N SER F 234 61.08 -8.27 -41.33
CA SER F 234 61.05 -9.65 -40.86
C SER F 234 60.94 -9.67 -39.34
N ALA F 235 59.97 -10.44 -38.84
CA ALA F 235 59.82 -10.58 -37.39
C ALA F 235 61.06 -11.20 -36.76
N ALA F 236 61.79 -12.02 -37.53
CA ALA F 236 63.06 -12.54 -37.03
C ALA F 236 64.04 -11.41 -36.77
N THR F 237 64.11 -10.43 -37.68
CA THR F 237 64.95 -9.26 -37.44
C THR F 237 64.40 -8.40 -36.31
N LEU F 238 63.07 -8.35 -36.16
CA LEU F 238 62.47 -7.54 -35.10
C LEU F 238 62.84 -8.09 -33.73
N ARG F 239 62.61 -9.39 -33.50
CA ARG F 239 63.01 -9.99 -32.24
C ARG F 239 64.52 -9.91 -32.03
N GLU F 240 65.29 -9.95 -33.12
CA GLU F 240 66.74 -9.83 -33.00
C GLU F 240 67.14 -8.49 -32.40
N VAL F 241 66.55 -7.40 -32.91
CA VAL F 241 66.89 -6.08 -32.40
C VAL F 241 66.25 -5.86 -31.03
N ILE F 242 65.03 -6.34 -30.83
CA ILE F 242 64.37 -6.22 -29.53
C ILE F 242 65.26 -6.81 -28.43
N LEU F 243 65.90 -7.94 -28.73
CA LEU F 243 66.82 -8.54 -27.76
C LEU F 243 68.00 -7.61 -27.49
N GLU F 244 68.63 -7.11 -28.56
CA GLU F 244 69.75 -6.17 -28.41
C GLU F 244 69.42 -5.05 -27.43
N ASP F 245 68.20 -4.52 -27.49
CA ASP F 245 67.79 -3.48 -26.56
C ASP F 245 67.63 -4.04 -25.15
N ILE F 246 67.11 -5.26 -25.02
CA ILE F 246 66.87 -5.84 -23.70
C ILE F 246 68.19 -6.15 -23.01
N GLU F 247 69.14 -6.73 -23.74
CA GLU F 247 70.46 -6.97 -23.16
C GLU F 247 71.18 -5.68 -22.82
N ALA F 248 70.78 -4.56 -23.41
CA ALA F 248 71.34 -3.25 -23.08
C ALA F 248 70.54 -2.51 -22.02
N GLY F 249 69.57 -3.17 -21.39
CA GLY F 249 68.80 -2.55 -20.32
C GLY F 249 67.68 -1.65 -20.75
N LEU F 250 67.19 -1.79 -21.98
CA LEU F 250 66.08 -1.01 -22.48
C LEU F 250 64.81 -1.86 -22.50
N ILE F 251 63.67 -1.19 -22.52
CA ILE F 251 62.38 -1.87 -22.44
C ILE F 251 61.64 -1.62 -23.76
N PRO F 252 61.30 -2.66 -24.51
CA PRO F 252 60.51 -2.47 -25.73
C PRO F 252 59.09 -2.08 -25.38
N LEU F 253 58.58 -1.06 -26.07
CA LEU F 253 57.28 -0.48 -25.75
C LEU F 253 56.30 -0.49 -26.91
N PHE F 254 56.74 -0.17 -28.12
CA PHE F 254 55.82 0.19 -29.19
C PHE F 254 56.39 -0.27 -30.52
N VAL F 255 55.67 -1.15 -31.20
CA VAL F 255 56.00 -1.56 -32.55
C VAL F 255 54.85 -1.17 -33.48
N CYS F 256 55.19 -0.68 -34.66
CA CYS F 256 54.21 -0.19 -35.62
C CYS F 256 54.46 -0.84 -36.97
N PRO F 257 53.97 -2.07 -37.18
CA PRO F 257 54.09 -2.70 -38.49
C PRO F 257 53.32 -1.91 -39.53
N THR F 258 53.81 -1.96 -40.77
CA THR F 258 53.27 -1.16 -41.86
C THR F 258 52.76 -2.08 -42.96
N VAL F 259 51.55 -1.79 -43.46
CA VAL F 259 50.99 -2.43 -44.63
C VAL F 259 50.83 -1.36 -45.69
N GLY F 260 51.72 -1.36 -46.69
CA GLY F 260 51.71 -0.30 -47.68
C GLY F 260 52.66 0.84 -47.36
N THR F 261 53.94 0.51 -47.17
CA THR F 261 54.96 1.52 -46.90
C THR F 261 54.93 2.60 -47.98
N THR F 262 55.27 3.84 -47.58
CA THR F 262 55.12 4.99 -48.46
C THR F 262 56.13 4.98 -49.62
N SER F 263 57.19 4.17 -49.55
CA SER F 263 58.20 4.17 -50.59
C SER F 263 58.13 2.99 -51.54
N SER F 264 57.91 1.77 -51.02
CA SER F 264 57.82 0.58 -51.86
C SER F 264 56.48 -0.12 -51.75
N THR F 265 55.55 0.41 -50.95
CA THR F 265 54.28 -0.24 -50.62
C THR F 265 54.47 -1.72 -50.29
N ALA F 266 55.54 -2.03 -49.57
CA ALA F 266 55.70 -3.36 -49.01
C ALA F 266 54.74 -3.52 -47.84
N VAL F 267 54.58 -4.76 -47.39
CA VAL F 267 53.70 -5.08 -46.27
C VAL F 267 54.53 -5.73 -45.18
N ASP F 268 54.19 -5.42 -43.93
CA ASP F 268 54.89 -6.13 -42.87
C ASP F 268 54.03 -7.26 -42.34
N PRO F 269 54.64 -8.41 -42.04
CA PRO F 269 53.84 -9.54 -41.53
C PRO F 269 53.31 -9.28 -40.13
N ILE F 270 52.00 -9.07 -40.03
CA ILE F 270 51.41 -8.64 -38.77
C ILE F 270 51.44 -9.77 -37.75
N SER F 271 50.90 -10.93 -38.12
CA SER F 271 50.87 -12.07 -37.21
C SER F 271 52.23 -12.45 -36.64
N PRO F 272 53.31 -12.54 -37.44
CA PRO F 272 54.62 -12.80 -36.82
C PRO F 272 55.12 -11.63 -35.98
N ILE F 273 54.72 -10.39 -36.31
CA ILE F 273 55.15 -9.24 -35.51
C ILE F 273 54.33 -9.13 -34.23
N CYS F 274 53.04 -9.47 -34.28
CA CYS F 274 52.25 -9.46 -33.05
C CYS F 274 52.70 -10.55 -32.10
N GLU F 275 53.12 -11.70 -32.64
CA GLU F 275 53.54 -12.83 -31.81
C GLU F 275 54.88 -12.57 -31.14
N VAL F 276 55.76 -11.78 -31.76
CA VAL F 276 56.94 -11.38 -31.01
C VAL F 276 56.61 -10.26 -30.04
N ALA F 277 55.62 -9.41 -30.38
CA ALA F 277 55.29 -8.30 -29.50
C ALA F 277 54.52 -8.75 -28.27
N LYS F 278 53.63 -9.75 -28.41
CA LYS F 278 52.96 -10.32 -27.25
C LYS F 278 53.95 -10.89 -26.24
N GLU F 279 55.13 -11.31 -26.71
CA GLU F 279 56.11 -11.93 -25.85
C GLU F 279 56.79 -10.92 -24.93
N TYR F 280 56.91 -9.67 -25.35
CA TYR F 280 57.49 -8.61 -24.55
C TYR F 280 56.46 -7.55 -24.17
N GLU F 281 55.18 -7.89 -24.30
CA GLU F 281 54.07 -7.03 -23.89
C GLU F 281 54.17 -5.65 -24.54
N MET F 282 54.28 -5.66 -25.87
CA MET F 282 54.41 -4.44 -26.66
C MET F 282 53.08 -4.07 -27.29
N TRP F 283 52.82 -2.76 -27.36
CA TRP F 283 51.67 -2.26 -28.11
C TRP F 283 51.96 -2.33 -29.60
N VAL F 284 51.06 -2.97 -30.35
CA VAL F 284 51.17 -3.08 -31.79
C VAL F 284 50.16 -2.14 -32.42
N HIS F 285 50.64 -1.19 -33.21
CA HIS F 285 49.80 -0.29 -33.98
C HIS F 285 50.04 -0.60 -35.45
N VAL F 286 49.03 -1.14 -36.12
CA VAL F 286 49.16 -1.49 -37.53
C VAL F 286 48.90 -0.25 -38.37
N ASP F 287 49.91 0.18 -39.12
CA ASP F 287 49.84 1.38 -39.94
C ASP F 287 49.58 0.98 -41.38
N ALA F 288 48.35 1.17 -41.83
CA ALA F 288 47.94 0.94 -43.20
C ALA F 288 47.27 2.19 -43.75
N ALA F 289 47.94 3.33 -43.53
CA ALA F 289 47.36 4.64 -43.81
C ALA F 289 46.82 4.74 -45.23
N TYR F 290 47.53 4.13 -46.19
CA TYR F 290 47.07 4.15 -47.58
C TYR F 290 46.41 2.84 -47.98
N ALA F 291 47.09 1.71 -47.76
CA ALA F 291 46.72 0.44 -48.35
C ALA F 291 45.67 -0.35 -47.57
N GLY F 292 45.44 -0.04 -46.29
CA GLY F 292 44.50 -0.81 -45.50
C GLY F 292 43.08 -0.76 -46.03
N SER F 293 42.77 0.29 -46.81
CA SER F 293 41.42 0.53 -47.33
C SER F 293 41.06 -0.43 -48.45
N ALA F 294 42.05 -0.92 -49.17
CA ALA F 294 41.83 -2.00 -50.13
C ALA F 294 41.44 -3.31 -49.44
N CYS F 295 41.81 -3.47 -48.18
CA CYS F 295 41.46 -4.64 -47.41
C CYS F 295 39.95 -4.78 -47.25
N ILE F 296 39.15 -3.82 -47.70
CA ILE F 296 37.72 -4.04 -47.88
C ILE F 296 37.49 -5.21 -48.83
N CYS F 297 38.26 -5.26 -49.91
CA CYS F 297 38.13 -6.33 -50.88
C CYS F 297 38.82 -7.59 -50.36
N PRO F 298 38.12 -8.73 -50.33
CA PRO F 298 38.72 -9.93 -49.72
C PRO F 298 39.99 -10.39 -50.42
N GLU F 299 40.11 -10.18 -51.73
CA GLU F 299 41.35 -10.50 -52.43
C GLU F 299 42.55 -9.79 -51.83
N PHE F 300 42.32 -8.76 -51.01
CA PHE F 300 43.38 -7.92 -50.46
C PHE F 300 43.63 -8.18 -48.98
N ARG F 301 42.58 -8.30 -48.16
CA ARG F 301 42.80 -8.19 -46.71
C ARG F 301 43.53 -9.38 -46.09
N HIS F 302 44.03 -10.35 -46.88
CA HIS F 302 45.00 -11.28 -46.33
C HIS F 302 46.27 -10.57 -45.87
N PHE F 303 46.47 -9.33 -46.31
CA PHE F 303 47.65 -8.57 -45.91
C PHE F 303 47.57 -8.07 -44.47
N ILE F 304 46.38 -7.90 -43.93
CA ILE F 304 46.21 -7.53 -42.53
C ILE F 304 45.85 -8.74 -41.67
N ASP F 305 46.15 -9.95 -42.14
CA ASP F 305 45.97 -11.14 -41.32
C ASP F 305 46.84 -11.03 -40.08
N GLY F 306 46.20 -10.96 -38.92
CA GLY F 306 46.88 -10.74 -37.66
C GLY F 306 46.53 -9.44 -36.98
N VAL F 307 45.75 -8.56 -37.62
CA VAL F 307 45.30 -7.33 -36.99
C VAL F 307 44.44 -7.63 -35.76
N GLU F 308 43.83 -8.81 -35.72
CA GLU F 308 43.10 -9.22 -34.52
C GLU F 308 44.02 -9.37 -33.31
N GLU F 309 45.33 -9.43 -33.53
CA GLU F 309 46.31 -9.53 -32.45
C GLU F 309 46.99 -8.21 -32.13
N ALA F 310 46.53 -7.11 -32.73
CA ALA F 310 47.13 -5.80 -32.53
C ALA F 310 46.27 -4.96 -31.60
N ASP F 311 46.88 -3.90 -31.06
CA ASP F 311 46.19 -3.01 -30.14
C ASP F 311 45.50 -1.85 -30.85
N SER F 312 46.02 -1.43 -32.01
CA SER F 312 45.43 -0.32 -32.74
C SER F 312 45.67 -0.50 -34.23
N PHE F 313 44.70 -0.03 -35.03
CA PHE F 313 44.77 -0.09 -36.48
C PHE F 313 44.38 1.29 -37.02
N SER F 314 45.12 1.77 -38.01
CA SER F 314 44.92 3.13 -38.48
C SER F 314 45.01 3.21 -40.00
N LEU F 315 44.04 3.91 -40.58
CA LEU F 315 44.12 4.42 -41.94
C LEU F 315 43.59 5.84 -41.93
N ASN F 316 44.03 6.66 -42.88
CA ASN F 316 43.51 8.01 -43.02
C ASN F 316 42.60 8.05 -44.24
N ALA F 317 41.35 8.47 -44.02
CA ALA F 317 40.33 8.43 -45.06
C ALA F 317 40.56 9.42 -46.18
N HIS F 318 41.55 10.29 -46.08
CA HIS F 318 41.78 11.27 -47.14
C HIS F 318 42.99 10.91 -47.99
N TRP F 320 42.90 7.35 -49.43
CA TRP F 320 42.25 6.45 -50.37
C TRP F 320 40.75 6.24 -50.08
N PHE F 321 40.13 7.10 -49.28
CA PHE F 321 38.69 6.98 -49.08
C PHE F 321 37.99 8.34 -49.10
N PHE F 322 38.36 9.18 -50.05
CA PHE F 322 37.52 10.29 -50.52
C PHE F 322 37.01 11.21 -49.40
N CYS F 327 40.92 13.52 -42.55
CA CYS F 327 40.15 12.60 -41.70
C CYS F 327 40.85 11.29 -41.44
N CYS F 328 41.33 11.11 -40.22
CA CYS F 328 42.03 9.89 -39.85
C CYS F 328 41.08 8.94 -39.13
N CYS F 329 41.18 7.65 -39.47
CA CYS F 329 40.35 6.62 -38.87
C CYS F 329 41.24 5.75 -37.99
N LEU F 330 41.04 5.84 -36.68
CA LEU F 330 41.83 5.10 -35.71
C LEU F 330 40.93 4.14 -34.94
N TRP F 331 41.28 2.86 -34.95
CA TRP F 331 40.59 1.83 -34.18
C TRP F 331 41.50 1.37 -33.06
N VAL F 332 40.95 1.28 -31.85
CA VAL F 332 41.68 0.79 -30.69
C VAL F 332 40.88 -0.32 -30.02
N LYS F 333 41.61 -1.30 -29.47
CA LYS F 333 40.96 -2.35 -28.70
C LYS F 333 40.54 -1.87 -27.32
N ASP F 334 41.24 -0.86 -26.79
CA ASP F 334 41.03 -0.39 -25.42
C ASP F 334 40.99 1.14 -25.42
N PRO F 335 39.81 1.73 -25.64
CA PRO F 335 39.71 3.19 -25.60
C PRO F 335 40.07 3.80 -24.25
N SER F 336 39.98 3.02 -23.17
CA SER F 336 40.36 3.55 -21.86
C SER F 336 41.85 3.82 -21.76
N ALA F 337 42.67 3.14 -22.57
CA ALA F 337 44.10 3.43 -22.58
C ALA F 337 44.37 4.84 -23.06
N LEU F 338 43.63 5.30 -24.07
CA LEU F 338 43.75 6.69 -24.52
C LEU F 338 43.32 7.65 -23.43
N VAL F 339 42.20 7.37 -22.77
CA VAL F 339 41.60 8.31 -21.82
C VAL F 339 42.52 8.52 -20.63
N LYS F 340 43.09 7.44 -20.09
CA LYS F 340 43.92 7.55 -18.90
C LYS F 340 45.17 8.40 -19.16
N ALA F 341 45.68 8.39 -20.38
CA ALA F 341 46.89 9.11 -20.70
C ALA F 341 46.64 10.55 -21.16
N LEU F 342 45.43 10.87 -21.60
CA LEU F 342 45.18 12.15 -22.25
C LEU F 342 44.29 13.10 -21.45
N SER F 343 43.46 12.59 -20.55
CA SER F 343 42.55 13.46 -19.81
C SER F 343 43.29 14.24 -18.73
N THR F 344 42.79 15.43 -18.43
CA THR F 344 43.32 16.26 -17.35
C THR F 344 42.64 16.00 -16.03
N ASN F 345 41.65 15.11 -15.99
CA ASN F 345 41.04 14.73 -14.74
C ASN F 345 42.04 13.98 -13.87
N PRO F 346 41.89 14.02 -12.55
CA PRO F 346 42.81 13.28 -11.68
C PRO F 346 42.90 11.82 -12.09
N GLU F 347 44.13 11.29 -12.04
CA GLU F 347 44.37 9.96 -12.57
C GLU F 347 43.60 8.89 -11.80
N TYR F 348 43.33 9.12 -10.51
CA TYR F 348 42.60 8.12 -9.74
C TYR F 348 41.12 8.04 -10.11
N LEU F 349 40.58 9.11 -10.69
CA LEU F 349 39.20 9.09 -11.19
C LEU F 349 39.11 8.78 -12.68
N ARG F 350 40.24 8.62 -13.37
CA ARG F 350 40.23 8.24 -14.76
C ARG F 350 39.83 6.77 -14.88
N VAL F 359 28.76 7.55 -22.01
CA VAL F 359 28.69 8.56 -23.06
C VAL F 359 30.10 9.02 -23.42
N VAL F 360 30.37 9.08 -24.72
CA VAL F 360 31.73 9.29 -25.20
C VAL F 360 32.21 10.69 -24.87
N ASP F 361 33.41 10.77 -24.30
CA ASP F 361 34.14 12.03 -24.13
C ASP F 361 35.34 11.96 -25.06
N TYR F 362 35.12 12.38 -26.31
CA TYR F 362 36.13 12.21 -27.37
C TYR F 362 37.36 13.09 -27.15
N LYS F 363 37.25 14.16 -26.36
CA LYS F 363 38.40 15.02 -26.10
C LYS F 363 39.53 14.28 -25.40
N ASP F 364 39.22 13.18 -24.71
CA ASP F 364 40.22 12.38 -24.04
C ASP F 364 40.72 11.22 -24.89
N TRP F 365 40.26 11.12 -26.14
CA TRP F 365 40.77 10.12 -27.06
C TRP F 365 41.92 10.63 -27.92
N GLN F 366 42.05 11.94 -28.07
CA GLN F 366 43.03 12.52 -28.98
C GLN F 366 43.61 13.78 -28.36
N ILE F 367 44.43 14.49 -29.14
CA ILE F 367 45.05 15.71 -28.67
C ILE F 367 44.08 16.88 -28.70
N ALA F 368 43.25 16.96 -29.74
CA ALA F 368 42.38 18.11 -29.96
C ALA F 368 41.32 18.18 -28.88
N LEU F 369 41.38 19.24 -28.05
CA LEU F 369 40.29 19.52 -27.14
C LEU F 369 39.11 20.09 -27.90
N SER F 370 39.34 21.18 -28.63
CA SER F 370 38.30 21.79 -29.46
C SER F 370 38.11 20.93 -30.70
N ARG F 371 37.38 19.82 -30.51
CA ARG F 371 37.14 18.89 -31.59
C ARG F 371 36.31 19.54 -32.70
N ARG F 372 36.46 19.01 -33.91
CA ARG F 372 35.69 19.46 -35.06
C ARG F 372 34.80 18.33 -35.55
N PHE F 373 33.68 18.73 -36.17
CA PHE F 373 32.65 17.79 -36.62
C PHE F 373 33.07 17.11 -37.93
N ARG F 374 34.03 16.20 -37.80
CA ARG F 374 34.57 15.50 -38.96
C ARG F 374 33.75 14.27 -39.34
N SER F 375 32.85 13.81 -38.47
CA SER F 375 32.01 12.69 -38.85
C SER F 375 30.94 13.09 -39.86
N LEU F 376 30.69 14.40 -40.03
CA LEU F 376 29.72 14.86 -41.00
C LEU F 376 30.29 14.82 -42.41
N LYS F 377 31.47 15.41 -42.61
CA LYS F 377 32.17 15.22 -43.86
C LYS F 377 32.38 13.73 -44.13
N LEU F 378 32.56 12.95 -43.05
CA LEU F 378 32.47 11.50 -43.18
C LEU F 378 31.05 11.07 -43.52
N TRP F 379 30.05 11.71 -42.92
CA TRP F 379 28.66 11.23 -42.98
C TRP F 379 28.12 11.13 -44.41
N MET F 380 28.81 11.66 -45.41
CA MET F 380 28.29 11.60 -46.77
C MET F 380 29.01 10.61 -47.67
N VAL F 381 30.32 10.40 -47.51
CA VAL F 381 30.94 9.28 -48.21
C VAL F 381 30.35 7.95 -47.75
N LEU F 382 29.64 7.94 -46.62
CA LEU F 382 28.96 6.71 -46.22
C LEU F 382 27.78 6.41 -47.14
N ARG F 383 26.91 7.38 -47.32
CA ARG F 383 25.56 7.14 -47.85
C ARG F 383 25.30 7.85 -49.16
N SER F 384 25.86 9.04 -49.38
CA SER F 384 25.81 9.64 -50.71
C SER F 384 26.43 8.71 -51.74
N TYR F 385 27.29 7.78 -51.29
CA TYR F 385 27.88 6.79 -52.17
C TYR F 385 27.48 5.37 -51.79
N GLY F 386 27.74 4.92 -50.57
CA GLY F 386 27.47 3.54 -50.19
C GLY F 386 28.73 2.73 -50.04
N VAL F 387 28.56 1.42 -49.93
CA VAL F 387 29.68 0.53 -49.63
C VAL F 387 30.26 -0.11 -50.89
N THR F 388 29.47 -0.93 -51.59
CA THR F 388 30.06 -1.71 -52.67
C THR F 388 30.41 -0.86 -53.88
N ASN F 389 29.75 0.29 -54.06
CA ASN F 389 30.16 1.14 -55.16
C ASN F 389 31.54 1.75 -54.89
N LEU F 390 31.88 1.96 -53.62
CA LEU F 390 33.22 2.46 -53.28
C LEU F 390 34.23 1.33 -53.17
N ARG F 391 33.77 0.09 -53.06
CA ARG F 391 34.64 -1.04 -53.38
C ARG F 391 35.11 -0.95 -54.83
N ASN F 392 34.21 -0.56 -55.73
CA ASN F 392 34.52 -0.53 -57.15
C ASN F 392 35.64 0.45 -57.47
N PHE F 393 35.79 1.50 -56.66
CA PHE F 393 36.71 2.58 -57.01
C PHE F 393 38.14 2.33 -56.58
N LEU F 394 38.39 1.29 -55.77
CA LEU F 394 39.75 1.00 -55.31
C LEU F 394 40.42 -0.09 -56.14
N ARG F 395 39.67 -1.07 -56.62
CA ARG F 395 40.16 -1.92 -57.70
C ARG F 395 40.09 -1.23 -59.05
N SER F 396 39.39 -0.08 -59.11
CA SER F 396 39.53 0.83 -60.25
C SER F 396 40.98 1.13 -60.55
N HIS F 397 41.83 1.12 -59.53
CA HIS F 397 43.21 1.55 -59.62
C HIS F 397 44.22 0.42 -59.62
N VAL F 398 43.93 -0.68 -58.92
CA VAL F 398 44.95 -1.72 -58.73
C VAL F 398 45.23 -2.45 -60.04
N LYS F 399 44.18 -2.81 -60.78
CA LYS F 399 44.40 -3.42 -62.08
C LYS F 399 45.14 -2.48 -63.02
N MET F 400 44.85 -1.17 -62.92
CA MET F 400 45.59 -0.20 -63.71
C MET F 400 47.06 -0.15 -63.32
N ALA F 401 47.37 -0.46 -62.05
CA ALA F 401 48.77 -0.63 -61.67
C ALA F 401 49.36 -1.89 -62.29
N LYS F 402 48.52 -2.91 -62.53
CA LYS F 402 48.97 -4.10 -63.24
C LYS F 402 48.97 -3.89 -64.75
N THR F 403 48.14 -2.99 -65.27
CA THR F 403 48.29 -2.59 -66.67
C THR F 403 49.67 -2.01 -66.91
N PHE F 404 50.16 -1.19 -65.98
CA PHE F 404 51.49 -0.60 -66.14
C PHE F 404 52.58 -1.64 -65.94
N GLU F 405 52.45 -2.50 -64.93
CA GLU F 405 53.46 -3.52 -64.71
C GLU F 405 53.71 -4.33 -65.97
N GLY F 406 52.64 -4.78 -66.63
CA GLY F 406 52.80 -5.55 -67.86
C GLY F 406 53.61 -4.82 -68.91
N LEU F 407 53.44 -3.50 -68.99
CA LEU F 407 54.14 -2.73 -70.03
C LEU F 407 55.64 -2.77 -69.83
N ILE F 408 56.10 -2.59 -68.59
CA ILE F 408 57.54 -2.44 -68.37
C ILE F 408 58.28 -3.76 -68.53
N CYS F 409 57.65 -4.89 -68.18
CA CYS F 409 58.39 -6.14 -68.18
C CYS F 409 58.79 -6.60 -69.57
N MET F 410 57.93 -6.41 -70.57
CA MET F 410 58.24 -6.84 -71.92
C MET F 410 59.26 -5.93 -72.60
N ASP F 411 59.45 -4.71 -72.10
CA ASP F 411 60.29 -3.72 -72.77
C ASP F 411 61.74 -4.16 -72.88
N GLY F 412 62.44 -4.26 -71.76
CA GLY F 412 63.87 -4.49 -71.79
C GLY F 412 64.66 -3.27 -71.35
N ARG F 413 64.19 -2.08 -71.74
CA ARG F 413 64.75 -0.85 -71.19
C ARG F 413 64.45 -0.71 -69.70
N PHE F 414 63.46 -1.44 -69.19
CA PHE F 414 62.94 -1.25 -67.85
C PHE F 414 63.07 -2.53 -67.04
N GLU F 415 63.04 -2.36 -65.72
CA GLU F 415 63.03 -3.45 -64.75
C GLU F 415 62.02 -3.10 -63.67
N ILE F 416 61.33 -4.11 -63.15
CA ILE F 416 60.49 -3.90 -61.96
C ILE F 416 61.39 -3.91 -60.73
N THR F 417 61.21 -2.91 -59.87
CA THR F 417 61.91 -2.79 -58.61
C THR F 417 61.67 -3.95 -57.67
N VAL F 418 60.42 -4.08 -57.24
CA VAL F 418 60.04 -4.95 -56.13
C VAL F 418 58.64 -5.49 -56.44
N PRO F 419 58.18 -6.54 -55.77
CA PRO F 419 56.78 -6.95 -55.92
C PRO F 419 55.85 -5.76 -55.67
N ARG F 420 54.82 -5.64 -56.51
CA ARG F 420 53.91 -4.50 -56.48
C ARG F 420 52.65 -4.84 -55.72
N THR F 421 52.17 -3.87 -54.94
CA THR F 421 50.98 -4.02 -54.13
C THR F 421 50.15 -2.76 -54.23
N PHE F 422 48.84 -2.92 -53.96
CA PHE F 422 47.90 -1.82 -53.72
C PHE F 422 48.11 -0.59 -54.60
N ALA F 423 48.02 -0.82 -55.91
CA ALA F 423 47.91 0.27 -56.90
C ALA F 423 49.11 1.21 -56.85
N MET F 424 50.31 0.66 -56.65
CA MET F 424 51.52 1.43 -56.91
C MET F 424 52.67 0.50 -57.25
N VAL F 425 53.22 0.69 -58.44
CA VAL F 425 54.37 -0.06 -58.92
C VAL F 425 55.58 0.88 -58.97
N CYS F 426 56.77 0.30 -58.83
CA CYS F 426 58.00 1.04 -59.04
C CYS F 426 58.82 0.37 -60.12
N PHE F 427 59.41 1.18 -60.99
CA PHE F 427 60.28 0.71 -62.06
C PHE F 427 61.59 1.46 -61.98
N ARG F 428 62.44 1.33 -62.99
CA ARG F 428 63.60 2.19 -63.15
C ARG F 428 64.21 1.94 -64.52
N LEU F 429 64.69 3.01 -65.16
CA LEU F 429 65.36 2.87 -66.44
C LEU F 429 66.77 2.30 -66.21
N LEU F 430 67.10 1.25 -66.98
CA LEU F 430 68.36 0.56 -66.75
C LEU F 430 69.44 1.04 -67.72
N PRO F 431 70.71 0.98 -67.29
CA PRO F 431 71.78 1.42 -68.18
C PRO F 431 72.02 0.42 -69.28
N PRO F 432 72.49 0.87 -70.45
CA PRO F 432 72.74 -0.01 -71.60
C PRO F 432 73.84 -1.03 -71.34
N GLU F 457 78.79 1.30 -57.44
CA GLU F 457 78.82 0.44 -58.61
C GLU F 457 78.17 1.14 -59.79
N ASN F 458 77.79 0.37 -60.81
CA ASN F 458 76.90 0.89 -61.85
C ASN F 458 75.56 1.32 -61.26
N LEU F 459 75.29 0.89 -60.02
CA LEU F 459 74.13 1.37 -59.28
C LEU F 459 74.06 2.89 -59.27
N VAL F 460 75.17 3.54 -58.91
CA VAL F 460 75.20 5.00 -58.87
C VAL F 460 74.90 5.59 -60.24
N LEU F 461 75.47 4.99 -61.29
CA LEU F 461 75.19 5.43 -62.65
C LEU F 461 73.71 5.30 -62.97
N ALA F 462 73.12 4.14 -62.67
CA ALA F 462 71.69 3.95 -62.92
C ALA F 462 70.85 4.87 -62.05
N ASN F 463 71.26 5.05 -60.78
CA ASN F 463 70.53 5.95 -59.89
C ASN F 463 70.55 7.37 -60.42
N LYS F 464 71.73 7.86 -60.81
CA LYS F 464 71.83 9.18 -61.41
C LYS F 464 71.04 9.27 -62.71
N LEU F 465 71.07 8.19 -63.51
CA LEU F 465 70.31 8.17 -64.76
C LEU F 465 68.82 8.36 -64.48
N ASN F 466 68.28 7.61 -63.52
CA ASN F 466 66.85 7.70 -63.25
C ASN F 466 66.48 9.02 -62.58
N GLN F 467 67.41 9.62 -61.83
CA GLN F 467 67.12 10.93 -61.24
C GLN F 467 67.00 12.00 -62.30
N VAL F 468 67.89 11.99 -63.30
CA VAL F 468 67.79 12.93 -64.42
C VAL F 468 66.53 12.65 -65.22
N TYR F 469 66.40 11.42 -65.72
CA TYR F 469 65.24 11.00 -66.48
C TYR F 469 63.92 11.36 -65.80
N LEU F 470 63.88 11.31 -64.46
CA LEU F 470 62.63 11.61 -63.78
C LEU F 470 62.30 13.09 -63.86
N GLU F 471 63.15 13.94 -63.26
CA GLU F 471 62.79 15.34 -63.07
C GLU F 471 62.42 16.01 -64.38
N THR F 472 63.12 15.66 -65.46
CA THR F 472 62.72 16.14 -66.78
C THR F 472 61.26 15.80 -67.05
N VAL F 473 60.88 14.53 -66.85
CA VAL F 473 59.55 14.07 -67.23
C VAL F 473 58.45 14.85 -66.50
N ASN F 474 58.61 15.10 -65.18
CA ASN F 474 57.60 15.88 -64.45
C ASN F 474 57.77 17.39 -64.67
N ALA F 475 58.98 17.84 -64.94
CA ALA F 475 59.17 19.26 -65.23
C ALA F 475 58.49 19.69 -66.52
N THR F 476 58.10 18.75 -67.37
CA THR F 476 57.34 19.10 -68.57
C THR F 476 56.00 19.70 -68.21
N GLY F 477 55.44 19.32 -67.07
CA GLY F 477 54.11 19.73 -66.67
C GLY F 477 53.03 18.69 -66.92
N SER F 478 53.35 17.62 -67.65
CA SER F 478 52.37 16.59 -67.93
C SER F 478 52.00 15.81 -66.68
N VAL F 479 53.01 15.31 -65.96
CA VAL F 479 52.84 14.26 -64.96
C VAL F 479 53.60 14.61 -63.69
N TYR F 480 53.13 14.08 -62.58
CA TYR F 480 53.86 14.15 -61.30
C TYR F 480 54.06 12.74 -60.78
N MET F 481 55.31 12.31 -60.73
CA MET F 481 55.70 11.09 -60.05
C MET F 481 56.92 11.39 -59.20
N THR F 482 56.95 10.85 -57.99
CA THR F 482 58.10 10.99 -57.12
C THR F 482 58.86 9.66 -57.06
N HIS F 483 59.99 9.68 -56.37
CA HIS F 483 60.93 8.59 -56.35
C HIS F 483 61.09 8.06 -54.92
N ALA F 484 61.93 7.04 -54.79
CA ALA F 484 62.35 6.52 -53.50
C ALA F 484 63.62 5.71 -53.70
N VAL F 485 64.50 5.75 -52.70
CA VAL F 485 65.73 4.98 -52.72
C VAL F 485 65.55 3.84 -51.72
N VAL F 486 65.25 2.65 -52.22
CA VAL F 486 65.01 1.48 -51.40
C VAL F 486 66.06 0.44 -51.75
N GLY F 487 66.80 -0.03 -50.76
CA GLY F 487 67.87 -0.98 -51.00
C GLY F 487 69.03 -0.40 -51.78
N GLY F 488 69.23 0.91 -51.70
CA GLY F 488 70.27 1.58 -52.45
C GLY F 488 69.96 1.82 -53.91
N VAL F 489 68.76 1.48 -54.37
CA VAL F 489 68.38 1.61 -55.77
C VAL F 489 67.42 2.79 -55.89
N TYR F 490 67.87 3.85 -56.56
CA TYR F 490 66.97 4.93 -56.93
C TYR F 490 65.90 4.36 -57.84
N MET F 491 64.66 4.34 -57.37
CA MET F 491 63.56 3.77 -58.13
C MET F 491 62.48 4.83 -58.31
N ILE F 492 61.61 4.62 -59.29
CA ILE F 492 60.58 5.59 -59.63
C ILE F 492 59.21 4.99 -59.28
N ARG F 493 58.45 5.72 -58.46
CA ARG F 493 57.19 5.26 -57.90
C ARG F 493 56.02 5.67 -58.77
N PHE F 494 55.02 4.79 -58.88
CA PHE F 494 53.91 4.95 -59.82
C PHE F 494 52.62 4.54 -59.09
N ALA F 495 51.98 5.50 -58.43
CA ALA F 495 50.83 5.24 -57.58
C ALA F 495 49.57 5.76 -58.25
N VAL F 496 48.64 4.86 -58.56
CA VAL F 496 47.37 5.28 -59.14
C VAL F 496 46.46 5.79 -58.03
N GLY F 497 45.84 6.95 -58.26
CA GLY F 497 44.95 7.51 -57.26
C GLY F 497 44.43 8.86 -57.71
N SER F 498 43.73 9.51 -56.77
CA SER F 498 43.04 10.79 -56.95
C SER F 498 41.76 10.58 -57.77
N THR F 499 41.62 9.36 -58.31
CA THR F 499 40.38 8.81 -58.84
C THR F 499 39.73 9.63 -59.93
N LEU F 500 40.39 10.70 -60.41
CA LEU F 500 40.00 11.30 -61.68
C LEU F 500 40.72 10.64 -62.84
N THR F 501 41.38 9.52 -62.56
CA THR F 501 42.33 8.90 -63.46
C THR F 501 41.63 7.76 -64.19
N GLU F 502 40.84 8.12 -65.20
CA GLU F 502 40.46 7.14 -66.20
C GLU F 502 41.73 6.62 -66.86
N GLU F 503 41.71 5.36 -67.28
CA GLU F 503 42.93 4.72 -67.76
C GLU F 503 43.61 5.54 -68.85
N ARG F 504 42.83 6.29 -69.64
CA ARG F 504 43.42 7.13 -70.68
C ARG F 504 44.44 8.10 -70.11
N HIS F 505 44.18 8.64 -68.91
CA HIS F 505 45.19 9.44 -68.23
C HIS F 505 46.42 8.60 -67.91
N VAL F 506 46.21 7.36 -67.45
CA VAL F 506 47.32 6.44 -67.27
C VAL F 506 47.94 6.05 -68.61
N ILE F 507 47.18 6.15 -69.70
CA ILE F 507 47.78 5.96 -71.01
C ILE F 507 48.45 7.25 -71.49
N TYR F 508 47.80 8.40 -71.23
CA TYR F 508 48.38 9.71 -71.55
C TYR F 508 49.80 9.84 -71.04
N ALA F 509 50.12 9.17 -69.93
CA ALA F 509 51.40 9.36 -69.26
C ALA F 509 52.40 8.23 -69.51
N TRP F 510 51.96 7.07 -70.00
CA TRP F 510 52.86 5.92 -70.05
C TRP F 510 54.05 6.18 -70.96
N LYS F 511 53.80 6.41 -72.25
CA LYS F 511 54.90 6.60 -73.21
C LYS F 511 55.40 8.04 -73.28
N ILE F 512 54.83 8.95 -72.48
CA ILE F 512 55.53 10.21 -72.21
C ILE F 512 56.86 9.91 -71.54
N LEU F 513 56.91 8.83 -70.77
CA LEU F 513 58.13 8.33 -70.15
C LEU F 513 58.89 7.38 -71.06
N GLN F 514 58.19 6.61 -71.90
CA GLN F 514 58.84 5.73 -72.86
C GLN F 514 59.44 6.51 -74.03
N GLU F 515 58.97 7.74 -74.27
CA GLU F 515 59.57 8.55 -75.32
C GLU F 515 60.85 9.22 -74.85
N HIS F 516 60.94 9.56 -73.56
CA HIS F 516 62.16 10.17 -73.03
C HIS F 516 63.29 9.15 -72.96
N ALA F 517 62.98 7.93 -72.50
CA ALA F 517 64.02 6.91 -72.35
C ALA F 517 64.64 6.55 -73.68
N ASP F 518 63.81 6.35 -74.71
CA ASP F 518 64.34 6.15 -76.05
C ASP F 518 65.10 7.37 -76.53
N LEU F 519 64.70 8.55 -76.07
CA LEU F 519 65.36 9.81 -76.44
C LEU F 519 66.67 9.98 -75.68
N ILE F 520 66.63 9.77 -74.36
CA ILE F 520 67.80 10.06 -73.52
C ILE F 520 68.88 8.99 -73.67
N LEU F 521 68.53 7.77 -74.06
CA LEU F 521 69.54 6.74 -74.23
C LEU F 521 70.10 6.66 -75.64
N GLY F 522 69.54 7.43 -76.58
CA GLY F 522 70.24 7.65 -77.84
C GLY F 522 71.41 8.61 -77.65
N LYS F 523 71.16 9.71 -76.96
CA LYS F 523 72.20 10.68 -76.60
C LYS F 523 72.92 10.31 -75.31
N PHE F 524 72.66 9.12 -74.77
CA PHE F 524 73.30 8.67 -73.54
C PHE F 524 74.81 8.59 -73.74
N SER F 525 75.56 9.18 -72.82
CA SER F 525 77.01 9.23 -72.92
C SER F 525 77.73 8.43 -71.87
N GLU F 526 77.06 8.08 -70.76
CA GLU F 526 77.62 7.36 -69.62
C GLU F 526 78.55 8.29 -68.85
N ALA F 527 78.83 9.46 -69.42
CA ALA F 527 79.59 10.51 -68.77
C ALA F 527 78.74 11.70 -68.40
N ASP F 528 77.56 11.86 -69.02
CA ASP F 528 76.60 12.85 -68.55
C ASP F 528 76.14 12.54 -67.13
N PHE F 529 76.21 11.27 -66.73
CA PHE F 529 75.71 10.83 -65.44
C PHE F 529 76.78 10.20 -64.56
N SER F 530 78.04 10.32 -64.94
CA SER F 530 79.14 9.89 -64.09
C SER F 530 79.51 10.94 -63.05
N SER F 531 78.67 11.94 -62.85
CA SER F 531 78.93 13.00 -61.90
C SER F 531 77.64 13.43 -61.20
#